data_4RBN
#
_entry.id   4RBN
#
_cell.length_a   236.899
_cell.length_b   236.899
_cell.length_c   213.442
_cell.angle_alpha   90.00
_cell.angle_beta   90.00
_cell.angle_gamma   120.00
#
_symmetry.space_group_name_H-M   'P 65'
#
loop_
_entity.id
_entity.type
_entity.pdbx_description
1 polymer 'Sucrose synthase:Glycosyl transferases group 1'
2 water water
#
_entity_poly.entity_id   1
_entity_poly.type   'polypeptide(L)'
_entity_poly.pdbx_seq_one_letter_code
;MTTIDTLATCTQQNRDAVYTLLRRYFTANRTLLLQSDLREGLLQTEQDCGQSDMLRAFVFRLQEGIFSSPWAYLALRPEI
AKWEFMRIHQEHLIPEKLTISEFLKFKETVVKGEATESVLEVDFGPFNRGFPRLKESRSIGQGVIFLNRKLSSEMFSRIE
AGHTSLLHFLGVHAIEGQQLMFSNNSHDIHAVRNQLRQALEMLETLDGTTPWIELAPKMNQLGFAPGWGHNANRVAETMN
MLMDILEAPSPSALEEFLACIPMISRLLILSPHGYFGQDNVLGLPDTGGQVVYILDQVRALEKEMHDRLQLQGVQVEPKI
LIVTRLIPDAGDTTCNQRLEKVSGCTNTWILRVPFRKHNGEIIPHWISRFEIWPHLEIFAGDVEREALAELGGHPDLIIG
NYSDGNLVATLLSRRLGVTQCNIAHALEKTKYLHSDIYWQENEDKYHFSCQYTADLLAMNSADFIVTSTYQEIAGTREAE
GQYESYQAFSMPDLYRVIHGIDLFDPKFNIVSPGANADIYFPYSDPNRRLHSLIPEIESLIFDDATNLPARGYLQDPDKP
LIFTMARLDRIKNITGLVELYAASPRLRSLANLVIVGGKIDPQHSSDHEEQEQIHRMHQLMDEHELDQQVRWLGMRLDKN
LAGELYRYIADKRGIFVQPALFEAFGLTIIEAMASGLPTFATRYGGPLEIIQNNRSGFHIDPNQGAATADLIADFFEKNL
ENPQEWERISQGALDRVASRYTWKLYAERMMTLSRIYGFWKFVSGLEREETDRYLNMFYHLQFRPLANRLAHEI
;
_entity_poly.pdbx_strand_id   A,C,B,D
#
# COMPACT_ATOMS: atom_id res chain seq x y z
N ILE A 4 34.78 20.67 4.25
CA ILE A 4 33.38 20.25 4.33
C ILE A 4 32.90 19.44 3.10
N ASP A 5 33.25 19.87 1.88
CA ASP A 5 32.94 19.09 0.66
C ASP A 5 33.59 19.58 -0.63
N THR A 6 33.28 18.93 -1.74
CA THR A 6 33.82 19.28 -3.07
C THR A 6 33.60 20.76 -3.44
N LEU A 7 32.46 21.31 -3.05
CA LEU A 7 32.21 22.73 -3.28
C LEU A 7 33.13 23.61 -2.41
N ALA A 8 33.55 23.09 -1.25
CA ALA A 8 34.40 23.86 -0.35
C ALA A 8 35.77 24.16 -0.97
N THR A 9 36.09 23.55 -2.11
CA THR A 9 37.36 23.80 -2.83
C THR A 9 37.26 24.99 -3.80
N CYS A 10 36.16 25.73 -3.73
CA CYS A 10 36.10 27.12 -4.20
C CYS A 10 37.08 27.99 -3.38
N THR A 11 37.75 27.38 -2.41
CA THR A 11 38.88 27.98 -1.70
C THR A 11 39.98 28.37 -2.69
N GLN A 12 39.86 27.96 -3.94
CA GLN A 12 40.80 28.39 -5.00
C GLN A 12 40.49 29.79 -5.62
N GLN A 13 39.59 30.54 -4.98
CA GLN A 13 39.71 32.00 -4.99
C GLN A 13 40.62 32.35 -3.78
N ASN A 14 41.80 32.94 -4.05
CA ASN A 14 43.12 32.53 -3.48
C ASN A 14 43.67 31.28 -4.20
N ARG A 15 43.52 31.28 -5.52
CA ARG A 15 44.01 30.22 -6.43
C ARG A 15 45.46 29.82 -6.19
N ASP A 16 46.30 30.81 -5.89
CA ASP A 16 47.71 30.57 -5.75
C ASP A 16 47.99 29.45 -4.73
N ALA A 17 47.28 29.50 -3.61
CA ALA A 17 47.54 28.58 -2.51
C ALA A 17 47.23 27.14 -2.91
N VAL A 18 46.04 26.93 -3.47
CA VAL A 18 45.62 25.62 -3.95
C VAL A 18 46.61 25.08 -4.98
N TYR A 19 47.01 25.95 -5.92
CA TYR A 19 47.96 25.56 -6.96
C TYR A 19 49.26 25.08 -6.34
N THR A 20 49.77 25.85 -5.38
CA THR A 20 51.02 25.51 -4.72
C THR A 20 50.90 24.21 -3.94
N LEU A 21 49.72 24.00 -3.35
CA LEU A 21 49.46 22.82 -2.52
C LEU A 21 49.48 21.53 -3.34
N LEU A 22 48.73 21.55 -4.45
CA LEU A 22 48.78 20.45 -5.39
C LEU A 22 50.20 20.26 -5.93
N ARG A 23 50.89 21.36 -6.22
CA ARG A 23 52.29 21.29 -6.65
C ARG A 23 53.13 20.50 -5.63
N ARG A 24 53.02 20.88 -4.37
CA ARG A 24 53.74 20.23 -3.29
C ARG A 24 53.40 18.73 -3.18
N TYR A 25 52.13 18.36 -3.41
CA TYR A 25 51.76 16.93 -3.40
C TYR A 25 52.37 16.17 -4.58
N PHE A 26 52.20 16.70 -5.77
CA PHE A 26 52.65 16.03 -6.99
C PHE A 26 54.12 15.67 -6.94
N THR A 27 54.92 16.54 -6.32
CA THR A 27 56.34 16.25 -6.17
C THR A 27 56.30 15.22 -5.06
N ALA A 28 56.57 13.99 -5.45
CA ALA A 28 55.89 12.92 -4.75
C ALA A 28 56.84 12.12 -3.93
N ASN A 29 57.56 11.26 -4.64
CA ASN A 29 58.27 10.08 -4.13
C ASN A 29 57.21 9.01 -3.91
N ARG A 30 55.96 9.45 -3.79
CA ARG A 30 54.82 8.56 -3.60
C ARG A 30 53.59 9.13 -4.28
N THR A 31 52.93 8.31 -5.10
CA THR A 31 51.74 8.76 -5.80
C THR A 31 50.48 8.42 -5.03
N LEU A 32 50.61 7.56 -4.02
CA LEU A 32 49.53 7.36 -3.08
C LEU A 32 49.92 8.00 -1.79
N LEU A 33 49.29 9.13 -1.51
CA LEU A 33 49.51 9.84 -0.28
C LEU A 33 48.46 9.51 0.76
N LEU A 34 48.88 9.49 2.01
CA LEU A 34 47.96 9.31 3.11
C LEU A 34 47.91 10.60 3.89
N GLN A 35 47.21 10.58 5.02
CA GLN A 35 47.02 11.76 5.84
C GLN A 35 48.30 12.51 6.22
N SER A 36 49.28 11.79 6.77
CA SER A 36 50.48 12.45 7.29
C SER A 36 51.11 13.41 6.26
N ASP A 37 51.42 12.88 5.08
CA ASP A 37 51.98 13.69 3.99
C ASP A 37 50.99 14.75 3.50
N LEU A 38 49.70 14.41 3.42
CA LEU A 38 48.70 15.32 2.89
C LEU A 38 48.63 16.57 3.74
N ARG A 39 48.77 16.37 5.04
CA ARG A 39 48.69 17.43 6.02
C ARG A 39 49.96 18.23 6.12
N GLU A 40 51.10 17.54 6.22
CA GLU A 40 52.39 18.20 6.42
C GLU A 40 52.74 19.05 5.19
N GLY A 41 52.18 18.69 4.05
CA GLY A 41 52.38 19.42 2.83
C GLY A 41 51.49 20.64 2.74
N LEU A 42 50.57 20.80 3.68
CA LEU A 42 49.74 22.00 3.71
C LEU A 42 50.53 23.15 4.29
N LEU A 43 51.21 22.91 5.41
CA LEU A 43 52.08 23.93 5.97
C LEU A 43 53.42 23.90 5.25
N GLN A 44 53.84 25.05 4.71
CA GLN A 44 55.04 25.10 3.87
C GLN A 44 54.91 24.05 2.76
N THR A 45 54.09 24.36 1.75
CA THR A 45 53.66 25.73 1.47
C THR A 45 52.33 26.14 2.07
N GLU A 46 52.39 26.98 3.09
CA GLU A 46 51.21 27.61 3.67
C GLU A 46 51.45 29.11 3.66
N GLN A 47 52.50 29.55 4.36
CA GLN A 47 52.91 30.95 4.38
C GLN A 47 53.14 31.47 2.95
N ASP A 48 53.33 30.55 2.02
CA ASP A 48 53.33 30.86 0.61
C ASP A 48 52.24 30.06 -0.13
N CYS A 49 51.19 30.73 -0.59
CA CYS A 49 50.95 32.09 -0.15
C CYS A 49 49.57 32.21 0.49
N GLY A 50 49.55 32.35 1.81
CA GLY A 50 48.32 32.65 2.52
C GLY A 50 48.22 32.06 3.93
N GLN A 51 47.14 32.40 4.61
CA GLN A 51 46.77 31.67 5.81
C GLN A 51 45.28 31.38 5.74
N SER A 52 44.96 30.11 5.60
CA SER A 52 43.57 29.73 5.38
C SER A 52 43.04 28.86 6.50
N ASP A 53 41.76 29.05 6.77
CA ASP A 53 41.03 28.26 7.72
C ASP A 53 40.23 27.23 6.93
N MET A 54 39.39 27.72 6.03
CA MET A 54 38.69 26.86 5.10
C MET A 54 39.59 25.80 4.40
N LEU A 55 40.72 26.21 3.81
CA LEU A 55 41.61 25.25 3.16
C LEU A 55 42.17 24.21 4.14
N ARG A 56 42.57 24.67 5.32
CA ARG A 56 43.01 23.78 6.38
C ARG A 56 41.92 22.76 6.73
N ALA A 57 40.68 23.24 6.78
CA ALA A 57 39.52 22.41 7.05
C ALA A 57 39.47 21.29 6.04
N PHE A 58 39.52 21.66 4.78
CA PHE A 58 39.48 20.70 3.67
C PHE A 58 40.57 19.65 3.72
N VAL A 59 41.81 20.10 3.73
CA VAL A 59 42.95 19.19 3.79
C VAL A 59 42.82 18.23 4.96
N PHE A 60 42.51 18.76 6.14
CA PHE A 60 42.47 17.90 7.32
C PHE A 60 41.41 16.80 7.25
N ARG A 61 40.47 16.93 6.31
CA ARG A 61 39.44 15.90 6.08
C ARG A 61 39.73 14.89 4.95
N LEU A 62 40.86 15.07 4.27
CA LEU A 62 41.31 14.15 3.24
C LEU A 62 41.79 12.89 3.90
N GLN A 63 41.28 11.75 3.47
CA GLN A 63 41.77 10.47 3.96
C GLN A 63 42.96 9.97 3.18
N GLU A 64 42.91 10.14 1.87
CA GLU A 64 44.03 9.76 1.01
C GLU A 64 43.93 10.52 -0.28
N GLY A 65 45.02 10.54 -1.05
CA GLY A 65 44.94 11.09 -2.40
C GLY A 65 45.89 10.42 -3.36
N ILE A 66 45.56 10.43 -4.64
CA ILE A 66 46.31 9.69 -5.64
C ILE A 66 46.70 10.61 -6.78
N PHE A 67 48.00 10.84 -6.95
CA PHE A 67 48.51 11.81 -7.93
C PHE A 67 49.34 11.13 -8.99
N SER A 68 49.15 11.55 -10.23
CA SER A 68 49.85 11.03 -11.38
C SER A 68 49.24 11.89 -12.44
N SER A 69 49.83 12.00 -13.63
CA SER A 69 49.14 12.76 -14.68
C SER A 69 49.28 14.23 -14.26
N PRO A 70 48.59 15.15 -14.95
CA PRO A 70 48.33 16.38 -14.18
C PRO A 70 47.06 16.27 -13.31
N TRP A 71 46.87 15.17 -12.59
CA TRP A 71 45.56 14.87 -11.99
C TRP A 71 45.64 14.43 -10.55
N ALA A 72 45.04 15.21 -9.67
CA ALA A 72 44.86 14.80 -8.28
C ALA A 72 43.52 14.05 -8.11
N TYR A 73 43.58 12.88 -7.48
CA TYR A 73 42.36 12.14 -7.12
C TYR A 73 42.31 12.16 -5.60
N LEU A 74 41.32 12.87 -5.08
CA LEU A 74 41.18 13.12 -3.66
C LEU A 74 40.01 12.33 -3.09
N ALA A 75 40.22 11.69 -1.95
CA ALA A 75 39.13 11.06 -1.21
C ALA A 75 38.92 11.81 0.10
N LEU A 76 37.72 12.36 0.26
CA LEU A 76 37.37 13.26 1.34
C LEU A 76 36.32 12.65 2.28
N ARG A 77 36.51 12.80 3.59
CA ARG A 77 35.60 12.21 4.58
C ARG A 77 35.21 13.22 5.66
N PRO A 78 34.29 14.14 5.30
CA PRO A 78 34.00 15.37 6.04
C PRO A 78 33.40 15.12 7.40
N GLU A 79 32.42 14.22 7.44
CA GLU A 79 31.75 13.85 8.66
C GLU A 79 31.89 12.33 8.82
N ILE A 80 31.75 11.85 10.06
CA ILE A 80 31.83 10.42 10.34
C ILE A 80 30.93 9.67 9.40
N ALA A 81 31.49 8.67 8.75
CA ALA A 81 30.78 7.72 7.91
C ALA A 81 30.28 8.27 6.55
N LYS A 82 30.56 9.54 6.27
CA LYS A 82 30.22 10.12 4.97
C LYS A 82 31.49 10.36 4.15
N TRP A 83 31.48 10.00 2.87
CA TRP A 83 32.66 10.16 1.98
C TRP A 83 32.31 10.83 0.67
N GLU A 84 33.07 11.84 0.26
CA GLU A 84 32.99 12.27 -1.13
C GLU A 84 34.31 12.03 -1.78
N PHE A 85 34.26 11.76 -3.08
CA PHE A 85 35.48 11.62 -3.88
C PHE A 85 35.49 12.61 -5.03
N MET A 86 36.64 13.23 -5.29
CA MET A 86 36.73 14.16 -6.41
C MET A 86 38.08 14.07 -7.07
N ARG A 87 38.17 14.59 -8.29
CA ARG A 87 39.47 14.80 -8.92
C ARG A 87 39.59 16.26 -9.34
N ILE A 88 40.82 16.75 -9.32
CA ILE A 88 41.12 18.12 -9.75
C ILE A 88 42.33 18.12 -10.64
N HIS A 89 42.36 19.00 -11.63
CA HIS A 89 43.48 19.05 -12.57
C HIS A 89 44.49 20.12 -12.18
N GLN A 90 45.78 19.78 -12.19
CA GLN A 90 46.85 20.69 -11.75
C GLN A 90 46.83 22.13 -12.31
N GLU A 91 46.58 22.26 -13.61
CA GLU A 91 46.56 23.58 -14.26
C GLU A 91 45.20 24.27 -14.20
N HIS A 92 44.18 23.75 -14.90
CA HIS A 92 42.84 24.30 -14.66
C HIS A 92 42.30 23.66 -13.40
N LEU A 93 42.06 24.46 -12.36
CA LEU A 93 41.73 23.83 -11.09
C LEU A 93 40.23 23.86 -10.89
N ILE A 94 39.61 22.75 -11.24
CA ILE A 94 38.17 22.65 -11.24
C ILE A 94 37.77 21.31 -10.63
N PRO A 95 37.49 21.31 -9.32
CA PRO A 95 37.10 20.08 -8.63
C PRO A 95 35.98 19.42 -9.40
N GLU A 96 36.12 18.12 -9.65
CA GLU A 96 35.11 17.36 -10.39
C GLU A 96 34.69 16.14 -9.58
N LYS A 97 33.40 16.08 -9.27
CA LYS A 97 32.84 14.99 -8.48
C LYS A 97 33.12 13.65 -9.17
N LEU A 98 33.48 12.64 -8.38
CA LEU A 98 33.62 11.30 -8.92
C LEU A 98 32.81 10.33 -8.11
N THR A 99 32.39 9.24 -8.72
CA THR A 99 31.80 8.11 -7.99
C THR A 99 32.91 7.30 -7.34
N ILE A 100 32.60 6.61 -6.25
CA ILE A 100 33.56 5.73 -5.63
C ILE A 100 34.17 4.77 -6.67
N SER A 101 33.38 4.37 -7.67
CA SER A 101 33.90 3.45 -8.67
C SER A 101 34.94 4.08 -9.56
N GLU A 102 34.70 5.32 -9.96
CA GLU A 102 35.63 6.05 -10.82
C GLU A 102 36.98 6.16 -10.12
N PHE A 103 36.91 6.61 -8.87
CA PHE A 103 38.08 6.77 -8.02
C PHE A 103 38.81 5.42 -7.85
N LEU A 104 38.06 4.35 -7.64
CA LEU A 104 38.70 3.06 -7.49
C LEU A 104 39.33 2.56 -8.78
N LYS A 105 38.77 2.95 -9.92
CA LYS A 105 39.30 2.52 -11.21
C LYS A 105 40.62 3.24 -11.44
N PHE A 106 40.66 4.51 -11.07
CA PHE A 106 41.90 5.28 -11.17
C PHE A 106 42.98 4.70 -10.25
N LYS A 107 42.64 4.52 -8.97
CA LYS A 107 43.62 3.96 -8.03
C LYS A 107 44.13 2.62 -8.52
N GLU A 108 43.21 1.79 -8.98
CA GLU A 108 43.55 0.52 -9.59
C GLU A 108 44.56 0.72 -10.72
N THR A 109 44.22 1.57 -11.68
CA THR A 109 45.10 1.82 -12.81
C THR A 109 46.51 2.27 -12.41
N VAL A 110 46.59 3.43 -11.75
CA VAL A 110 47.86 3.93 -11.23
C VAL A 110 48.68 2.89 -10.46
N VAL A 111 48.03 2.09 -9.66
CA VAL A 111 48.79 1.13 -8.87
C VAL A 111 49.25 -0.12 -9.64
N LYS A 112 48.31 -0.89 -10.14
CA LYS A 112 48.63 -2.12 -10.85
C LYS A 112 48.58 -2.06 -12.38
N GLY A 113 48.37 -0.88 -12.95
CA GLY A 113 48.39 -0.72 -14.40
C GLY A 113 47.09 -0.99 -15.15
N GLU A 114 47.05 -0.61 -16.43
CA GLU A 114 45.87 -0.77 -17.28
C GLU A 114 45.33 -2.20 -17.15
N ALA A 115 44.01 -2.34 -17.07
CA ALA A 115 43.46 -3.65 -16.86
C ALA A 115 43.25 -4.32 -18.21
N THR A 116 43.73 -5.55 -18.31
CA THR A 116 43.53 -6.39 -19.47
C THR A 116 42.01 -6.59 -19.69
N GLU A 117 41.36 -7.28 -18.75
CA GLU A 117 39.91 -7.50 -18.76
C GLU A 117 39.14 -6.50 -17.89
N SER A 118 37.85 -6.73 -17.70
CA SER A 118 37.05 -5.85 -16.86
C SER A 118 36.99 -6.35 -15.43
N VAL A 119 37.01 -5.43 -14.47
CA VAL A 119 37.00 -5.82 -13.07
C VAL A 119 35.60 -6.21 -12.62
N LEU A 120 35.51 -7.26 -11.82
CA LEU A 120 34.26 -7.58 -11.13
C LEU A 120 34.00 -6.56 -10.04
N GLU A 121 32.85 -5.91 -10.09
CA GLU A 121 32.45 -5.02 -8.99
C GLU A 121 31.38 -5.65 -8.12
N VAL A 122 31.77 -6.06 -6.91
CA VAL A 122 30.85 -6.57 -5.91
C VAL A 122 30.08 -5.38 -5.36
N ASP A 123 28.75 -5.47 -5.47
CA ASP A 123 27.92 -4.33 -5.16
C ASP A 123 26.74 -4.82 -4.35
N PHE A 124 26.65 -4.41 -3.10
CA PHE A 124 25.55 -4.87 -2.27
C PHE A 124 24.41 -3.87 -2.27
N GLY A 125 24.59 -2.77 -3.01
CA GLY A 125 23.61 -1.71 -3.02
C GLY A 125 22.20 -2.18 -3.36
N PRO A 126 22.03 -2.81 -4.53
CA PRO A 126 20.69 -3.23 -4.90
C PRO A 126 20.14 -4.24 -3.92
N PHE A 127 21.02 -4.99 -3.30
CA PHE A 127 20.59 -5.96 -2.30
C PHE A 127 20.16 -5.28 -1.01
N ASN A 128 20.74 -4.13 -0.70
CA ASN A 128 20.39 -3.47 0.55
C ASN A 128 19.24 -2.49 0.50
N ARG A 129 18.87 -2.06 -0.71
CA ARG A 129 17.75 -1.12 -0.92
C ARG A 129 16.51 -1.65 -0.27
N GLY A 130 15.85 -0.81 0.51
CA GLY A 130 14.55 -1.14 1.03
C GLY A 130 14.56 -1.58 2.47
N PHE A 131 15.71 -2.07 2.90
CA PHE A 131 15.84 -2.48 4.28
C PHE A 131 16.11 -1.25 5.11
N PRO A 132 15.62 -1.23 6.36
CA PRO A 132 15.73 -0.05 7.23
C PRO A 132 17.15 0.37 7.54
N ARG A 133 17.37 1.68 7.70
CA ARG A 133 18.65 2.21 8.15
C ARG A 133 18.49 3.36 9.13
N LEU A 134 19.37 3.40 10.11
CA LEU A 134 19.56 4.56 10.96
C LEU A 134 19.90 5.76 10.09
N LYS A 135 19.53 6.95 10.53
CA LYS A 135 19.77 8.14 9.75
C LYS A 135 20.91 9.01 10.25
N GLU A 136 21.47 8.70 11.41
CA GLU A 136 22.27 9.70 12.11
C GLU A 136 23.53 9.10 12.72
N SER A 137 24.68 9.70 12.46
CA SER A 137 25.92 9.01 12.76
C SER A 137 26.05 8.77 14.26
N ARG A 138 25.54 9.71 15.05
CA ARG A 138 25.60 9.54 16.51
C ARG A 138 24.90 8.27 16.96
N SER A 139 24.03 7.73 16.13
CA SER A 139 23.20 6.59 16.54
C SER A 139 23.74 5.24 16.13
N ILE A 140 24.85 5.22 15.39
CA ILE A 140 25.43 3.96 14.95
C ILE A 140 25.84 3.12 16.15
N GLY A 141 25.52 1.83 16.14
CA GLY A 141 25.92 0.98 17.25
C GLY A 141 24.80 0.77 18.24
N GLN A 142 23.76 1.56 18.04
CA GLN A 142 22.50 1.50 18.76
C GLN A 142 21.44 0.71 18.02
N GLY A 143 21.82 -0.13 17.08
CA GLY A 143 20.86 -0.76 16.18
C GLY A 143 19.57 -1.30 16.80
N VAL A 144 19.67 -2.08 17.86
CA VAL A 144 18.47 -2.67 18.44
C VAL A 144 17.38 -1.67 18.87
N ILE A 145 17.73 -0.46 19.24
CA ILE A 145 16.70 0.52 19.59
C ILE A 145 15.85 0.90 18.38
N PHE A 146 16.55 1.23 17.29
CA PHE A 146 15.93 1.54 16.03
C PHE A 146 15.10 0.35 15.64
N LEU A 147 15.66 -0.82 15.76
CA LEU A 147 14.95 -1.98 15.28
C LEU A 147 13.68 -2.25 16.08
N ASN A 148 13.69 -1.99 17.39
CA ASN A 148 12.48 -2.11 18.18
C ASN A 148 11.43 -1.16 17.66
N ARG A 149 11.82 0.10 17.47
CA ARG A 149 10.83 1.07 17.01
C ARG A 149 10.30 0.70 15.65
N LYS A 150 11.14 0.14 14.79
CA LYS A 150 10.67 -0.29 13.47
C LYS A 150 9.70 -1.44 13.60
N LEU A 151 10.07 -2.44 14.39
CA LEU A 151 9.20 -3.61 14.61
C LEU A 151 7.85 -3.24 15.16
N SER A 152 7.80 -2.40 16.20
CA SER A 152 6.55 -2.15 16.88
C SER A 152 5.75 -1.14 16.13
N SER A 153 6.44 -0.23 15.45
CA SER A 153 5.69 0.75 14.68
C SER A 153 5.01 0.03 13.53
N GLU A 154 5.70 -0.94 12.94
CA GLU A 154 5.08 -1.67 11.85
C GLU A 154 4.21 -2.84 12.35
N MET A 155 4.26 -3.11 13.64
CA MET A 155 3.39 -4.13 14.19
C MET A 155 1.99 -3.55 14.42
N PHE A 156 1.75 -2.26 14.15
CA PHE A 156 0.36 -1.84 14.13
C PHE A 156 -0.13 -2.32 12.75
N SER A 157 -0.63 -3.54 12.82
CA SER A 157 -1.42 -4.19 11.80
C SER A 157 -2.73 -4.39 12.54
N ARG A 158 -3.60 -3.46 12.18
CA ARG A 158 -4.97 -3.37 12.61
C ARG A 158 -5.77 -3.97 11.46
N ILE A 159 -5.04 -4.44 10.45
CA ILE A 159 -5.55 -5.39 9.47
C ILE A 159 -5.78 -6.73 10.19
N GLU A 160 -5.25 -6.82 11.42
CA GLU A 160 -5.54 -7.90 12.38
C GLU A 160 -5.04 -9.29 11.95
N ALA A 161 -4.72 -9.42 10.66
CA ALA A 161 -3.96 -10.55 10.20
C ALA A 161 -2.61 -9.91 10.38
N GLY A 162 -1.92 -10.35 11.41
CA GLY A 162 -0.74 -9.65 11.87
C GLY A 162 -1.03 -8.74 13.04
N HIS A 163 -0.09 -8.69 13.99
CA HIS A 163 1.09 -9.51 13.83
C HIS A 163 0.72 -10.80 14.47
N THR A 164 0.45 -11.73 13.56
CA THR A 164 0.27 -13.11 13.85
C THR A 164 1.70 -13.52 13.58
N SER A 165 2.48 -12.55 13.11
CA SER A 165 3.91 -12.71 12.98
C SER A 165 4.37 -13.02 14.37
N LEU A 166 4.06 -12.12 15.29
CA LEU A 166 4.39 -12.33 16.69
C LEU A 166 3.82 -13.64 17.23
N LEU A 167 2.55 -13.89 16.93
CA LEU A 167 1.88 -15.10 17.39
C LEU A 167 2.49 -16.42 16.85
N HIS A 168 2.68 -16.51 15.52
CA HIS A 168 3.36 -17.65 14.92
C HIS A 168 4.73 -17.83 15.56
N PHE A 169 5.50 -16.75 15.62
CA PHE A 169 6.81 -16.75 16.19
C PHE A 169 6.79 -17.41 17.54
N LEU A 170 5.83 -17.01 18.38
CA LEU A 170 5.64 -17.58 19.72
C LEU A 170 5.37 -19.06 19.64
N GLY A 171 4.76 -19.47 18.53
CA GLY A 171 4.45 -20.87 18.33
C GLY A 171 5.61 -21.77 17.90
N VAL A 172 6.58 -21.20 17.19
CA VAL A 172 7.63 -22.03 16.58
C VAL A 172 8.76 -22.53 17.46
N HIS A 173 8.89 -22.04 18.68
CA HIS A 173 10.00 -22.49 19.52
C HIS A 173 9.49 -23.51 20.52
N ALA A 174 10.31 -24.54 20.75
CA ALA A 174 9.99 -25.59 21.70
C ALA A 174 11.27 -26.08 22.31
N ILE A 175 11.20 -26.45 23.59
CA ILE A 175 12.40 -26.88 24.31
C ILE A 175 12.23 -28.33 24.72
N GLU A 176 13.14 -29.17 24.26
CA GLU A 176 13.08 -30.62 24.46
C GLU A 176 11.73 -31.18 24.02
N GLY A 177 11.31 -30.84 22.80
CA GLY A 177 10.10 -31.41 22.23
C GLY A 177 8.81 -30.89 22.83
N GLN A 178 8.88 -30.17 23.95
CA GLN A 178 7.69 -29.60 24.59
C GLN A 178 7.33 -28.29 23.91
N GLN A 179 6.14 -28.23 23.33
CA GLN A 179 5.65 -27.00 22.74
C GLN A 179 5.61 -25.90 23.79
N LEU A 180 5.92 -24.68 23.37
CA LEU A 180 5.96 -23.56 24.30
C LEU A 180 5.02 -22.42 23.92
N MET A 181 4.50 -21.81 24.97
CA MET A 181 3.62 -20.65 25.00
C MET A 181 2.24 -21.00 24.51
N PHE A 182 2.15 -21.90 23.55
CA PHE A 182 0.87 -22.20 22.93
C PHE A 182 0.75 -23.68 22.59
N SER A 183 -0.40 -24.25 22.93
CA SER A 183 -0.68 -25.67 22.73
C SER A 183 -0.86 -26.03 21.27
N ASN A 184 -1.69 -25.27 20.57
CA ASN A 184 -1.73 -25.36 19.11
C ASN A 184 -1.25 -24.04 18.52
N ASN A 185 -0.68 -24.07 17.32
CA ASN A 185 -0.27 -22.80 16.72
C ASN A 185 -1.55 -22.15 16.18
N SER A 186 -1.90 -21.03 16.80
CA SER A 186 -3.28 -20.54 16.76
C SER A 186 -3.52 -19.48 15.70
N HIS A 187 -2.75 -18.40 15.80
CA HIS A 187 -3.03 -17.13 15.13
C HIS A 187 -4.44 -16.74 15.51
N ASP A 188 -5.17 -16.12 14.58
CA ASP A 188 -6.45 -15.54 14.96
C ASP A 188 -6.27 -14.68 16.21
N ILE A 189 -5.75 -13.49 16.02
CA ILE A 189 -5.51 -12.59 17.13
C ILE A 189 -6.74 -12.44 18.07
N HIS A 190 -7.96 -12.59 17.54
CA HIS A 190 -9.16 -12.39 18.35
C HIS A 190 -9.30 -13.53 19.34
N ALA A 191 -9.02 -14.73 18.86
CA ALA A 191 -8.98 -15.89 19.74
C ALA A 191 -7.91 -15.74 20.83
N VAL A 192 -6.68 -15.41 20.44
CA VAL A 192 -5.64 -15.29 21.44
C VAL A 192 -5.99 -14.23 22.49
N ARG A 193 -6.55 -13.11 22.05
CA ARG A 193 -6.99 -12.09 23.00
C ARG A 193 -8.01 -12.70 23.95
N ASN A 194 -8.86 -13.56 23.42
CA ASN A 194 -9.84 -14.23 24.27
C ASN A 194 -9.20 -15.09 25.35
N GLN A 195 -8.34 -16.01 24.92
CA GLN A 195 -7.67 -16.93 25.82
C GLN A 195 -6.96 -16.11 26.88
N LEU A 196 -6.25 -15.08 26.45
CA LEU A 196 -5.50 -14.22 27.35
C LEU A 196 -6.39 -13.60 28.42
N ARG A 197 -7.56 -13.15 27.98
CA ARG A 197 -8.52 -12.53 28.87
C ARG A 197 -8.98 -13.52 29.94
N GLN A 198 -9.38 -14.71 29.50
CA GLN A 198 -9.83 -15.72 30.43
C GLN A 198 -8.73 -16.05 31.45
N ALA A 199 -7.57 -16.44 30.94
CA ALA A 199 -6.43 -16.78 31.78
C ALA A 199 -6.12 -15.71 32.82
N LEU A 200 -5.96 -14.47 32.36
CA LEU A 200 -5.74 -13.34 33.24
C LEU A 200 -6.79 -13.29 34.31
N GLU A 201 -8.03 -13.65 33.95
CA GLU A 201 -9.12 -13.60 34.89
C GLU A 201 -8.98 -14.66 35.99
N MET A 202 -8.80 -15.92 35.59
CA MET A 202 -8.54 -17.00 36.56
C MET A 202 -7.39 -16.70 37.51
N LEU A 203 -6.33 -16.11 36.99
CA LEU A 203 -5.18 -15.83 37.84
C LEU A 203 -5.48 -14.87 38.99
N GLU A 204 -6.61 -14.16 38.94
CA GLU A 204 -6.96 -13.21 40.00
C GLU A 204 -7.59 -13.92 41.20
N THR A 205 -8.07 -15.13 40.96
CA THR A 205 -8.61 -16.00 42.00
C THR A 205 -7.59 -17.05 42.50
N LEU A 206 -6.37 -16.99 41.99
CA LEU A 206 -5.36 -17.95 42.38
C LEU A 206 -4.28 -17.32 43.22
N ASP A 207 -3.68 -18.17 44.05
CA ASP A 207 -2.64 -17.74 44.95
C ASP A 207 -1.46 -17.41 44.06
N GLY A 208 -1.03 -16.14 44.12
CA GLY A 208 -0.09 -15.61 43.16
C GLY A 208 1.14 -16.49 43.00
N THR A 209 1.49 -17.16 44.08
CA THR A 209 2.76 -17.84 44.18
C THR A 209 2.64 -19.31 43.79
N THR A 210 1.45 -19.67 43.32
CA THR A 210 1.22 -21.01 42.81
C THR A 210 2.33 -21.38 41.79
N PRO A 211 3.00 -22.51 42.03
CA PRO A 211 3.94 -23.00 41.04
C PRO A 211 3.27 -23.12 39.70
N TRP A 212 4.03 -22.91 38.63
CA TRP A 212 3.52 -23.14 37.29
C TRP A 212 2.91 -24.53 37.19
N ILE A 213 3.51 -25.51 37.86
CA ILE A 213 3.08 -26.89 37.64
C ILE A 213 1.66 -27.16 38.17
N GLU A 214 1.23 -26.38 39.15
CA GLU A 214 -0.14 -26.50 39.63
C GLU A 214 -1.19 -25.92 38.64
N LEU A 215 -0.92 -24.75 38.08
CA LEU A 215 -1.86 -24.18 37.11
C LEU A 215 -1.61 -24.57 35.65
N ALA A 216 -0.63 -25.42 35.42
CA ALA A 216 -0.35 -25.94 34.07
C ALA A 216 -1.52 -26.59 33.33
N PRO A 217 -2.26 -27.52 33.99
CA PRO A 217 -3.34 -28.20 33.25
C PRO A 217 -4.49 -27.25 32.88
N LYS A 218 -4.84 -26.37 33.81
CA LYS A 218 -5.89 -25.38 33.61
C LYS A 218 -5.53 -24.48 32.41
N MET A 219 -4.24 -24.19 32.29
CA MET A 219 -3.77 -23.38 31.19
C MET A 219 -3.73 -24.19 29.91
N ASN A 220 -3.56 -25.51 30.02
CA ASN A 220 -3.62 -26.35 28.83
C ASN A 220 -5.02 -26.34 28.27
N GLN A 221 -6.00 -26.25 29.17
CA GLN A 221 -7.42 -26.11 28.81
C GLN A 221 -7.65 -24.86 27.97
N LEU A 222 -7.01 -23.77 28.37
CA LEU A 222 -7.19 -22.46 27.73
C LEU A 222 -6.30 -22.29 26.52
N GLY A 223 -5.51 -23.31 26.20
CA GLY A 223 -4.75 -23.32 24.97
C GLY A 223 -3.32 -22.87 25.18
N PHE A 224 -2.91 -22.81 26.44
CA PHE A 224 -1.61 -22.29 26.80
C PHE A 224 -0.63 -23.38 27.17
N ALA A 225 0.43 -23.48 26.39
CA ALA A 225 1.62 -24.26 26.74
C ALA A 225 2.46 -23.52 27.81
N PRO A 226 3.45 -24.20 28.42
CA PRO A 226 4.24 -23.48 29.42
C PRO A 226 5.23 -22.46 28.85
N GLY A 227 5.94 -21.76 29.73
CA GLY A 227 6.79 -20.66 29.29
C GLY A 227 6.36 -19.27 29.72
N TRP A 228 5.18 -19.14 30.32
CA TRP A 228 4.68 -17.83 30.70
C TRP A 228 5.23 -17.35 32.01
N GLY A 229 5.71 -18.27 32.83
CA GLY A 229 6.20 -17.87 34.14
C GLY A 229 6.34 -19.01 35.12
N HIS A 230 6.85 -18.70 36.32
CA HIS A 230 7.08 -19.71 37.35
C HIS A 230 5.95 -19.76 38.38
N ASN A 231 5.77 -18.68 39.13
CA ASN A 231 4.52 -18.43 39.85
C ASN A 231 3.45 -17.72 39.01
N ALA A 232 2.19 -17.89 39.38
CA ALA A 232 1.09 -17.22 38.71
C ALA A 232 1.32 -15.70 38.59
N ASN A 233 1.96 -15.07 39.57
CA ASN A 233 2.26 -13.64 39.46
C ASN A 233 3.03 -13.29 38.17
N ARG A 234 4.02 -14.11 37.83
CA ARG A 234 4.79 -13.90 36.63
C ARG A 234 3.95 -14.23 35.38
N VAL A 235 3.14 -15.28 35.44
CA VAL A 235 2.26 -15.60 34.31
C VAL A 235 1.36 -14.41 33.96
N ALA A 236 0.76 -13.83 34.99
CA ALA A 236 0.00 -12.61 34.84
C ALA A 236 0.84 -11.53 34.19
N GLU A 237 2.09 -11.39 34.65
CA GLU A 237 2.95 -10.32 34.14
C GLU A 237 3.15 -10.41 32.63
N THR A 238 3.54 -11.60 32.20
CA THR A 238 3.88 -11.82 30.81
C THR A 238 2.63 -11.77 29.93
N MET A 239 1.51 -12.26 30.48
CA MET A 239 0.25 -12.27 29.72
C MET A 239 -0.31 -10.88 29.56
N ASN A 240 -0.15 -10.06 30.58
CA ASN A 240 -0.51 -8.68 30.48
C ASN A 240 0.40 -7.97 29.48
N MET A 241 1.66 -8.39 29.40
CA MET A 241 2.58 -7.84 28.42
C MET A 241 2.05 -8.07 27.01
N LEU A 242 1.76 -9.34 26.68
CA LEU A 242 1.23 -9.69 25.36
C LEU A 242 -0.12 -9.02 25.07
N MET A 243 -0.96 -8.90 26.09
CA MET A 243 -2.23 -8.25 25.90
C MET A 243 -2.06 -6.77 25.61
N ASP A 244 -1.14 -6.12 26.31
CA ASP A 244 -0.85 -4.74 26.02
C ASP A 244 -0.39 -4.62 24.57
N ILE A 245 0.49 -5.53 24.12
CA ILE A 245 1.05 -5.46 22.78
C ILE A 245 0.04 -5.70 21.66
N LEU A 246 -0.81 -6.72 21.80
CA LEU A 246 -1.84 -6.99 20.78
C LEU A 246 -2.89 -5.88 20.63
N GLU A 247 -2.84 -4.89 21.51
CA GLU A 247 -3.78 -3.76 21.46
C GLU A 247 -3.15 -2.54 20.83
N ALA A 248 -2.06 -2.07 21.44
CA ALA A 248 -1.26 -0.96 20.92
C ALA A 248 0.22 -1.25 21.12
N PRO A 249 0.87 -1.91 20.13
CA PRO A 249 2.30 -2.18 20.21
C PRO A 249 3.10 -0.93 20.48
N SER A 250 4.16 -1.04 21.28
CA SER A 250 5.09 0.05 21.54
C SER A 250 6.48 -0.56 21.63
N PRO A 251 7.53 0.26 21.46
CA PRO A 251 8.90 -0.26 21.53
C PRO A 251 9.27 -0.89 22.88
N SER A 252 9.01 -0.20 23.99
CA SER A 252 9.39 -0.72 25.29
C SER A 252 8.71 -2.06 25.53
N ALA A 253 7.42 -2.12 25.20
CA ALA A 253 6.61 -3.27 25.54
C ALA A 253 7.11 -4.44 24.76
N LEU A 254 7.39 -4.20 23.49
CA LEU A 254 7.74 -5.30 22.61
C LEU A 254 9.12 -5.80 22.98
N GLU A 255 10.01 -4.90 23.36
CA GLU A 255 11.32 -5.35 23.83
C GLU A 255 11.22 -6.19 25.11
N GLU A 256 10.46 -5.72 26.09
CA GLU A 256 10.21 -6.44 27.31
C GLU A 256 9.63 -7.83 27.08
N PHE A 257 8.64 -7.95 26.21
CA PHE A 257 8.02 -9.25 25.98
C PHE A 257 8.97 -10.13 25.19
N LEU A 258 9.57 -9.60 24.14
CA LEU A 258 10.48 -10.37 23.33
C LEU A 258 11.65 -10.91 24.18
N ALA A 259 12.09 -10.11 25.14
CA ALA A 259 13.13 -10.54 26.06
C ALA A 259 12.73 -11.75 26.94
N CYS A 260 11.44 -11.90 27.23
CA CYS A 260 10.87 -13.02 28.02
C CYS A 260 11.00 -14.36 27.39
N ILE A 261 10.84 -14.40 26.07
CA ILE A 261 10.53 -15.65 25.43
C ILE A 261 11.60 -16.70 25.71
N PRO A 262 11.18 -17.82 26.32
CA PRO A 262 12.12 -18.90 26.64
C PRO A 262 12.56 -19.62 25.37
N MET A 263 13.09 -18.89 24.40
CA MET A 263 13.63 -19.46 23.17
C MET A 263 15.18 -19.56 23.10
N ILE A 264 15.87 -19.18 24.18
CA ILE A 264 17.34 -19.28 24.21
C ILE A 264 17.86 -20.26 25.29
N SER A 265 18.40 -21.35 24.80
CA SER A 265 18.64 -22.56 25.55
C SER A 265 20.09 -23.03 25.32
N ARG A 266 20.44 -23.19 24.04
CA ARG A 266 21.77 -23.65 23.66
C ARG A 266 22.61 -22.64 22.85
N LEU A 267 23.74 -22.21 23.40
CA LEU A 267 24.71 -21.39 22.66
C LEU A 267 25.83 -22.21 22.00
N LEU A 268 26.29 -21.74 20.84
CA LEU A 268 27.49 -22.29 20.21
C LEU A 268 28.43 -21.13 19.88
N ILE A 269 29.53 -21.02 20.63
CA ILE A 269 30.53 -19.95 20.45
C ILE A 269 31.73 -20.53 19.70
N LEU A 270 32.27 -19.79 18.73
CA LEU A 270 33.22 -20.34 17.77
C LEU A 270 34.52 -19.56 17.72
N SER A 271 35.62 -20.21 18.12
CA SER A 271 36.95 -19.59 18.20
C SER A 271 38.04 -20.56 17.79
N PRO A 272 38.17 -20.82 16.48
CA PRO A 272 38.95 -21.95 15.96
C PRO A 272 40.49 -21.81 16.07
N HIS A 273 41.03 -20.60 15.92
CA HIS A 273 42.48 -20.50 15.91
C HIS A 273 43.14 -20.45 17.28
N GLY A 274 44.41 -20.87 17.33
CA GLY A 274 45.26 -20.75 18.51
C GLY A 274 45.10 -21.85 19.56
N TYR A 275 45.67 -21.61 20.74
CA TYR A 275 45.53 -22.54 21.85
C TYR A 275 44.47 -22.05 22.86
N PHE A 276 43.30 -22.65 22.81
CA PHE A 276 42.23 -22.21 23.69
C PHE A 276 42.17 -23.11 24.89
N GLY A 277 42.08 -22.49 26.05
CA GLY A 277 41.93 -23.24 27.28
C GLY A 277 42.19 -22.28 28.41
N GLN A 278 41.88 -22.71 29.63
CA GLN A 278 42.04 -21.82 30.76
C GLN A 278 43.22 -22.34 31.55
N ASP A 279 44.43 -21.86 31.23
CA ASP A 279 45.59 -22.12 32.07
C ASP A 279 46.63 -21.00 32.13
N ASN A 280 47.40 -20.92 31.04
CA ASN A 280 48.65 -20.13 30.96
C ASN A 280 48.50 -18.76 30.31
N VAL A 281 47.26 -18.37 30.03
CA VAL A 281 46.93 -17.11 29.35
C VAL A 281 47.63 -15.92 30.05
N LEU A 282 48.36 -15.10 29.29
CA LEU A 282 48.36 -15.16 27.83
C LEU A 282 49.36 -16.17 27.19
N GLY A 283 50.65 -15.82 27.12
CA GLY A 283 51.65 -16.68 26.49
C GLY A 283 51.26 -17.05 25.06
N LEU A 284 51.96 -18.01 24.46
CA LEU A 284 51.43 -18.82 23.35
C LEU A 284 51.16 -18.10 22.02
N PRO A 285 51.25 -18.85 20.90
CA PRO A 285 50.97 -18.27 19.58
C PRO A 285 49.47 -18.09 19.29
N ASP A 286 49.11 -16.99 18.63
CA ASP A 286 47.73 -16.72 18.22
C ASP A 286 46.77 -16.51 19.41
N THR A 287 47.27 -16.69 20.64
CA THR A 287 46.45 -16.65 21.84
C THR A 287 46.76 -15.45 22.72
N GLY A 288 45.86 -14.48 22.72
CA GLY A 288 46.01 -13.28 23.53
C GLY A 288 45.04 -13.27 24.68
N GLY A 289 44.62 -12.07 25.09
CA GLY A 289 43.52 -11.90 26.02
C GLY A 289 42.21 -12.29 25.34
N GLN A 290 42.39 -12.84 24.14
CA GLN A 290 41.40 -13.54 23.34
C GLN A 290 40.61 -14.55 24.14
N VAL A 291 41.31 -15.39 24.89
CA VAL A 291 40.67 -16.41 25.71
C VAL A 291 39.84 -15.82 26.85
N VAL A 292 40.34 -14.73 27.43
CA VAL A 292 39.69 -14.11 28.59
C VAL A 292 38.28 -13.57 28.31
N TYR A 293 38.14 -12.84 27.21
CA TYR A 293 36.85 -12.35 26.75
C TYR A 293 35.87 -13.49 26.71
N ILE A 294 36.24 -14.57 26.05
CA ILE A 294 35.29 -15.64 25.88
C ILE A 294 34.98 -16.38 27.18
N LEU A 295 35.96 -16.58 28.05
CA LEU A 295 35.65 -17.32 29.27
C LEU A 295 34.74 -16.49 30.19
N ASP A 296 35.09 -15.23 30.39
CA ASP A 296 34.21 -14.33 31.13
C ASP A 296 32.81 -14.18 30.49
N GLN A 297 32.78 -13.95 29.18
CA GLN A 297 31.53 -13.83 28.43
C GLN A 297 30.67 -15.05 28.67
N VAL A 298 31.22 -16.26 28.55
CA VAL A 298 30.37 -17.44 28.65
C VAL A 298 29.89 -17.68 30.08
N ARG A 299 30.68 -17.24 31.06
CA ARG A 299 30.23 -17.39 32.43
C ARG A 299 29.01 -16.51 32.65
N ALA A 300 29.17 -15.25 32.27
CA ALA A 300 28.08 -14.29 32.36
C ALA A 300 26.83 -14.77 31.63
N LEU A 301 27.05 -15.16 30.39
CA LEU A 301 26.03 -15.60 29.49
C LEU A 301 25.27 -16.74 30.12
N GLU A 302 25.98 -17.68 30.73
CA GLU A 302 25.31 -18.89 31.21
C GLU A 302 24.43 -18.54 32.39
N LYS A 303 24.91 -17.61 33.21
CA LYS A 303 24.09 -17.13 34.33
C LYS A 303 22.77 -16.55 33.80
N GLU A 304 22.88 -15.59 32.89
CA GLU A 304 21.68 -14.93 32.37
C GLU A 304 20.73 -15.90 31.72
N MET A 305 21.26 -16.79 30.88
CA MET A 305 20.47 -17.86 30.26
C MET A 305 19.66 -18.59 31.29
N HIS A 306 20.34 -19.01 32.35
CA HIS A 306 19.70 -19.77 33.39
C HIS A 306 18.61 -18.95 34.02
N ASP A 307 18.94 -17.74 34.46
CA ASP A 307 17.97 -16.91 35.13
C ASP A 307 16.70 -16.70 34.30
N ARG A 308 16.85 -16.22 33.07
CA ARG A 308 15.71 -15.99 32.19
C ARG A 308 14.87 -17.24 32.04
N LEU A 309 15.52 -18.36 31.76
CA LEU A 309 14.76 -19.59 31.57
C LEU A 309 14.00 -19.95 32.85
N GLN A 310 14.66 -19.76 33.98
CA GLN A 310 14.11 -20.14 35.26
C GLN A 310 12.87 -19.31 35.51
N LEU A 311 13.00 -17.99 35.40
CA LEU A 311 11.90 -17.04 35.58
C LEU A 311 10.63 -17.39 34.79
N GLN A 312 10.78 -17.97 33.60
CA GLN A 312 9.61 -18.30 32.80
C GLN A 312 9.09 -19.68 33.15
N GLY A 313 9.70 -20.28 34.16
CA GLY A 313 9.25 -21.57 34.66
C GLY A 313 9.70 -22.80 33.88
N VAL A 314 10.63 -22.63 32.95
CA VAL A 314 11.06 -23.79 32.17
C VAL A 314 12.31 -24.36 32.79
N GLN A 315 12.25 -25.66 33.05
CA GLN A 315 13.21 -26.34 33.91
C GLN A 315 14.53 -26.64 33.24
N VAL A 316 14.52 -26.72 31.91
CA VAL A 316 15.67 -27.21 31.15
C VAL A 316 16.99 -26.51 31.49
N GLU A 317 18.05 -27.28 31.36
CA GLU A 317 19.39 -26.80 31.57
C GLU A 317 19.96 -26.31 30.25
N PRO A 318 20.41 -25.04 30.23
CA PRO A 318 21.08 -24.45 29.08
C PRO A 318 22.49 -25.03 28.92
N LYS A 319 22.96 -25.09 27.70
CA LYS A 319 24.31 -25.55 27.46
C LYS A 319 25.02 -24.59 26.54
N ILE A 320 26.24 -24.23 26.89
CA ILE A 320 27.08 -23.45 25.99
C ILE A 320 28.26 -24.31 25.51
N LEU A 321 28.46 -24.34 24.20
CA LEU A 321 29.67 -24.97 23.67
C LEU A 321 30.66 -23.94 23.14
N ILE A 322 31.91 -23.96 23.59
CA ILE A 322 32.96 -23.19 22.94
C ILE A 322 33.75 -24.15 22.07
N VAL A 323 33.62 -24.00 20.76
CA VAL A 323 34.21 -24.95 19.82
C VAL A 323 35.47 -24.38 19.21
N THR A 324 36.54 -25.15 19.30
CA THR A 324 37.80 -24.75 18.70
C THR A 324 38.49 -25.95 18.07
N ARG A 325 39.70 -25.73 17.61
CA ARG A 325 40.48 -26.80 16.99
C ARG A 325 41.12 -27.72 18.01
N LEU A 326 41.11 -29.02 17.71
CA LEU A 326 41.83 -29.99 18.50
C LEU A 326 43.19 -30.21 17.88
N ILE A 327 44.24 -29.77 18.58
CA ILE A 327 45.59 -30.05 18.13
C ILE A 327 46.18 -31.22 18.88
N PRO A 328 46.39 -32.35 18.19
CA PRO A 328 47.03 -33.54 18.76
C PRO A 328 48.43 -33.23 19.31
N ASP A 329 49.24 -32.41 18.64
CA ASP A 329 50.57 -32.11 19.15
C ASP A 329 50.39 -30.92 20.07
N ALA A 330 50.37 -31.19 21.37
CA ALA A 330 49.88 -30.21 22.33
C ALA A 330 51.00 -29.72 23.23
N GLY A 331 51.60 -30.64 24.00
CA GLY A 331 52.63 -30.28 24.95
C GLY A 331 52.14 -29.55 26.19
N ASP A 332 51.27 -30.23 26.94
CA ASP A 332 50.85 -29.83 28.30
C ASP A 332 49.82 -28.68 28.38
N THR A 333 49.45 -28.15 27.21
CA THR A 333 48.16 -27.48 27.04
C THR A 333 47.09 -28.57 26.97
N THR A 334 45.84 -28.20 27.22
CA THR A 334 44.74 -29.15 27.22
C THR A 334 44.18 -29.31 25.81
N CYS A 335 44.87 -28.70 24.85
CA CYS A 335 44.41 -28.61 23.46
C CYS A 335 44.22 -29.92 22.70
N ASN A 336 44.65 -31.03 23.28
CA ASN A 336 44.39 -32.35 22.70
C ASN A 336 43.11 -32.98 23.26
N GLN A 337 42.55 -32.36 24.30
CA GLN A 337 41.46 -32.95 25.07
C GLN A 337 40.07 -32.49 24.60
N ARG A 338 39.35 -33.42 23.96
CA ARG A 338 38.13 -33.13 23.19
C ARG A 338 37.02 -32.36 23.93
N LEU A 339 36.70 -32.78 25.15
CA LEU A 339 35.76 -32.01 25.96
C LEU A 339 36.43 -31.49 27.23
N GLU A 340 36.22 -30.22 27.54
CA GLU A 340 36.76 -29.66 28.79
C GLU A 340 35.76 -28.70 29.46
N LYS A 341 35.29 -29.08 30.64
CA LYS A 341 34.32 -28.28 31.40
C LYS A 341 34.91 -26.94 31.81
N VAL A 342 34.12 -25.88 31.69
CA VAL A 342 34.65 -24.55 31.90
C VAL A 342 34.50 -24.14 33.34
N SER A 343 35.58 -23.67 33.96
CA SER A 343 35.50 -23.35 35.39
C SER A 343 34.54 -22.19 35.65
N GLY A 344 33.64 -22.39 36.60
CA GLY A 344 32.69 -21.36 36.99
C GLY A 344 31.38 -21.46 36.25
N CYS A 345 31.18 -22.59 35.59
CA CYS A 345 29.98 -22.82 34.80
C CYS A 345 29.45 -24.24 34.97
N THR A 346 28.13 -24.35 34.96
CA THR A 346 27.50 -25.63 35.21
C THR A 346 27.57 -26.53 34.01
N ASN A 347 26.93 -26.05 32.95
CA ASN A 347 26.87 -26.72 31.66
C ASN A 347 27.67 -26.12 30.49
N THR A 348 28.55 -25.15 30.73
CA THR A 348 29.41 -24.66 29.64
C THR A 348 30.69 -25.49 29.44
N TRP A 349 31.00 -25.80 28.19
CA TRP A 349 32.11 -26.69 27.84
C TRP A 349 32.92 -26.21 26.65
N ILE A 350 34.15 -26.73 26.54
CA ILE A 350 34.99 -26.56 25.34
C ILE A 350 35.02 -27.84 24.53
N LEU A 351 34.65 -27.74 23.26
CA LEU A 351 34.61 -28.91 22.41
C LEU A 351 35.62 -28.66 21.32
N ARG A 352 36.64 -29.51 21.25
CA ARG A 352 37.65 -29.38 20.22
C ARG A 352 37.42 -30.37 19.12
N VAL A 353 37.52 -29.87 17.90
CA VAL A 353 37.31 -30.72 16.75
C VAL A 353 38.61 -30.61 15.98
N PRO A 354 39.10 -31.74 15.48
CA PRO A 354 40.38 -31.69 14.78
C PRO A 354 40.17 -31.19 13.36
N PHE A 355 41.21 -30.60 12.76
CA PHE A 355 41.24 -30.37 11.32
C PHE A 355 41.49 -31.71 10.65
N ARG A 356 41.09 -31.83 9.39
CA ARG A 356 41.26 -33.08 8.66
C ARG A 356 41.60 -32.74 7.22
N LYS A 357 42.26 -33.66 6.54
CA LYS A 357 42.40 -33.60 5.09
C LYS A 357 41.10 -34.17 4.50
N HIS A 358 40.99 -34.24 3.19
CA HIS A 358 39.74 -34.72 2.60
C HIS A 358 39.51 -36.17 2.95
N ASN A 359 40.59 -36.93 3.00
CA ASN A 359 40.53 -38.33 3.43
C ASN A 359 40.58 -38.47 4.95
N GLY A 360 40.61 -37.33 5.63
CA GLY A 360 41.29 -37.18 6.91
C GLY A 360 41.07 -38.23 7.97
N GLU A 361 42.14 -38.84 8.50
CA GLU A 361 43.54 -38.38 8.43
C GLU A 361 43.67 -36.99 9.06
N ILE A 362 43.64 -36.99 10.39
CA ILE A 362 43.60 -35.75 11.15
C ILE A 362 44.93 -34.99 11.19
N ILE A 363 44.89 -33.73 10.79
CA ILE A 363 46.07 -32.87 10.77
C ILE A 363 46.59 -32.66 12.19
N PRO A 364 47.85 -33.06 12.42
CA PRO A 364 48.57 -33.11 13.71
C PRO A 364 49.01 -31.79 14.37
N HIS A 365 49.54 -30.84 13.62
CA HIS A 365 50.29 -29.75 14.28
C HIS A 365 49.70 -28.35 14.09
N TRP A 366 49.96 -27.47 15.06
CA TRP A 366 49.41 -26.13 15.11
C TRP A 366 49.56 -25.40 13.80
N ILE A 367 48.48 -24.75 13.39
CA ILE A 367 48.48 -24.00 12.15
C ILE A 367 48.22 -22.55 12.48
N SER A 368 48.88 -21.67 11.73
CA SER A 368 48.76 -20.23 11.93
C SER A 368 47.44 -19.74 11.37
N ARG A 369 46.89 -18.72 12.00
CA ARG A 369 45.61 -18.15 11.61
C ARG A 369 45.64 -17.52 10.23
N PHE A 370 46.83 -17.18 9.73
CA PHE A 370 46.94 -16.68 8.36
C PHE A 370 46.99 -17.83 7.38
N GLU A 371 47.25 -19.04 7.88
CA GLU A 371 47.25 -20.24 7.06
C GLU A 371 45.98 -21.09 7.20
N ILE A 372 45.04 -20.63 8.00
CA ILE A 372 43.99 -21.52 8.48
C ILE A 372 42.88 -21.75 7.45
N TRP A 373 42.77 -20.84 6.49
CA TRP A 373 41.67 -20.83 5.52
C TRP A 373 41.27 -22.14 4.78
N PRO A 374 42.23 -22.94 4.31
CA PRO A 374 41.77 -24.14 3.58
C PRO A 374 41.12 -25.20 4.46
N HIS A 375 41.34 -25.12 5.76
CA HIS A 375 40.78 -26.12 6.65
C HIS A 375 39.34 -25.81 7.05
N LEU A 376 38.99 -24.55 6.92
CA LEU A 376 37.77 -24.05 7.52
C LEU A 376 36.48 -24.68 7.02
N GLU A 377 36.33 -24.92 5.73
CA GLU A 377 35.10 -25.57 5.27
C GLU A 377 34.90 -26.98 5.84
N ILE A 378 35.96 -27.80 5.75
CA ILE A 378 35.89 -29.19 6.21
C ILE A 378 35.64 -29.14 7.71
N PHE A 379 36.35 -28.24 8.38
CA PHE A 379 36.25 -28.05 9.83
C PHE A 379 34.82 -27.75 10.17
N ALA A 380 34.24 -26.83 9.41
CA ALA A 380 32.87 -26.37 9.63
C ALA A 380 31.93 -27.56 9.60
N GLY A 381 32.03 -28.39 8.57
CA GLY A 381 31.25 -29.61 8.55
C GLY A 381 31.39 -30.54 9.76
N ASP A 382 32.64 -30.78 10.16
CA ASP A 382 32.86 -31.61 11.32
C ASP A 382 32.28 -30.98 12.60
N VAL A 383 32.35 -29.65 12.70
CA VAL A 383 31.77 -28.97 13.85
C VAL A 383 30.26 -29.06 13.86
N GLU A 384 29.64 -28.94 12.70
CA GLU A 384 28.20 -29.15 12.63
C GLU A 384 27.89 -30.51 13.21
N ARG A 385 28.50 -31.56 12.65
CA ARG A 385 28.23 -32.92 13.10
C ARG A 385 28.44 -33.10 14.62
N GLU A 386 29.62 -32.73 15.11
CA GLU A 386 29.96 -32.90 16.52
C GLU A 386 29.16 -32.03 17.53
N ALA A 387 28.95 -30.76 17.23
CA ALA A 387 28.22 -29.89 18.16
C ALA A 387 26.73 -30.21 18.15
N LEU A 388 26.24 -30.55 16.96
CA LEU A 388 24.86 -31.01 16.87
C LEU A 388 24.71 -32.24 17.71
N ALA A 389 25.74 -33.08 17.71
CA ALA A 389 25.74 -34.27 18.57
C ALA A 389 25.76 -33.93 20.07
N GLU A 390 26.51 -32.91 20.44
CA GLU A 390 26.72 -32.61 21.86
C GLU A 390 25.57 -31.85 22.53
N LEU A 391 25.02 -30.85 21.85
CA LEU A 391 23.73 -30.29 22.22
C LEU A 391 22.71 -31.24 21.64
N GLY A 392 21.48 -31.24 22.15
CA GLY A 392 20.51 -32.22 21.67
C GLY A 392 19.97 -31.94 20.28
N GLY A 393 20.57 -31.00 19.57
CA GLY A 393 19.96 -30.47 18.37
C GLY A 393 20.57 -29.14 17.98
N HIS A 394 19.79 -28.31 17.30
CA HIS A 394 20.31 -27.03 16.83
C HIS A 394 20.59 -26.05 17.94
N PRO A 395 21.64 -25.24 17.77
CA PRO A 395 21.88 -24.18 18.76
C PRO A 395 20.86 -23.08 18.54
N ASP A 396 20.63 -22.25 19.54
CA ASP A 396 19.69 -21.16 19.37
C ASP A 396 20.36 -19.86 18.93
N LEU A 397 21.66 -19.82 19.06
CA LEU A 397 22.43 -18.68 18.64
C LEU A 397 23.82 -19.19 18.30
N ILE A 398 24.44 -18.67 17.26
CA ILE A 398 25.81 -19.04 16.95
C ILE A 398 26.65 -17.78 17.03
N ILE A 399 27.66 -17.74 17.91
CA ILE A 399 28.49 -16.53 17.99
C ILE A 399 29.84 -16.76 17.32
N GLY A 400 30.24 -15.92 16.38
CA GLY A 400 31.55 -16.00 15.76
C GLY A 400 32.61 -15.17 16.46
N ASN A 401 33.88 -15.61 16.42
CA ASN A 401 35.03 -14.83 16.95
C ASN A 401 36.21 -14.70 15.96
N TYR A 402 36.69 -13.47 15.77
CA TYR A 402 37.66 -13.07 14.74
C TYR A 402 37.25 -13.51 13.34
N SER A 403 38.22 -13.59 12.44
CA SER A 403 37.85 -13.69 11.03
C SER A 403 37.50 -15.12 10.66
N ASP A 404 38.24 -16.04 11.25
CA ASP A 404 38.10 -17.46 10.99
C ASP A 404 36.83 -17.93 11.65
N GLY A 405 36.63 -17.49 12.89
CA GLY A 405 35.43 -17.83 13.63
C GLY A 405 34.21 -17.29 12.93
N ASN A 406 34.28 -16.05 12.46
CA ASN A 406 33.12 -15.48 11.81
C ASN A 406 32.79 -16.23 10.52
N LEU A 407 33.80 -16.58 9.71
CA LEU A 407 33.53 -17.35 8.48
C LEU A 407 32.87 -18.68 8.81
N VAL A 408 33.36 -19.32 9.87
CA VAL A 408 32.86 -20.64 10.23
C VAL A 408 31.43 -20.53 10.69
N ALA A 409 31.19 -19.54 11.56
CA ALA A 409 29.83 -19.22 12.02
C ALA A 409 28.91 -18.91 10.86
N THR A 410 29.43 -18.27 9.82
CA THR A 410 28.64 -17.99 8.62
C THR A 410 28.16 -19.25 7.91
N LEU A 411 29.08 -20.17 7.69
CA LEU A 411 28.71 -21.40 6.97
C LEU A 411 27.75 -22.21 7.83
N LEU A 412 28.05 -22.29 9.12
CA LEU A 412 27.24 -23.04 10.08
C LEU A 412 25.82 -22.51 10.18
N SER A 413 25.72 -21.20 10.37
CA SER A 413 24.42 -20.59 10.56
C SER A 413 23.58 -20.76 9.31
N ARG A 414 24.16 -20.55 8.13
CA ARG A 414 23.40 -20.86 6.92
C ARG A 414 22.93 -22.31 6.89
N ARG A 415 23.82 -23.24 7.23
CA ARG A 415 23.43 -24.66 7.25
C ARG A 415 22.27 -24.91 8.21
N LEU A 416 22.32 -24.37 9.42
CA LEU A 416 21.38 -24.78 10.45
C LEU A 416 20.11 -23.91 10.58
N GLY A 417 20.07 -22.77 9.93
CA GLY A 417 18.98 -21.83 10.16
C GLY A 417 18.97 -21.23 11.55
N VAL A 418 20.13 -20.77 12.00
CA VAL A 418 20.28 -20.21 13.34
C VAL A 418 20.73 -18.75 13.32
N THR A 419 20.18 -17.93 14.22
CA THR A 419 20.66 -16.56 14.39
C THR A 419 22.18 -16.48 14.62
N GLN A 420 22.82 -15.59 13.86
CA GLN A 420 24.27 -15.45 13.86
C GLN A 420 24.72 -14.10 14.41
N CYS A 421 25.52 -14.16 15.46
CA CYS A 421 26.21 -12.99 16.00
C CYS A 421 27.69 -12.99 15.57
N ASN A 422 28.28 -11.82 15.35
CA ASN A 422 29.67 -11.69 14.96
C ASN A 422 30.42 -10.83 15.93
N ILE A 423 31.46 -11.38 16.55
CA ILE A 423 32.42 -10.54 17.26
C ILE A 423 33.79 -10.63 16.60
N ALA A 424 34.20 -9.59 15.89
CA ALA A 424 35.47 -9.63 15.17
C ALA A 424 36.68 -9.33 16.06
N HIS A 425 36.45 -8.43 17.01
CA HIS A 425 37.40 -7.93 18.01
C HIS A 425 38.42 -7.00 17.38
N ALA A 426 38.77 -7.31 16.13
CA ALA A 426 39.65 -6.47 15.36
C ALA A 426 39.47 -6.76 13.90
N LEU A 427 39.46 -5.73 13.08
CA LEU A 427 39.53 -5.96 11.64
C LEU A 427 40.81 -5.31 11.21
N GLU A 428 41.62 -6.08 10.50
CA GLU A 428 42.95 -5.62 10.14
C GLU A 428 43.06 -4.65 8.94
N LYS A 429 42.12 -4.67 8.01
CA LYS A 429 42.18 -3.82 6.83
C LYS A 429 42.54 -2.40 7.21
N THR A 430 42.02 -1.92 8.33
CA THR A 430 42.34 -0.56 8.77
C THR A 430 43.72 -0.42 9.44
N LYS A 431 44.22 -1.51 10.01
CA LYS A 431 45.43 -1.50 10.81
C LYS A 431 46.63 -1.35 9.90
N TYR A 432 46.62 -2.15 8.84
CA TYR A 432 47.71 -2.14 7.89
C TYR A 432 47.28 -1.37 6.66
N LEU A 433 47.70 -0.11 6.55
CA LEU A 433 47.21 0.69 5.42
C LEU A 433 47.66 0.14 4.08
N HIS A 434 46.85 0.38 3.04
CA HIS A 434 47.20 0.05 1.67
C HIS A 434 47.25 -1.47 1.43
N SER A 435 46.99 -2.26 2.46
CA SER A 435 47.14 -3.70 2.34
C SER A 435 46.19 -4.42 1.35
N ASP A 436 45.25 -3.68 0.79
CA ASP A 436 44.31 -4.24 -0.18
C ASP A 436 44.83 -3.99 -1.59
N ILE A 437 45.01 -2.71 -1.95
CA ILE A 437 45.57 -2.33 -3.24
C ILE A 437 46.91 -3.04 -3.47
N TYR A 438 47.65 -3.23 -2.38
CA TYR A 438 48.94 -3.92 -2.38
C TYR A 438 48.90 -5.40 -1.94
N TRP A 439 47.73 -5.99 -1.85
CA TRP A 439 47.57 -7.31 -1.21
C TRP A 439 48.52 -8.42 -1.67
N GLN A 440 49.03 -8.31 -2.89
CA GLN A 440 49.90 -9.36 -3.41
C GLN A 440 51.26 -9.40 -2.71
N GLU A 441 51.72 -8.23 -2.30
CA GLU A 441 52.94 -8.11 -1.51
C GLU A 441 52.80 -8.83 -0.17
N ASN A 442 51.79 -8.43 0.61
CA ASN A 442 51.58 -8.97 1.94
C ASN A 442 51.10 -10.42 1.91
N GLU A 443 50.79 -10.92 0.71
CA GLU A 443 50.08 -12.20 0.58
C GLU A 443 50.73 -13.39 1.26
N ASP A 444 52.04 -13.57 1.11
CA ASP A 444 52.70 -14.80 1.57
C ASP A 444 52.87 -14.90 3.08
N LYS A 445 53.03 -13.76 3.72
CA LYS A 445 53.01 -13.69 5.18
C LYS A 445 51.57 -13.88 5.66
N TYR A 446 50.77 -12.87 5.34
CA TYR A 446 49.41 -12.64 5.83
C TYR A 446 48.16 -13.31 5.15
N HIS A 447 48.17 -13.41 3.83
CA HIS A 447 47.02 -13.91 3.07
C HIS A 447 45.72 -13.10 3.17
N PHE A 448 45.84 -11.80 3.07
CA PHE A 448 44.66 -10.96 3.22
C PHE A 448 43.63 -11.14 2.13
N SER A 449 44.01 -11.75 1.01
CA SER A 449 43.03 -12.01 -0.03
C SER A 449 41.94 -12.87 0.60
N CYS A 450 42.36 -13.88 1.35
CA CYS A 450 41.43 -14.74 2.05
C CYS A 450 40.71 -14.05 3.21
N GLN A 451 41.48 -13.43 4.09
CA GLN A 451 40.90 -12.80 5.28
C GLN A 451 39.88 -11.70 4.96
N TYR A 452 40.26 -10.70 4.16
CA TYR A 452 39.34 -9.64 3.77
C TYR A 452 38.05 -10.18 3.11
N THR A 453 38.21 -11.12 2.19
CA THR A 453 37.06 -11.71 1.55
C THR A 453 36.16 -12.36 2.61
N ALA A 454 36.78 -13.10 3.53
CA ALA A 454 36.01 -13.79 4.56
C ALA A 454 35.28 -12.77 5.44
N ASP A 455 35.95 -11.65 5.66
CA ASP A 455 35.45 -10.61 6.53
C ASP A 455 34.17 -10.09 5.94
N LEU A 456 34.25 -9.71 4.67
CA LEU A 456 33.13 -9.15 3.93
C LEU A 456 31.96 -10.12 3.96
N LEU A 457 32.26 -11.37 3.62
CA LEU A 457 31.29 -12.47 3.69
C LEU A 457 30.56 -12.48 5.02
N ALA A 458 31.30 -12.37 6.10
CA ALA A 458 30.67 -12.49 7.40
C ALA A 458 29.91 -11.26 7.84
N MET A 459 30.44 -10.07 7.59
CA MET A 459 29.77 -8.85 8.06
C MET A 459 28.47 -8.67 7.32
N ASN A 460 28.41 -9.12 6.07
CA ASN A 460 27.12 -9.15 5.39
C ASN A 460 26.22 -10.28 5.88
N SER A 461 26.79 -11.45 6.14
CA SER A 461 25.98 -12.61 6.53
C SER A 461 25.29 -12.57 7.89
N ALA A 462 25.75 -11.71 8.80
CA ALA A 462 25.35 -11.77 10.20
C ALA A 462 24.03 -11.10 10.49
N ASP A 463 23.35 -11.64 11.52
CA ASP A 463 22.10 -11.09 12.06
C ASP A 463 22.35 -9.86 12.94
N PHE A 464 23.24 -9.98 13.90
CA PHE A 464 23.83 -8.80 14.52
C PHE A 464 25.33 -8.96 14.64
N ILE A 465 25.99 -7.82 14.85
CA ILE A 465 27.41 -7.67 14.93
C ILE A 465 27.66 -6.93 16.24
N VAL A 466 28.40 -7.52 17.16
CA VAL A 466 28.65 -6.87 18.43
C VAL A 466 30.05 -6.28 18.49
N THR A 467 30.16 -5.02 18.90
CA THR A 467 31.47 -4.42 19.10
C THR A 467 31.59 -3.81 20.49
N SER A 468 32.81 -3.62 20.98
CA SER A 468 32.99 -3.03 22.31
C SER A 468 32.94 -1.51 22.35
N THR A 469 33.32 -0.89 21.24
CA THR A 469 33.33 0.56 21.17
C THR A 469 32.64 1.03 19.90
N TYR A 470 32.17 2.27 19.93
CA TYR A 470 31.62 2.89 18.74
C TYR A 470 32.73 2.98 17.72
N GLN A 471 33.90 3.35 18.22
CA GLN A 471 35.06 3.58 17.38
C GLN A 471 35.26 2.42 16.42
N GLU A 472 35.10 1.17 16.86
CA GLU A 472 35.36 0.02 15.99
C GLU A 472 34.44 0.02 14.80
N ILE A 473 33.27 0.66 14.94
CA ILE A 473 32.35 0.71 13.82
C ILE A 473 32.63 1.89 12.90
N ALA A 474 32.34 3.09 13.37
CA ALA A 474 32.54 4.30 12.57
C ALA A 474 33.75 5.18 12.94
N GLY A 475 34.53 4.77 13.95
CA GLY A 475 35.70 5.52 14.36
C GLY A 475 35.43 6.90 14.92
N THR A 476 36.04 7.91 14.32
CA THR A 476 35.95 9.27 14.85
C THR A 476 35.96 10.26 13.71
N ARG A 477 35.92 11.54 14.05
CA ARG A 477 35.90 12.57 13.02
C ARG A 477 37.15 12.48 12.14
N GLU A 478 38.28 12.24 12.79
CA GLU A 478 39.59 12.15 12.14
C GLU A 478 39.88 10.79 11.49
N ALA A 479 39.48 9.71 12.16
CA ALA A 479 39.86 8.35 11.77
C ALA A 479 38.69 7.45 11.40
N GLU A 480 38.80 6.81 10.23
CA GLU A 480 37.78 5.89 9.78
C GLU A 480 37.72 4.71 10.73
N GLY A 481 36.57 4.04 10.79
CA GLY A 481 36.44 2.93 11.72
C GLY A 481 36.88 1.65 11.07
N GLN A 482 37.07 0.60 11.87
CA GLN A 482 37.42 -0.72 11.37
C GLN A 482 36.40 -1.36 10.39
N TYR A 483 35.14 -1.41 10.77
CA TYR A 483 34.15 -1.87 9.82
C TYR A 483 34.04 -0.91 8.64
N GLU A 484 34.11 0.39 8.91
CA GLU A 484 34.02 1.40 7.88
C GLU A 484 34.96 1.17 6.70
N SER A 485 36.11 0.61 7.01
CA SER A 485 37.16 0.41 6.03
C SER A 485 36.69 -0.47 4.87
N TYR A 486 35.67 -1.29 5.10
CA TYR A 486 35.22 -2.26 4.11
C TYR A 486 34.12 -1.77 3.20
N GLN A 487 33.65 -0.56 3.45
CA GLN A 487 32.60 0.05 2.67
C GLN A 487 32.97 0.00 1.21
N ALA A 488 34.18 0.46 0.86
CA ALA A 488 34.69 0.35 -0.51
C ALA A 488 36.19 0.13 -0.55
N PHE A 489 36.63 -0.82 -1.38
CA PHE A 489 38.04 -1.07 -1.66
C PHE A 489 38.33 -1.87 -2.92
N SER A 490 39.54 -1.75 -3.44
CA SER A 490 40.00 -2.62 -4.52
C SER A 490 40.97 -3.65 -4.01
N MET A 491 40.86 -4.87 -4.55
CA MET A 491 41.86 -5.92 -4.40
C MET A 491 42.21 -6.26 -5.82
N PRO A 492 43.21 -5.59 -6.39
CA PRO A 492 43.47 -5.68 -7.83
C PRO A 492 43.74 -7.09 -8.27
N ASP A 493 43.25 -7.39 -9.47
CA ASP A 493 43.25 -8.74 -10.05
C ASP A 493 42.26 -9.68 -9.41
N LEU A 494 41.67 -9.27 -8.30
CA LEU A 494 40.60 -10.04 -7.70
C LEU A 494 39.22 -9.41 -7.90
N TYR A 495 38.92 -8.33 -7.15
CA TYR A 495 37.63 -7.66 -7.27
C TYR A 495 37.63 -6.26 -6.70
N ARG A 496 36.66 -5.46 -7.10
CA ARG A 496 36.42 -4.18 -6.44
C ARG A 496 35.18 -4.33 -5.60
N VAL A 497 35.11 -3.64 -4.46
CA VAL A 497 33.90 -3.68 -3.63
C VAL A 497 33.34 -2.28 -3.42
N ILE A 498 32.04 -2.12 -3.65
CA ILE A 498 31.39 -0.89 -3.23
C ILE A 498 30.19 -1.28 -2.41
N HIS A 499 29.75 -0.42 -1.50
CA HIS A 499 28.68 -0.78 -0.57
C HIS A 499 28.99 -2.06 0.19
N GLY A 500 30.22 -2.21 0.63
CA GLY A 500 30.65 -3.46 1.20
C GLY A 500 29.98 -3.66 2.52
N ILE A 501 29.66 -2.56 3.16
CA ILE A 501 28.96 -2.64 4.41
C ILE A 501 28.22 -1.35 4.68
N ASP A 502 27.12 -1.42 5.43
CA ASP A 502 26.36 -0.21 5.73
C ASP A 502 26.51 0.09 7.20
N LEU A 503 27.22 1.16 7.52
CA LEU A 503 27.41 1.46 8.92
C LEU A 503 26.09 1.82 9.59
N PHE A 504 25.07 2.13 8.80
CA PHE A 504 23.81 2.61 9.34
C PHE A 504 22.78 1.50 9.44
N ASP A 505 23.14 0.28 9.01
CA ASP A 505 22.29 -0.90 9.12
C ASP A 505 22.11 -1.20 10.61
N PRO A 506 20.88 -1.57 11.04
CA PRO A 506 20.92 -1.75 12.48
C PRO A 506 21.31 -3.16 12.96
N LYS A 507 22.28 -3.81 12.33
CA LYS A 507 22.75 -5.07 12.88
C LYS A 507 23.79 -4.73 13.94
N PHE A 508 24.36 -3.54 13.82
CA PHE A 508 25.46 -3.10 14.67
C PHE A 508 24.99 -2.73 16.04
N ASN A 509 25.51 -3.42 17.04
CA ASN A 509 25.26 -3.08 18.43
C ASN A 509 26.53 -3.03 19.23
N ILE A 510 26.78 -1.91 19.88
CA ILE A 510 27.89 -1.85 20.80
C ILE A 510 27.46 -2.47 22.11
N VAL A 511 28.09 -3.59 22.49
CA VAL A 511 27.93 -4.12 23.83
C VAL A 511 29.31 -4.29 24.40
N SER A 512 29.65 -3.45 25.37
CA SER A 512 30.97 -3.46 25.96
C SER A 512 31.02 -4.50 27.06
N PRO A 513 32.20 -5.12 27.25
CA PRO A 513 32.50 -6.01 28.37
C PRO A 513 32.79 -5.16 29.59
N GLY A 514 33.29 -5.80 30.63
CA GLY A 514 33.54 -5.08 31.85
C GLY A 514 34.31 -5.98 32.76
N ALA A 515 34.23 -5.66 34.05
CA ALA A 515 34.53 -6.59 35.14
C ALA A 515 35.97 -7.11 34.92
N ASN A 516 36.42 -8.35 35.18
CA ASN A 516 35.85 -9.42 36.00
C ASN A 516 35.55 -8.90 37.40
N ALA A 517 34.29 -9.01 37.80
CA ALA A 517 33.81 -8.33 39.00
C ALA A 517 33.89 -9.22 40.22
N ASP A 518 34.34 -10.46 40.03
CA ASP A 518 34.68 -11.30 41.15
C ASP A 518 36.05 -10.87 41.67
N ILE A 519 36.88 -10.43 40.72
CA ILE A 519 38.25 -10.00 40.98
C ILE A 519 38.36 -8.50 41.26
N TYR A 520 37.96 -7.67 40.31
CA TYR A 520 38.06 -6.21 40.47
C TYR A 520 36.71 -5.64 40.92
N PHE A 521 36.71 -5.00 42.09
CA PHE A 521 35.48 -4.41 42.65
C PHE A 521 35.81 -3.26 43.59
N PRO A 522 34.79 -2.58 44.15
CA PRO A 522 35.19 -1.39 44.92
C PRO A 522 36.01 -1.63 46.17
N TYR A 523 36.71 -0.57 46.56
CA TYR A 523 37.50 -0.54 47.77
C TYR A 523 36.55 -0.48 48.95
N SER A 524 35.35 0.07 48.73
CA SER A 524 34.40 0.28 49.82
C SER A 524 33.46 -0.93 50.07
N ASP A 525 33.73 -2.04 49.39
CA ASP A 525 33.00 -3.29 49.60
C ASP A 525 33.15 -3.83 51.04
N PRO A 526 32.01 -3.98 51.74
CA PRO A 526 31.98 -4.40 53.16
C PRO A 526 32.53 -5.81 53.39
N ASN A 527 32.63 -6.59 52.33
CA ASN A 527 33.29 -7.89 52.35
C ASN A 527 33.96 -8.13 51.00
N ARG A 528 34.35 -9.37 50.74
CA ARG A 528 35.00 -9.77 49.49
C ARG A 528 36.44 -9.26 49.40
N ARG A 529 36.80 -8.27 50.23
CA ARG A 529 38.15 -7.73 50.26
C ARG A 529 39.08 -8.81 50.77
N LEU A 530 40.30 -8.89 50.24
CA LEU A 530 41.26 -9.72 50.93
C LEU A 530 42.17 -8.80 51.72
N HIS A 531 41.94 -8.69 53.03
CA HIS A 531 42.79 -7.83 53.85
C HIS A 531 44.03 -8.63 54.19
N SER A 532 43.90 -9.96 54.05
CA SER A 532 45.00 -10.88 54.29
C SER A 532 46.13 -10.69 53.28
N LEU A 533 45.79 -10.10 52.13
CA LEU A 533 46.79 -9.88 51.11
C LEU A 533 47.39 -8.48 51.19
N ILE A 534 46.94 -7.68 52.16
CA ILE A 534 47.51 -6.34 52.39
C ILE A 534 49.01 -6.34 52.77
N PRO A 535 49.43 -7.27 53.66
CA PRO A 535 50.87 -7.38 53.90
C PRO A 535 51.70 -7.57 52.63
N GLU A 536 51.34 -8.50 51.74
CA GLU A 536 52.12 -8.74 50.52
C GLU A 536 52.25 -7.44 49.74
N ILE A 537 51.20 -6.64 49.80
CA ILE A 537 51.09 -5.44 48.97
C ILE A 537 51.87 -4.25 49.56
N GLU A 538 51.82 -4.08 50.87
CA GLU A 538 52.66 -3.08 51.52
C GLU A 538 54.14 -3.46 51.44
N SER A 539 54.37 -4.78 51.38
CA SER A 539 55.69 -5.36 51.14
C SER A 539 56.16 -4.93 49.76
N LEU A 540 55.35 -5.21 48.75
CA LEU A 540 55.74 -4.91 47.38
C LEU A 540 55.88 -3.41 47.10
N ILE A 541 55.03 -2.57 47.70
CA ILE A 541 55.21 -1.13 47.52
C ILE A 541 56.43 -0.57 48.28
N PHE A 542 56.47 -0.82 49.58
CA PHE A 542 57.41 -0.14 50.49
C PHE A 542 58.72 -0.85 50.94
N ASP A 543 58.99 -2.05 50.43
CA ASP A 543 60.24 -2.79 50.69
C ASP A 543 61.42 -2.33 49.84
N ASP A 544 62.46 -3.16 49.79
CA ASP A 544 63.66 -2.87 49.01
C ASP A 544 64.46 -4.11 48.63
N ALA A 545 65.68 -3.86 48.15
CA ALA A 545 66.75 -4.84 48.02
C ALA A 545 66.52 -6.10 47.18
N THR A 546 67.11 -7.18 47.69
CA THR A 546 67.23 -8.46 47.00
C THR A 546 66.11 -9.36 47.48
N ASN A 547 65.27 -8.79 48.32
CA ASN A 547 64.04 -9.44 48.72
C ASN A 547 63.24 -9.75 47.46
N LEU A 548 62.94 -8.70 46.70
CA LEU A 548 62.02 -8.78 45.55
C LEU A 548 62.60 -8.09 44.30
N PRO A 549 62.14 -8.51 43.11
CA PRO A 549 62.59 -7.93 41.83
C PRO A 549 62.14 -6.49 41.55
N ALA A 550 62.81 -5.52 42.17
CA ALA A 550 62.42 -4.11 42.03
C ALA A 550 63.57 -3.10 41.75
N ARG A 551 63.23 -1.81 41.71
CA ARG A 551 64.17 -0.70 41.89
C ARG A 551 63.29 0.35 42.54
N GLY A 552 63.76 1.08 43.54
CA GLY A 552 62.80 1.49 44.54
C GLY A 552 63.17 2.18 45.83
N TYR A 553 62.41 1.81 46.87
CA TYR A 553 62.53 2.29 48.25
C TYR A 553 62.23 3.77 48.42
N LEU A 554 60.99 4.12 48.20
CA LEU A 554 60.52 5.49 48.19
C LEU A 554 60.79 6.25 49.50
N GLN A 555 60.58 5.55 50.60
CA GLN A 555 60.37 6.19 51.89
C GLN A 555 59.24 7.23 51.74
N ASP A 556 59.29 8.29 52.53
CA ASP A 556 58.26 9.36 52.57
C ASP A 556 56.83 8.91 52.23
N PRO A 557 56.33 7.83 52.85
CA PRO A 557 55.09 7.24 52.34
C PRO A 557 53.83 8.09 52.59
N ASP A 558 53.91 9.03 53.53
CA ASP A 558 52.77 9.82 54.01
C ASP A 558 51.94 10.53 52.93
N LYS A 559 52.54 10.68 51.75
CA LYS A 559 51.97 11.39 50.61
C LYS A 559 50.87 10.61 49.89
N PRO A 560 50.14 11.28 48.98
CA PRO A 560 49.29 10.55 48.03
C PRO A 560 50.11 9.70 47.04
N LEU A 561 49.45 8.77 46.37
CA LEU A 561 50.12 7.79 45.52
C LEU A 561 49.69 7.80 44.03
N ILE A 562 50.59 7.38 43.14
CA ILE A 562 50.29 7.28 41.71
C ILE A 562 50.72 5.93 41.12
N PHE A 563 49.72 5.17 40.68
CA PHE A 563 49.90 3.77 40.32
C PHE A 563 49.74 3.58 38.82
N THR A 564 50.42 2.57 38.29
CA THR A 564 50.06 2.00 36.99
C THR A 564 50.66 0.62 36.82
N MET A 565 50.09 -0.14 35.89
CA MET A 565 50.56 -1.49 35.67
C MET A 565 50.26 -1.74 34.21
N ALA A 566 51.18 -2.42 33.54
CA ALA A 566 51.05 -2.71 32.12
C ALA A 566 52.21 -3.56 31.63
N ARG A 567 52.00 -4.22 30.50
CA ARG A 567 53.07 -4.93 29.81
C ARG A 567 54.13 -3.88 29.53
N LEU A 568 55.40 -4.27 29.50
CA LEU A 568 56.41 -3.22 29.39
C LEU A 568 56.70 -2.87 27.94
N ASP A 569 56.27 -1.66 27.60
CA ASP A 569 56.33 -1.10 26.25
C ASP A 569 55.76 0.31 26.49
N ARG A 570 55.96 1.36 25.66
CA ARG A 570 56.19 1.57 24.20
C ARG A 570 54.89 1.84 23.50
N ILE A 571 53.82 1.30 24.05
CA ILE A 571 52.49 1.58 23.55
C ILE A 571 51.64 1.90 24.76
N LYS A 572 51.65 0.98 25.73
CA LYS A 572 51.20 1.29 27.09
C LYS A 572 51.96 2.52 27.61
N ASN A 573 53.21 2.67 27.16
CA ASN A 573 53.98 3.90 27.35
C ASN A 573 54.33 4.25 28.80
N ILE A 574 54.76 3.25 29.58
CA ILE A 574 55.12 3.47 30.99
C ILE A 574 56.24 4.50 31.11
N THR A 575 57.30 4.27 30.34
CA THR A 575 58.46 5.15 30.30
C THR A 575 58.13 6.64 30.11
N GLY A 576 57.08 6.93 29.35
CA GLY A 576 56.65 8.30 29.10
C GLY A 576 55.95 8.88 30.32
N LEU A 577 55.40 7.98 31.13
CA LEU A 577 54.78 8.38 32.38
C LEU A 577 55.90 8.73 33.33
N VAL A 578 56.91 7.88 33.34
CA VAL A 578 58.09 8.12 34.15
C VAL A 578 58.64 9.50 33.80
N GLU A 579 58.80 9.72 32.49
CA GLU A 579 59.40 10.94 31.95
C GLU A 579 58.63 12.21 32.29
N LEU A 580 57.30 12.19 32.14
CA LEU A 580 56.55 13.42 32.44
C LEU A 580 56.42 13.60 33.93
N TYR A 581 56.66 12.51 34.67
CA TYR A 581 56.74 12.59 36.13
C TYR A 581 57.99 13.40 36.45
N ALA A 582 59.11 12.93 35.94
CA ALA A 582 60.40 13.57 36.13
C ALA A 582 60.37 15.04 35.75
N ALA A 583 60.23 15.31 34.45
CA ALA A 583 60.39 16.64 33.90
C ALA A 583 59.59 17.76 34.61
N SER A 584 58.47 17.43 35.23
CA SER A 584 57.74 18.44 36.00
C SER A 584 57.86 18.17 37.51
N PRO A 585 58.55 19.07 38.21
CA PRO A 585 58.95 18.96 39.63
C PRO A 585 57.79 19.02 40.62
N ARG A 586 56.76 19.81 40.32
CA ARG A 586 55.58 19.96 41.18
C ARG A 586 54.85 18.63 41.48
N LEU A 587 55.00 17.67 40.58
CA LEU A 587 54.46 16.33 40.76
C LEU A 587 55.33 15.47 41.66
N ARG A 588 56.64 15.54 41.45
CA ARG A 588 57.59 14.87 42.32
C ARG A 588 57.35 15.37 43.75
N SER A 589 56.97 16.64 43.84
CA SER A 589 56.59 17.28 45.10
C SER A 589 55.29 16.70 45.65
N LEU A 590 54.27 16.65 44.82
CA LEU A 590 52.93 16.27 45.29
C LEU A 590 52.70 14.77 45.54
N ALA A 591 53.41 13.89 44.84
CA ALA A 591 53.16 12.45 44.98
C ALA A 591 54.29 11.53 44.51
N ASN A 592 53.98 10.24 44.55
CA ASN A 592 54.93 9.17 44.25
C ASN A 592 54.44 8.24 43.13
N LEU A 593 55.37 7.62 42.42
CA LEU A 593 55.05 6.69 41.33
C LEU A 593 55.31 5.24 41.72
N VAL A 594 54.28 4.40 41.68
CA VAL A 594 54.50 2.96 41.70
C VAL A 594 54.20 2.45 40.30
N ILE A 595 54.91 1.40 39.90
CA ILE A 595 54.79 0.87 38.55
C ILE A 595 54.97 -0.65 38.60
N VAL A 596 54.15 -1.38 37.85
CA VAL A 596 54.32 -2.84 37.83
C VAL A 596 54.39 -3.43 36.43
N GLY A 597 55.57 -3.90 36.05
CA GLY A 597 55.74 -4.53 34.75
C GLY A 597 57.16 -4.86 34.27
N GLY A 598 57.22 -5.72 33.26
CA GLY A 598 58.47 -6.15 32.66
C GLY A 598 59.37 -6.83 33.66
N LYS A 599 60.64 -6.43 33.67
CA LYS A 599 61.60 -6.84 34.70
C LYS A 599 62.39 -5.63 35.20
N ILE A 600 62.24 -5.29 36.48
CA ILE A 600 63.24 -4.46 37.14
C ILE A 600 64.37 -5.44 37.38
N ASP A 601 65.57 -4.92 37.58
CA ASP A 601 66.82 -5.69 37.42
C ASP A 601 67.02 -5.84 35.90
N PRO A 602 68.20 -6.34 35.46
CA PRO A 602 68.45 -6.25 34.01
C PRO A 602 67.45 -6.97 33.10
N GLN A 603 67.75 -6.88 31.81
CA GLN A 603 66.99 -7.49 30.73
C GLN A 603 67.47 -8.91 30.46
N HIS A 604 68.32 -9.42 31.35
CA HIS A 604 69.13 -10.62 31.10
C HIS A 604 68.49 -11.92 30.53
N SER A 605 67.54 -12.62 31.17
CA SER A 605 66.67 -12.23 32.30
C SER A 605 65.79 -10.98 32.11
N SER A 606 64.86 -10.99 31.15
CA SER A 606 64.66 -12.09 30.18
C SER A 606 63.99 -11.62 28.87
N ASP A 607 63.81 -12.58 27.96
CA ASP A 607 62.98 -12.42 26.75
C ASP A 607 63.50 -11.47 25.68
N HIS A 608 64.52 -10.66 26.01
CA HIS A 608 65.02 -9.58 25.14
C HIS A 608 63.84 -8.70 24.71
N GLU A 609 63.55 -8.65 23.40
CA GLU A 609 62.27 -8.12 22.96
C GLU A 609 62.00 -6.69 23.44
N GLU A 610 61.12 -6.58 24.43
CA GLU A 610 60.81 -5.32 25.11
C GLU A 610 62.11 -4.62 25.40
N GLN A 611 63.06 -5.34 26.02
CA GLN A 611 64.48 -5.05 25.81
C GLN A 611 64.74 -3.58 26.00
N GLU A 612 64.82 -2.91 24.85
CA GLU A 612 64.98 -1.46 24.73
C GLU A 612 64.12 -0.68 25.72
N GLN A 613 62.88 -1.14 25.94
CA GLN A 613 62.01 -0.41 26.85
C GLN A 613 62.39 -0.63 28.32
N ILE A 614 62.90 -1.83 28.61
CA ILE A 614 63.48 -2.13 29.92
C ILE A 614 64.73 -1.27 30.18
N HIS A 615 65.64 -1.28 29.20
CA HIS A 615 66.87 -0.50 29.27
C HIS A 615 66.57 1.00 29.41
N ARG A 616 65.63 1.49 28.61
CA ARG A 616 65.27 2.92 28.60
C ARG A 616 64.68 3.24 29.97
N MET A 617 63.96 2.27 30.52
CA MET A 617 63.38 2.39 31.86
C MET A 617 64.48 2.61 32.90
N HIS A 618 65.43 1.68 32.97
CA HIS A 618 66.59 1.83 33.85
C HIS A 618 67.31 3.17 33.64
N GLN A 619 67.60 3.50 32.38
CA GLN A 619 68.29 4.73 32.00
C GLN A 619 67.58 5.94 32.61
N LEU A 620 66.28 5.99 32.41
CA LEU A 620 65.47 7.06 32.95
C LEU A 620 65.61 7.08 34.47
N MET A 621 65.65 5.89 35.05
CA MET A 621 65.84 5.73 36.50
C MET A 621 67.12 6.37 37.04
N ASP A 622 68.25 6.01 36.45
CA ASP A 622 69.55 6.61 36.78
C ASP A 622 69.45 8.12 36.59
N GLU A 623 69.38 8.51 35.32
CA GLU A 623 69.58 9.89 34.89
C GLU A 623 68.70 10.92 35.60
N HIS A 624 67.42 10.61 35.77
CA HIS A 624 66.53 11.59 36.41
C HIS A 624 66.60 11.53 37.94
N GLU A 625 67.43 10.61 38.45
CA GLU A 625 67.60 10.41 39.89
C GLU A 625 66.24 10.19 40.54
N LEU A 626 65.50 9.22 39.99
CA LEU A 626 64.11 9.00 40.41
C LEU A 626 63.94 7.91 41.47
N ASP A 627 65.02 7.33 41.95
CA ASP A 627 64.90 6.46 43.12
C ASP A 627 64.41 7.32 44.28
N GLN A 628 63.73 6.69 45.24
CA GLN A 628 63.14 7.34 46.42
C GLN A 628 61.88 8.17 46.14
N GLN A 629 61.65 8.57 44.89
CA GLN A 629 60.30 9.00 44.49
C GLN A 629 59.55 7.97 43.62
N VAL A 630 60.21 6.85 43.32
CA VAL A 630 59.71 5.88 42.36
C VAL A 630 59.93 4.42 42.75
N ARG A 631 58.85 3.65 42.74
CA ARG A 631 58.93 2.21 42.96
C ARG A 631 58.52 1.43 41.71
N TRP A 632 59.46 0.64 41.17
CA TRP A 632 59.21 -0.17 39.96
C TRP A 632 59.38 -1.68 40.17
N LEU A 633 58.28 -2.42 40.12
CA LEU A 633 58.30 -3.87 40.32
C LEU A 633 58.30 -4.63 39.00
N GLY A 634 59.12 -5.68 38.94
CA GLY A 634 59.40 -6.40 37.71
C GLY A 634 58.65 -7.70 37.62
N MET A 635 57.49 -7.77 38.26
CA MET A 635 56.78 -9.03 38.41
C MET A 635 55.44 -9.11 37.62
N ARG A 636 54.79 -10.27 37.67
CA ARG A 636 53.47 -10.49 37.03
C ARG A 636 52.25 -10.02 37.83
N LEU A 637 52.24 -10.24 39.15
CA LEU A 637 51.03 -9.94 39.93
C LEU A 637 49.78 -10.75 39.57
N ASP A 638 49.63 -11.96 40.11
CA ASP A 638 48.40 -12.73 39.91
C ASP A 638 47.14 -11.90 40.17
N LYS A 639 46.09 -12.19 39.39
CA LYS A 639 44.94 -11.30 39.23
C LYS A 639 44.30 -10.76 40.51
N ASN A 640 43.95 -11.66 41.42
CA ASN A 640 43.31 -11.27 42.68
C ASN A 640 44.15 -10.31 43.51
N LEU A 641 45.46 -10.62 43.56
CA LEU A 641 46.45 -9.78 44.23
C LEU A 641 46.43 -8.38 43.64
N ALA A 642 46.48 -8.31 42.32
CA ALA A 642 46.37 -7.06 41.61
C ALA A 642 45.11 -6.30 42.01
N GLY A 643 43.96 -6.99 42.01
CA GLY A 643 42.69 -6.35 42.34
C GLY A 643 42.69 -5.73 43.72
N GLU A 644 43.18 -6.49 44.68
CA GLU A 644 43.34 -6.00 46.04
C GLU A 644 44.25 -4.78 46.06
N LEU A 645 45.29 -4.80 45.22
CA LEU A 645 46.18 -3.67 45.10
C LEU A 645 45.50 -2.38 44.60
N TYR A 646 44.78 -2.46 43.49
CA TYR A 646 44.05 -1.31 42.95
C TYR A 646 43.19 -0.78 44.09
N ARG A 647 42.67 -1.73 44.87
CA ARG A 647 41.81 -1.38 46.00
C ARG A 647 42.58 -0.65 47.08
N TYR A 648 43.81 -1.09 47.36
CA TYR A 648 44.71 -0.45 48.31
C TYR A 648 44.92 1.01 47.93
N ILE A 649 45.38 1.25 46.70
CA ILE A 649 45.66 2.61 46.27
C ILE A 649 44.46 3.55 46.46
N ALA A 650 43.26 3.00 46.34
CA ALA A 650 42.06 3.76 46.64
C ALA A 650 41.99 3.79 48.15
N ASP A 651 42.04 4.98 48.74
CA ASP A 651 42.19 5.06 50.19
C ASP A 651 43.48 4.32 50.56
N LYS A 652 44.62 4.99 50.38
CA LYS A 652 44.61 6.45 50.47
C LYS A 652 44.63 7.19 49.14
N ARG A 653 43.45 7.70 48.76
CA ARG A 653 43.29 8.79 47.80
C ARG A 653 44.20 8.72 46.56
N GLY A 654 44.52 7.52 46.12
CA GLY A 654 45.47 7.35 45.05
C GLY A 654 44.86 7.66 43.70
N ILE A 655 45.64 7.45 42.64
CA ILE A 655 45.12 7.53 41.28
C ILE A 655 45.81 6.49 40.40
N PHE A 656 45.07 6.09 39.38
CA PHE A 656 45.62 5.23 38.34
C PHE A 656 45.76 6.06 37.07
N VAL A 657 46.87 5.84 36.38
CA VAL A 657 47.16 6.54 35.16
C VAL A 657 47.65 5.51 34.16
N GLN A 658 46.93 5.39 33.06
CA GLN A 658 47.37 4.56 31.96
C GLN A 658 47.42 5.46 30.74
N PRO A 659 48.61 6.00 30.48
CA PRO A 659 48.91 6.94 29.40
C PRO A 659 49.41 6.22 28.17
N ALA A 660 48.63 5.23 27.71
CA ALA A 660 48.95 4.53 26.48
C ALA A 660 48.90 5.49 25.31
N LEU A 661 49.78 5.28 24.34
CA LEU A 661 49.76 6.10 23.14
C LEU A 661 48.38 6.08 22.54
N PHE A 662 47.84 4.88 22.39
CA PHE A 662 46.42 4.72 22.11
C PHE A 662 46.00 3.35 22.62
N GLU A 663 44.76 3.24 23.07
CA GLU A 663 44.26 1.99 23.65
C GLU A 663 42.91 1.64 23.07
N ALA A 664 42.85 0.50 22.37
CA ALA A 664 41.64 0.04 21.66
C ALA A 664 40.37 0.10 22.51
N PHE A 665 40.32 -0.69 23.58
CA PHE A 665 39.26 -0.58 24.56
C PHE A 665 39.91 -0.75 25.90
N GLY A 666 39.90 0.26 26.77
CA GLY A 666 40.69 0.05 27.98
C GLY A 666 40.17 -0.91 29.03
N LEU A 667 40.79 -2.07 29.17
CA LEU A 667 40.33 -2.99 30.21
C LEU A 667 40.80 -2.52 31.58
N THR A 668 42.09 -2.22 31.66
CA THR A 668 42.71 -1.74 32.89
C THR A 668 42.07 -0.45 33.41
N ILE A 669 41.60 0.39 32.48
CA ILE A 669 40.93 1.62 32.85
C ILE A 669 39.66 1.25 33.61
N ILE A 670 39.00 0.21 33.10
CA ILE A 670 37.74 -0.25 33.67
C ILE A 670 37.99 -0.92 35.02
N GLU A 671 39.04 -1.73 35.12
CA GLU A 671 39.35 -2.39 36.37
C GLU A 671 39.66 -1.36 37.45
N ALA A 672 40.42 -0.34 37.07
CA ALA A 672 40.71 0.76 37.98
C ALA A 672 39.44 1.49 38.40
N MET A 673 38.61 1.87 37.43
CA MET A 673 37.36 2.59 37.74
C MET A 673 36.42 1.72 38.57
N ALA A 674 36.54 0.42 38.37
CA ALA A 674 35.72 -0.55 39.06
C ALA A 674 36.13 -0.61 40.53
N SER A 675 37.45 -0.54 40.74
CA SER A 675 38.02 -0.53 42.08
C SER A 675 37.78 0.82 42.75
N GLY A 676 37.53 1.84 41.93
CA GLY A 676 37.12 3.13 42.44
C GLY A 676 38.12 4.27 42.29
N LEU A 677 39.36 3.93 41.93
CA LEU A 677 40.41 4.92 41.69
C LEU A 677 39.96 5.91 40.63
N PRO A 678 40.06 7.20 40.95
CA PRO A 678 40.05 8.19 39.86
C PRO A 678 41.18 7.92 38.87
N THR A 679 40.85 7.90 37.58
CA THR A 679 41.78 7.44 36.56
C THR A 679 42.05 8.46 35.46
N PHE A 680 43.34 8.63 35.15
CA PHE A 680 43.78 9.43 34.01
C PHE A 680 44.22 8.53 32.84
N ALA A 681 43.40 8.52 31.81
CA ALA A 681 43.63 7.60 30.72
C ALA A 681 43.85 8.38 29.45
N THR A 682 44.50 7.72 28.50
CA THR A 682 44.79 8.29 27.20
C THR A 682 43.53 8.82 26.50
N ARG A 683 43.68 9.90 25.74
CA ARG A 683 42.58 10.51 25.02
C ARG A 683 42.22 9.68 23.79
N TYR A 684 43.14 8.80 23.39
CA TYR A 684 43.08 8.23 22.06
C TYR A 684 42.59 6.78 22.02
N GLY A 685 41.41 6.58 21.46
CA GLY A 685 40.79 5.25 21.42
C GLY A 685 39.74 5.01 22.50
N GLY A 686 39.56 3.74 22.86
CA GLY A 686 38.47 3.34 23.75
C GLY A 686 38.22 4.17 25.00
N PRO A 687 39.29 4.55 25.69
CA PRO A 687 39.06 5.38 26.85
C PRO A 687 38.28 6.64 26.57
N LEU A 688 38.39 7.16 25.36
CA LEU A 688 37.60 8.32 24.98
C LEU A 688 36.10 8.07 25.22
N GLU A 689 35.65 6.85 24.94
CA GLU A 689 34.28 6.43 25.17
C GLU A 689 34.02 6.11 26.63
N ILE A 690 34.91 5.32 27.23
CA ILE A 690 34.69 4.81 28.58
C ILE A 690 34.55 5.89 29.64
N ILE A 691 35.56 6.75 29.76
CA ILE A 691 35.55 7.81 30.74
C ILE A 691 34.80 9.04 30.21
N GLN A 692 33.87 9.54 31.02
CA GLN A 692 33.34 10.87 30.80
C GLN A 692 34.27 11.80 31.54
N ASN A 693 34.84 12.76 30.85
CA ASN A 693 35.87 13.61 31.44
C ASN A 693 35.34 14.58 32.51
N ASN A 694 36.05 14.65 33.63
CA ASN A 694 35.63 15.42 34.81
C ASN A 694 34.42 14.85 35.56
N ARG A 695 33.84 13.77 35.04
CA ARG A 695 32.78 13.08 35.75
C ARG A 695 33.28 11.73 36.22
N SER A 696 33.61 10.86 35.27
CA SER A 696 33.99 9.49 35.59
C SER A 696 35.49 9.28 35.63
N GLY A 697 36.24 10.30 35.26
CA GLY A 697 37.68 10.13 35.09
C GLY A 697 38.27 11.24 34.25
N PHE A 698 39.53 11.10 33.83
CA PHE A 698 40.17 12.19 33.09
C PHE A 698 40.92 11.77 31.84
N HIS A 699 40.60 12.44 30.75
CA HIS A 699 41.32 12.24 29.50
C HIS A 699 42.65 13.03 29.57
N ILE A 700 43.74 12.36 29.23
CA ILE A 700 45.04 12.99 29.19
C ILE A 700 45.73 12.70 27.86
N ASP A 701 46.41 13.70 27.32
CA ASP A 701 47.21 13.53 26.11
C ASP A 701 48.54 12.88 26.47
N PRO A 702 48.77 11.66 25.96
CA PRO A 702 50.04 10.93 26.13
C PRO A 702 51.12 11.59 25.30
N ASN A 703 50.69 12.42 24.36
CA ASN A 703 51.62 13.15 23.52
C ASN A 703 51.93 14.56 24.04
N GLN A 704 51.40 14.89 25.21
CA GLN A 704 51.90 16.07 25.92
C GLN A 704 52.22 15.75 27.37
N GLY A 705 53.52 15.70 27.68
CA GLY A 705 53.92 15.47 29.05
C GLY A 705 53.86 16.79 29.79
N ALA A 706 53.64 16.72 31.09
CA ALA A 706 53.75 17.90 31.97
C ALA A 706 52.69 18.98 31.70
N ALA A 707 52.02 18.88 30.57
CA ALA A 707 50.82 19.66 30.34
C ALA A 707 49.74 18.89 31.08
N THR A 708 49.91 17.57 31.06
CA THR A 708 49.04 16.66 31.79
C THR A 708 49.41 16.59 33.26
N ALA A 709 50.72 16.56 33.53
CA ALA A 709 51.20 16.53 34.90
C ALA A 709 50.66 17.74 35.68
N ASP A 710 50.40 18.82 34.95
CA ASP A 710 49.79 20.01 35.53
C ASP A 710 48.37 19.70 35.99
N LEU A 711 47.66 18.89 35.22
CA LEU A 711 46.30 18.49 35.59
C LEU A 711 46.31 17.49 36.75
N ILE A 712 47.30 16.60 36.76
CA ILE A 712 47.46 15.65 37.86
C ILE A 712 47.69 16.40 39.18
N ALA A 713 48.65 17.32 39.17
CA ALA A 713 48.94 18.10 40.35
C ALA A 713 47.73 18.96 40.75
N ASP A 714 47.11 19.63 39.77
CA ASP A 714 45.90 20.42 40.01
C ASP A 714 44.84 19.63 40.76
N PHE A 715 44.63 18.39 40.33
CA PHE A 715 43.71 17.49 41.04
C PHE A 715 44.20 17.19 42.46
N PHE A 716 45.48 16.83 42.62
CA PHE A 716 46.04 16.52 43.94
C PHE A 716 45.86 17.63 44.99
N GLU A 717 45.66 18.85 44.49
CA GLU A 717 45.28 20.04 45.25
C GLU A 717 43.76 20.07 45.49
N LYS A 718 43.19 21.26 45.64
CA LYS A 718 41.77 21.45 46.02
C LYS A 718 41.35 21.17 47.48
N ASN A 719 41.64 22.17 48.32
CA ASN A 719 41.26 22.25 49.74
C ASN A 719 41.88 21.29 50.77
N LEU A 720 43.16 21.51 51.08
CA LEU A 720 43.88 20.68 52.04
C LEU A 720 43.88 19.22 51.56
N GLU A 721 44.69 18.96 50.53
CA GLU A 721 44.59 17.75 49.70
C GLU A 721 43.24 17.69 48.99
N ASN A 722 42.47 16.64 49.21
CA ASN A 722 41.20 16.48 48.51
C ASN A 722 40.06 15.91 49.37
N PRO A 723 39.36 16.78 50.13
CA PRO A 723 38.20 16.26 50.85
C PRO A 723 37.09 15.76 49.91
N GLN A 724 36.70 16.60 48.95
CA GLN A 724 35.48 16.38 48.17
C GLN A 724 35.71 15.78 46.77
N GLU A 725 36.49 16.49 45.97
CA GLU A 725 36.70 16.14 44.56
C GLU A 725 37.08 14.67 44.29
N TRP A 726 38.09 14.16 44.98
CA TRP A 726 38.54 12.77 44.76
C TRP A 726 37.38 11.82 44.97
N GLU A 727 36.66 12.01 46.07
CA GLU A 727 35.48 11.22 46.35
C GLU A 727 34.46 11.32 45.21
N ARG A 728 34.23 12.55 44.73
CA ARG A 728 33.24 12.75 43.67
C ARG A 728 33.60 12.05 42.35
N ILE A 729 34.88 12.09 41.99
CA ILE A 729 35.37 11.40 40.80
C ILE A 729 35.34 9.89 40.98
N SER A 730 35.67 9.41 42.18
CA SER A 730 35.58 7.97 42.47
C SER A 730 34.14 7.47 42.31
N GLN A 731 33.20 8.21 42.88
CA GLN A 731 31.80 7.86 42.70
C GLN A 731 31.40 7.98 41.23
N GLY A 732 32.01 8.92 40.52
CA GLY A 732 31.75 9.04 39.10
C GLY A 732 32.15 7.77 38.39
N ALA A 733 33.34 7.28 38.72
CA ALA A 733 33.91 6.11 38.11
C ALA A 733 33.02 4.91 38.38
N LEU A 734 32.73 4.70 39.66
CA LEU A 734 31.91 3.59 40.10
C LEU A 734 30.58 3.60 39.37
N ASP A 735 29.93 4.76 39.38
CA ASP A 735 28.64 4.94 38.75
C ASP A 735 28.71 4.62 37.25
N ARG A 736 29.82 5.00 36.62
CA ARG A 736 29.95 4.82 35.19
C ARG A 736 30.16 3.37 34.82
N VAL A 737 30.99 2.68 35.61
CA VAL A 737 31.21 1.26 35.37
C VAL A 737 29.90 0.52 35.56
N ALA A 738 29.25 0.79 36.68
CA ALA A 738 27.98 0.16 37.01
C ALA A 738 26.92 0.38 35.92
N SER A 739 26.89 1.56 35.33
CA SER A 739 25.93 1.84 34.28
C SER A 739 26.30 1.18 32.96
N ARG A 740 27.43 1.57 32.39
CA ARG A 740 27.80 1.08 31.05
C ARG A 740 28.80 -0.09 30.87
N TYR A 741 29.55 -0.51 31.88
CA TYR A 741 30.51 -1.60 31.63
C TYR A 741 30.50 -2.67 32.69
N THR A 742 29.75 -3.73 32.44
CA THR A 742 29.67 -4.83 33.40
C THR A 742 29.30 -6.08 32.62
N TRP A 743 29.80 -7.22 33.04
CA TRP A 743 29.46 -8.43 32.31
C TRP A 743 28.00 -8.80 32.51
N LYS A 744 27.40 -8.32 33.60
CA LYS A 744 26.00 -8.59 33.89
C LYS A 744 25.15 -7.95 32.83
N LEU A 745 25.43 -6.66 32.64
CA LEU A 745 24.76 -5.84 31.67
C LEU A 745 24.99 -6.39 30.26
N TYR A 746 26.24 -6.74 29.96
CA TYR A 746 26.60 -7.39 28.69
C TYR A 746 25.71 -8.59 28.42
N ALA A 747 25.64 -9.51 29.35
CA ALA A 747 24.93 -10.76 29.11
C ALA A 747 23.42 -10.57 29.01
N GLU A 748 22.91 -9.60 29.78
CA GLU A 748 21.50 -9.20 29.71
C GLU A 748 21.16 -8.73 28.30
N ARG A 749 21.98 -7.79 27.81
CA ARG A 749 21.86 -7.29 26.45
C ARG A 749 21.94 -8.41 25.44
N MET A 750 22.96 -9.25 25.57
CA MET A 750 23.29 -10.23 24.56
C MET A 750 22.14 -11.20 24.42
N MET A 751 21.62 -11.60 25.57
CA MET A 751 20.50 -12.52 25.62
C MET A 751 19.20 -11.93 25.09
N THR A 752 19.04 -10.59 25.20
CA THR A 752 17.88 -9.95 24.55
C THR A 752 18.05 -9.79 23.05
N LEU A 753 19.21 -9.31 22.63
CA LEU A 753 19.55 -9.16 21.22
C LEU A 753 19.34 -10.45 20.46
N SER A 754 19.67 -11.59 21.05
CA SER A 754 19.47 -12.81 20.27
C SER A 754 17.99 -13.06 19.96
N ARG A 755 17.14 -12.75 20.92
CA ARG A 755 15.71 -12.93 20.78
C ARG A 755 15.11 -11.92 19.79
N ILE A 756 15.47 -10.64 19.95
CA ILE A 756 15.02 -9.62 19.01
C ILE A 756 15.51 -9.83 17.57
N TYR A 757 16.79 -10.11 17.36
CA TYR A 757 17.24 -10.30 15.99
C TYR A 757 16.74 -11.63 15.42
N GLY A 758 16.39 -12.57 16.30
CA GLY A 758 15.75 -13.80 15.88
C GLY A 758 14.36 -13.53 15.33
N PHE A 759 13.61 -12.67 16.02
CA PHE A 759 12.31 -12.20 15.53
C PHE A 759 12.45 -11.41 14.24
N TRP A 760 13.40 -10.48 14.20
CA TRP A 760 13.65 -9.70 13.00
C TRP A 760 13.99 -10.63 11.83
N LYS A 761 14.63 -11.75 12.14
CA LYS A 761 15.04 -12.68 11.11
C LYS A 761 13.81 -13.44 10.69
N PHE A 762 12.91 -13.66 11.64
CA PHE A 762 11.71 -14.44 11.36
C PHE A 762 10.85 -13.66 10.39
N VAL A 763 10.71 -12.38 10.66
CA VAL A 763 9.96 -11.49 9.81
C VAL A 763 10.69 -11.17 8.50
N SER A 764 11.95 -10.73 8.59
CA SER A 764 12.61 -10.20 7.40
C SER A 764 13.32 -11.28 6.60
N GLY A 765 13.16 -12.53 7.01
CA GLY A 765 13.96 -13.63 6.48
C GLY A 765 13.93 -13.83 4.99
N LEU A 766 12.72 -14.01 4.44
CA LEU A 766 12.52 -14.22 3.01
C LEU A 766 12.86 -13.00 2.13
N GLU A 767 12.77 -11.81 2.70
CA GLU A 767 13.24 -10.61 2.00
C GLU A 767 14.73 -10.61 1.68
N ARG A 768 15.51 -11.37 2.45
CA ARG A 768 16.95 -11.34 2.28
C ARG A 768 17.50 -12.45 1.37
N GLU A 769 16.64 -13.24 0.74
CA GLU A 769 17.14 -14.37 -0.04
C GLU A 769 18.00 -14.03 -1.27
N GLU A 770 17.78 -12.89 -1.90
CA GLU A 770 18.62 -12.52 -3.03
C GLU A 770 20.01 -12.25 -2.49
N THR A 771 20.06 -11.63 -1.33
CA THR A 771 21.33 -11.35 -0.70
C THR A 771 22.08 -12.66 -0.38
N ASP A 772 21.36 -13.68 0.05
CA ASP A 772 21.97 -14.94 0.42
C ASP A 772 22.46 -15.64 -0.86
N ARG A 773 21.66 -15.60 -1.91
CA ARG A 773 22.11 -16.23 -3.14
C ARG A 773 23.39 -15.56 -3.64
N TYR A 774 23.51 -14.27 -3.35
CA TYR A 774 24.66 -13.49 -3.81
C TYR A 774 25.87 -13.84 -2.97
N LEU A 775 25.69 -13.88 -1.67
CA LEU A 775 26.80 -14.14 -0.79
C LEU A 775 27.32 -15.57 -0.97
N ASN A 776 26.40 -16.51 -1.19
CA ASN A 776 26.75 -17.89 -1.47
C ASN A 776 27.50 -18.07 -2.77
N MET A 777 27.05 -17.39 -3.81
CA MET A 777 27.79 -17.44 -5.05
C MET A 777 29.18 -16.91 -4.82
N PHE A 778 29.29 -15.82 -4.07
CA PHE A 778 30.59 -15.16 -3.91
C PHE A 778 31.51 -16.01 -3.07
N TYR A 779 30.96 -16.77 -2.14
CA TYR A 779 31.77 -17.70 -1.39
C TYR A 779 32.29 -18.86 -2.21
N HIS A 780 31.40 -19.58 -2.90
CA HIS A 780 31.84 -20.64 -3.80
C HIS A 780 32.85 -20.25 -4.87
N LEU A 781 32.62 -19.15 -5.56
CA LEU A 781 33.46 -18.83 -6.72
C LEU A 781 34.57 -17.83 -6.47
N GLN A 782 34.70 -17.33 -5.25
CA GLN A 782 35.74 -16.35 -4.95
C GLN A 782 36.54 -16.79 -3.73
N PHE A 783 35.88 -16.97 -2.60
CA PHE A 783 36.58 -17.46 -1.44
C PHE A 783 37.17 -18.85 -1.62
N ARG A 784 36.37 -19.78 -2.13
CA ARG A 784 36.81 -21.17 -2.29
C ARG A 784 38.07 -21.34 -3.16
N PRO A 785 38.13 -20.68 -4.32
CA PRO A 785 39.42 -20.68 -5.03
C PRO A 785 40.57 -20.06 -4.23
N LEU A 786 40.39 -18.89 -3.66
CA LEU A 786 41.47 -18.24 -2.94
C LEU A 786 42.03 -19.13 -1.84
N ALA A 787 41.17 -19.89 -1.16
CA ALA A 787 41.61 -20.69 -0.03
C ALA A 787 42.28 -21.96 -0.50
N ASN A 788 41.89 -22.41 -1.69
CA ASN A 788 42.43 -23.64 -2.27
C ASN A 788 43.75 -23.38 -2.97
N ARG A 789 44.19 -22.14 -2.92
CA ARG A 789 45.53 -21.76 -3.32
C ARG A 789 46.50 -21.73 -2.14
N LEU A 790 46.08 -22.19 -0.95
CA LEU A 790 46.92 -22.00 0.24
C LEU A 790 47.83 -23.05 0.97
N ALA A 791 47.88 -24.37 0.70
CA ALA A 791 47.18 -25.19 -0.29
C ALA A 791 47.54 -24.90 -1.75
N HIS A 792 48.83 -24.65 -2.00
CA HIS A 792 49.32 -24.29 -3.34
C HIS A 792 49.12 -25.43 -4.36
N ILE B 4 -23.15 -15.21 30.79
CA ILE B 4 -22.02 -14.92 29.88
C ILE B 4 -22.43 -14.56 28.44
N ASP B 5 -23.44 -15.22 27.87
CA ASP B 5 -23.93 -14.86 26.54
C ASP B 5 -25.27 -15.49 26.13
N THR B 6 -25.68 -15.25 24.88
CA THR B 6 -26.95 -15.73 24.36
C THR B 6 -27.13 -17.25 24.50
N LEU B 7 -26.12 -18.02 24.06
CA LEU B 7 -26.19 -19.47 24.10
C LEU B 7 -26.23 -20.01 25.54
N ALA B 8 -25.99 -19.14 26.52
CA ALA B 8 -26.17 -19.52 27.92
C ALA B 8 -27.66 -19.71 28.31
N THR B 9 -28.60 -19.43 27.40
CA THR B 9 -30.01 -19.85 27.54
C THR B 9 -30.29 -21.23 26.94
N CYS B 10 -29.21 -21.99 26.71
CA CYS B 10 -29.29 -23.44 26.56
C CYS B 10 -29.89 -24.08 27.81
N THR B 11 -30.22 -23.26 28.80
CA THR B 11 -30.81 -23.66 30.08
C THR B 11 -32.13 -24.44 29.97
N GLN B 12 -32.53 -24.80 28.74
CA GLN B 12 -33.63 -25.75 28.45
C GLN B 12 -33.42 -27.13 29.09
N GLN B 13 -32.34 -27.15 29.85
CA GLN B 13 -31.78 -28.16 30.70
C GLN B 13 -32.46 -28.22 32.08
N ASN B 14 -33.79 -28.02 32.22
CA ASN B 14 -34.48 -27.16 33.22
C ASN B 14 -35.39 -26.05 32.67
N ARG B 15 -35.71 -26.12 31.38
CA ARG B 15 -36.64 -25.16 30.76
C ARG B 15 -37.98 -24.90 31.46
N ASP B 16 -38.39 -25.77 32.39
CA ASP B 16 -39.57 -25.42 33.20
C ASP B 16 -39.33 -24.13 34.00
N ALA B 17 -38.17 -24.04 34.64
CA ALA B 17 -37.77 -22.83 35.36
C ALA B 17 -37.78 -21.60 34.43
N VAL B 18 -37.32 -21.81 33.20
CA VAL B 18 -37.27 -20.75 32.17
C VAL B 18 -38.66 -20.26 31.80
N TYR B 19 -39.55 -21.22 31.52
CA TYR B 19 -40.93 -20.93 31.21
C TYR B 19 -41.56 -20.14 32.34
N THR B 20 -41.28 -20.53 33.58
CA THR B 20 -41.88 -19.84 34.72
C THR B 20 -41.27 -18.46 34.95
N LEU B 21 -40.02 -18.28 34.53
CA LEU B 21 -39.36 -16.98 34.60
C LEU B 21 -40.01 -16.02 33.61
N LEU B 22 -40.13 -16.48 32.37
CA LEU B 22 -40.84 -15.74 31.34
C LEU B 22 -42.30 -15.39 31.72
N ARG B 23 -43.05 -16.40 32.14
CA ARG B 23 -44.44 -16.18 32.58
C ARG B 23 -44.49 -15.18 33.73
N ARG B 24 -43.54 -15.28 34.67
CA ARG B 24 -43.47 -14.34 35.79
C ARG B 24 -43.18 -12.92 35.30
N TYR B 25 -42.45 -12.83 34.19
CA TYR B 25 -42.08 -11.54 33.58
C TYR B 25 -43.28 -10.99 32.82
N PHE B 26 -43.97 -11.87 32.13
CA PHE B 26 -45.05 -11.48 31.22
C PHE B 26 -46.28 -10.99 31.93
N THR B 27 -46.29 -11.04 33.26
CA THR B 27 -47.47 -10.66 34.03
C THR B 27 -47.86 -9.20 33.79
N ALA B 28 -47.03 -8.49 33.03
CA ALA B 28 -47.42 -7.23 32.39
C ALA B 28 -47.76 -6.15 33.40
N ASN B 29 -47.12 -6.20 34.56
CA ASN B 29 -47.11 -5.09 35.49
C ASN B 29 -46.42 -3.91 34.82
N ARG B 30 -45.52 -4.24 33.90
CA ARG B 30 -44.77 -3.28 33.09
C ARG B 30 -44.46 -3.91 31.70
N THR B 31 -44.42 -3.08 30.65
CA THR B 31 -43.92 -3.53 29.35
C THR B 31 -42.41 -3.49 29.32
N LEU B 32 -41.86 -2.48 29.98
CA LEU B 32 -40.43 -2.27 30.05
C LEU B 32 -39.92 -2.72 31.42
N LEU B 33 -39.19 -3.83 31.42
CA LEU B 33 -38.63 -4.36 32.66
C LEU B 33 -37.15 -4.07 32.79
N LEU B 34 -36.79 -3.40 33.87
CA LEU B 34 -35.41 -3.03 34.11
C LEU B 34 -34.69 -4.02 35.02
N GLN B 35 -33.44 -3.71 35.35
CA GLN B 35 -32.55 -4.64 36.03
C GLN B 35 -33.10 -5.20 37.34
N SER B 36 -33.49 -4.30 38.24
CA SER B 36 -33.99 -4.70 39.56
C SER B 36 -35.20 -5.62 39.46
N ASP B 37 -36.16 -5.26 38.62
CA ASP B 37 -37.38 -6.04 38.47
C ASP B 37 -37.15 -7.34 37.72
N LEU B 38 -36.00 -7.43 37.05
CA LEU B 38 -35.61 -8.67 36.40
C LEU B 38 -34.96 -9.61 37.39
N ARG B 39 -34.22 -9.03 38.33
CA ARG B 39 -33.57 -9.80 39.38
C ARG B 39 -34.59 -10.30 40.38
N GLU B 40 -35.63 -9.48 40.60
CA GLU B 40 -36.75 -9.84 41.46
C GLU B 40 -37.46 -11.10 40.98
N GLY B 41 -37.62 -11.22 39.66
CA GLY B 41 -38.30 -12.36 39.07
C GLY B 41 -37.59 -13.67 39.27
N LEU B 42 -36.33 -13.61 39.69
CA LEU B 42 -35.55 -14.80 39.94
C LEU B 42 -35.61 -15.25 41.41
N LEU B 43 -36.19 -14.41 42.25
CA LEU B 43 -36.44 -14.79 43.64
C LEU B 43 -37.96 -14.86 43.86
N GLN B 44 -38.46 -16.08 44.03
CA GLN B 44 -39.89 -16.35 43.84
C GLN B 44 -40.26 -15.75 42.50
N THR B 45 -39.81 -16.39 41.41
CA THR B 45 -39.52 -17.84 41.43
C THR B 45 -38.10 -18.23 41.83
N GLU B 46 -38.01 -18.81 43.03
CA GLU B 46 -36.78 -19.32 43.63
C GLU B 46 -37.03 -20.71 44.22
N GLN B 47 -37.88 -20.75 45.24
CA GLN B 47 -38.29 -22.01 45.91
C GLN B 47 -39.04 -22.92 44.91
N ASP B 48 -39.34 -22.37 43.74
CA ASP B 48 -39.84 -23.13 42.59
C ASP B 48 -39.19 -22.59 41.32
N CYS B 49 -38.65 -23.46 40.46
CA CYS B 49 -38.40 -24.86 40.77
C CYS B 49 -36.93 -25.11 40.45
N GLY B 50 -36.14 -25.41 41.48
CA GLY B 50 -34.71 -25.62 41.29
C GLY B 50 -33.90 -24.39 41.62
N GLN B 51 -32.66 -24.34 41.11
CA GLN B 51 -31.76 -23.21 41.37
C GLN B 51 -31.18 -22.62 40.07
N SER B 52 -30.39 -23.42 39.36
CA SER B 52 -29.77 -23.01 38.09
C SER B 52 -28.87 -21.76 38.18
N ASP B 53 -27.67 -21.96 38.71
CA ASP B 53 -26.62 -20.95 38.70
C ASP B 53 -26.40 -20.30 37.31
N MET B 54 -26.42 -21.10 36.25
CA MET B 54 -26.35 -20.62 34.87
C MET B 54 -27.39 -19.54 34.59
N LEU B 55 -28.64 -19.85 34.92
CA LEU B 55 -29.77 -18.92 34.84
C LEU B 55 -29.55 -17.63 35.65
N ARG B 56 -28.87 -17.75 36.78
CA ARG B 56 -28.60 -16.58 37.61
C ARG B 56 -27.59 -15.67 36.91
N ALA B 57 -26.58 -16.31 36.31
CA ALA B 57 -25.59 -15.60 35.50
C ALA B 57 -26.27 -14.84 34.38
N PHE B 58 -27.07 -15.56 33.58
CA PHE B 58 -27.81 -14.93 32.49
C PHE B 58 -28.69 -13.76 32.93
N VAL B 59 -29.51 -13.97 33.94
CA VAL B 59 -30.43 -12.93 34.39
C VAL B 59 -29.70 -11.71 34.95
N PHE B 60 -28.68 -11.93 35.77
CA PHE B 60 -27.94 -10.82 36.38
C PHE B 60 -27.19 -9.96 35.37
N ARG B 61 -27.05 -10.48 34.16
CA ARG B 61 -26.38 -9.74 33.09
C ARG B 61 -27.36 -9.02 32.15
N LEU B 62 -28.66 -9.11 32.44
CA LEU B 62 -29.66 -8.40 31.64
C LEU B 62 -29.66 -6.93 32.03
N GLN B 63 -29.57 -6.03 31.05
CA GLN B 63 -29.76 -4.61 31.33
C GLN B 63 -31.23 -4.20 31.31
N GLU B 64 -32.02 -4.89 30.50
CA GLU B 64 -33.46 -4.64 30.40
C GLU B 64 -34.08 -5.64 29.45
N GLY B 65 -35.41 -5.76 29.51
CA GLY B 65 -36.14 -6.58 28.57
C GLY B 65 -37.48 -5.96 28.30
N ILE B 66 -38.03 -6.26 27.12
CA ILE B 66 -39.23 -5.60 26.63
C ILE B 66 -40.23 -6.66 26.30
N PHE B 67 -41.40 -6.56 26.94
CA PHE B 67 -42.42 -7.59 26.84
C PHE B 67 -43.76 -7.07 26.29
N SER B 68 -44.27 -7.75 25.28
CA SER B 68 -45.68 -7.70 24.88
C SER B 68 -45.90 -9.00 24.14
N SER B 69 -47.13 -9.53 24.11
CA SER B 69 -47.41 -10.60 23.14
C SER B 69 -46.74 -11.90 23.62
N PRO B 70 -46.79 -12.99 22.84
CA PRO B 70 -45.90 -14.10 23.21
C PRO B 70 -44.42 -13.72 23.39
N TRP B 71 -43.97 -12.66 22.74
CA TRP B 71 -42.54 -12.35 22.55
C TRP B 71 -41.86 -11.50 23.62
N ALA B 72 -40.71 -11.98 24.10
CA ALA B 72 -39.84 -11.17 24.98
C ALA B 72 -38.50 -10.81 24.30
N TYR B 73 -38.14 -9.53 24.38
CA TYR B 73 -36.91 -9.04 23.81
C TYR B 73 -35.92 -8.71 24.93
N LEU B 74 -34.68 -9.18 24.78
CA LEU B 74 -33.69 -9.08 25.85
C LEU B 74 -32.43 -8.35 25.41
N ALA B 75 -32.04 -7.38 26.23
CA ALA B 75 -30.77 -6.66 26.07
C ALA B 75 -29.79 -7.14 27.14
N LEU B 76 -28.75 -7.84 26.68
CA LEU B 76 -27.80 -8.45 27.59
C LEU B 76 -26.43 -7.75 27.52
N ARG B 77 -25.85 -7.43 28.68
CA ARG B 77 -24.54 -6.79 28.79
C ARG B 77 -23.52 -7.63 29.58
N PRO B 78 -22.97 -8.68 28.94
CA PRO B 78 -22.12 -9.73 29.53
C PRO B 78 -20.96 -9.17 30.33
N GLU B 79 -20.25 -8.23 29.72
CA GLU B 79 -19.15 -7.58 30.41
C GLU B 79 -19.14 -6.12 30.02
N ILE B 80 -18.26 -5.36 30.66
CA ILE B 80 -18.24 -3.92 30.47
C ILE B 80 -18.19 -3.51 29.01
N ALA B 81 -19.10 -2.63 28.64
CA ALA B 81 -19.21 -2.09 27.28
C ALA B 81 -19.41 -3.14 26.18
N LYS B 82 -19.94 -4.32 26.52
CA LYS B 82 -20.26 -5.31 25.49
C LYS B 82 -21.72 -5.77 25.56
N TRP B 83 -22.45 -5.62 24.47
CA TRP B 83 -23.90 -5.91 24.44
C TRP B 83 -24.33 -7.01 23.46
N GLU B 84 -25.33 -7.79 23.86
CA GLU B 84 -25.98 -8.73 22.94
C GLU B 84 -27.48 -8.53 23.06
N PHE B 85 -28.20 -8.75 21.98
CA PHE B 85 -29.67 -8.67 22.04
C PHE B 85 -30.30 -9.92 21.47
N MET B 86 -31.35 -10.41 22.13
CA MET B 86 -32.03 -11.61 21.66
C MET B 86 -33.54 -11.50 21.82
N ARG B 87 -34.28 -12.41 21.16
CA ARG B 87 -35.69 -12.62 21.52
C ARG B 87 -36.02 -14.09 21.82
N ILE B 88 -36.88 -14.27 22.81
CA ILE B 88 -37.39 -15.57 23.20
C ILE B 88 -38.90 -15.57 23.00
N HIS B 89 -39.44 -16.68 22.51
CA HIS B 89 -40.89 -16.86 22.40
C HIS B 89 -41.40 -17.56 23.66
N GLN B 90 -42.49 -17.05 24.24
CA GLN B 90 -42.97 -17.60 25.50
C GLN B 90 -43.34 -19.06 25.41
N GLU B 91 -44.07 -19.43 24.37
CA GLU B 91 -44.61 -20.77 24.32
C GLU B 91 -43.53 -21.79 23.96
N HIS B 92 -43.11 -21.78 22.70
CA HIS B 92 -41.99 -22.63 22.31
C HIS B 92 -40.78 -21.76 22.48
N LEU B 93 -39.94 -22.06 23.45
CA LEU B 93 -38.88 -21.12 23.75
C LEU B 93 -37.53 -21.54 23.18
N ILE B 94 -37.14 -20.85 22.12
CA ILE B 94 -35.79 -20.94 21.59
C ILE B 94 -35.31 -19.49 21.38
N PRO B 95 -34.04 -19.21 21.72
CA PRO B 95 -33.48 -17.86 21.59
C PRO B 95 -33.10 -17.53 20.16
N GLU B 96 -33.29 -16.27 19.77
CA GLU B 96 -32.98 -15.81 18.43
C GLU B 96 -32.15 -14.54 18.51
N LYS B 97 -30.98 -14.57 17.89
CA LYS B 97 -30.06 -13.43 17.97
C LYS B 97 -30.58 -12.25 17.17
N LEU B 98 -30.59 -11.08 17.80
CA LEU B 98 -31.09 -9.86 17.18
C LEU B 98 -29.99 -8.82 17.00
N THR B 99 -30.10 -8.02 15.93
CA THR B 99 -29.27 -6.83 15.75
C THR B 99 -29.80 -5.68 16.60
N ILE B 100 -28.93 -4.72 16.92
CA ILE B 100 -29.39 -3.61 17.75
C ILE B 100 -30.58 -2.93 17.08
N SER B 101 -30.53 -2.81 15.74
CA SER B 101 -31.59 -2.17 14.97
C SER B 101 -32.93 -2.87 15.15
N GLU B 102 -32.90 -4.20 15.04
CA GLU B 102 -34.09 -5.00 15.24
C GLU B 102 -34.68 -4.79 16.64
N PHE B 103 -33.85 -5.01 17.66
CA PHE B 103 -34.27 -4.82 19.05
C PHE B 103 -34.86 -3.42 19.32
N LEU B 104 -34.24 -2.41 18.76
CA LEU B 104 -34.70 -1.04 18.97
C LEU B 104 -35.98 -0.77 18.21
N LYS B 105 -36.14 -1.42 17.06
CA LYS B 105 -37.38 -1.31 16.29
C LYS B 105 -38.53 -1.85 17.12
N PHE B 106 -38.38 -3.07 17.63
CA PHE B 106 -39.43 -3.64 18.45
C PHE B 106 -39.69 -2.82 19.71
N LYS B 107 -38.63 -2.32 20.36
CA LYS B 107 -38.82 -1.44 21.51
C LYS B 107 -39.67 -0.26 21.07
N GLU B 108 -39.41 0.25 19.87
CA GLU B 108 -40.21 1.37 19.36
C GLU B 108 -41.67 1.00 19.12
N THR B 109 -41.91 -0.06 18.37
CA THR B 109 -43.28 -0.37 17.96
C THR B 109 -44.11 -0.96 19.08
N VAL B 110 -43.50 -1.22 20.23
CA VAL B 110 -44.27 -1.59 21.40
C VAL B 110 -44.67 -0.36 22.19
N VAL B 111 -43.72 0.34 22.80
CA VAL B 111 -44.07 1.45 23.69
C VAL B 111 -44.90 2.57 23.04
N LYS B 112 -44.49 3.03 21.88
CA LYS B 112 -45.29 4.04 21.17
C LYS B 112 -46.15 3.44 20.06
N GLY B 113 -46.13 2.12 19.92
CA GLY B 113 -46.96 1.48 18.91
C GLY B 113 -46.49 1.65 17.47
N GLU B 114 -47.15 0.93 16.56
CA GLU B 114 -46.73 0.77 15.15
C GLU B 114 -46.45 2.09 14.41
N ALA B 115 -45.37 2.11 13.65
CA ALA B 115 -44.93 3.35 12.99
C ALA B 115 -45.78 3.74 11.78
N THR B 116 -45.98 5.04 11.63
CA THR B 116 -46.70 5.58 10.48
C THR B 116 -45.82 5.61 9.23
N GLU B 117 -44.60 6.12 9.42
CA GLU B 117 -43.59 6.20 8.37
C GLU B 117 -42.28 5.74 8.96
N SER B 118 -41.31 5.47 8.07
CA SER B 118 -39.99 4.92 8.48
C SER B 118 -39.19 5.83 9.38
N VAL B 119 -38.61 5.26 10.43
CA VAL B 119 -37.74 6.00 11.34
C VAL B 119 -36.41 6.38 10.70
N LEU B 120 -35.85 7.50 11.11
CA LEU B 120 -34.50 7.89 10.72
C LEU B 120 -33.53 7.21 11.66
N GLU B 121 -32.62 6.41 11.10
CA GLU B 121 -31.55 5.83 11.91
C GLU B 121 -30.26 6.60 11.67
N VAL B 122 -29.87 7.40 12.67
CA VAL B 122 -28.58 8.06 12.66
C VAL B 122 -27.55 7.01 13.00
N ASP B 123 -26.60 6.86 12.09
CA ASP B 123 -25.63 5.75 12.16
C ASP B 123 -24.22 6.25 11.98
N PHE B 124 -23.42 6.22 13.04
CA PHE B 124 -22.09 6.82 12.94
C PHE B 124 -21.11 5.77 12.55
N GLY B 125 -21.61 4.55 12.39
CA GLY B 125 -20.78 3.40 12.10
C GLY B 125 -19.92 3.57 10.88
N PRO B 126 -20.53 3.82 9.71
CA PRO B 126 -19.70 3.95 8.51
C PRO B 126 -18.70 5.09 8.61
N PHE B 127 -18.97 6.06 9.47
CA PHE B 127 -18.11 7.22 9.61
C PHE B 127 -16.87 6.92 10.46
N ASN B 128 -17.01 6.10 11.49
CA ASN B 128 -15.88 5.79 12.34
C ASN B 128 -15.04 4.67 11.82
N ARG B 129 -15.57 3.91 10.88
CA ARG B 129 -14.85 2.80 10.31
C ARG B 129 -13.52 3.30 9.82
N GLY B 130 -12.48 2.64 10.27
CA GLY B 130 -11.14 2.98 9.84
C GLY B 130 -10.32 3.74 10.83
N PHE B 131 -10.97 4.39 11.79
CA PHE B 131 -10.22 5.17 12.75
C PHE B 131 -9.74 4.27 13.87
N PRO B 132 -8.54 4.56 14.38
CA PRO B 132 -7.92 3.77 15.43
C PRO B 132 -8.81 3.70 16.65
N ARG B 133 -8.86 2.55 17.32
CA ARG B 133 -9.63 2.37 18.54
C ARG B 133 -9.04 1.33 19.48
N LEU B 134 -9.26 1.55 20.78
CA LEU B 134 -8.78 0.65 21.82
C LEU B 134 -9.47 -0.68 21.74
N LYS B 135 -8.86 -1.67 22.38
CA LYS B 135 -9.28 -3.06 22.24
C LYS B 135 -9.76 -3.67 23.53
N GLU B 136 -8.93 -3.56 24.55
CA GLU B 136 -9.33 -4.01 25.87
C GLU B 136 -10.14 -2.95 26.59
N SER B 137 -11.26 -3.38 27.19
CA SER B 137 -12.12 -2.46 27.92
C SER B 137 -11.43 -1.83 29.14
N ARG B 138 -10.54 -2.56 29.79
CA ARG B 138 -9.80 -1.96 30.91
C ARG B 138 -8.89 -0.80 30.48
N SER B 139 -8.70 -0.61 29.17
CA SER B 139 -7.87 0.49 28.67
C SER B 139 -8.66 1.77 28.42
N ILE B 140 -9.99 1.70 28.45
CA ILE B 140 -10.85 2.86 28.21
C ILE B 140 -10.55 4.06 29.12
N GLY B 141 -10.38 5.23 28.56
CA GLY B 141 -10.18 6.40 29.40
C GLY B 141 -8.71 6.67 29.56
N GLN B 142 -7.94 5.77 28.97
CA GLN B 142 -6.51 5.91 28.87
C GLN B 142 -6.09 6.53 27.56
N GLY B 143 -7.02 7.09 26.80
CA GLY B 143 -6.85 7.34 25.38
C GLY B 143 -5.53 7.92 24.88
N VAL B 144 -5.04 8.96 25.54
CA VAL B 144 -3.84 9.67 25.07
C VAL B 144 -2.67 8.73 24.78
N ILE B 145 -2.51 7.69 25.59
CA ILE B 145 -1.45 6.70 25.47
C ILE B 145 -1.53 5.92 24.17
N PHE B 146 -2.71 5.41 23.92
CA PHE B 146 -3.01 4.75 22.68
C PHE B 146 -2.72 5.68 21.52
N LEU B 147 -3.20 6.92 21.61
CA LEU B 147 -3.00 7.82 20.51
C LEU B 147 -1.51 8.03 20.25
N ASN B 148 -0.70 8.26 21.28
CA ASN B 148 0.74 8.42 21.06
C ASN B 148 1.32 7.22 20.36
N ARG B 149 0.85 6.04 20.73
CA ARG B 149 1.33 4.88 20.01
C ARG B 149 0.92 4.86 18.53
N LYS B 150 -0.29 5.27 18.19
CA LYS B 150 -0.66 5.29 16.77
C LYS B 150 0.05 6.41 16.05
N LEU B 151 0.16 7.54 16.69
CA LEU B 151 0.85 8.67 16.11
C LEU B 151 2.29 8.31 15.75
N SER B 152 3.03 7.74 16.69
CA SER B 152 4.43 7.50 16.42
C SER B 152 4.57 6.33 15.47
N SER B 153 3.71 5.34 15.63
CA SER B 153 3.71 4.21 14.71
C SER B 153 3.56 4.67 13.27
N GLU B 154 2.71 5.67 13.05
CA GLU B 154 2.43 6.12 11.68
C GLU B 154 3.53 7.06 11.21
N MET B 155 4.04 7.85 12.14
CA MET B 155 5.10 8.77 11.82
C MET B 155 6.35 8.01 11.36
N PHE B 156 6.56 6.81 11.91
CA PHE B 156 7.69 5.99 11.47
C PHE B 156 7.62 5.66 9.97
N SER B 157 6.52 5.06 9.51
CA SER B 157 6.39 4.71 8.10
C SER B 157 6.38 5.94 7.19
N ARG B 158 5.82 7.05 7.67
CA ARG B 158 5.84 8.24 6.84
C ARG B 158 7.25 8.82 6.71
N ILE B 159 7.99 8.86 7.81
CA ILE B 159 9.37 9.32 7.83
C ILE B 159 10.30 8.36 7.08
N GLU B 160 9.84 7.14 6.85
CA GLU B 160 10.64 6.20 6.08
C GLU B 160 10.53 6.52 4.61
N ALA B 161 9.33 6.90 4.18
CA ALA B 161 9.10 7.50 2.88
C ALA B 161 9.52 8.96 3.00
N GLY B 162 9.13 9.80 2.06
CA GLY B 162 9.57 11.18 2.16
C GLY B 162 9.26 11.99 3.41
N HIS B 163 7.99 12.19 3.75
CA HIS B 163 7.66 13.35 4.60
C HIS B 163 7.29 13.10 6.08
N THR B 164 7.08 14.20 6.82
CA THR B 164 6.24 14.16 8.03
C THR B 164 5.43 15.45 8.31
N SER B 165 4.18 15.27 8.71
CA SER B 165 3.32 16.39 9.06
C SER B 165 3.83 17.14 10.28
N LEU B 166 4.74 16.52 11.02
CA LEU B 166 5.21 17.09 12.27
C LEU B 166 5.88 18.41 11.97
N LEU B 167 6.51 18.48 10.82
CA LEU B 167 7.28 19.65 10.48
C LEU B 167 6.36 20.82 10.14
N HIS B 168 5.40 20.54 9.28
CA HIS B 168 4.38 21.52 8.94
C HIS B 168 3.65 22.01 10.20
N PHE B 169 3.21 21.09 11.04
CA PHE B 169 2.51 21.42 12.28
C PHE B 169 3.36 22.29 13.16
N LEU B 170 4.67 22.11 13.06
CA LEU B 170 5.57 22.95 13.81
C LEU B 170 5.51 24.35 13.26
N GLY B 171 5.33 24.45 11.93
CA GLY B 171 5.18 25.75 11.30
C GLY B 171 3.98 26.64 11.62
N VAL B 172 2.85 26.05 11.95
CA VAL B 172 1.57 26.77 11.98
C VAL B 172 1.11 27.42 13.30
N HIS B 173 1.95 27.46 14.32
CA HIS B 173 1.56 28.16 15.54
C HIS B 173 2.49 29.32 15.77
N ALA B 174 1.96 30.53 15.62
CA ALA B 174 2.75 31.71 15.89
C ALA B 174 2.04 32.46 16.99
N ILE B 175 2.64 32.48 18.16
CA ILE B 175 1.97 33.04 19.31
C ILE B 175 2.20 34.55 19.38
N GLU B 176 1.08 35.28 19.32
CA GLU B 176 1.08 36.75 19.27
C GLU B 176 1.92 37.31 18.12
N GLY B 177 1.62 36.86 16.90
CA GLY B 177 2.13 37.49 15.70
C GLY B 177 3.57 37.19 15.33
N GLN B 178 4.36 36.65 16.27
CA GLN B 178 5.75 36.30 15.98
C GLN B 178 5.90 34.84 15.58
N GLN B 179 6.70 34.56 14.56
CA GLN B 179 6.85 33.20 14.05
C GLN B 179 7.53 32.27 15.06
N LEU B 180 6.95 31.09 15.27
CA LEU B 180 7.51 30.13 16.23
C LEU B 180 8.12 28.90 15.59
N MET B 181 9.22 28.49 16.21
CA MET B 181 9.97 27.26 15.96
C MET B 181 10.77 27.25 14.64
N PHE B 182 10.29 27.94 13.62
CA PHE B 182 10.91 27.86 12.29
C PHE B 182 10.80 29.19 11.56
N SER B 183 11.90 29.59 10.90
CA SER B 183 11.91 30.84 10.15
C SER B 183 11.35 30.63 8.75
N ASN B 184 12.05 29.87 7.93
CA ASN B 184 11.51 29.48 6.64
C ASN B 184 10.32 28.51 6.80
N ASN B 185 9.55 28.35 5.75
CA ASN B 185 8.39 27.47 5.77
C ASN B 185 8.75 26.05 5.38
N SER B 186 10.05 25.75 5.32
CA SER B 186 10.56 24.49 4.75
C SER B 186 9.86 23.24 5.26
N HIS B 187 9.37 22.47 4.29
CA HIS B 187 8.60 21.26 4.51
C HIS B 187 9.56 20.08 4.45
N ASP B 188 10.84 20.36 4.21
CA ASP B 188 11.83 19.33 3.89
C ASP B 188 12.60 18.75 5.08
N ILE B 189 12.48 17.43 5.24
CA ILE B 189 12.97 16.72 6.42
C ILE B 189 14.51 16.59 6.44
N HIS B 190 15.10 16.30 5.30
CA HIS B 190 16.55 16.26 5.20
C HIS B 190 17.15 17.60 5.61
N ALA B 191 16.60 18.69 5.07
CA ALA B 191 17.04 20.03 5.40
C ALA B 191 16.99 20.28 6.91
N VAL B 192 15.84 19.98 7.51
CA VAL B 192 15.64 20.21 8.94
C VAL B 192 16.62 19.37 9.75
N ARG B 193 16.88 18.15 9.30
CA ARG B 193 17.94 17.34 9.91
C ARG B 193 19.28 18.08 9.87
N ASN B 194 19.60 18.69 8.74
CA ASN B 194 20.87 19.40 8.62
C ASN B 194 20.96 20.59 9.56
N GLN B 195 19.89 21.37 9.58
CA GLN B 195 19.83 22.55 10.42
C GLN B 195 19.94 22.13 11.88
N LEU B 196 19.22 21.09 12.26
CA LEU B 196 19.25 20.61 13.64
C LEU B 196 20.67 20.20 14.02
N ARG B 197 21.31 19.52 13.08
CA ARG B 197 22.68 19.06 13.24
C ARG B 197 23.58 20.26 13.56
N GLN B 198 23.58 21.24 12.67
CA GLN B 198 24.44 22.41 12.84
C GLN B 198 24.15 23.11 14.14
N ALA B 199 22.88 23.45 14.33
CA ALA B 199 22.38 24.16 15.50
C ALA B 199 22.91 23.51 16.77
N LEU B 200 22.77 22.20 16.81
CA LEU B 200 23.24 21.41 17.92
C LEU B 200 24.74 21.55 18.14
N GLU B 201 25.50 21.36 17.06
CA GLU B 201 26.97 21.41 17.11
C GLU B 201 27.48 22.78 17.56
N MET B 202 26.74 23.81 17.20
CA MET B 202 27.02 25.17 17.60
C MET B 202 26.67 25.40 19.09
N LEU B 203 25.63 24.74 19.58
CA LEU B 203 25.30 24.84 21.00
C LEU B 203 26.33 24.14 21.86
N GLU B 204 27.04 23.18 21.26
CA GLU B 204 28.10 22.45 21.94
C GLU B 204 29.19 23.38 22.45
N THR B 205 29.49 24.40 21.65
CA THR B 205 30.57 25.35 21.93
C THR B 205 30.26 26.39 23.03
N LEU B 206 28.98 26.77 23.18
CA LEU B 206 28.59 27.64 24.28
C LEU B 206 28.37 26.80 25.51
N ASP B 207 28.13 27.44 26.64
CA ASP B 207 27.94 26.67 27.86
C ASP B 207 26.46 26.70 28.21
N GLY B 208 26.10 26.01 29.28
CA GLY B 208 24.71 25.78 29.60
C GLY B 208 23.76 26.97 29.62
N THR B 209 24.10 27.99 30.41
CA THR B 209 23.06 28.93 30.82
C THR B 209 22.85 30.14 29.88
N THR B 210 23.51 30.12 28.72
CA THR B 210 23.36 31.21 27.76
C THR B 210 21.90 31.44 27.41
N PRO B 211 21.36 32.62 27.74
CA PRO B 211 19.95 32.92 27.53
C PRO B 211 19.60 33.02 26.06
N TRP B 212 18.37 32.62 25.74
CA TRP B 212 17.90 32.55 24.36
C TRP B 212 18.20 33.82 23.61
N ILE B 213 18.01 34.96 24.29
CA ILE B 213 18.16 36.27 23.68
C ILE B 213 19.49 36.36 22.94
N GLU B 214 20.49 35.70 23.50
CA GLU B 214 21.83 35.71 22.92
C GLU B 214 21.92 34.77 21.71
N LEU B 215 21.32 33.59 21.80
CA LEU B 215 21.45 32.59 20.73
C LEU B 215 20.61 32.95 19.51
N ALA B 216 19.55 33.73 19.73
CA ALA B 216 18.51 33.95 18.72
C ALA B 216 18.99 34.31 17.30
N PRO B 217 19.89 35.31 17.17
CA PRO B 217 20.33 35.64 15.80
C PRO B 217 21.14 34.53 15.11
N LYS B 218 22.06 33.89 15.83
CA LYS B 218 22.83 32.79 15.25
C LYS B 218 21.87 31.70 14.82
N MET B 219 20.92 31.42 15.70
CA MET B 219 19.84 30.48 15.44
C MET B 219 19.03 30.85 14.21
N ASN B 220 18.75 32.15 14.07
CA ASN B 220 17.97 32.63 12.94
C ASN B 220 18.67 32.52 11.58
N GLN B 221 20.01 32.55 11.60
CA GLN B 221 20.80 32.34 10.40
C GLN B 221 20.66 30.88 10.02
N LEU B 222 20.35 30.06 11.01
CA LEU B 222 20.22 28.61 10.83
C LEU B 222 18.83 28.16 10.44
N GLY B 223 17.88 29.09 10.40
CA GLY B 223 16.52 28.78 9.98
C GLY B 223 15.51 28.66 11.11
N PHE B 224 15.96 28.97 12.34
CA PHE B 224 15.19 28.72 13.56
C PHE B 224 14.58 29.94 14.22
N ALA B 225 13.26 29.91 14.37
CA ALA B 225 12.56 30.91 15.15
C ALA B 225 12.60 30.48 16.63
N PRO B 226 12.11 31.34 17.55
CA PRO B 226 12.24 30.95 18.97
C PRO B 226 11.17 29.99 19.49
N GLY B 227 11.35 29.56 20.74
CA GLY B 227 10.52 28.54 21.35
C GLY B 227 11.16 27.16 21.46
N TRP B 228 12.47 27.08 21.27
CA TRP B 228 13.17 25.82 21.48
C TRP B 228 13.70 25.66 22.89
N GLY B 229 13.73 26.77 23.63
CA GLY B 229 14.20 26.79 25.00
C GLY B 229 14.51 28.19 25.52
N HIS B 230 14.62 28.32 26.84
CA HIS B 230 14.99 29.61 27.42
C HIS B 230 16.50 29.85 27.40
N ASN B 231 17.27 28.80 27.69
CA ASN B 231 18.71 28.87 27.56
C ASN B 231 19.26 27.78 26.63
N ALA B 232 20.56 27.82 26.36
CA ALA B 232 21.16 26.90 25.39
C ALA B 232 20.95 25.44 25.78
N ASN B 233 20.94 25.17 27.09
CA ASN B 233 20.70 23.83 27.63
C ASN B 233 19.42 23.22 27.09
N ARG B 234 18.35 23.99 27.23
CA ARG B 234 17.01 23.54 26.90
C ARG B 234 16.81 23.47 25.38
N VAL B 235 17.39 24.42 24.66
CA VAL B 235 17.31 24.40 23.21
C VAL B 235 17.92 23.10 22.70
N ALA B 236 19.08 22.79 23.27
CA ALA B 236 19.77 21.54 23.01
C ALA B 236 18.84 20.37 23.28
N GLU B 237 18.26 20.35 24.48
CA GLU B 237 17.32 19.31 24.89
C GLU B 237 16.22 19.03 23.87
N THR B 238 15.53 20.09 23.42
CA THR B 238 14.36 19.89 22.57
C THR B 238 14.74 19.62 21.11
N MET B 239 15.84 20.21 20.65
CA MET B 239 16.33 19.93 19.29
C MET B 239 16.81 18.50 19.21
N ASN B 240 17.29 18.01 20.33
CA ASN B 240 17.63 16.62 20.42
C ASN B 240 16.39 15.74 20.34
N MET B 241 15.33 16.14 21.05
CA MET B 241 14.07 15.42 20.89
C MET B 241 13.64 15.35 19.42
N LEU B 242 13.61 16.48 18.74
CA LEU B 242 13.17 16.45 17.35
C LEU B 242 14.13 15.61 16.47
N MET B 243 15.42 15.67 16.75
CA MET B 243 16.38 14.85 15.99
C MET B 243 16.09 13.37 16.14
N ASP B 244 15.74 12.96 17.37
CA ASP B 244 15.42 11.56 17.65
C ASP B 244 14.22 11.18 16.85
N ILE B 245 13.17 11.98 17.01
CA ILE B 245 11.90 11.69 16.36
C ILE B 245 12.05 11.59 14.84
N LEU B 246 12.78 12.52 14.23
CA LEU B 246 12.98 12.47 12.80
C LEU B 246 13.86 11.28 12.39
N GLU B 247 14.65 10.73 13.30
CA GLU B 247 15.32 9.48 12.95
C GLU B 247 14.43 8.24 13.07
N ALA B 248 13.96 7.95 14.28
CA ALA B 248 13.03 6.86 14.62
C ALA B 248 11.97 7.25 15.67
N PRO B 249 10.76 7.61 15.23
CA PRO B 249 9.64 7.88 16.13
C PRO B 249 9.33 6.77 17.16
N SER B 250 9.03 7.18 18.39
CA SER B 250 8.64 6.30 19.47
C SER B 250 7.60 7.08 20.22
N PRO B 251 6.70 6.41 20.93
CA PRO B 251 5.62 7.12 21.60
C PRO B 251 6.05 8.06 22.71
N SER B 252 7.03 7.65 23.51
CA SER B 252 7.37 8.46 24.67
C SER B 252 8.07 9.76 24.27
N ALA B 253 8.96 9.66 23.29
CA ALA B 253 9.72 10.81 22.82
C ALA B 253 8.77 11.76 22.14
N LEU B 254 7.86 11.20 21.36
CA LEU B 254 6.90 11.97 20.60
C LEU B 254 6.00 12.72 21.55
N GLU B 255 5.49 12.02 22.57
CA GLU B 255 4.65 12.70 23.54
C GLU B 255 5.43 13.76 24.31
N GLU B 256 6.71 13.54 24.55
CA GLU B 256 7.48 14.53 25.29
C GLU B 256 7.74 15.78 24.47
N PHE B 257 8.03 15.61 23.18
CA PHE B 257 8.21 16.75 22.29
C PHE B 257 6.91 17.51 22.04
N LEU B 258 5.84 16.78 21.68
CA LEU B 258 4.53 17.41 21.49
C LEU B 258 4.18 18.19 22.74
N ALA B 259 4.38 17.57 23.88
CA ALA B 259 4.07 18.18 25.16
C ALA B 259 4.70 19.55 25.37
N CYS B 260 5.81 19.82 24.72
CA CYS B 260 6.52 21.06 24.98
C CYS B 260 6.35 22.17 23.96
N ILE B 261 5.54 21.95 22.94
CA ILE B 261 5.49 22.99 21.92
C ILE B 261 4.71 24.16 22.43
N PRO B 262 5.26 25.36 22.28
CA PRO B 262 4.51 26.56 22.69
C PRO B 262 3.31 26.85 21.77
N MET B 263 2.33 25.96 21.80
CA MET B 263 1.06 26.14 21.09
C MET B 263 0.01 26.91 21.88
N ILE B 264 -0.07 26.63 23.19
CA ILE B 264 -1.23 27.05 23.97
C ILE B 264 -0.95 28.26 24.87
N SER B 265 -1.39 29.44 24.43
CA SER B 265 -1.43 30.65 25.26
C SER B 265 -2.82 31.14 25.65
N ARG B 266 -3.88 30.53 25.11
CA ARG B 266 -5.24 31.03 25.31
C ARG B 266 -6.33 29.98 25.55
N LEU B 267 -6.96 29.99 26.72
CA LEU B 267 -8.10 29.09 26.94
C LEU B 267 -9.43 29.84 26.91
N LEU B 268 -10.44 29.15 26.43
CA LEU B 268 -11.80 29.64 26.45
C LEU B 268 -12.57 28.51 27.13
N ILE B 269 -13.14 28.81 28.27
CA ILE B 269 -13.85 27.79 29.04
C ILE B 269 -15.32 28.19 29.09
N LEU B 270 -16.20 27.30 28.69
CA LEU B 270 -17.60 27.67 28.51
C LEU B 270 -18.52 27.08 29.57
N SER B 271 -19.22 27.95 30.30
CA SER B 271 -20.27 27.51 31.21
C SER B 271 -21.45 28.48 31.25
N PRO B 272 -22.33 28.42 30.23
CA PRO B 272 -23.40 29.41 30.12
C PRO B 272 -24.53 29.30 31.16
N HIS B 273 -24.76 28.16 31.80
CA HIS B 273 -25.90 28.13 32.70
C HIS B 273 -25.57 28.47 34.16
N GLY B 274 -26.62 28.59 34.97
CA GLY B 274 -26.51 29.00 36.36
C GLY B 274 -26.13 30.46 36.53
N TYR B 275 -25.86 30.82 37.78
CA TYR B 275 -25.26 32.11 38.12
C TYR B 275 -23.81 31.84 38.44
N PHE B 276 -22.87 32.31 37.63
CA PHE B 276 -21.53 31.77 37.84
C PHE B 276 -20.78 32.41 39.02
N GLY B 277 -20.13 33.54 38.81
CA GLY B 277 -19.66 34.37 39.93
C GLY B 277 -18.60 33.81 40.87
N GLN B 278 -17.84 34.69 41.52
CA GLN B 278 -16.89 34.25 42.54
C GLN B 278 -17.56 34.29 43.90
N ASP B 279 -17.56 33.13 44.56
CA ASP B 279 -18.32 32.82 45.78
C ASP B 279 -19.81 33.17 45.71
N ASN B 280 -20.41 33.45 46.88
CA ASN B 280 -21.82 33.89 47.01
C ASN B 280 -22.89 32.91 46.46
N VAL B 281 -22.45 31.90 45.70
CA VAL B 281 -23.33 31.16 44.78
C VAL B 281 -23.89 29.81 45.24
N LEU B 282 -23.52 29.36 46.42
CA LEU B 282 -23.95 28.03 46.83
C LEU B 282 -25.44 28.02 47.24
N GLY B 283 -26.23 27.23 46.51
CA GLY B 283 -27.66 27.19 46.70
C GLY B 283 -28.53 27.85 45.62
N LEU B 284 -27.96 28.73 44.81
CA LEU B 284 -28.72 29.42 43.75
C LEU B 284 -29.25 28.42 42.71
N PRO B 285 -30.25 28.82 41.90
CA PRO B 285 -30.73 27.86 40.89
C PRO B 285 -29.68 27.57 39.81
N ASP B 286 -29.57 26.30 39.43
CA ASP B 286 -28.64 25.83 38.38
C ASP B 286 -27.16 25.94 38.76
N THR B 287 -26.86 26.63 39.85
CA THR B 287 -25.48 26.80 40.29
C THR B 287 -25.14 25.74 41.35
N GLY B 288 -23.97 25.87 41.99
CA GLY B 288 -23.55 24.88 42.96
C GLY B 288 -22.03 24.81 43.09
N GLY B 289 -21.57 23.62 43.45
CA GLY B 289 -20.15 23.29 43.42
C GLY B 289 -19.74 23.03 41.97
N GLN B 290 -20.73 23.09 41.09
CA GLN B 290 -20.51 23.06 39.65
C GLN B 290 -19.44 24.09 39.21
N VAL B 291 -19.52 25.27 39.81
CA VAL B 291 -18.66 26.40 39.52
C VAL B 291 -17.26 26.19 40.09
N VAL B 292 -17.22 25.54 41.25
CA VAL B 292 -15.99 25.21 41.99
C VAL B 292 -14.92 24.45 41.19
N TYR B 293 -15.34 23.44 40.43
CA TYR B 293 -14.48 22.76 39.46
C TYR B 293 -13.71 23.80 38.67
N ILE B 294 -14.44 24.61 37.90
CA ILE B 294 -13.84 25.67 37.09
C ILE B 294 -12.93 26.60 37.90
N LEU B 295 -13.44 27.11 39.02
CA LEU B 295 -12.72 28.13 39.78
C LEU B 295 -11.43 27.69 40.46
N ASP B 296 -11.37 26.45 40.95
CA ASP B 296 -10.13 25.94 41.56
C ASP B 296 -9.22 25.28 40.51
N GLN B 297 -9.79 24.99 39.34
CA GLN B 297 -9.03 24.47 38.22
C GLN B 297 -8.16 25.54 37.54
N VAL B 298 -8.77 26.69 37.26
CA VAL B 298 -8.09 27.70 36.45
C VAL B 298 -6.82 28.29 37.03
N ARG B 299 -6.65 28.29 38.35
CA ARG B 299 -5.41 28.85 38.89
C ARG B 299 -4.30 27.92 38.47
N ALA B 300 -4.50 26.64 38.77
CA ALA B 300 -3.57 25.58 38.40
C ALA B 300 -3.25 25.64 36.91
N LEU B 301 -4.30 25.69 36.11
CA LEU B 301 -4.20 25.78 34.66
C LEU B 301 -3.33 26.96 34.17
N GLU B 302 -3.66 28.14 34.67
CA GLU B 302 -2.97 29.36 34.30
C GLU B 302 -1.49 29.21 34.60
N LYS B 303 -1.19 28.74 35.80
CA LYS B 303 0.18 28.54 36.23
C LYS B 303 0.93 27.59 35.30
N GLU B 304 0.34 26.43 35.02
CA GLU B 304 1.01 25.46 34.17
C GLU B 304 1.28 26.04 32.79
N MET B 305 0.25 26.62 32.19
CA MET B 305 0.33 27.19 30.85
C MET B 305 1.51 28.16 30.73
N HIS B 306 1.56 29.08 31.70
CA HIS B 306 2.65 30.03 31.82
C HIS B 306 3.99 29.32 31.90
N ASP B 307 4.11 28.36 32.81
CA ASP B 307 5.37 27.62 32.96
C ASP B 307 5.88 27.03 31.65
N ARG B 308 5.05 26.25 30.97
CA ARG B 308 5.46 25.62 29.71
C ARG B 308 5.95 26.68 28.76
N LEU B 309 5.24 27.81 28.71
CA LEU B 309 5.68 28.86 27.79
C LEU B 309 7.04 29.44 28.19
N GLN B 310 7.23 29.59 29.50
CA GLN B 310 8.42 30.22 30.04
C GLN B 310 9.64 29.36 29.71
N LEU B 311 9.46 28.06 29.90
CA LEU B 311 10.53 27.08 29.68
C LEU B 311 11.00 27.07 28.24
N GLN B 312 10.10 27.37 27.32
CA GLN B 312 10.46 27.36 25.91
C GLN B 312 11.01 28.73 25.53
N GLY B 313 11.12 29.59 26.53
CA GLY B 313 11.64 30.93 26.33
C GLY B 313 10.71 31.78 25.47
N VAL B 314 9.40 31.67 25.68
CA VAL B 314 8.48 32.61 25.07
C VAL B 314 7.74 33.37 26.15
N GLN B 315 7.80 34.71 26.05
CA GLN B 315 7.50 35.57 27.18
C GLN B 315 6.05 36.06 27.28
N VAL B 316 5.26 35.80 26.24
CA VAL B 316 3.88 36.26 26.21
C VAL B 316 3.05 35.85 27.42
N GLU B 317 2.10 36.68 27.76
CA GLU B 317 1.29 36.44 28.92
C GLU B 317 0.04 35.69 28.46
N PRO B 318 -0.18 34.50 29.01
CA PRO B 318 -1.33 33.70 28.58
C PRO B 318 -2.63 34.20 29.20
N LYS B 319 -3.75 34.02 28.48
CA LYS B 319 -5.07 34.43 28.96
C LYS B 319 -5.99 33.22 29.12
N ILE B 320 -6.79 33.22 30.19
CA ILE B 320 -7.88 32.27 30.33
C ILE B 320 -9.17 33.07 30.46
N LEU B 321 -10.15 32.75 29.61
CA LEU B 321 -11.47 33.36 29.73
C LEU B 321 -12.51 32.35 30.13
N ILE B 322 -13.16 32.56 31.26
CA ILE B 322 -14.34 31.77 31.57
C ILE B 322 -15.55 32.54 31.08
N VAL B 323 -16.18 32.02 30.03
CA VAL B 323 -17.30 32.68 29.39
C VAL B 323 -18.63 32.09 29.85
N THR B 324 -19.49 32.92 30.42
CA THR B 324 -20.81 32.49 30.83
C THR B 324 -21.82 33.61 30.54
N ARG B 325 -23.06 33.41 30.95
CA ARG B 325 -24.13 34.37 30.62
C ARG B 325 -24.18 35.60 31.50
N LEU B 326 -24.46 36.74 30.87
CA LEU B 326 -24.80 37.96 31.58
C LEU B 326 -26.29 37.96 31.88
N ILE B 327 -26.61 37.99 33.17
CA ILE B 327 -27.96 38.15 33.63
C ILE B 327 -28.05 39.54 34.23
N PRO B 328 -28.76 40.46 33.54
CA PRO B 328 -28.90 41.87 33.93
C PRO B 328 -29.61 41.96 35.26
N ASP B 329 -30.55 41.06 35.53
CA ASP B 329 -31.06 40.94 36.88
C ASP B 329 -29.85 40.61 37.75
N ALA B 330 -29.55 41.48 38.69
CA ALA B 330 -28.43 41.23 39.58
C ALA B 330 -28.80 39.95 40.32
N GLY B 331 -29.97 39.99 40.94
CA GLY B 331 -30.40 38.89 41.78
C GLY B 331 -29.45 38.77 42.95
N ASP B 332 -28.96 39.92 43.43
CA ASP B 332 -28.07 40.01 44.60
C ASP B 332 -26.58 39.72 44.30
N THR B 333 -26.27 39.37 43.06
CA THR B 333 -24.94 38.83 42.69
C THR B 333 -24.08 39.74 41.80
N THR B 334 -22.98 39.18 41.35
CA THR B 334 -22.03 39.85 40.49
C THR B 334 -22.30 39.52 39.02
N CYS B 335 -23.35 38.75 38.79
CA CYS B 335 -23.65 38.14 37.49
C CYS B 335 -23.99 39.12 36.34
N ASN B 336 -24.08 40.40 36.65
CA ASN B 336 -24.30 41.41 35.61
C ASN B 336 -23.00 42.05 35.17
N GLN B 337 -21.91 41.68 35.80
CA GLN B 337 -20.61 42.28 35.49
C GLN B 337 -19.92 41.60 34.28
N ARG B 338 -19.68 42.35 33.22
CA ARG B 338 -19.19 41.76 31.99
C ARG B 338 -17.77 41.16 32.11
N LEU B 339 -16.88 41.85 32.82
CA LEU B 339 -15.53 41.34 32.97
C LEU B 339 -15.06 41.36 34.43
N GLU B 340 -14.92 40.18 35.00
CA GLU B 340 -14.54 40.05 36.41
C GLU B 340 -13.28 39.20 36.53
N LYS B 341 -12.25 39.70 37.20
CA LYS B 341 -10.99 38.97 37.31
C LYS B 341 -11.09 37.90 38.37
N VAL B 342 -10.75 36.66 37.98
CA VAL B 342 -10.74 35.56 38.93
C VAL B 342 -9.57 35.78 39.85
N SER B 343 -9.87 35.85 41.15
CA SER B 343 -8.85 36.16 42.15
C SER B 343 -7.94 34.98 42.38
N GLY B 344 -6.65 35.25 42.55
CA GLY B 344 -5.68 34.18 42.68
C GLY B 344 -4.96 33.94 41.37
N CYS B 345 -5.44 34.56 40.30
CA CYS B 345 -4.87 34.40 38.97
C CYS B 345 -4.38 35.73 38.41
N THR B 346 -3.30 35.65 37.66
CA THR B 346 -2.77 36.81 36.97
C THR B 346 -3.65 37.21 35.81
N ASN B 347 -3.71 36.39 34.75
CA ASN B 347 -4.65 36.69 33.70
C ASN B 347 -5.74 35.63 33.56
N THR B 348 -6.80 35.76 34.33
CA THR B 348 -7.92 34.84 34.19
C THR B 348 -9.17 35.60 34.54
N TRP B 349 -10.16 35.50 33.65
CA TRP B 349 -11.29 36.39 33.64
C TRP B 349 -12.56 35.65 33.36
N ILE B 350 -13.60 36.04 34.06
CA ILE B 350 -14.96 35.72 33.69
C ILE B 350 -15.42 36.82 32.75
N LEU B 351 -15.71 36.44 31.51
CA LEU B 351 -16.31 37.32 30.53
C LEU B 351 -17.76 36.92 30.42
N ARG B 352 -18.66 37.86 30.73
CA ARG B 352 -20.09 37.56 30.68
C ARG B 352 -20.78 38.15 29.46
N VAL B 353 -21.63 37.32 28.87
CA VAL B 353 -22.30 37.73 27.65
C VAL B 353 -23.81 37.53 27.73
N PRO B 354 -24.57 38.53 27.28
CA PRO B 354 -26.03 38.51 27.39
C PRO B 354 -26.61 37.53 26.41
N PHE B 355 -27.75 36.93 26.77
CA PHE B 355 -28.57 36.27 25.77
C PHE B 355 -29.34 37.34 24.99
N ARG B 356 -29.66 37.08 23.72
CA ARG B 356 -30.49 38.01 22.95
C ARG B 356 -31.64 37.26 22.28
N LYS B 357 -32.60 38.02 21.76
CA LYS B 357 -33.71 37.46 21.02
C LYS B 357 -33.27 37.63 19.58
N HIS B 358 -34.13 37.33 18.61
CA HIS B 358 -33.68 37.36 17.20
C HIS B 358 -33.44 38.77 16.67
N ASN B 359 -34.09 39.74 17.30
CA ASN B 359 -33.78 41.14 17.09
C ASN B 359 -32.82 41.65 18.15
N GLY B 360 -32.38 40.75 19.03
CA GLY B 360 -32.03 41.06 20.42
C GLY B 360 -31.17 42.28 20.71
N GLU B 361 -31.61 43.16 21.59
CA GLU B 361 -32.63 42.94 22.63
C GLU B 361 -32.27 41.93 23.71
N ILE B 362 -31.38 42.39 24.58
CA ILE B 362 -30.91 41.61 25.71
C ILE B 362 -32.03 41.08 26.62
N ILE B 363 -32.05 39.78 26.79
CA ILE B 363 -32.92 39.10 27.73
C ILE B 363 -32.40 39.25 29.14
N PRO B 364 -33.15 39.95 30.01
CA PRO B 364 -32.76 40.34 31.37
C PRO B 364 -32.78 39.21 32.41
N HIS B 365 -33.66 38.23 32.23
CA HIS B 365 -34.02 37.31 33.30
C HIS B 365 -33.34 35.95 33.27
N TRP B 366 -33.12 35.40 34.45
CA TRP B 366 -32.63 34.04 34.56
C TRP B 366 -33.47 33.05 33.78
N ILE B 367 -32.80 32.12 33.11
CA ILE B 367 -33.46 31.06 32.37
C ILE B 367 -32.89 29.74 32.87
N SER B 368 -33.75 28.76 33.11
CA SER B 368 -33.31 27.46 33.59
C SER B 368 -32.53 26.73 32.50
N ARG B 369 -31.57 25.91 32.93
CA ARG B 369 -30.81 25.07 32.01
C ARG B 369 -31.73 24.25 31.09
N PHE B 370 -32.79 23.69 31.65
CA PHE B 370 -33.69 22.86 30.88
C PHE B 370 -34.41 23.62 29.75
N GLU B 371 -34.54 24.93 29.93
CA GLU B 371 -35.16 25.78 28.92
C GLU B 371 -34.21 26.61 28.08
N ILE B 372 -32.91 26.44 28.29
CA ILE B 372 -31.90 27.35 27.73
C ILE B 372 -31.56 27.09 26.26
N TRP B 373 -32.06 26.00 25.70
CA TRP B 373 -31.71 25.60 24.34
C TRP B 373 -31.87 26.65 23.23
N PRO B 374 -33.05 27.22 23.07
CA PRO B 374 -33.19 28.12 21.92
C PRO B 374 -32.27 29.34 21.85
N HIS B 375 -31.61 29.70 22.94
CA HIS B 375 -30.81 30.92 22.92
C HIS B 375 -29.37 30.67 22.50
N LEU B 376 -28.98 29.40 22.54
CA LEU B 376 -27.56 29.02 22.51
C LEU B 376 -26.84 29.34 21.20
N GLU B 377 -27.46 29.17 20.05
CA GLU B 377 -26.79 29.52 18.79
C GLU B 377 -26.48 31.03 18.67
N ILE B 378 -27.48 31.85 18.99
CA ILE B 378 -27.32 33.30 19.08
C ILE B 378 -26.17 33.62 20.04
N PHE B 379 -26.21 32.92 21.17
CA PHE B 379 -25.25 33.11 22.24
C PHE B 379 -23.86 32.83 21.73
N ALA B 380 -23.73 31.72 21.01
CA ALA B 380 -22.47 31.26 20.47
C ALA B 380 -21.86 32.29 19.53
N GLY B 381 -22.68 32.84 18.64
CA GLY B 381 -22.19 33.90 17.77
C GLY B 381 -21.68 35.11 18.55
N ASP B 382 -22.44 35.46 19.59
CA ASP B 382 -22.09 36.62 20.40
C ASP B 382 -20.80 36.39 21.21
N VAL B 383 -20.72 35.24 21.86
CA VAL B 383 -19.51 34.78 22.54
C VAL B 383 -18.31 34.80 21.62
N GLU B 384 -18.48 34.24 20.42
CA GLU B 384 -17.39 34.20 19.46
C GLU B 384 -16.82 35.59 19.18
N ARG B 385 -17.71 36.56 18.96
CA ARG B 385 -17.25 37.92 18.68
C ARG B 385 -16.53 38.53 19.90
N GLU B 386 -17.22 38.51 21.03
CA GLU B 386 -16.73 39.18 22.23
C GLU B 386 -15.41 38.59 22.67
N ALA B 387 -15.35 37.26 22.69
CA ALA B 387 -14.18 36.52 23.16
C ALA B 387 -13.01 36.71 22.21
N LEU B 388 -13.25 36.56 20.91
CA LEU B 388 -12.18 36.83 19.96
C LEU B 388 -11.57 38.21 20.23
N ALA B 389 -12.42 39.17 20.58
CA ALA B 389 -11.97 40.51 20.95
C ALA B 389 -11.13 40.54 22.22
N GLU B 390 -11.58 39.83 23.25
CA GLU B 390 -10.93 39.86 24.56
C GLU B 390 -9.61 39.12 24.63
N LEU B 391 -9.54 37.96 24.00
CA LEU B 391 -8.26 37.31 23.70
C LEU B 391 -7.69 38.09 22.55
N GLY B 392 -6.39 37.98 22.31
CA GLY B 392 -5.88 38.66 21.14
C GLY B 392 -6.49 38.20 19.82
N GLY B 393 -7.17 37.06 19.85
CA GLY B 393 -7.49 36.29 18.65
C GLY B 393 -8.05 34.93 19.02
N HIS B 394 -7.88 33.95 18.15
CA HIS B 394 -8.39 32.60 18.40
C HIS B 394 -7.85 31.98 19.69
N PRO B 395 -8.71 31.32 20.45
CA PRO B 395 -8.19 30.57 21.60
C PRO B 395 -7.44 29.33 21.08
N ASP B 396 -6.54 28.79 21.88
CA ASP B 396 -5.77 27.60 21.48
C ASP B 396 -6.49 26.28 21.78
N LEU B 397 -7.32 26.31 22.83
CA LEU B 397 -8.18 25.22 23.22
C LEU B 397 -9.53 25.82 23.66
N ILE B 398 -10.63 25.08 23.48
CA ILE B 398 -11.93 25.50 23.98
C ILE B 398 -12.49 24.39 24.85
N ILE B 399 -12.81 24.68 26.10
CA ILE B 399 -13.39 23.66 26.97
C ILE B 399 -14.86 23.95 27.23
N GLY B 400 -15.71 22.97 26.93
CA GLY B 400 -17.10 23.05 27.26
C GLY B 400 -17.42 22.39 28.59
N ASN B 401 -18.46 22.90 29.27
CA ASN B 401 -18.97 22.23 30.46
C ASN B 401 -20.50 22.01 30.39
N TYR B 402 -20.95 20.89 30.93
CA TYR B 402 -22.31 20.37 30.84
C TYR B 402 -22.83 20.31 29.41
N SER B 403 -24.14 20.27 29.22
CA SER B 403 -24.66 19.95 27.91
C SER B 403 -24.67 21.20 27.06
N ASP B 404 -25.07 22.28 27.68
CA ASP B 404 -25.11 23.57 27.03
C ASP B 404 -23.71 24.01 26.66
N GLY B 405 -22.81 24.01 27.63
CA GLY B 405 -21.43 24.35 27.36
C GLY B 405 -20.84 23.55 26.22
N ASN B 406 -21.08 22.24 26.23
CA ASN B 406 -20.57 21.37 25.18
C ASN B 406 -21.16 21.61 23.79
N LEU B 407 -22.45 21.90 23.71
CA LEU B 407 -23.05 22.24 22.41
C LEU B 407 -22.45 23.55 21.90
N VAL B 408 -22.27 24.51 22.80
CA VAL B 408 -21.70 25.80 22.39
C VAL B 408 -20.29 25.57 21.88
N ALA B 409 -19.52 24.79 22.63
CA ALA B 409 -18.15 24.53 22.26
C ALA B 409 -18.11 23.83 20.91
N THR B 410 -19.08 22.95 20.66
CA THR B 410 -19.18 22.30 19.36
C THR B 410 -19.28 23.35 18.26
N LEU B 411 -20.28 24.22 18.37
CA LEU B 411 -20.47 25.30 17.41
C LEU B 411 -19.23 26.20 17.24
N LEU B 412 -18.75 26.73 18.35
CA LEU B 412 -17.60 27.63 18.43
C LEU B 412 -16.35 27.02 17.84
N SER B 413 -16.12 25.75 18.11
CA SER B 413 -14.87 25.14 17.70
C SER B 413 -14.93 24.88 16.20
N ARG B 414 -16.10 24.46 15.67
CA ARG B 414 -16.22 24.29 14.21
C ARG B 414 -16.04 25.60 13.46
N ARG B 415 -16.53 26.68 14.04
CA ARG B 415 -16.35 27.98 13.40
C ARG B 415 -14.88 28.38 13.43
N LEU B 416 -14.25 28.28 14.59
CA LEU B 416 -12.90 28.81 14.72
C LEU B 416 -11.77 27.86 14.29
N GLY B 417 -12.06 26.57 14.20
CA GLY B 417 -11.02 25.57 13.96
C GLY B 417 -10.08 25.43 15.13
N VAL B 418 -10.65 25.23 16.31
CA VAL B 418 -9.89 25.09 17.55
C VAL B 418 -10.14 23.73 18.19
N THR B 419 -9.12 23.14 18.82
CA THR B 419 -9.27 21.90 19.57
C THR B 419 -10.37 22.01 20.64
N GLN B 420 -11.22 21.00 20.73
CA GLN B 420 -12.39 21.04 21.58
C GLN B 420 -12.27 19.98 22.66
N CYS B 421 -12.32 20.42 23.90
CA CYS B 421 -12.43 19.50 25.02
C CYS B 421 -13.83 19.55 25.62
N ASN B 422 -14.43 18.40 25.93
CA ASN B 422 -15.76 18.35 26.55
C ASN B 422 -15.72 17.77 27.96
N ILE B 423 -16.30 18.50 28.89
CA ILE B 423 -16.56 17.96 30.22
C ILE B 423 -18.05 18.01 30.50
N ALA B 424 -18.71 16.87 30.51
CA ALA B 424 -20.15 16.84 30.74
C ALA B 424 -20.48 16.98 32.22
N HIS B 425 -19.61 16.45 33.07
CA HIS B 425 -19.76 16.42 34.51
C HIS B 425 -20.84 15.43 34.92
N ALA B 426 -21.77 15.17 34.02
CA ALA B 426 -22.87 14.22 34.18
C ALA B 426 -23.73 14.24 32.93
N LEU B 427 -24.37 13.11 32.65
CA LEU B 427 -25.12 12.99 31.43
C LEU B 427 -26.39 12.35 31.89
N GLU B 428 -27.50 13.05 31.75
CA GLU B 428 -28.67 12.67 32.52
C GLU B 428 -29.49 11.52 31.94
N LYS B 429 -29.13 11.05 30.76
CA LYS B 429 -29.93 10.00 30.12
C LYS B 429 -30.06 8.74 30.97
N THR B 430 -29.03 8.42 31.75
CA THR B 430 -29.12 7.28 32.67
C THR B 430 -29.77 7.63 34.00
N LYS B 431 -29.75 8.92 34.34
CA LYS B 431 -30.25 9.42 35.63
C LYS B 431 -31.78 9.30 35.75
N TYR B 432 -32.46 9.57 34.65
CA TYR B 432 -33.91 9.47 34.58
C TYR B 432 -34.27 8.23 33.78
N LEU B 433 -34.86 7.24 34.43
CA LEU B 433 -35.27 6.01 33.75
C LEU B 433 -36.13 6.27 32.50
N HIS B 434 -35.80 5.57 31.41
CA HIS B 434 -36.58 5.56 30.17
C HIS B 434 -36.86 6.93 29.57
N SER B 435 -36.07 7.93 29.92
CA SER B 435 -36.32 9.31 29.51
C SER B 435 -36.08 9.53 28.03
N ASP B 436 -35.61 8.50 27.35
CA ASP B 436 -35.43 8.56 25.92
C ASP B 436 -36.68 8.04 25.22
N ILE B 437 -37.02 6.78 25.49
CA ILE B 437 -38.19 6.14 24.90
C ILE B 437 -39.47 6.89 25.30
N TYR B 438 -39.47 7.42 26.52
CA TYR B 438 -40.57 8.22 27.09
C TYR B 438 -40.37 9.73 26.98
N TRP B 439 -39.41 10.16 26.17
CA TRP B 439 -39.04 11.57 26.09
C TRP B 439 -40.24 12.50 25.88
N GLN B 440 -41.31 11.96 25.29
CA GLN B 440 -42.48 12.76 24.93
C GLN B 440 -43.19 13.28 26.18
N GLU B 441 -43.32 12.40 27.17
CA GLU B 441 -43.84 12.72 28.49
C GLU B 441 -43.11 13.92 29.07
N ASN B 442 -41.80 13.78 29.16
CA ASN B 442 -40.94 14.67 29.94
C ASN B 442 -40.57 15.98 29.24
N GLU B 443 -41.09 16.20 28.03
CA GLU B 443 -40.65 17.36 27.28
C GLU B 443 -40.96 18.67 28.00
N ASP B 444 -42.18 18.77 28.54
CA ASP B 444 -42.67 20.03 29.12
C ASP B 444 -41.77 20.53 30.24
N LYS B 445 -41.34 19.60 31.07
CA LYS B 445 -40.47 19.96 32.17
C LYS B 445 -39.05 20.04 31.70
N TYR B 446 -38.52 18.89 31.29
CA TYR B 446 -37.09 18.66 31.07
C TYR B 446 -36.48 19.04 29.71
N HIS B 447 -37.24 18.85 28.63
CA HIS B 447 -36.76 19.12 27.27
C HIS B 447 -35.60 18.21 26.82
N PHE B 448 -35.68 16.95 27.18
CA PHE B 448 -34.66 15.99 26.81
C PHE B 448 -34.47 15.81 25.28
N SER B 449 -35.47 16.15 24.48
CA SER B 449 -35.36 15.99 23.04
C SER B 449 -34.21 16.85 22.55
N CYS B 450 -34.09 18.04 23.14
CA CYS B 450 -32.99 18.94 22.82
C CYS B 450 -31.69 18.47 23.45
N GLN B 451 -31.74 18.08 24.73
CA GLN B 451 -30.54 17.78 25.50
C GLN B 451 -29.82 16.62 24.89
N TYR B 452 -30.50 15.50 24.76
CA TYR B 452 -29.87 14.27 24.26
C TYR B 452 -29.34 14.44 22.83
N THR B 453 -29.99 15.31 22.07
CA THR B 453 -29.56 15.57 20.71
C THR B 453 -28.25 16.32 20.80
N ALA B 454 -28.21 17.35 21.63
CA ALA B 454 -26.99 18.15 21.77
C ALA B 454 -25.88 17.27 22.35
N ASP B 455 -26.25 16.34 23.22
CA ASP B 455 -25.31 15.40 23.81
C ASP B 455 -24.63 14.56 22.74
N LEU B 456 -25.41 13.93 21.88
CA LEU B 456 -24.88 13.14 20.77
C LEU B 456 -23.97 13.97 19.86
N LEU B 457 -24.48 15.12 19.46
CA LEU B 457 -23.73 16.08 18.68
C LEU B 457 -22.36 16.36 19.28
N ALA B 458 -22.35 16.71 20.56
CA ALA B 458 -21.14 17.18 21.19
C ALA B 458 -20.12 16.05 21.43
N MET B 459 -20.58 14.90 21.94
CA MET B 459 -19.72 13.72 22.12
C MET B 459 -19.02 13.38 20.82
N ASN B 460 -19.77 13.42 19.72
CA ASN B 460 -19.14 13.13 18.44
C ASN B 460 -18.24 14.24 17.91
N SER B 461 -18.47 15.48 18.32
CA SER B 461 -17.69 16.58 17.78
C SER B 461 -16.34 16.78 18.42
N ALA B 462 -16.23 16.46 19.70
CA ALA B 462 -15.04 16.82 20.49
C ALA B 462 -13.80 16.08 20.07
N ASP B 463 -12.68 16.77 20.22
CA ASP B 463 -11.39 16.18 19.90
C ASP B 463 -10.94 15.27 21.03
N PHE B 464 -11.13 15.71 22.28
CA PHE B 464 -11.05 14.81 23.43
C PHE B 464 -12.11 15.08 24.49
N ILE B 465 -12.47 14.05 25.25
CA ILE B 465 -13.42 14.17 26.33
C ILE B 465 -12.76 13.85 27.67
N VAL B 466 -12.78 14.81 28.58
CA VAL B 466 -12.29 14.56 29.92
C VAL B 466 -13.45 14.18 30.83
N THR B 467 -13.26 13.09 31.59
CA THR B 467 -14.19 12.64 32.62
C THR B 467 -13.43 12.51 33.93
N SER B 468 -14.12 12.44 35.06
CA SER B 468 -13.43 12.33 36.36
C SER B 468 -13.23 10.90 36.88
N THR B 469 -13.93 9.94 36.27
CA THR B 469 -13.80 8.54 36.67
C THR B 469 -14.02 7.66 35.47
N TYR B 470 -13.59 6.41 35.61
CA TYR B 470 -13.81 5.42 34.58
C TYR B 470 -15.30 5.17 34.42
N GLN B 471 -16.03 4.97 35.53
CA GLN B 471 -17.42 4.57 35.38
C GLN B 471 -18.29 5.63 34.70
N GLU B 472 -17.84 6.87 34.71
CA GLU B 472 -18.58 7.91 34.04
C GLU B 472 -18.64 7.57 32.54
N ILE B 473 -17.60 6.88 32.05
CA ILE B 473 -17.58 6.46 30.66
C ILE B 473 -18.26 5.12 30.52
N ALA B 474 -17.60 4.06 30.98
CA ALA B 474 -18.07 2.68 30.78
C ALA B 474 -18.75 1.94 31.96
N GLY B 475 -18.90 2.62 33.10
CA GLY B 475 -19.58 2.01 34.23
C GLY B 475 -18.90 0.83 34.91
N THR B 476 -19.67 -0.24 35.15
CA THR B 476 -19.18 -1.37 35.91
C THR B 476 -19.71 -2.67 35.31
N ARG B 477 -19.36 -3.81 35.90
CA ARG B 477 -19.87 -5.09 35.41
C ARG B 477 -21.40 -5.10 35.46
N GLU B 478 -21.94 -4.38 36.43
CA GLU B 478 -23.38 -4.25 36.63
C GLU B 478 -23.93 -3.08 35.85
N ALA B 479 -23.43 -1.89 36.18
CA ALA B 479 -23.94 -0.64 35.61
C ALA B 479 -23.37 -0.31 34.22
N GLU B 480 -24.24 0.12 33.31
CA GLU B 480 -23.78 0.79 32.10
C GLU B 480 -23.33 2.21 32.48
N GLY B 481 -22.47 2.81 31.68
CA GLY B 481 -21.95 4.12 32.04
C GLY B 481 -22.76 5.28 31.52
N GLN B 482 -22.46 6.47 32.00
CA GLN B 482 -23.17 7.63 31.52
C GLN B 482 -23.03 7.81 30.00
N TYR B 483 -21.85 7.62 29.45
CA TYR B 483 -21.71 7.78 28.02
C TYR B 483 -22.24 6.56 27.28
N GLU B 484 -21.98 5.39 27.84
CA GLU B 484 -22.38 4.14 27.22
C GLU B 484 -23.85 4.16 26.76
N SER B 485 -24.72 4.72 27.60
CA SER B 485 -26.16 4.74 27.34
C SER B 485 -26.54 5.45 26.04
N TYR B 486 -25.65 6.32 25.54
CA TYR B 486 -25.86 6.96 24.25
C TYR B 486 -25.37 6.13 23.10
N GLN B 487 -24.85 4.93 23.36
CA GLN B 487 -24.29 4.13 22.29
C GLN B 487 -25.37 3.76 21.26
N ALA B 488 -26.48 3.18 21.71
CA ALA B 488 -27.69 3.08 20.87
C ALA B 488 -28.90 3.43 21.71
N PHE B 489 -29.82 4.20 21.12
CA PHE B 489 -31.10 4.49 21.75
C PHE B 489 -32.16 4.95 20.77
N SER B 490 -33.42 4.88 21.20
CA SER B 490 -34.53 5.32 20.36
C SER B 490 -35.19 6.56 20.91
N MET B 491 -35.67 7.39 20.01
CA MET B 491 -36.28 8.64 20.42
C MET B 491 -37.48 8.84 19.54
N PRO B 492 -38.60 8.19 19.90
CA PRO B 492 -39.79 8.00 19.07
C PRO B 492 -40.30 9.29 18.47
N ASP B 493 -40.64 9.21 17.19
CA ASP B 493 -41.07 10.36 16.41
C ASP B 493 -39.97 11.38 16.13
N LEU B 494 -38.77 11.13 16.63
CA LEU B 494 -37.61 11.88 16.16
C LEU B 494 -36.68 11.02 15.31
N TYR B 495 -35.92 10.15 15.98
CA TYR B 495 -34.90 9.35 15.32
C TYR B 495 -34.48 8.13 16.15
N ARG B 496 -33.62 7.28 15.58
CA ARG B 496 -32.98 6.21 16.32
C ARG B 496 -31.50 6.43 16.18
N VAL B 497 -30.73 6.19 17.24
CA VAL B 497 -29.29 6.22 17.10
C VAL B 497 -28.70 4.84 17.26
N ILE B 498 -27.83 4.46 16.33
CA ILE B 498 -26.89 3.38 16.66
C ILE B 498 -25.46 3.88 16.44
N HIS B 499 -24.52 3.29 17.18
CA HIS B 499 -23.13 3.74 17.14
C HIS B 499 -22.97 5.16 17.64
N GLY B 500 -23.78 5.50 18.63
CA GLY B 500 -23.84 6.87 19.12
C GLY B 500 -22.49 7.36 19.56
N ILE B 501 -21.74 6.50 20.21
CA ILE B 501 -20.42 6.86 20.65
C ILE B 501 -19.66 5.55 20.65
N ASP B 502 -18.33 5.65 20.50
CA ASP B 502 -17.46 4.49 20.58
C ASP B 502 -16.72 4.67 21.86
N LEU B 503 -16.85 3.71 22.78
CA LEU B 503 -16.24 3.87 24.09
C LEU B 503 -14.73 3.63 23.99
N PHE B 504 -14.34 2.92 22.94
CA PHE B 504 -12.96 2.61 22.67
C PHE B 504 -12.25 3.66 21.81
N ASP B 505 -12.96 4.74 21.51
CA ASP B 505 -12.33 5.84 20.82
C ASP B 505 -11.34 6.41 21.78
N PRO B 506 -10.13 6.73 21.30
CA PRO B 506 -9.03 7.34 22.04
C PRO B 506 -9.36 8.70 22.58
N LYS B 507 -10.47 9.31 22.16
CA LYS B 507 -10.81 10.65 22.63
C LYS B 507 -11.10 10.71 24.14
N PHE B 508 -11.53 9.59 24.72
CA PHE B 508 -11.86 9.52 26.15
C PHE B 508 -10.64 9.48 27.03
N ASN B 509 -10.49 10.44 27.93
CA ASN B 509 -9.38 10.41 28.87
C ASN B 509 -9.86 10.71 30.25
N ILE B 510 -9.57 9.84 31.22
CA ILE B 510 -9.92 10.16 32.60
C ILE B 510 -8.88 11.08 33.22
N VAL B 511 -9.28 12.29 33.57
CA VAL B 511 -8.40 13.25 34.20
C VAL B 511 -9.12 13.75 35.45
N SER B 512 -8.60 13.34 36.60
CA SER B 512 -9.32 13.53 37.86
C SER B 512 -8.74 14.71 38.62
N PRO B 513 -9.63 15.58 39.08
CA PRO B 513 -9.41 16.85 39.77
C PRO B 513 -9.09 16.60 41.24
N GLY B 514 -9.04 17.65 42.07
CA GLY B 514 -9.08 17.42 43.49
C GLY B 514 -9.08 18.64 44.38
N ALA B 515 -8.77 18.40 45.65
CA ALA B 515 -7.97 19.31 46.45
C ALA B 515 -8.41 20.77 46.53
N ASN B 516 -7.44 21.66 46.28
CA ASN B 516 -7.42 23.01 46.87
C ASN B 516 -7.39 22.84 48.39
N ALA B 517 -6.28 22.42 49.03
CA ALA B 517 -4.83 22.53 48.73
C ALA B 517 -4.17 23.84 49.14
N ASP B 518 -4.97 24.89 49.32
CA ASP B 518 -4.57 25.94 50.24
C ASP B 518 -5.35 25.73 51.52
N ILE B 519 -6.26 24.76 51.47
CA ILE B 519 -7.30 24.57 52.47
C ILE B 519 -7.24 23.17 53.04
N TYR B 520 -7.41 22.18 52.16
CA TYR B 520 -7.25 20.80 52.57
C TYR B 520 -5.82 20.35 52.28
N PHE B 521 -5.03 20.17 53.35
CA PHE B 521 -3.64 19.74 53.24
C PHE B 521 -3.31 18.87 54.45
N PRO B 522 -2.24 18.06 54.38
CA PRO B 522 -1.92 17.13 55.48
C PRO B 522 -1.85 17.77 56.87
N TYR B 523 -2.42 17.07 57.86
CA TYR B 523 -2.36 17.49 59.26
C TYR B 523 -0.92 17.72 59.69
N SER B 524 -0.01 17.03 59.04
CA SER B 524 1.38 17.20 59.36
C SER B 524 2.01 18.11 58.31
N ASP B 525 2.19 19.37 58.71
CA ASP B 525 2.88 20.35 57.89
C ASP B 525 3.74 21.21 58.82
N PRO B 526 4.98 21.51 58.40
CA PRO B 526 5.93 22.32 59.18
C PRO B 526 5.43 23.75 59.42
N ASN B 527 4.43 24.14 58.62
CA ASN B 527 3.89 25.48 58.62
C ASN B 527 2.41 25.40 58.31
N ARG B 528 1.82 26.53 57.93
CA ARG B 528 0.57 26.55 57.16
C ARG B 528 -0.69 26.26 57.95
N ARG B 529 -0.56 25.69 59.15
CA ARG B 529 -1.74 25.30 59.93
C ARG B 529 -2.48 26.51 60.54
N LEU B 530 -3.75 26.33 60.91
CA LEU B 530 -4.49 27.44 61.48
C LEU B 530 -4.77 27.19 62.94
N HIS B 531 -4.00 27.83 63.82
CA HIS B 531 -4.14 27.60 65.24
C HIS B 531 -5.09 28.60 65.86
N SER B 532 -5.38 29.66 65.10
CA SER B 532 -6.32 30.68 65.53
C SER B 532 -7.67 30.00 65.68
N LEU B 533 -7.87 29.02 64.83
CA LEU B 533 -9.11 28.26 64.82
C LEU B 533 -9.10 27.20 65.92
N ILE B 534 -7.91 26.77 66.32
CA ILE B 534 -7.76 25.61 67.22
C ILE B 534 -8.60 25.64 68.53
N PRO B 535 -8.66 26.80 69.22
CA PRO B 535 -9.61 26.79 70.35
C PRO B 535 -11.07 26.68 69.88
N GLU B 536 -11.43 27.40 68.83
CA GLU B 536 -12.78 27.38 68.26
C GLU B 536 -13.17 25.95 67.89
N ILE B 537 -12.20 25.19 67.38
CA ILE B 537 -12.45 23.81 66.99
C ILE B 537 -13.00 23.00 68.16
N GLU B 538 -12.15 22.86 69.19
CA GLU B 538 -12.47 22.04 70.36
C GLU B 538 -13.85 22.39 70.91
N SER B 539 -14.11 23.68 71.03
CA SER B 539 -15.38 24.16 71.58
C SER B 539 -16.59 23.88 70.70
N LEU B 540 -16.37 23.40 69.48
CA LEU B 540 -17.50 23.01 68.63
C LEU B 540 -17.99 21.61 68.95
N ILE B 541 -17.04 20.70 69.16
CA ILE B 541 -17.35 19.30 69.49
C ILE B 541 -17.76 19.13 70.94
N PHE B 542 -16.97 19.75 71.82
CA PHE B 542 -16.98 19.52 73.27
C PHE B 542 -18.03 20.28 74.10
N ASP B 543 -18.26 21.57 73.78
CA ASP B 543 -19.31 22.35 74.44
C ASP B 543 -20.67 21.83 73.97
N ASP B 544 -21.76 22.46 74.38
CA ASP B 544 -23.07 21.88 74.09
C ASP B 544 -24.28 22.81 74.21
N ALA B 545 -25.45 22.19 74.13
CA ALA B 545 -26.72 22.79 74.55
C ALA B 545 -27.18 24.05 73.80
N THR B 546 -27.48 25.10 74.57
CA THR B 546 -28.14 26.29 74.07
C THR B 546 -27.20 27.47 73.72
N ASN B 547 -25.91 27.31 73.96
CA ASN B 547 -24.93 28.38 73.68
C ASN B 547 -24.53 28.44 72.20
N LEU B 548 -24.96 27.45 71.44
CA LEU B 548 -24.65 27.29 70.01
C LEU B 548 -25.43 26.06 69.53
N PRO B 549 -25.41 25.76 68.21
CA PRO B 549 -26.15 24.58 67.73
C PRO B 549 -25.88 23.26 68.48
N ALA B 550 -26.94 22.46 68.59
CA ALA B 550 -27.03 21.35 69.52
C ALA B 550 -27.35 20.09 68.68
N ARG B 551 -27.49 18.89 69.26
CA ARG B 551 -27.26 18.60 70.67
C ARG B 551 -26.37 17.38 70.85
N GLY B 552 -25.08 17.59 71.13
CA GLY B 552 -24.26 16.48 71.58
C GLY B 552 -23.94 16.18 73.03
N TYR B 553 -23.26 17.15 73.64
CA TYR B 553 -22.47 16.94 74.87
C TYR B 553 -21.69 15.61 75.06
N LEU B 554 -20.61 15.41 74.30
CA LEU B 554 -19.82 14.16 74.39
C LEU B 554 -19.24 13.81 75.77
N GLN B 555 -18.28 14.62 76.25
CA GLN B 555 -17.57 14.36 77.50
C GLN B 555 -16.83 12.99 77.53
N ASP B 556 -15.99 12.77 76.53
CA ASP B 556 -15.09 11.61 76.48
C ASP B 556 -13.71 12.02 75.92
N PRO B 557 -12.82 12.52 76.78
CA PRO B 557 -11.67 13.35 76.40
C PRO B 557 -10.72 12.75 75.37
N ASP B 558 -10.26 11.52 75.58
CA ASP B 558 -9.32 10.91 74.62
C ASP B 558 -9.96 9.93 73.63
N LYS B 559 -11.28 9.80 73.68
CA LYS B 559 -11.98 8.87 72.79
C LYS B 559 -11.78 9.18 71.30
N PRO B 560 -11.51 8.14 70.50
CA PRO B 560 -11.42 8.23 69.03
C PRO B 560 -12.65 8.91 68.42
N LEU B 561 -12.45 9.61 67.31
CA LEU B 561 -13.53 10.35 66.64
C LEU B 561 -13.98 9.71 65.34
N ILE B 562 -15.30 9.67 65.10
CA ILE B 562 -15.87 9.23 63.83
C ILE B 562 -16.59 10.38 63.15
N PHE B 563 -16.02 10.92 62.07
CA PHE B 563 -16.48 12.20 61.50
C PHE B 563 -17.30 12.04 60.21
N THR B 564 -18.49 12.62 60.18
CA THR B 564 -19.22 12.82 58.92
C THR B 564 -19.65 14.28 58.72
N MET B 565 -19.49 14.77 57.49
CA MET B 565 -19.94 16.11 57.12
C MET B 565 -20.59 16.11 55.74
N ALA B 566 -21.86 16.48 55.65
CA ALA B 566 -22.61 16.38 54.39
C ALA B 566 -23.92 17.19 54.33
N ARG B 567 -24.68 16.98 53.25
CA ARG B 567 -26.06 17.41 53.23
C ARG B 567 -26.86 16.39 54.03
N LEU B 568 -28.00 16.84 54.53
CA LEU B 568 -28.81 15.99 55.37
C LEU B 568 -29.72 15.10 54.53
N ASP B 569 -29.66 15.23 53.21
CA ASP B 569 -30.66 14.59 52.38
C ASP B 569 -30.56 13.06 52.27
N ARG B 570 -31.51 12.49 51.53
CA ARG B 570 -31.75 11.05 51.59
C ARG B 570 -30.54 10.22 51.16
N ILE B 571 -29.95 10.59 50.04
CA ILE B 571 -28.88 9.81 49.43
C ILE B 571 -27.49 10.00 50.07
N LYS B 572 -27.22 11.19 50.57
CA LYS B 572 -25.99 11.41 51.34
C LYS B 572 -25.94 10.46 52.54
N ASN B 573 -27.12 10.14 53.08
CA ASN B 573 -27.38 9.06 54.05
C ASN B 573 -26.62 9.12 55.39
N ILE B 574 -26.88 10.17 56.17
CA ILE B 574 -26.34 10.28 57.52
C ILE B 574 -27.14 9.37 58.46
N THR B 575 -28.43 9.28 58.17
CA THR B 575 -29.36 8.37 58.86
C THR B 575 -28.80 6.94 58.92
N GLY B 576 -28.31 6.44 57.78
CA GLY B 576 -27.73 5.11 57.74
C GLY B 576 -26.54 4.96 58.66
N LEU B 577 -25.72 6.00 58.75
CA LEU B 577 -24.53 5.95 59.60
C LEU B 577 -24.88 5.95 61.08
N VAL B 578 -25.71 6.89 61.51
CA VAL B 578 -26.12 6.92 62.91
C VAL B 578 -26.86 5.63 63.30
N GLU B 579 -27.75 5.18 62.42
CA GLU B 579 -28.46 3.91 62.63
C GLU B 579 -27.50 2.75 62.87
N LEU B 580 -26.52 2.59 61.98
CA LEU B 580 -25.56 1.49 62.13
C LEU B 580 -24.62 1.71 63.31
N TYR B 581 -24.55 2.95 63.79
CA TYR B 581 -23.77 3.29 64.99
C TYR B 581 -24.48 2.87 66.27
N ALA B 582 -25.75 3.24 66.38
CA ALA B 582 -26.56 2.86 67.51
C ALA B 582 -26.63 1.34 67.57
N ALA B 583 -26.96 0.73 66.44
CA ALA B 583 -27.14 -0.71 66.37
C ALA B 583 -25.95 -1.56 66.88
N SER B 584 -24.75 -1.00 66.87
CA SER B 584 -23.58 -1.76 67.33
C SER B 584 -22.88 -1.19 68.56
N PRO B 585 -22.95 -1.92 69.68
CA PRO B 585 -22.42 -1.57 71.01
C PRO B 585 -20.89 -1.43 71.06
N ARG B 586 -20.17 -2.35 70.43
CA ARG B 586 -18.70 -2.30 70.43
C ARG B 586 -18.19 -1.02 69.76
N LEU B 587 -18.79 -0.67 68.62
CA LEU B 587 -18.46 0.57 67.92
C LEU B 587 -18.77 1.74 68.85
N ARG B 588 -19.89 1.62 69.56
CA ARG B 588 -20.28 2.63 70.54
C ARG B 588 -19.19 2.83 71.59
N SER B 589 -18.56 1.74 72.01
CA SER B 589 -17.55 1.80 73.07
C SER B 589 -16.19 2.30 72.57
N LEU B 590 -15.88 2.02 71.30
CA LEU B 590 -14.57 2.37 70.76
C LEU B 590 -14.38 3.85 70.33
N ALA B 591 -15.47 4.51 69.90
CA ALA B 591 -15.36 5.89 69.45
C ALA B 591 -16.63 6.73 69.62
N ASN B 592 -16.55 8.01 69.25
CA ASN B 592 -17.68 8.94 69.32
C ASN B 592 -18.01 9.59 67.98
N LEU B 593 -19.29 9.60 67.62
CA LEU B 593 -19.71 10.03 66.29
C LEU B 593 -20.05 11.53 66.18
N VAL B 594 -19.23 12.29 65.46
CA VAL B 594 -19.47 13.72 65.26
C VAL B 594 -20.03 14.02 63.86
N ILE B 595 -21.02 14.89 63.81
CA ILE B 595 -21.76 15.11 62.56
C ILE B 595 -21.99 16.59 62.26
N VAL B 596 -21.74 16.99 61.01
CA VAL B 596 -21.96 18.37 60.59
C VAL B 596 -22.81 18.44 59.34
N GLY B 597 -24.02 18.97 59.45
CA GLY B 597 -24.96 19.02 58.33
C GLY B 597 -26.41 19.13 58.77
N GLY B 598 -27.30 19.36 57.80
CA GLY B 598 -28.64 19.82 58.12
C GLY B 598 -28.49 21.23 58.68
N LYS B 599 -29.61 21.87 59.01
CA LYS B 599 -29.53 23.15 59.70
C LYS B 599 -29.72 22.96 61.21
N ILE B 600 -29.84 21.70 61.62
CA ILE B 600 -30.68 21.27 62.74
C ILE B 600 -30.00 20.95 64.11
N ASP B 601 -30.51 21.48 65.24
CA ASP B 601 -31.44 22.63 65.33
C ASP B 601 -32.93 22.40 64.95
N PRO B 602 -33.82 23.40 65.16
CA PRO B 602 -35.21 23.15 64.75
C PRO B 602 -35.45 22.66 63.31
N GLN B 603 -36.37 21.71 63.16
CA GLN B 603 -36.94 21.38 61.85
C GLN B 603 -37.58 22.68 61.36
N HIS B 604 -37.80 22.81 60.05
CA HIS B 604 -38.08 24.11 59.42
C HIS B 604 -39.17 24.93 60.13
N SER B 605 -38.89 26.18 60.50
CA SER B 605 -37.66 26.93 60.12
C SER B 605 -36.27 26.40 60.55
N SER B 606 -35.41 26.26 59.55
CA SER B 606 -35.76 26.63 58.17
C SER B 606 -35.47 25.52 57.15
N ASP B 607 -35.57 25.87 55.86
CA ASP B 607 -35.21 24.96 54.75
C ASP B 607 -36.05 23.68 54.59
N HIS B 608 -37.29 23.87 54.12
CA HIS B 608 -38.21 22.79 53.75
C HIS B 608 -37.88 22.19 52.36
N GLU B 609 -38.60 21.16 51.89
CA GLU B 609 -39.36 20.19 52.69
C GLU B 609 -38.62 18.84 52.80
N GLU B 610 -37.49 18.73 52.09
CA GLU B 610 -36.79 17.44 51.95
C GLU B 610 -35.96 17.15 53.18
N GLN B 611 -35.86 18.16 54.04
CA GLN B 611 -35.09 18.14 55.27
C GLN B 611 -35.96 17.51 56.35
N GLU B 612 -37.05 16.91 55.86
CA GLU B 612 -37.83 15.93 56.58
C GLU B 612 -36.91 14.84 57.19
N GLN B 613 -35.71 14.70 56.64
CA GLN B 613 -34.72 13.77 57.19
C GLN B 613 -34.30 14.11 58.62
N ILE B 614 -34.76 15.25 59.12
CA ILE B 614 -34.53 15.64 60.50
C ILE B 614 -35.42 14.86 61.46
N HIS B 615 -36.60 14.50 60.97
CA HIS B 615 -37.50 13.56 61.63
C HIS B 615 -36.69 12.35 62.08
N ARG B 616 -36.20 11.57 61.11
CA ARG B 616 -35.49 10.34 61.40
C ARG B 616 -34.22 10.63 62.20
N MET B 617 -33.71 11.85 62.08
CA MET B 617 -32.49 12.25 62.77
C MET B 617 -32.68 12.28 64.27
N HIS B 618 -33.69 13.02 64.72
CA HIS B 618 -34.04 13.06 66.15
C HIS B 618 -34.64 11.75 66.64
N GLN B 619 -35.58 11.20 65.87
CA GLN B 619 -36.19 9.89 66.14
C GLN B 619 -35.16 8.81 66.45
N LEU B 620 -34.11 8.75 65.65
CA LEU B 620 -33.04 7.78 65.87
C LEU B 620 -32.02 8.26 66.91
N MET B 621 -31.94 9.57 67.16
CA MET B 621 -30.98 10.04 68.16
C MET B 621 -31.44 9.90 69.63
N ASP B 622 -32.71 10.20 69.91
CA ASP B 622 -33.24 10.08 71.27
C ASP B 622 -33.34 8.63 71.78
N GLU B 623 -34.07 7.78 71.07
CA GLU B 623 -34.08 6.35 71.35
C GLU B 623 -32.69 5.87 70.98
N HIS B 624 -32.27 4.72 71.49
CA HIS B 624 -30.87 4.30 71.42
C HIS B 624 -29.97 5.22 72.25
N GLU B 625 -30.58 6.26 72.84
CA GLU B 625 -29.94 7.17 73.79
C GLU B 625 -28.56 7.64 73.34
N LEU B 626 -28.55 8.47 72.31
CA LEU B 626 -27.29 8.79 71.65
C LEU B 626 -26.41 9.82 72.35
N ASP B 627 -27.01 10.86 72.92
CA ASP B 627 -26.25 12.00 73.40
C ASP B 627 -25.16 11.61 74.38
N GLN B 628 -24.05 12.35 74.33
CA GLN B 628 -22.80 12.04 75.05
C GLN B 628 -21.96 10.90 74.43
N GLN B 629 -22.59 10.07 73.59
CA GLN B 629 -21.89 9.22 72.62
C GLN B 629 -21.61 9.94 71.28
N VAL B 630 -22.55 10.77 70.85
CA VAL B 630 -22.49 11.41 69.55
C VAL B 630 -22.83 12.92 69.59
N ARG B 631 -21.86 13.74 69.18
CA ARG B 631 -22.05 15.18 69.03
C ARG B 631 -22.75 15.45 67.71
N TRP B 632 -23.49 16.55 67.61
CA TRP B 632 -24.10 16.93 66.34
C TRP B 632 -24.09 18.45 66.16
N LEU B 633 -23.61 18.89 65.00
CA LEU B 633 -23.61 20.29 64.63
C LEU B 633 -24.59 20.52 63.49
N GLY B 634 -25.34 21.61 63.56
CA GLY B 634 -26.21 21.98 62.47
C GLY B 634 -25.56 23.04 61.61
N MET B 635 -24.32 23.38 61.93
CA MET B 635 -23.60 24.44 61.24
C MET B 635 -23.24 24.09 59.79
N ARG B 636 -22.97 25.11 58.98
CA ARG B 636 -22.47 24.92 57.62
C ARG B 636 -20.95 25.07 57.45
N LEU B 637 -20.25 25.48 58.52
CA LEU B 637 -18.78 25.36 58.53
C LEU B 637 -17.99 26.08 57.44
N ASP B 638 -17.73 27.38 57.60
CA ASP B 638 -16.91 28.14 56.65
C ASP B 638 -15.61 27.38 56.30
N LYS B 639 -15.36 27.28 54.99
CA LYS B 639 -14.40 26.32 54.43
C LYS B 639 -13.02 26.33 55.04
N ASN B 640 -12.48 27.52 55.27
CA ASN B 640 -11.15 27.65 55.87
C ASN B 640 -11.06 26.96 57.22
N LEU B 641 -12.18 26.99 57.96
CA LEU B 641 -12.30 26.33 59.25
C LEU B 641 -12.32 24.82 59.08
N ALA B 642 -13.27 24.35 58.27
CA ALA B 642 -13.45 22.92 58.04
C ALA B 642 -12.13 22.27 57.64
N GLY B 643 -11.32 22.98 56.86
CA GLY B 643 -9.99 22.49 56.52
C GLY B 643 -9.16 22.12 57.75
N GLU B 644 -9.18 23.02 58.74
CA GLU B 644 -8.45 22.76 59.98
C GLU B 644 -9.20 21.75 60.85
N LEU B 645 -10.50 21.56 60.60
CA LEU B 645 -11.26 20.55 61.33
C LEU B 645 -10.83 19.13 60.92
N TYR B 646 -10.72 18.92 59.61
CA TYR B 646 -10.10 17.71 59.09
C TYR B 646 -8.70 17.58 59.67
N ARG B 647 -7.91 18.67 59.61
CA ARG B 647 -6.54 18.59 60.13
C ARG B 647 -6.46 18.26 61.62
N TYR B 648 -7.50 18.60 62.37
CA TYR B 648 -7.56 18.34 63.80
C TYR B 648 -7.96 16.90 64.13
N ILE B 649 -8.97 16.38 63.42
CA ILE B 649 -9.43 15.00 63.63
C ILE B 649 -8.30 13.96 63.44
N ALA B 650 -7.19 14.37 62.84
CA ALA B 650 -5.99 13.55 62.89
C ALA B 650 -5.08 14.14 63.96
N ASP B 651 -4.58 13.30 64.89
CA ASP B 651 -3.70 13.76 65.97
C ASP B 651 -4.28 15.05 66.58
N LYS B 652 -5.34 14.94 67.40
CA LYS B 652 -5.79 13.70 68.02
C LYS B 652 -6.54 12.79 67.05
N ARG B 653 -6.01 11.57 66.87
CA ARG B 653 -6.43 10.66 65.79
C ARG B 653 -7.91 10.32 65.72
N GLY B 654 -8.36 10.10 64.49
CA GLY B 654 -9.76 9.86 64.18
C GLY B 654 -9.86 9.41 62.73
N ILE B 655 -11.08 9.33 62.23
CA ILE B 655 -11.33 8.89 60.87
C ILE B 655 -12.45 9.71 60.21
N PHE B 656 -12.52 9.63 58.88
CA PHE B 656 -13.66 10.21 58.17
C PHE B 656 -14.55 9.07 57.70
N VAL B 657 -15.86 9.32 57.69
CA VAL B 657 -16.81 8.37 57.10
C VAL B 657 -17.78 9.03 56.12
N GLN B 658 -17.81 8.52 54.89
CA GLN B 658 -18.71 9.01 53.86
C GLN B 658 -19.60 7.85 53.44
N PRO B 659 -20.70 7.66 54.20
CA PRO B 659 -21.60 6.54 53.97
C PRO B 659 -22.71 6.89 53.00
N ALA B 660 -22.39 7.50 51.87
CA ALA B 660 -23.43 7.85 50.92
C ALA B 660 -24.00 6.57 50.34
N LEU B 661 -25.18 6.65 49.76
CA LEU B 661 -25.75 5.50 49.09
C LEU B 661 -25.12 5.32 47.72
N PHE B 662 -24.90 6.44 47.04
CA PHE B 662 -24.13 6.48 45.81
C PHE B 662 -23.44 7.83 45.69
N GLU B 663 -22.19 7.83 45.25
CA GLU B 663 -21.45 9.08 45.06
C GLU B 663 -20.66 9.02 43.77
N ALA B 664 -20.96 9.92 42.83
CA ALA B 664 -20.26 9.97 41.55
C ALA B 664 -18.75 10.16 41.70
N PHE B 665 -18.32 11.32 42.16
CA PHE B 665 -16.90 11.51 42.41
C PHE B 665 -16.54 11.33 43.89
N GLY B 666 -17.08 12.18 44.76
CA GLY B 666 -16.63 12.21 46.14
C GLY B 666 -15.43 13.08 46.43
N LEU B 667 -15.52 14.32 45.98
CA LEU B 667 -14.63 15.41 46.39
C LEU B 667 -14.43 15.51 47.91
N THR B 668 -15.49 15.29 48.69
CA THR B 668 -15.41 15.28 50.17
C THR B 668 -14.29 14.35 50.60
N ILE B 669 -14.36 13.13 50.11
CA ILE B 669 -13.36 12.12 50.42
C ILE B 669 -11.98 12.57 50.00
N ILE B 670 -11.88 13.19 48.83
CA ILE B 670 -10.58 13.64 48.37
C ILE B 670 -10.03 14.57 49.42
N GLU B 671 -10.88 15.49 49.89
CA GLU B 671 -10.47 16.47 50.90
C GLU B 671 -10.01 15.79 52.18
N ALA B 672 -10.82 14.83 52.64
CA ALA B 672 -10.50 14.10 53.86
C ALA B 672 -9.12 13.46 53.75
N MET B 673 -8.92 12.65 52.71
CA MET B 673 -7.64 11.98 52.47
C MET B 673 -6.50 12.96 52.34
N ALA B 674 -6.78 14.11 51.75
CA ALA B 674 -5.77 15.11 51.50
C ALA B 674 -5.24 15.61 52.83
N SER B 675 -6.11 15.49 53.85
CA SER B 675 -5.82 15.96 55.19
C SER B 675 -5.19 14.89 56.07
N GLY B 676 -5.07 13.67 55.54
CA GLY B 676 -4.43 12.59 56.27
C GLY B 676 -5.38 11.64 56.99
N LEU B 677 -6.68 11.91 56.93
CA LEU B 677 -7.66 11.02 57.57
C LEU B 677 -7.83 9.67 56.88
N PRO B 678 -7.69 8.58 57.63
CA PRO B 678 -8.21 7.31 57.14
C PRO B 678 -9.67 7.47 56.80
N THR B 679 -10.07 7.03 55.61
CA THR B 679 -11.44 7.25 55.18
C THR B 679 -12.21 5.96 54.91
N PHE B 680 -13.42 5.90 55.45
CA PHE B 680 -14.32 4.80 55.15
C PHE B 680 -15.39 5.34 54.22
N ALA B 681 -15.35 4.92 52.97
CA ALA B 681 -16.19 5.52 51.95
C ALA B 681 -17.06 4.47 51.25
N THR B 682 -18.23 4.92 50.78
CA THR B 682 -19.16 4.04 50.08
C THR B 682 -18.52 3.31 48.89
N ARG B 683 -18.84 2.02 48.75
CA ARG B 683 -18.39 1.21 47.62
C ARG B 683 -19.06 1.60 46.28
N TYR B 684 -20.14 2.36 46.35
CA TYR B 684 -20.97 2.57 45.17
C TYR B 684 -20.74 3.93 44.49
N GLY B 685 -20.12 3.91 43.31
CA GLY B 685 -19.65 5.12 42.63
C GLY B 685 -18.15 5.37 42.65
N GLY B 686 -17.74 6.58 42.30
CA GLY B 686 -16.33 6.93 42.20
C GLY B 686 -15.37 6.63 43.35
N PRO B 687 -15.84 6.71 44.60
CA PRO B 687 -14.98 6.29 45.71
C PRO B 687 -14.37 4.91 45.53
N LEU B 688 -15.01 4.09 44.70
CA LEU B 688 -14.46 2.80 44.35
C LEU B 688 -13.15 2.98 43.64
N GLU B 689 -13.08 4.01 42.81
CA GLU B 689 -11.87 4.35 42.07
C GLU B 689 -10.85 5.11 42.91
N ILE B 690 -11.34 6.05 43.72
CA ILE B 690 -10.46 6.95 44.46
C ILE B 690 -9.66 6.29 45.56
N ILE B 691 -10.33 5.48 46.35
CA ILE B 691 -9.67 4.80 47.45
C ILE B 691 -9.23 3.44 46.98
N GLN B 692 -7.95 3.14 47.17
CA GLN B 692 -7.49 1.76 47.05
C GLN B 692 -7.74 1.16 48.42
N ASN B 693 -8.62 0.16 48.46
CA ASN B 693 -9.10 -0.34 49.73
C ASN B 693 -7.97 -1.01 50.52
N ASN B 694 -7.92 -0.72 51.81
CA ASN B 694 -6.85 -1.22 52.67
C ASN B 694 -5.46 -0.74 52.25
N ARG B 695 -5.43 0.36 51.51
CA ARG B 695 -4.18 1.07 51.25
C ARG B 695 -4.46 2.57 51.47
N SER B 696 -5.35 3.12 50.65
CA SER B 696 -5.72 4.54 50.69
C SER B 696 -6.88 4.84 51.63
N GLY B 697 -7.60 3.80 52.03
CA GLY B 697 -8.79 3.94 52.84
C GLY B 697 -9.51 2.61 52.84
N PHE B 698 -10.81 2.63 53.13
CA PHE B 698 -11.64 1.40 53.13
C PHE B 698 -12.98 1.64 52.47
N HIS B 699 -13.47 0.63 51.78
CA HIS B 699 -14.78 0.69 51.13
C HIS B 699 -15.82 0.01 52.00
N ILE B 700 -16.99 0.63 52.11
CA ILE B 700 -18.03 0.09 52.96
C ILE B 700 -19.29 -0.01 52.13
N ASP B 701 -20.11 -1.00 52.44
CA ASP B 701 -21.39 -1.15 51.78
C ASP B 701 -22.38 -0.46 52.71
N PRO B 702 -22.87 0.74 52.33
CA PRO B 702 -23.79 1.45 53.22
C PRO B 702 -25.06 0.65 53.51
N ASN B 703 -25.30 -0.41 52.73
CA ASN B 703 -26.44 -1.30 52.95
C ASN B 703 -26.33 -2.18 54.22
N GLN B 704 -25.19 -2.81 54.45
CA GLN B 704 -25.03 -3.58 55.69
C GLN B 704 -24.40 -2.73 56.77
N GLY B 705 -25.20 -2.35 57.76
CA GLY B 705 -24.70 -1.54 58.84
C GLY B 705 -23.90 -2.37 59.83
N ALA B 706 -24.36 -3.61 60.01
CA ALA B 706 -23.70 -4.57 60.88
C ALA B 706 -22.24 -4.67 60.48
N ALA B 707 -22.03 -5.16 59.27
CA ALA B 707 -20.69 -5.33 58.74
C ALA B 707 -19.89 -4.01 58.67
N THR B 708 -20.55 -2.90 58.35
CA THR B 708 -19.84 -1.60 58.29
C THR B 708 -19.24 -1.22 59.62
N ALA B 709 -20.10 -1.10 60.63
CA ALA B 709 -19.66 -0.67 61.95
C ALA B 709 -18.70 -1.69 62.53
N ASP B 710 -18.95 -2.96 62.22
CA ASP B 710 -18.03 -4.02 62.61
C ASP B 710 -16.63 -3.73 62.06
N LEU B 711 -16.57 -3.40 60.77
CA LEU B 711 -15.31 -3.15 60.08
C LEU B 711 -14.56 -1.97 60.70
N ILE B 712 -15.31 -0.90 60.96
CA ILE B 712 -14.77 0.30 61.60
C ILE B 712 -14.16 -0.05 62.97
N ALA B 713 -14.92 -0.80 63.77
CA ALA B 713 -14.45 -1.26 65.07
C ALA B 713 -13.15 -2.03 64.93
N ASP B 714 -13.18 -3.05 64.08
CA ASP B 714 -12.00 -3.88 63.82
C ASP B 714 -10.81 -3.00 63.46
N PHE B 715 -11.07 -1.90 62.74
CA PHE B 715 -10.02 -0.93 62.45
C PHE B 715 -9.53 -0.26 63.72
N PHE B 716 -10.44 0.07 64.62
CA PHE B 716 -10.11 0.76 65.88
C PHE B 716 -9.35 -0.12 66.90
N GLU B 717 -9.45 -1.42 66.74
CA GLU B 717 -8.87 -2.34 67.70
C GLU B 717 -7.43 -2.73 67.36
N LYS B 718 -6.90 -2.27 66.23
CA LYS B 718 -5.61 -2.77 65.77
C LYS B 718 -4.41 -2.26 66.57
N ASN B 719 -3.53 -3.20 66.94
CA ASN B 719 -2.30 -2.99 67.75
C ASN B 719 -2.49 -2.40 69.16
N LEU B 720 -1.89 -1.23 69.36
CA LEU B 720 -1.88 -0.52 70.63
C LEU B 720 -3.14 0.33 70.70
N GLU B 721 -4.10 -0.03 69.84
CA GLU B 721 -5.09 0.83 69.18
C GLU B 721 -4.50 1.76 68.10
N ASN B 722 -4.03 1.11 67.03
CA ASN B 722 -3.65 1.72 65.75
C ASN B 722 -2.52 2.76 65.68
N PRO B 723 -1.32 2.40 66.18
CA PRO B 723 -0.27 3.43 66.07
C PRO B 723 0.31 3.85 64.69
N GLN B 724 0.84 3.02 63.77
CA GLN B 724 0.59 1.58 63.49
C GLN B 724 -0.77 1.17 62.93
N GLU B 725 -0.90 1.40 61.62
CA GLU B 725 -2.06 1.04 60.78
C GLU B 725 -3.16 2.08 60.73
N TRP B 726 -3.18 3.01 61.66
CA TRP B 726 -3.95 4.21 61.40
C TRP B 726 -3.00 5.01 60.54
N GLU B 727 -1.73 4.97 60.92
CA GLU B 727 -0.73 5.74 60.22
C GLU B 727 -0.46 5.18 58.83
N ARG B 728 -0.63 3.88 58.66
CA ARG B 728 -0.34 3.26 57.38
C ARG B 728 -1.35 3.72 56.34
N ILE B 729 -2.62 3.67 56.75
CA ILE B 729 -3.70 4.11 55.89
C ILE B 729 -3.60 5.61 55.69
N SER B 730 -3.27 6.36 56.74
CA SER B 730 -3.15 7.81 56.63
C SER B 730 -2.11 8.23 55.60
N GLN B 731 -0.93 7.63 55.68
CA GLN B 731 0.08 7.90 54.67
C GLN B 731 -0.40 7.39 53.31
N GLY B 732 -1.15 6.29 53.32
CA GLY B 732 -1.67 5.70 52.11
C GLY B 732 -2.57 6.66 51.35
N ALA B 733 -3.45 7.31 52.10
CA ALA B 733 -4.35 8.31 51.57
C ALA B 733 -3.55 9.51 51.09
N LEU B 734 -2.63 10.00 51.94
CA LEU B 734 -1.80 11.14 51.57
C LEU B 734 -1.12 10.95 50.21
N ASP B 735 -0.42 9.83 50.07
CA ASP B 735 0.30 9.50 48.85
C ASP B 735 -0.65 9.29 47.67
N ARG B 736 -1.75 8.59 47.89
CA ARG B 736 -2.73 8.37 46.82
C ARG B 736 -3.25 9.70 46.30
N VAL B 737 -3.38 10.67 47.18
CA VAL B 737 -3.87 12.00 46.80
C VAL B 737 -2.83 12.82 46.05
N ALA B 738 -1.57 12.76 46.49
CA ALA B 738 -0.54 13.50 45.75
C ALA B 738 -0.22 12.86 44.41
N SER B 739 -0.51 11.57 44.26
CA SER B 739 -0.21 10.86 43.02
C SER B 739 -1.35 10.77 41.99
N ARG B 740 -2.57 11.14 42.40
CA ARG B 740 -3.71 11.14 41.47
C ARG B 740 -4.54 12.43 41.48
N TYR B 741 -5.09 12.79 42.62
CA TYR B 741 -6.02 13.91 42.60
C TYR B 741 -5.40 15.20 43.12
N THR B 742 -4.90 16.00 42.20
CA THR B 742 -4.39 17.33 42.51
C THR B 742 -4.59 18.17 41.27
N TRP B 743 -4.91 19.42 41.47
CA TRP B 743 -5.08 20.32 40.36
C TRP B 743 -3.75 20.60 39.64
N LYS B 744 -2.64 20.35 40.29
CA LYS B 744 -1.36 20.52 39.61
C LYS B 744 -1.23 19.43 38.53
N LEU B 745 -1.61 18.21 38.92
CA LEU B 745 -1.52 17.05 38.02
C LEU B 745 -2.47 17.24 36.87
N TYR B 746 -3.70 17.60 37.23
CA TYR B 746 -4.75 17.92 36.31
C TYR B 746 -4.25 18.92 35.28
N ALA B 747 -3.59 19.96 35.73
CA ALA B 747 -3.09 20.96 34.79
C ALA B 747 -2.01 20.45 33.88
N GLU B 748 -1.11 19.60 34.39
CA GLU B 748 -0.05 19.08 33.51
C GLU B 748 -0.70 18.30 32.40
N ARG B 749 -1.63 17.42 32.79
CA ARG B 749 -2.28 16.54 31.83
C ARG B 749 -3.13 17.29 30.82
N MET B 750 -3.91 18.26 31.28
CA MET B 750 -4.68 19.09 30.38
C MET B 750 -3.76 19.80 29.36
N MET B 751 -2.72 20.45 29.86
CA MET B 751 -1.84 21.17 28.94
C MET B 751 -1.13 20.24 27.97
N THR B 752 -0.96 18.97 28.30
CA THR B 752 -0.46 18.03 27.29
C THR B 752 -1.53 17.54 26.30
N LEU B 753 -2.67 17.11 26.83
CA LEU B 753 -3.79 16.65 26.02
C LEU B 753 -4.13 17.63 24.93
N SER B 754 -4.13 18.92 25.25
CA SER B 754 -4.46 19.92 24.23
C SER B 754 -3.45 19.96 23.07
N ARG B 755 -2.17 19.73 23.37
CA ARG B 755 -1.15 19.67 22.33
C ARG B 755 -1.26 18.41 21.48
N ILE B 756 -1.35 17.26 22.13
CA ILE B 756 -1.43 16.00 21.42
C ILE B 756 -2.72 15.81 20.61
N TYR B 757 -3.85 16.20 21.15
CA TYR B 757 -5.07 16.18 20.35
C TYR B 757 -5.12 17.32 19.34
N GLY B 758 -4.38 18.40 19.59
CA GLY B 758 -4.23 19.40 18.56
C GLY B 758 -3.53 18.80 17.35
N PHE B 759 -2.50 18.02 17.61
CA PHE B 759 -1.76 17.40 16.52
C PHE B 759 -2.60 16.31 15.88
N TRP B 760 -3.38 15.58 16.66
CA TRP B 760 -4.23 14.54 16.09
C TRP B 760 -5.33 15.13 15.20
N LYS B 761 -5.89 16.24 15.63
CA LYS B 761 -6.85 16.98 14.81
C LYS B 761 -6.18 17.41 13.52
N PHE B 762 -5.03 18.06 13.66
CA PHE B 762 -4.24 18.50 12.50
C PHE B 762 -4.03 17.39 11.48
N VAL B 763 -3.65 16.24 11.97
CA VAL B 763 -3.25 15.15 11.13
C VAL B 763 -4.45 14.38 10.63
N SER B 764 -5.49 14.24 11.45
CA SER B 764 -6.63 13.39 11.08
C SER B 764 -7.86 14.13 10.55
N GLY B 765 -7.77 15.44 10.44
CA GLY B 765 -8.94 16.23 10.10
C GLY B 765 -9.59 15.99 8.74
N LEU B 766 -8.80 16.03 7.67
CA LEU B 766 -9.35 15.80 6.35
C LEU B 766 -10.09 14.47 6.22
N GLU B 767 -9.65 13.44 6.95
CA GLU B 767 -10.33 12.15 6.86
C GLU B 767 -11.68 12.19 7.55
N ARG B 768 -11.79 13.06 8.54
CA ARG B 768 -13.01 13.23 9.33
C ARG B 768 -14.08 14.15 8.69
N GLU B 769 -13.79 14.75 7.54
CA GLU B 769 -14.72 15.66 6.90
C GLU B 769 -16.13 15.13 6.65
N GLU B 770 -16.26 13.87 6.29
CA GLU B 770 -17.58 13.28 6.06
C GLU B 770 -18.35 13.23 7.36
N THR B 771 -17.65 12.88 8.45
CA THR B 771 -18.24 12.92 9.77
C THR B 771 -18.70 14.34 10.13
N ASP B 772 -17.90 15.34 9.79
CA ASP B 772 -18.29 16.71 10.02
C ASP B 772 -19.54 17.11 9.25
N ARG B 773 -19.60 16.80 7.97
CA ARG B 773 -20.76 17.17 7.18
C ARG B 773 -22.02 16.48 7.73
N TYR B 774 -21.87 15.25 8.19
CA TYR B 774 -23.00 14.50 8.73
C TYR B 774 -23.48 15.18 10.00
N LEU B 775 -22.55 15.55 10.88
CA LEU B 775 -22.92 16.18 12.13
C LEU B 775 -23.51 17.57 11.93
N ASN B 776 -23.05 18.27 10.90
CA ASN B 776 -23.56 19.61 10.62
C ASN B 776 -24.98 19.50 10.08
N MET B 777 -25.21 18.54 9.19
CA MET B 777 -26.57 18.31 8.71
C MET B 777 -27.49 17.92 9.84
N PHE B 778 -27.04 17.02 10.69
CA PHE B 778 -27.85 16.66 11.84
C PHE B 778 -28.21 17.89 12.65
N TYR B 779 -27.22 18.72 12.96
CA TYR B 779 -27.48 19.96 13.70
C TYR B 779 -28.55 20.83 13.04
N HIS B 780 -28.27 21.30 11.83
CA HIS B 780 -29.23 22.14 11.10
C HIS B 780 -30.64 21.54 10.92
N LEU B 781 -30.73 20.28 10.52
CA LEU B 781 -32.05 19.72 10.19
C LEU B 781 -32.75 19.03 11.36
N GLN B 782 -32.09 18.89 12.50
CA GLN B 782 -32.68 18.16 13.62
C GLN B 782 -32.68 18.96 14.90
N PHE B 783 -31.51 19.36 15.37
CA PHE B 783 -31.43 20.19 16.57
C PHE B 783 -32.14 21.51 16.40
N ARG B 784 -31.75 22.24 15.36
CA ARG B 784 -32.31 23.57 15.15
C ARG B 784 -33.85 23.57 15.28
N PRO B 785 -34.57 22.74 14.49
CA PRO B 785 -36.00 22.56 14.72
C PRO B 785 -36.44 22.23 16.15
N LEU B 786 -35.79 21.28 16.81
CA LEU B 786 -36.19 20.92 18.16
C LEU B 786 -36.13 22.11 19.11
N ALA B 787 -35.21 23.03 18.85
CA ALA B 787 -34.99 24.15 19.76
C ALA B 787 -35.72 25.38 19.30
N ASN B 788 -36.36 25.32 18.15
CA ASN B 788 -37.20 26.42 17.70
C ASN B 788 -38.61 26.11 18.16
N ARG B 789 -38.77 24.94 18.77
CA ARG B 789 -40.04 24.48 19.31
C ARG B 789 -40.27 25.07 20.69
N LEU B 790 -39.40 25.98 21.12
CA LEU B 790 -39.34 26.32 22.54
C LEU B 790 -39.97 27.60 23.19
N ALA B 791 -39.65 28.86 22.83
CA ALA B 791 -39.25 29.41 21.51
C ALA B 791 -40.35 29.37 20.42
N HIS B 792 -41.45 28.66 20.72
CA HIS B 792 -42.60 28.45 19.83
C HIS B 792 -42.80 29.48 18.70
N ILE C 4 -7.87 30.76 -20.29
CA ILE C 4 -8.77 31.85 -19.93
C ILE C 4 -9.36 31.75 -18.50
N ASP C 5 -9.00 32.69 -17.63
CA ASP C 5 -9.39 32.61 -16.23
C ASP C 5 -9.38 33.96 -15.50
N THR C 6 -9.42 33.91 -14.18
CA THR C 6 -9.28 35.11 -13.34
C THR C 6 -8.02 35.89 -13.69
N LEU C 7 -6.96 35.19 -14.08
CA LEU C 7 -5.71 35.82 -14.51
C LEU C 7 -5.95 36.64 -15.79
N ALA C 8 -6.84 36.16 -16.66
CA ALA C 8 -7.15 36.84 -17.93
C ALA C 8 -7.83 38.21 -17.82
N THR C 9 -8.24 38.64 -16.63
CA THR C 9 -8.70 40.03 -16.45
C THR C 9 -7.48 40.95 -16.19
N CYS C 10 -6.29 40.40 -16.47
CA CYS C 10 -5.05 41.17 -16.70
C CYS C 10 -5.22 42.08 -17.92
N THR C 11 -6.40 41.98 -18.53
CA THR C 11 -6.89 42.90 -19.55
C THR C 11 -6.87 44.37 -19.04
N GLN C 12 -6.32 44.56 -17.85
CA GLN C 12 -5.82 45.84 -17.32
C GLN C 12 -4.73 46.53 -18.16
N GLN C 13 -4.23 45.84 -19.18
CA GLN C 13 -3.45 46.49 -20.23
C GLN C 13 -4.24 47.65 -20.82
N ASN C 14 -5.52 47.41 -21.10
CA ASN C 14 -6.44 48.51 -21.34
C ASN C 14 -7.38 48.60 -20.13
N ARG C 15 -7.11 49.54 -19.23
CA ARG C 15 -7.79 49.60 -17.93
C ARG C 15 -9.15 50.25 -18.01
N ASP C 16 -9.22 51.28 -18.85
CA ASP C 16 -10.44 52.04 -18.99
C ASP C 16 -11.51 51.17 -19.66
N ALA C 17 -11.08 50.16 -20.41
CA ALA C 17 -12.03 49.23 -21.02
C ALA C 17 -12.77 48.43 -19.95
N VAL C 18 -11.99 47.77 -19.08
CA VAL C 18 -12.54 46.99 -17.96
C VAL C 18 -13.40 47.88 -17.07
N TYR C 19 -12.86 49.03 -16.68
CA TYR C 19 -13.57 49.98 -15.81
C TYR C 19 -14.90 50.37 -16.43
N THR C 20 -14.88 50.73 -17.71
CA THR C 20 -16.07 51.18 -18.39
C THR C 20 -17.09 50.07 -18.48
N LEU C 21 -16.61 48.86 -18.73
CA LEU C 21 -17.49 47.70 -18.82
C LEU C 21 -18.22 47.47 -17.50
N LEU C 22 -17.45 47.36 -16.42
CA LEU C 22 -18.04 47.21 -15.10
C LEU C 22 -19.06 48.31 -14.81
N ARG C 23 -18.72 49.55 -15.15
CA ARG C 23 -19.68 50.65 -15.04
C ARG C 23 -20.98 50.33 -15.80
N ARG C 24 -20.84 49.88 -17.04
CA ARG C 24 -21.98 49.60 -17.89
C ARG C 24 -22.90 48.55 -17.26
N TYR C 25 -22.28 47.56 -16.61
CA TYR C 25 -23.00 46.48 -15.92
C TYR C 25 -23.68 46.99 -14.65
N PHE C 26 -22.95 47.84 -13.95
CA PHE C 26 -23.26 48.26 -12.58
C PHE C 26 -24.48 49.11 -12.47
N THR C 27 -24.81 49.80 -13.56
CA THR C 27 -26.03 50.58 -13.61
C THR C 27 -27.04 49.53 -13.25
N ALA C 28 -27.80 49.76 -12.16
CA ALA C 28 -28.55 48.66 -11.58
C ALA C 28 -29.94 48.66 -12.20
N ASN C 29 -30.12 47.68 -13.06
CA ASN C 29 -31.33 47.50 -13.81
C ASN C 29 -31.76 46.16 -13.31
N ARG C 30 -30.93 45.18 -13.60
CA ARG C 30 -30.98 43.91 -12.94
C ARG C 30 -29.65 43.80 -12.23
N THR C 31 -29.66 43.36 -10.98
CA THR C 31 -28.40 43.10 -10.28
C THR C 31 -27.85 41.71 -10.65
N LEU C 32 -28.74 40.84 -11.15
CA LEU C 32 -28.34 39.55 -11.70
C LEU C 32 -28.48 39.53 -13.22
N LEU C 33 -27.33 39.49 -13.90
CA LEU C 33 -27.27 39.44 -15.35
C LEU C 33 -26.96 38.04 -15.86
N LEU C 34 -27.64 37.63 -16.93
CA LEU C 34 -27.33 36.38 -17.61
C LEU C 34 -26.40 36.64 -18.79
N GLN C 35 -26.19 35.65 -19.65
CA GLN C 35 -25.25 35.84 -20.76
C GLN C 35 -25.62 37.02 -21.63
N SER C 36 -26.82 37.01 -22.20
CA SER C 36 -27.23 38.01 -23.18
C SER C 36 -26.91 39.43 -22.74
N ASP C 37 -27.30 39.80 -21.52
CA ASP C 37 -26.98 41.12 -20.99
C ASP C 37 -25.46 41.29 -20.93
N LEU C 38 -24.80 40.31 -20.30
CA LEU C 38 -23.38 40.40 -19.99
C LEU C 38 -22.56 40.70 -21.22
N ARG C 39 -22.85 39.95 -22.27
CA ARG C 39 -22.25 40.12 -23.59
C ARG C 39 -22.65 41.45 -24.23
N GLU C 40 -23.94 41.78 -24.15
CA GLU C 40 -24.48 43.00 -24.74
C GLU C 40 -23.64 44.19 -24.31
N GLY C 41 -23.35 44.25 -23.01
CA GLY C 41 -22.58 45.33 -22.48
C GLY C 41 -21.17 45.43 -23.02
N LEU C 42 -20.70 44.37 -23.67
CA LEU C 42 -19.35 44.38 -24.22
C LEU C 42 -19.28 45.39 -25.35
N LEU C 43 -20.23 45.31 -26.27
CA LEU C 43 -20.26 46.24 -27.40
C LEU C 43 -20.64 47.62 -26.85
N GLN C 44 -19.77 48.60 -27.05
CA GLN C 44 -19.89 49.90 -26.37
C GLN C 44 -20.06 49.58 -24.88
N THR C 45 -19.02 49.17 -24.16
CA THR C 45 -17.58 49.50 -24.32
C THR C 45 -16.79 49.33 -25.63
N GLU C 46 -17.19 48.41 -26.51
CA GLU C 46 -16.37 48.03 -27.67
C GLU C 46 -15.89 49.17 -28.55
N GLN C 47 -16.53 50.34 -28.43
CA GLN C 47 -15.99 51.54 -29.05
C GLN C 47 -14.92 52.12 -28.12
N ASP C 48 -15.39 52.71 -27.03
CA ASP C 48 -14.53 53.39 -26.07
C ASP C 48 -14.26 52.56 -24.82
N CYS C 49 -13.03 52.05 -24.70
CA CYS C 49 -11.99 52.36 -25.66
C CYS C 49 -11.22 51.12 -26.13
N GLY C 50 -11.29 50.82 -27.44
CA GLY C 50 -10.55 49.70 -28.00
C GLY C 50 -11.36 48.46 -28.36
N GLN C 51 -10.67 47.36 -28.64
CA GLN C 51 -11.31 46.10 -29.02
C GLN C 51 -11.04 44.97 -28.02
N SER C 52 -9.78 44.56 -27.92
CA SER C 52 -9.38 43.50 -26.97
C SER C 52 -10.06 42.15 -27.16
N ASP C 53 -9.62 41.39 -28.16
CA ASP C 53 -10.09 40.02 -28.38
C ASP C 53 -10.06 39.16 -27.12
N MET C 54 -9.07 39.44 -26.26
CA MET C 54 -8.98 38.77 -24.96
C MET C 54 -10.22 39.04 -24.09
N LEU C 55 -10.50 40.32 -23.86
CA LEU C 55 -11.72 40.72 -23.17
C LEU C 55 -12.98 40.09 -23.76
N ARG C 56 -13.10 40.07 -25.09
CA ARG C 56 -14.24 39.43 -25.74
C ARG C 56 -14.34 37.98 -25.30
N ALA C 57 -13.20 37.28 -25.37
CA ALA C 57 -13.11 35.88 -24.95
C ALA C 57 -13.66 35.69 -23.53
N PHE C 58 -13.13 36.49 -22.62
CA PHE C 58 -13.55 36.47 -21.22
C PHE C 58 -15.06 36.66 -21.06
N VAL C 59 -15.57 37.77 -21.56
CA VAL C 59 -16.97 38.10 -21.39
C VAL C 59 -17.85 36.99 -21.94
N PHE C 60 -17.47 36.44 -23.09
CA PHE C 60 -18.29 35.41 -23.69
C PHE C 60 -18.30 34.13 -22.88
N ARG C 61 -17.35 34.01 -21.95
CA ARG C 61 -17.30 32.83 -21.11
C ARG C 61 -18.00 33.04 -19.77
N LEU C 62 -18.59 34.20 -19.57
CA LEU C 62 -19.31 34.46 -18.32
C LEU C 62 -20.69 33.81 -18.33
N GLN C 63 -20.97 33.04 -17.30
CA GLN C 63 -22.28 32.45 -17.17
C GLN C 63 -23.29 33.38 -16.49
N GLU C 64 -22.85 34.05 -15.43
CA GLU C 64 -23.68 35.02 -14.71
C GLU C 64 -22.84 36.01 -13.93
N GLY C 65 -23.46 37.12 -13.53
CA GLY C 65 -22.80 38.07 -12.67
C GLY C 65 -23.78 38.70 -11.71
N ILE C 66 -23.26 39.17 -10.59
CA ILE C 66 -24.09 39.74 -9.54
C ILE C 66 -23.44 41.03 -9.13
N PHE C 67 -24.14 42.14 -9.37
CA PHE C 67 -23.58 43.47 -9.13
C PHE C 67 -24.26 44.16 -7.95
N SER C 68 -23.47 44.68 -7.02
CA SER C 68 -23.99 45.52 -5.94
C SER C 68 -22.85 46.38 -5.47
N SER C 69 -23.07 47.62 -5.04
CA SER C 69 -22.03 48.26 -4.23
C SER C 69 -20.90 48.53 -5.22
N PRO C 70 -19.69 48.90 -4.77
CA PRO C 70 -18.69 48.83 -5.84
C PRO C 70 -18.13 47.42 -6.06
N TRP C 71 -18.97 46.40 -6.12
CA TRP C 71 -18.52 45.00 -6.21
C TRP C 71 -19.26 44.22 -7.29
N ALA C 72 -18.48 43.52 -8.10
CA ALA C 72 -19.06 42.66 -9.11
C ALA C 72 -18.58 41.23 -8.85
N TYR C 73 -19.54 40.34 -8.65
CA TYR C 73 -19.25 38.93 -8.45
C TYR C 73 -19.52 38.19 -9.76
N LEU C 74 -18.45 37.72 -10.41
CA LEU C 74 -18.54 36.96 -11.65
C LEU C 74 -18.46 35.43 -11.51
N ALA C 75 -19.25 34.74 -12.32
CA ALA C 75 -19.09 33.30 -12.53
C ALA C 75 -18.67 33.00 -13.95
N LEU C 76 -17.46 32.48 -14.10
CA LEU C 76 -16.89 32.12 -15.39
C LEU C 76 -16.98 30.60 -15.67
N ARG C 77 -17.18 30.24 -16.94
CA ARG C 77 -17.22 28.83 -17.35
C ARG C 77 -16.38 28.66 -18.61
N PRO C 78 -15.05 28.58 -18.45
CA PRO C 78 -14.03 28.68 -19.50
C PRO C 78 -14.14 27.59 -20.56
N GLU C 79 -14.47 26.39 -20.09
CA GLU C 79 -14.52 25.22 -20.92
C GLU C 79 -15.61 24.37 -20.34
N ILE C 80 -16.08 23.39 -21.10
CA ILE C 80 -17.15 22.53 -20.61
C ILE C 80 -16.88 21.95 -19.22
N ALA C 81 -17.86 22.11 -18.35
CA ALA C 81 -17.90 21.56 -17.01
C ALA C 81 -16.82 22.04 -16.05
N LYS C 82 -16.18 23.17 -16.35
CA LYS C 82 -15.22 23.81 -15.45
C LYS C 82 -15.67 25.21 -15.06
N TRP C 83 -15.81 25.50 -13.76
CA TRP C 83 -16.21 26.86 -13.37
C TRP C 83 -15.16 27.55 -12.53
N GLU C 84 -15.05 28.86 -12.69
CA GLU C 84 -14.28 29.69 -11.75
C GLU C 84 -15.14 30.84 -11.23
N PHE C 85 -14.90 31.24 -10.00
CA PHE C 85 -15.64 32.36 -9.43
C PHE C 85 -14.71 33.45 -8.95
N MET C 86 -15.06 34.71 -9.23
CA MET C 86 -14.20 35.81 -8.81
C MET C 86 -15.03 37.03 -8.50
N ARG C 87 -14.46 37.98 -7.77
CA ARG C 87 -15.12 39.28 -7.58
C ARG C 87 -14.12 40.41 -7.79
N ILE C 88 -14.62 41.49 -8.38
CA ILE C 88 -13.76 42.60 -8.73
C ILE C 88 -14.37 43.90 -8.24
N HIS C 89 -13.49 44.79 -7.74
CA HIS C 89 -13.90 46.08 -7.20
C HIS C 89 -13.96 47.14 -8.31
N GLN C 90 -15.12 47.79 -8.41
CA GLN C 90 -15.40 48.79 -9.43
C GLN C 90 -14.31 49.85 -9.58
N GLU C 91 -13.77 50.32 -8.45
CA GLU C 91 -12.77 51.36 -8.53
C GLU C 91 -11.38 50.78 -8.65
N HIS C 92 -10.84 50.22 -7.59
CA HIS C 92 -9.53 49.60 -7.74
C HIS C 92 -9.81 48.25 -8.29
N LEU C 93 -9.37 47.95 -9.51
CA LEU C 93 -9.88 46.74 -10.13
C LEU C 93 -8.86 45.62 -10.04
N ILE C 94 -9.03 44.81 -9.01
CA ILE C 94 -8.20 43.65 -8.77
C ILE C 94 -9.09 42.42 -8.73
N PRO C 95 -8.98 41.56 -9.73
CA PRO C 95 -9.71 40.29 -9.67
C PRO C 95 -9.30 39.53 -8.41
N GLU C 96 -10.28 39.06 -7.65
CA GLU C 96 -10.00 38.21 -6.51
C GLU C 96 -10.74 36.87 -6.65
N LYS C 97 -9.98 35.79 -6.48
CA LYS C 97 -10.51 34.44 -6.59
C LYS C 97 -11.49 34.15 -5.44
N LEU C 98 -12.63 33.56 -5.78
CA LEU C 98 -13.63 33.22 -4.79
C LEU C 98 -13.84 31.72 -4.76
N THR C 99 -14.18 31.21 -3.56
CA THR C 99 -14.69 29.84 -3.39
C THR C 99 -16.13 29.85 -3.88
N ILE C 100 -16.67 28.68 -4.17
CA ILE C 100 -18.03 28.64 -4.65
C ILE C 100 -18.97 29.04 -3.50
N SER C 101 -18.59 28.73 -2.27
CA SER C 101 -19.43 29.11 -1.14
C SER C 101 -19.53 30.61 -1.03
N GLU C 102 -18.40 31.30 -1.20
CA GLU C 102 -18.37 32.76 -1.10
C GLU C 102 -19.31 33.44 -2.10
N PHE C 103 -19.21 33.00 -3.35
CA PHE C 103 -20.04 33.50 -4.41
C PHE C 103 -21.52 33.24 -4.11
N LEU C 104 -21.84 32.03 -3.67
CA LEU C 104 -23.25 31.74 -3.38
C LEU C 104 -23.79 32.52 -2.18
N LYS C 105 -22.95 32.79 -1.19
CA LYS C 105 -23.31 33.59 -0.02
C LYS C 105 -23.66 34.98 -0.49
N PHE C 106 -22.84 35.50 -1.40
CA PHE C 106 -23.10 36.83 -1.96
C PHE C 106 -24.42 36.87 -2.74
N LYS C 107 -24.62 35.93 -3.64
CA LYS C 107 -25.88 35.87 -4.36
C LYS C 107 -27.05 35.79 -3.36
N GLU C 108 -26.94 34.91 -2.38
CA GLU C 108 -28.00 34.71 -1.40
C GLU C 108 -28.31 36.02 -0.67
N THR C 109 -27.27 36.76 -0.34
CA THR C 109 -27.46 38.04 0.34
C THR C 109 -28.11 39.12 -0.54
N VAL C 110 -27.54 39.35 -1.72
CA VAL C 110 -28.09 40.26 -2.71
C VAL C 110 -29.54 39.99 -3.05
N VAL C 111 -29.93 38.73 -3.10
CA VAL C 111 -31.28 38.39 -3.54
C VAL C 111 -32.29 38.34 -2.40
N LYS C 112 -32.04 37.47 -1.43
CA LYS C 112 -32.93 37.34 -0.28
C LYS C 112 -32.57 38.04 1.05
N GLY C 113 -31.51 38.85 1.05
CA GLY C 113 -31.17 39.67 2.21
C GLY C 113 -30.27 39.00 3.22
N GLU C 114 -29.63 39.79 4.09
CA GLU C 114 -28.71 39.26 5.10
C GLU C 114 -29.41 38.21 5.96
N ALA C 115 -28.66 37.24 6.48
CA ALA C 115 -29.26 36.08 7.10
C ALA C 115 -29.18 36.08 8.63
N THR C 116 -30.29 35.68 9.25
CA THR C 116 -30.42 35.61 10.69
C THR C 116 -29.76 34.36 11.22
N GLU C 117 -29.82 33.29 10.44
CA GLU C 117 -29.16 32.04 10.81
C GLU C 117 -28.24 31.54 9.72
N SER C 118 -27.27 30.71 10.11
CA SER C 118 -26.33 30.16 9.15
C SER C 118 -27.04 29.20 8.25
N VAL C 119 -26.74 29.27 6.98
CA VAL C 119 -27.27 28.34 5.99
C VAL C 119 -26.68 26.91 6.13
N LEU C 120 -27.52 25.90 5.95
CA LEU C 120 -27.01 24.53 5.83
C LEU C 120 -26.37 24.36 4.48
N GLU C 121 -25.11 23.98 4.47
CA GLU C 121 -24.46 23.67 3.20
C GLU C 121 -24.36 22.17 3.01
N VAL C 122 -25.08 21.64 2.03
CA VAL C 122 -24.93 20.25 1.62
C VAL C 122 -23.70 20.13 0.73
N ASP C 123 -22.81 19.23 1.08
CA ASP C 123 -21.53 19.13 0.41
C ASP C 123 -21.22 17.67 0.19
N PHE C 124 -21.20 17.24 -1.07
CA PHE C 124 -20.83 15.86 -1.35
C PHE C 124 -19.32 15.63 -1.50
N GLY C 125 -18.53 16.70 -1.53
CA GLY C 125 -17.10 16.56 -1.75
C GLY C 125 -16.37 15.53 -0.91
N PRO C 126 -16.47 15.62 0.42
CA PRO C 126 -15.86 14.60 1.28
C PRO C 126 -16.34 13.21 0.92
N PHE C 127 -17.63 13.10 0.65
CA PHE C 127 -18.23 11.81 0.31
C PHE C 127 -17.69 11.22 -0.98
N ASN C 128 -17.42 12.07 -1.97
CA ASN C 128 -16.97 11.60 -3.26
C ASN C 128 -15.47 11.46 -3.39
N ARG C 129 -14.75 12.10 -2.49
CA ARG C 129 -13.30 12.12 -2.57
C ARG C 129 -12.86 10.68 -2.54
N GLY C 130 -12.03 10.32 -3.51
CA GLY C 130 -11.45 9.00 -3.56
C GLY C 130 -12.06 8.03 -4.55
N PHE C 131 -13.29 8.24 -4.92
CA PHE C 131 -13.87 7.42 -5.96
C PHE C 131 -13.35 7.89 -7.31
N PRO C 132 -13.39 7.02 -8.33
CA PRO C 132 -12.83 7.34 -9.64
C PRO C 132 -13.54 8.47 -10.34
N ARG C 133 -12.80 9.21 -11.15
CA ARG C 133 -13.34 10.27 -11.98
C ARG C 133 -12.71 10.22 -13.37
N LEU C 134 -13.51 10.47 -14.40
CA LEU C 134 -13.00 10.76 -15.73
C LEU C 134 -12.20 12.05 -15.64
N LYS C 135 -11.38 12.30 -16.66
CA LYS C 135 -10.40 13.37 -16.56
C LYS C 135 -10.70 14.44 -17.58
N GLU C 136 -10.74 14.02 -18.84
CA GLU C 136 -11.11 14.88 -19.96
C GLU C 136 -12.62 14.99 -20.10
N SER C 137 -13.13 16.15 -20.53
CA SER C 137 -14.58 16.31 -20.65
C SER C 137 -15.18 15.77 -21.95
N ARG C 138 -14.35 15.60 -22.98
CA ARG C 138 -14.80 14.90 -24.20
C ARG C 138 -15.27 13.50 -23.85
N SER C 139 -14.73 12.96 -22.76
CA SER C 139 -15.04 11.61 -22.33
C SER C 139 -16.33 11.49 -21.55
N ILE C 140 -16.82 12.60 -21.03
CA ILE C 140 -18.04 12.60 -20.20
C ILE C 140 -19.16 11.96 -20.98
N GLY C 141 -19.84 10.97 -20.39
CA GLY C 141 -20.92 10.32 -21.09
C GLY C 141 -20.59 8.93 -21.56
N GLN C 142 -19.32 8.58 -21.59
CA GLN C 142 -19.09 7.14 -21.57
C GLN C 142 -18.36 6.75 -20.32
N GLY C 143 -19.14 6.41 -19.31
CA GLY C 143 -18.61 6.05 -18.03
C GLY C 143 -18.14 4.63 -18.12
N VAL C 144 -19.01 3.77 -18.64
CA VAL C 144 -18.80 2.33 -18.60
C VAL C 144 -17.45 1.92 -19.17
N ILE C 145 -16.95 2.63 -20.17
CA ILE C 145 -15.61 2.34 -20.70
C ILE C 145 -14.52 2.55 -19.68
N PHE C 146 -14.50 3.77 -19.15
CA PHE C 146 -13.63 4.15 -18.07
C PHE C 146 -13.73 3.13 -16.94
N LEU C 147 -14.96 2.78 -16.59
CA LEU C 147 -15.21 1.87 -15.49
C LEU C 147 -14.62 0.50 -15.77
N ASN C 148 -14.67 0.06 -17.02
CA ASN C 148 -14.09 -1.23 -17.32
C ASN C 148 -12.62 -1.18 -17.15
N ARG C 149 -12.02 -0.07 -17.56
CA ARG C 149 -10.59 0.03 -17.51
C ARG C 149 -10.11 0.09 -16.08
N LYS C 150 -10.88 0.76 -15.22
CA LYS C 150 -10.59 0.84 -13.78
C LYS C 150 -10.80 -0.48 -13.10
N LEU C 151 -11.91 -1.13 -13.41
CA LEU C 151 -12.24 -2.41 -12.84
C LEU C 151 -11.19 -3.45 -13.18
N SER C 152 -10.78 -3.51 -14.44
CA SER C 152 -9.84 -4.53 -14.87
C SER C 152 -8.45 -4.19 -14.37
N SER C 153 -8.09 -2.91 -14.44
CA SER C 153 -6.81 -2.49 -13.90
C SER C 153 -6.68 -2.90 -12.43
N GLU C 154 -7.66 -2.50 -11.62
CA GLU C 154 -7.68 -2.86 -10.19
C GLU C 154 -7.62 -4.37 -10.07
N MET C 155 -8.49 -5.06 -10.79
CA MET C 155 -8.61 -6.52 -10.69
C MET C 155 -7.28 -7.20 -10.93
N PHE C 156 -6.45 -6.62 -11.79
CA PHE C 156 -5.12 -7.17 -12.11
C PHE C 156 -4.25 -7.35 -10.87
N SER C 157 -4.52 -6.68 -9.76
CA SER C 157 -3.84 -7.21 -8.59
C SER C 157 -4.83 -8.14 -7.91
N ARG C 158 -4.82 -9.34 -8.51
CA ARG C 158 -5.30 -10.60 -8.05
C ARG C 158 -4.04 -11.42 -7.85
N ILE C 159 -2.90 -10.74 -7.92
CA ILE C 159 -1.67 -11.42 -7.54
C ILE C 159 -1.74 -11.21 -6.03
N GLU C 160 -2.47 -12.12 -5.40
CA GLU C 160 -2.98 -11.99 -4.03
C GLU C 160 -4.18 -12.94 -3.99
N ALA C 161 -4.93 -12.99 -2.89
CA ALA C 161 -6.29 -13.49 -3.04
C ALA C 161 -7.01 -12.43 -3.88
N GLY C 162 -7.46 -12.84 -5.05
CA GLY C 162 -8.28 -12.02 -5.93
C GLY C 162 -9.71 -12.52 -5.81
N HIS C 163 -10.43 -12.52 -6.94
CA HIS C 163 -10.02 -11.74 -8.09
C HIS C 163 -11.22 -11.08 -8.78
N THR C 164 -11.43 -9.78 -8.55
CA THR C 164 -11.30 -9.30 -7.19
C THR C 164 -12.33 -10.16 -6.45
N SER C 165 -13.54 -9.69 -6.53
CA SER C 165 -14.60 -10.37 -5.88
C SER C 165 -15.33 -11.14 -6.95
N LEU C 166 -14.82 -11.06 -8.18
CA LEU C 166 -15.48 -11.66 -9.33
C LEU C 166 -15.88 -13.10 -9.04
N LEU C 167 -15.02 -13.82 -8.34
CA LEU C 167 -15.35 -15.18 -8.01
C LEU C 167 -16.50 -15.24 -7.02
N HIS C 168 -16.51 -14.34 -6.06
CA HIS C 168 -17.62 -14.29 -5.11
C HIS C 168 -18.91 -13.89 -5.85
N PHE C 169 -18.84 -12.74 -6.51
CA PHE C 169 -19.92 -12.15 -7.29
C PHE C 169 -20.57 -13.17 -8.20
N LEU C 170 -19.74 -13.98 -8.84
CA LEU C 170 -20.24 -15.07 -9.66
C LEU C 170 -21.14 -16.03 -8.90
N GLY C 171 -21.05 -16.02 -7.57
CA GLY C 171 -21.80 -16.98 -6.77
C GLY C 171 -23.05 -16.45 -6.08
N VAL C 172 -23.25 -15.14 -6.12
CA VAL C 172 -24.33 -14.52 -5.38
C VAL C 172 -25.58 -14.30 -6.21
N HIS C 173 -25.57 -14.79 -7.44
CA HIS C 173 -26.76 -14.68 -8.28
C HIS C 173 -27.32 -16.07 -8.50
N ALA C 174 -28.63 -16.18 -8.34
CA ALA C 174 -29.34 -17.43 -8.55
C ALA C 174 -30.70 -17.08 -9.14
N ILE C 175 -31.12 -17.81 -10.15
CA ILE C 175 -32.39 -17.49 -10.79
C ILE C 175 -33.48 -18.46 -10.39
N GLU C 176 -34.45 -17.93 -9.62
CA GLU C 176 -35.54 -18.71 -9.08
C GLU C 176 -34.99 -19.84 -8.22
N GLY C 177 -34.11 -19.50 -7.28
CA GLY C 177 -33.67 -20.44 -6.27
C GLY C 177 -32.60 -21.40 -6.74
N GLN C 178 -32.48 -21.53 -8.07
CA GLN C 178 -31.45 -22.34 -8.67
C GLN C 178 -30.12 -21.56 -8.66
N GLN C 179 -29.12 -22.11 -7.99
CA GLN C 179 -27.79 -21.53 -7.88
C GLN C 179 -27.06 -21.51 -9.24
N LEU C 180 -26.41 -20.39 -9.56
CA LEU C 180 -25.78 -20.28 -10.87
C LEU C 180 -24.26 -20.11 -10.89
N MET C 181 -23.68 -20.68 -11.94
CA MET C 181 -22.27 -20.66 -12.34
C MET C 181 -21.35 -21.54 -11.49
N PHE C 182 -21.65 -21.70 -10.20
CA PHE C 182 -20.76 -22.48 -9.35
C PHE C 182 -21.58 -23.24 -8.33
N SER C 183 -21.27 -24.53 -8.16
CA SER C 183 -21.96 -25.36 -7.18
C SER C 183 -21.73 -24.89 -5.75
N ASN C 184 -20.51 -24.46 -5.44
CA ASN C 184 -20.23 -23.89 -4.13
C ASN C 184 -19.25 -22.74 -4.21
N ASN C 185 -19.31 -21.80 -3.26
CA ASN C 185 -18.37 -20.70 -3.29
C ASN C 185 -17.18 -21.18 -2.49
N SER C 186 -16.14 -21.60 -3.19
CA SER C 186 -14.91 -22.03 -2.55
C SER C 186 -13.90 -20.91 -2.57
N HIS C 187 -14.20 -19.88 -3.37
CA HIS C 187 -13.23 -18.83 -3.67
C HIS C 187 -11.90 -19.43 -4.15
N ASP C 188 -10.82 -19.30 -3.37
CA ASP C 188 -9.49 -19.67 -3.87
C ASP C 188 -9.22 -18.82 -5.08
N ILE C 189 -9.39 -19.41 -6.27
CA ILE C 189 -8.82 -19.02 -7.57
C ILE C 189 -7.72 -19.92 -8.04
N HIS C 190 -7.14 -20.73 -7.15
CA HIS C 190 -6.29 -21.79 -7.64
C HIS C 190 -7.20 -22.95 -7.95
N ALA C 191 -8.16 -23.15 -7.04
CA ALA C 191 -9.21 -24.13 -7.23
C ALA C 191 -9.99 -23.82 -8.50
N VAL C 192 -10.50 -22.59 -8.61
CA VAL C 192 -11.31 -22.28 -9.77
C VAL C 192 -10.48 -22.45 -11.05
N ARG C 193 -9.28 -21.89 -11.09
CA ARG C 193 -8.43 -22.12 -12.24
C ARG C 193 -8.33 -23.61 -12.60
N ASN C 194 -8.22 -24.48 -11.58
CA ASN C 194 -8.14 -25.92 -11.87
C ASN C 194 -9.42 -26.49 -12.42
N GLN C 195 -10.54 -26.16 -11.79
CA GLN C 195 -11.84 -26.68 -12.24
C GLN C 195 -12.05 -26.29 -13.67
N LEU C 196 -11.81 -25.02 -13.98
CA LEU C 196 -11.93 -24.53 -15.34
C LEU C 196 -11.02 -25.38 -16.22
N ARG C 197 -9.79 -25.63 -15.78
CA ARG C 197 -8.86 -26.39 -16.61
C ARG C 197 -9.38 -27.79 -16.95
N GLN C 198 -9.90 -28.48 -15.94
CA GLN C 198 -10.48 -29.80 -16.12
C GLN C 198 -11.67 -29.76 -17.05
N ALA C 199 -12.65 -28.93 -16.72
CA ALA C 199 -13.83 -28.73 -17.56
C ALA C 199 -13.47 -28.47 -19.03
N LEU C 200 -12.53 -27.56 -19.28
CA LEU C 200 -12.10 -27.24 -20.63
C LEU C 200 -11.54 -28.49 -21.28
N GLU C 201 -10.78 -29.26 -20.51
CA GLU C 201 -10.18 -30.51 -20.97
C GLU C 201 -11.27 -31.48 -21.44
N MET C 202 -12.26 -31.73 -20.59
CA MET C 202 -13.37 -32.63 -20.91
C MET C 202 -14.07 -32.17 -22.17
N LEU C 203 -14.43 -30.89 -22.16
CA LEU C 203 -15.17 -30.31 -23.26
C LEU C 203 -14.45 -30.59 -24.57
N GLU C 204 -13.11 -30.49 -24.55
CA GLU C 204 -12.30 -30.69 -25.75
C GLU C 204 -12.61 -32.00 -26.47
N THR C 205 -13.07 -32.99 -25.71
CA THR C 205 -13.36 -34.33 -26.23
C THR C 205 -14.83 -34.62 -26.56
N LEU C 206 -15.69 -33.61 -26.49
CA LEU C 206 -17.11 -33.75 -26.82
C LEU C 206 -17.41 -32.92 -28.06
N ASP C 207 -18.45 -33.27 -28.78
CA ASP C 207 -18.80 -32.48 -29.95
C ASP C 207 -19.28 -31.10 -29.49
N GLY C 208 -18.93 -30.08 -30.28
CA GLY C 208 -19.32 -28.72 -30.01
C GLY C 208 -20.80 -28.60 -29.68
N THR C 209 -21.63 -29.32 -30.43
CA THR C 209 -23.07 -29.16 -30.31
C THR C 209 -23.76 -29.93 -29.17
N THR C 210 -22.98 -30.61 -28.33
CA THR C 210 -23.55 -31.23 -27.15
C THR C 210 -24.32 -30.20 -26.36
N PRO C 211 -25.59 -30.47 -26.11
CA PRO C 211 -26.41 -29.57 -25.31
C PRO C 211 -26.06 -29.63 -23.83
N TRP C 212 -26.48 -28.62 -23.08
CA TRP C 212 -26.12 -28.49 -21.68
C TRP C 212 -26.63 -29.65 -20.85
N ILE C 213 -27.76 -30.23 -21.23
CA ILE C 213 -28.35 -31.21 -20.32
C ILE C 213 -27.49 -32.47 -20.24
N GLU C 214 -26.64 -32.68 -21.23
CA GLU C 214 -25.67 -33.77 -21.16
C GLU C 214 -24.47 -33.37 -20.31
N LEU C 215 -24.00 -32.14 -20.48
CA LEU C 215 -22.80 -31.68 -19.79
C LEU C 215 -23.04 -31.57 -18.30
N ALA C 216 -24.30 -31.29 -17.95
CA ALA C 216 -24.66 -30.80 -16.63
C ALA C 216 -24.22 -31.61 -15.41
N PRO C 217 -24.48 -32.94 -15.39
CA PRO C 217 -24.05 -33.69 -14.21
C PRO C 217 -22.53 -33.80 -14.04
N LYS C 218 -21.78 -34.04 -15.12
CA LYS C 218 -20.32 -34.11 -14.98
C LYS C 218 -19.68 -32.75 -14.76
N MET C 219 -20.40 -31.68 -15.11
CA MET C 219 -19.99 -30.33 -14.79
C MET C 219 -20.23 -30.07 -13.32
N ASN C 220 -21.26 -30.70 -12.77
CA ASN C 220 -21.59 -30.50 -11.38
C ASN C 220 -20.48 -31.07 -10.50
N GLN C 221 -19.83 -32.13 -11.00
CA GLN C 221 -18.77 -32.80 -10.26
C GLN C 221 -17.59 -31.87 -10.13
N LEU C 222 -17.35 -31.09 -11.17
CA LEU C 222 -16.20 -30.20 -11.19
C LEU C 222 -16.52 -28.89 -10.46
N GLY C 223 -17.73 -28.79 -9.92
CA GLY C 223 -18.09 -27.64 -9.12
C GLY C 223 -18.80 -26.53 -9.88
N PHE C 224 -19.33 -26.91 -11.03
CA PHE C 224 -20.00 -25.94 -11.90
C PHE C 224 -21.52 -26.11 -11.87
N ALA C 225 -22.20 -25.07 -11.41
CA ALA C 225 -23.65 -24.97 -11.58
C ALA C 225 -23.91 -24.45 -12.99
N PRO C 226 -25.18 -24.37 -13.43
CA PRO C 226 -25.32 -24.01 -14.84
C PRO C 226 -25.31 -22.49 -15.16
N GLY C 227 -25.40 -22.20 -16.44
CA GLY C 227 -25.29 -20.82 -16.88
C GLY C 227 -24.04 -20.44 -17.68
N TRP C 228 -23.19 -21.42 -17.96
CA TRP C 228 -22.00 -21.18 -18.76
C TRP C 228 -22.32 -21.18 -20.25
N GLY C 229 -23.43 -21.77 -20.61
CA GLY C 229 -23.79 -21.88 -22.00
C GLY C 229 -24.87 -22.91 -22.28
N HIS C 230 -25.40 -22.84 -23.49
CA HIS C 230 -26.45 -23.72 -23.92
C HIS C 230 -25.84 -25.01 -24.46
N ASN C 231 -25.00 -24.91 -25.48
CA ASN C 231 -24.26 -26.05 -25.96
C ASN C 231 -22.83 -26.04 -25.40
N ALA C 232 -21.99 -26.96 -25.89
CA ALA C 232 -20.65 -27.11 -25.37
C ALA C 232 -19.72 -26.03 -25.89
N ASN C 233 -19.93 -25.60 -27.12
CA ASN C 233 -19.11 -24.53 -27.66
C ASN C 233 -19.20 -23.31 -26.79
N ARG C 234 -20.42 -22.98 -26.39
CA ARG C 234 -20.66 -21.76 -25.64
C ARG C 234 -20.11 -21.92 -24.23
N VAL C 235 -20.19 -23.13 -23.69
CA VAL C 235 -19.60 -23.36 -22.38
C VAL C 235 -18.10 -23.11 -22.46
N ALA C 236 -17.45 -23.72 -23.44
CA ALA C 236 -16.03 -23.49 -23.66
C ALA C 236 -15.70 -22.02 -23.85
N GLU C 237 -16.55 -21.28 -24.54
CA GLU C 237 -16.28 -19.86 -24.80
C GLU C 237 -16.29 -19.12 -23.48
N THR C 238 -17.37 -19.29 -22.72
CA THR C 238 -17.51 -18.58 -21.46
C THR C 238 -16.36 -18.92 -20.51
N MET C 239 -16.11 -20.21 -20.31
CA MET C 239 -15.07 -20.64 -19.41
C MET C 239 -13.70 -20.16 -19.86
N ASN C 240 -13.44 -20.19 -21.16
CA ASN C 240 -12.17 -19.64 -21.64
C ASN C 240 -12.06 -18.15 -21.34
N MET C 241 -13.18 -17.43 -21.35
CA MET C 241 -13.19 -16.03 -20.96
C MET C 241 -12.75 -15.91 -19.51
N LEU C 242 -13.35 -16.70 -18.64
CA LEU C 242 -12.99 -16.60 -17.23
C LEU C 242 -11.52 -16.99 -17.01
N MET C 243 -11.04 -18.01 -17.73
CA MET C 243 -9.67 -18.43 -17.58
C MET C 243 -8.77 -17.25 -17.94
N ASP C 244 -9.15 -16.56 -19.01
CA ASP C 244 -8.35 -15.45 -19.48
C ASP C 244 -8.31 -14.36 -18.45
N ILE C 245 -9.48 -13.95 -17.93
CA ILE C 245 -9.55 -12.89 -16.91
C ILE C 245 -8.71 -13.29 -15.70
N LEU C 246 -8.87 -14.51 -15.20
CA LEU C 246 -8.08 -14.94 -14.04
C LEU C 246 -6.56 -14.97 -14.28
N GLU C 247 -6.15 -15.08 -15.53
CA GLU C 247 -4.72 -15.01 -15.82
C GLU C 247 -4.17 -13.60 -15.90
N ALA C 248 -4.72 -12.80 -16.80
CA ALA C 248 -4.34 -11.41 -16.96
C ALA C 248 -5.54 -10.57 -17.35
N PRO C 249 -6.32 -10.07 -16.37
CA PRO C 249 -7.52 -9.30 -16.71
C PRO C 249 -7.28 -8.10 -17.63
N SER C 250 -8.25 -7.83 -18.50
CA SER C 250 -8.22 -6.67 -19.42
C SER C 250 -9.63 -6.11 -19.59
N PRO C 251 -9.77 -4.82 -19.94
CA PRO C 251 -11.10 -4.20 -19.98
C PRO C 251 -12.05 -4.83 -21.00
N SER C 252 -11.56 -5.17 -22.19
CA SER C 252 -12.44 -5.74 -23.21
C SER C 252 -12.96 -7.08 -22.75
N ALA C 253 -12.05 -7.91 -22.28
CA ALA C 253 -12.37 -9.25 -21.86
C ALA C 253 -13.31 -9.22 -20.68
N LEU C 254 -13.03 -8.35 -19.73
CA LEU C 254 -13.86 -8.32 -18.52
C LEU C 254 -15.25 -7.85 -18.86
N GLU C 255 -15.35 -6.83 -19.72
CA GLU C 255 -16.66 -6.38 -20.17
C GLU C 255 -17.42 -7.52 -20.85
N GLU C 256 -16.79 -8.18 -21.80
CA GLU C 256 -17.46 -9.24 -22.53
C GLU C 256 -17.92 -10.35 -21.59
N PHE C 257 -17.12 -10.65 -20.57
CA PHE C 257 -17.48 -11.76 -19.70
C PHE C 257 -18.62 -11.33 -18.77
N LEU C 258 -18.48 -10.16 -18.15
CA LEU C 258 -19.51 -9.62 -17.27
C LEU C 258 -20.86 -9.55 -17.97
N ALA C 259 -20.81 -9.08 -19.20
CA ALA C 259 -21.95 -8.93 -20.08
C ALA C 259 -22.80 -10.19 -20.28
N CYS C 260 -22.16 -11.36 -20.15
CA CYS C 260 -22.84 -12.64 -20.37
C CYS C 260 -23.29 -13.39 -19.11
N ILE C 261 -22.97 -12.89 -17.93
CA ILE C 261 -23.45 -13.55 -16.73
C ILE C 261 -24.97 -13.55 -16.71
N PRO C 262 -25.57 -14.72 -16.54
CA PRO C 262 -27.04 -14.82 -16.53
C PRO C 262 -27.63 -14.28 -15.24
N MET C 263 -27.37 -13.01 -14.96
CA MET C 263 -27.97 -12.38 -13.78
C MET C 263 -29.16 -11.44 -14.02
N ILE C 264 -29.55 -11.22 -15.27
CA ILE C 264 -30.66 -10.28 -15.50
C ILE C 264 -31.94 -10.90 -16.08
N SER C 265 -32.94 -10.94 -15.21
CA SER C 265 -34.13 -11.77 -15.35
C SER C 265 -35.34 -10.88 -15.21
N ARG C 266 -35.40 -10.13 -14.10
CA ARG C 266 -36.55 -9.29 -13.77
C ARG C 266 -36.33 -7.76 -13.77
N LEU C 267 -37.00 -7.06 -14.68
CA LEU C 267 -36.95 -5.59 -14.74
C LEU C 267 -38.13 -4.94 -14.03
N LEU C 268 -37.88 -3.81 -13.39
CA LEU C 268 -38.94 -3.01 -12.81
C LEU C 268 -38.75 -1.55 -13.21
N ILE C 269 -39.67 -1.02 -14.02
CA ILE C 269 -39.55 0.34 -14.57
C ILE C 269 -40.60 1.27 -13.95
N LEU C 270 -40.18 2.40 -13.38
CA LEU C 270 -41.08 3.31 -12.69
C LEU C 270 -41.45 4.54 -13.52
N SER C 271 -42.75 4.77 -13.71
CA SER C 271 -43.26 5.99 -14.33
C SER C 271 -44.58 6.44 -13.69
N PRO C 272 -44.53 6.92 -12.44
CA PRO C 272 -45.76 7.13 -11.66
C PRO C 272 -46.64 8.30 -12.14
N HIS C 273 -46.06 9.33 -12.75
CA HIS C 273 -46.87 10.46 -13.22
C HIS C 273 -47.56 10.22 -14.55
N GLY C 274 -48.67 10.93 -14.75
CA GLY C 274 -49.40 10.93 -16.00
C GLY C 274 -50.47 9.87 -16.09
N TYR C 275 -51.07 9.77 -17.29
CA TYR C 275 -51.93 8.65 -17.65
C TYR C 275 -51.07 7.77 -18.55
N PHE C 276 -50.66 6.60 -18.08
CA PHE C 276 -49.66 5.91 -18.88
C PHE C 276 -50.27 5.19 -20.08
N GLY C 277 -50.83 3.99 -19.90
CA GLY C 277 -51.73 3.44 -20.91
C GLY C 277 -51.17 3.13 -22.31
N GLN C 278 -51.92 2.38 -23.10
CA GLN C 278 -51.48 2.02 -24.44
C GLN C 278 -52.33 2.63 -25.56
N ASP C 279 -51.72 3.53 -26.30
CA ASP C 279 -52.28 4.07 -27.56
C ASP C 279 -53.53 4.96 -27.43
N ASN C 280 -54.07 5.07 -26.22
CA ASN C 280 -55.07 6.09 -25.90
C ASN C 280 -54.34 7.41 -25.60
N VAL C 281 -53.01 7.33 -25.71
CA VAL C 281 -52.07 8.41 -25.41
C VAL C 281 -52.05 9.43 -26.55
N LEU C 282 -50.96 10.21 -26.62
CA LEU C 282 -50.86 11.36 -27.51
C LEU C 282 -51.80 12.52 -27.14
N GLY C 283 -51.44 13.22 -26.07
CA GLY C 283 -52.15 14.42 -25.63
C GLY C 283 -52.94 14.48 -24.34
N LEU C 284 -52.90 13.43 -23.51
CA LEU C 284 -53.54 13.47 -22.18
C LEU C 284 -52.83 14.46 -21.24
N PRO C 285 -53.35 14.66 -20.01
CA PRO C 285 -52.55 15.48 -19.07
C PRO C 285 -51.25 14.79 -18.62
N ASP C 286 -50.14 15.52 -18.70
CA ASP C 286 -48.80 15.01 -18.35
C ASP C 286 -48.35 13.77 -19.16
N THR C 287 -48.94 13.55 -20.34
CA THR C 287 -48.52 12.42 -21.18
C THR C 287 -48.07 12.88 -22.57
N GLY C 288 -46.77 12.83 -22.80
CA GLY C 288 -46.19 13.10 -24.10
C GLY C 288 -45.70 11.81 -24.74
N GLY C 289 -44.62 11.92 -25.52
CA GLY C 289 -43.88 10.76 -26.02
C GLY C 289 -43.13 10.10 -24.86
N GLN C 290 -43.45 10.59 -23.67
CA GLN C 290 -43.09 9.96 -22.41
C GLN C 290 -43.43 8.48 -22.43
N VAL C 291 -44.65 8.19 -22.85
CA VAL C 291 -45.11 6.82 -23.01
C VAL C 291 -44.33 6.10 -24.12
N VAL C 292 -44.11 6.78 -25.25
CA VAL C 292 -43.52 6.12 -26.41
C VAL C 292 -42.10 5.59 -26.18
N TYR C 293 -41.31 6.30 -25.37
CA TYR C 293 -39.94 5.90 -25.04
C TYR C 293 -39.98 4.55 -24.34
N ILE C 294 -40.73 4.49 -23.26
CA ILE C 294 -40.87 3.27 -22.49
C ILE C 294 -41.43 2.12 -23.33
N LEU C 295 -42.52 2.37 -24.06
CA LEU C 295 -43.12 1.29 -24.86
C LEU C 295 -42.19 0.76 -25.95
N ASP C 296 -41.63 1.66 -26.75
CA ASP C 296 -40.66 1.24 -27.74
C ASP C 296 -39.41 0.60 -27.13
N GLN C 297 -39.05 0.97 -25.89
CA GLN C 297 -37.87 0.35 -25.29
C GLN C 297 -38.15 -1.08 -24.84
N VAL C 298 -39.21 -1.27 -24.05
CA VAL C 298 -39.36 -2.55 -23.38
C VAL C 298 -39.44 -3.71 -24.34
N ARG C 299 -39.86 -3.46 -25.58
CA ARG C 299 -39.95 -4.54 -26.53
C ARG C 299 -38.55 -5.07 -26.85
N ALA C 300 -37.67 -4.16 -27.24
CA ALA C 300 -36.26 -4.48 -27.53
C ALA C 300 -35.55 -5.07 -26.32
N LEU C 301 -35.79 -4.42 -25.18
CA LEU C 301 -35.22 -4.80 -23.90
C LEU C 301 -35.54 -6.25 -23.58
N GLU C 302 -36.82 -6.57 -23.55
CA GLU C 302 -37.29 -7.93 -23.30
C GLU C 302 -36.66 -8.92 -24.27
N LYS C 303 -36.59 -8.57 -25.54
CA LYS C 303 -35.93 -9.47 -26.48
C LYS C 303 -34.49 -9.78 -26.08
N GLU C 304 -33.67 -8.74 -25.87
CA GLU C 304 -32.27 -8.94 -25.53
C GLU C 304 -32.07 -9.72 -24.24
N MET C 305 -32.87 -9.40 -23.21
CA MET C 305 -32.88 -10.16 -21.98
C MET C 305 -33.00 -11.64 -22.30
N HIS C 306 -34.01 -11.95 -23.11
CA HIS C 306 -34.29 -13.33 -23.44
C HIS C 306 -33.13 -13.98 -24.20
N ASP C 307 -32.61 -13.30 -25.21
CA ASP C 307 -31.47 -13.81 -25.95
C ASP C 307 -30.26 -14.11 -25.05
N ARG C 308 -29.87 -13.16 -24.20
CA ARG C 308 -28.72 -13.36 -23.30
C ARG C 308 -28.94 -14.58 -22.44
N LEU C 309 -30.08 -14.66 -21.76
CA LEU C 309 -30.34 -15.80 -20.89
C LEU C 309 -30.32 -17.12 -21.68
N GLN C 310 -30.90 -17.09 -22.87
CA GLN C 310 -30.99 -18.25 -23.74
C GLN C 310 -29.61 -18.77 -24.07
N LEU C 311 -28.74 -17.87 -24.54
CA LEU C 311 -27.39 -18.25 -24.91
C LEU C 311 -26.66 -18.97 -23.79
N GLN C 312 -26.92 -18.58 -22.56
CA GLN C 312 -26.21 -19.18 -21.44
C GLN C 312 -26.91 -20.45 -20.94
N GLY C 313 -27.93 -20.88 -21.67
CA GLY C 313 -28.67 -22.06 -21.28
C GLY C 313 -29.56 -21.96 -20.04
N VAL C 314 -29.85 -20.76 -19.55
CA VAL C 314 -30.88 -20.66 -18.53
C VAL C 314 -32.23 -20.37 -19.18
N GLN C 315 -33.20 -21.22 -18.85
CA GLN C 315 -34.40 -21.32 -19.65
C GLN C 315 -35.48 -20.37 -19.21
N VAL C 316 -35.29 -19.85 -18.00
CA VAL C 316 -36.29 -19.01 -17.32
C VAL C 316 -36.79 -17.84 -18.18
N GLU C 317 -38.08 -17.52 -18.06
CA GLU C 317 -38.63 -16.42 -18.84
C GLU C 317 -38.62 -15.10 -18.07
N PRO C 318 -37.97 -14.09 -18.66
CA PRO C 318 -37.81 -12.74 -18.09
C PRO C 318 -39.16 -12.05 -17.95
N LYS C 319 -39.25 -11.07 -17.07
CA LYS C 319 -40.48 -10.32 -16.85
C LYS C 319 -40.11 -8.86 -16.69
N ILE C 320 -40.81 -7.97 -17.38
CA ILE C 320 -40.69 -6.53 -17.13
C ILE C 320 -42.00 -6.00 -16.56
N LEU C 321 -41.93 -5.25 -15.46
CA LEU C 321 -43.11 -4.57 -14.97
C LEU C 321 -42.95 -3.06 -15.07
N ILE C 322 -43.80 -2.42 -15.88
CA ILE C 322 -43.88 -0.97 -15.90
C ILE C 322 -44.91 -0.58 -14.85
N VAL C 323 -44.44 0.02 -13.76
CA VAL C 323 -45.32 0.38 -12.66
C VAL C 323 -45.70 1.83 -12.81
N THR C 324 -47.01 2.09 -12.80
CA THR C 324 -47.46 3.47 -12.75
C THR C 324 -48.67 3.60 -11.84
N ARG C 325 -49.30 4.77 -11.85
CA ARG C 325 -50.40 4.98 -10.92
C ARG C 325 -51.73 4.41 -11.38
N LEU C 326 -52.44 3.76 -10.46
CA LEU C 326 -53.81 3.38 -10.70
C LEU C 326 -54.67 4.58 -10.36
N ILE C 327 -55.33 5.07 -11.39
CA ILE C 327 -56.26 6.17 -11.26
C ILE C 327 -57.65 5.58 -11.49
N PRO C 328 -58.46 5.49 -10.42
CA PRO C 328 -59.84 5.04 -10.60
C PRO C 328 -60.61 5.95 -11.60
N ASP C 329 -60.27 7.23 -11.59
CA ASP C 329 -61.03 8.27 -12.28
C ASP C 329 -60.78 8.44 -13.78
N ALA C 330 -60.00 7.54 -14.39
CA ALA C 330 -59.92 7.46 -15.85
C ALA C 330 -61.31 7.19 -16.42
N GLY C 331 -61.86 6.03 -16.07
CA GLY C 331 -63.24 5.65 -16.36
C GLY C 331 -63.44 5.13 -17.77
N ASP C 332 -62.52 5.49 -18.66
CA ASP C 332 -62.54 5.09 -20.07
C ASP C 332 -61.19 4.48 -20.50
N THR C 333 -60.13 5.28 -20.40
CA THR C 333 -58.77 4.81 -20.68
C THR C 333 -58.38 3.73 -19.68
N THR C 334 -57.37 2.93 -20.05
CA THR C 334 -56.99 1.74 -19.29
C THR C 334 -56.48 2.02 -17.87
N CYS C 335 -56.30 3.30 -17.53
CA CYS C 335 -55.65 3.70 -16.26
C CYS C 335 -56.30 3.18 -14.99
N ASN C 336 -57.49 2.58 -15.11
CA ASN C 336 -58.12 1.93 -13.97
C ASN C 336 -57.79 0.44 -13.90
N GLN C 337 -56.95 -0.03 -14.82
CA GLN C 337 -56.67 -1.48 -14.95
C GLN C 337 -55.31 -1.93 -14.39
N ARG C 338 -55.35 -2.68 -13.29
CA ARG C 338 -54.16 -3.12 -12.53
C ARG C 338 -53.07 -3.82 -13.36
N LEU C 339 -53.34 -5.01 -13.86
CA LEU C 339 -52.42 -5.63 -14.81
C LEU C 339 -52.89 -5.39 -16.24
N GLU C 340 -52.01 -4.87 -17.07
CA GLU C 340 -52.32 -4.80 -18.49
C GLU C 340 -51.12 -5.24 -19.35
N LYS C 341 -51.26 -6.35 -20.07
CA LYS C 341 -50.20 -6.86 -20.93
C LYS C 341 -49.81 -5.85 -21.99
N VAL C 342 -48.55 -5.85 -22.39
CA VAL C 342 -48.04 -4.90 -23.38
C VAL C 342 -47.96 -5.58 -24.75
N SER C 343 -48.28 -4.83 -25.79
CA SER C 343 -48.24 -5.34 -27.18
C SER C 343 -46.83 -5.67 -27.66
N GLY C 344 -46.73 -6.73 -28.44
CA GLY C 344 -45.45 -7.08 -29.03
C GLY C 344 -44.51 -7.71 -28.03
N CYS C 345 -45.04 -8.00 -26.85
CA CYS C 345 -44.23 -8.51 -25.76
C CYS C 345 -44.83 -9.72 -25.06
N THR C 346 -43.98 -10.65 -24.68
CA THR C 346 -44.40 -11.87 -24.02
C THR C 346 -44.67 -11.72 -22.55
N ASN C 347 -43.62 -11.42 -21.79
CA ASN C 347 -43.73 -11.20 -20.35
C ASN C 347 -43.69 -9.75 -19.84
N THR C 348 -43.74 -8.75 -20.71
CA THR C 348 -43.89 -7.37 -20.26
C THR C 348 -45.34 -6.97 -19.92
N TRP C 349 -45.52 -6.36 -18.75
CA TRP C 349 -46.84 -5.98 -18.23
C TRP C 349 -46.83 -4.59 -17.58
N ILE C 350 -47.81 -3.76 -17.88
CA ILE C 350 -48.04 -2.55 -17.12
C ILE C 350 -48.70 -2.92 -15.81
N LEU C 351 -48.09 -2.53 -14.69
CA LEU C 351 -48.68 -2.76 -13.38
C LEU C 351 -49.07 -1.44 -12.78
N ARG C 352 -50.38 -1.21 -12.66
CA ARG C 352 -50.90 0.01 -12.05
C ARG C 352 -51.13 -0.15 -10.56
N VAL C 353 -50.74 0.88 -9.80
CA VAL C 353 -50.86 0.86 -8.36
C VAL C 353 -51.55 2.13 -7.85
N PRO C 354 -52.44 1.98 -6.86
CA PRO C 354 -53.17 3.13 -6.30
C PRO C 354 -52.35 4.01 -5.36
N PHE C 355 -52.57 5.32 -5.44
CA PHE C 355 -52.14 6.20 -4.37
C PHE C 355 -53.05 5.93 -3.20
N ARG C 356 -52.58 6.16 -1.98
CA ARG C 356 -53.41 5.99 -0.79
C ARG C 356 -53.11 7.08 0.21
N LYS C 357 -54.05 7.26 1.14
CA LYS C 357 -53.84 8.12 2.31
C LYS C 357 -53.23 7.22 3.36
N HIS C 358 -52.96 7.74 4.56
CA HIS C 358 -52.26 6.96 5.58
C HIS C 358 -53.07 5.74 6.01
N ASN C 359 -54.39 5.92 5.94
CA ASN C 359 -55.36 4.86 6.18
C ASN C 359 -55.77 4.21 4.87
N GLY C 360 -55.11 4.60 3.78
CA GLY C 360 -55.69 4.63 2.44
C GLY C 360 -56.49 3.43 1.98
N GLU C 361 -57.74 3.66 1.54
CA GLU C 361 -58.24 4.93 1.03
C GLU C 361 -57.60 5.42 -0.28
N ILE C 362 -58.10 4.80 -1.35
CA ILE C 362 -57.58 4.79 -2.70
C ILE C 362 -57.44 6.14 -3.45
N ILE C 363 -57.97 7.24 -2.93
CA ILE C 363 -57.61 8.56 -3.53
C ILE C 363 -57.84 8.63 -5.05
N PRO C 364 -59.10 8.80 -5.45
CA PRO C 364 -59.62 8.61 -6.80
C PRO C 364 -59.04 9.47 -7.94
N HIS C 365 -58.94 10.78 -7.78
CA HIS C 365 -58.69 11.63 -8.95
C HIS C 365 -57.22 11.74 -9.36
N TRP C 366 -57.01 12.04 -10.63
CA TRP C 366 -55.68 12.35 -11.17
C TRP C 366 -55.01 13.50 -10.44
N ILE C 367 -53.69 13.37 -10.27
CA ILE C 367 -52.90 14.40 -9.62
C ILE C 367 -51.76 14.76 -10.55
N SER C 368 -51.45 16.04 -10.66
CA SER C 368 -50.35 16.46 -11.53
C SER C 368 -48.99 16.16 -10.90
N ARG C 369 -47.97 16.12 -11.75
CA ARG C 369 -46.62 15.85 -11.32
C ARG C 369 -46.11 16.87 -10.33
N PHE C 370 -46.49 18.14 -10.52
CA PHE C 370 -46.09 19.18 -9.58
C PHE C 370 -46.65 18.99 -8.16
N GLU C 371 -47.76 18.26 -8.04
CA GLU C 371 -48.38 18.03 -6.75
C GLU C 371 -48.07 16.66 -6.16
N ILE C 372 -47.30 15.85 -6.87
CA ILE C 372 -47.24 14.41 -6.55
C ILE C 372 -46.45 14.02 -5.29
N TRP C 373 -45.48 14.85 -4.94
CA TRP C 373 -44.52 14.55 -3.88
C TRP C 373 -45.03 13.94 -2.56
N PRO C 374 -46.14 14.47 -2.00
CA PRO C 374 -46.60 13.90 -0.74
C PRO C 374 -47.08 12.46 -0.87
N HIS C 375 -47.30 11.98 -2.09
CA HIS C 375 -47.82 10.62 -2.24
C HIS C 375 -46.74 9.57 -2.46
N LEU C 376 -45.53 10.04 -2.71
CA LEU C 376 -44.52 9.15 -3.24
C LEU C 376 -44.00 8.10 -2.26
N GLU C 377 -43.78 8.45 -1.00
CA GLU C 377 -43.28 7.45 -0.07
C GLU C 377 -44.29 6.31 0.13
N ILE C 378 -45.55 6.70 0.36
CA ILE C 378 -46.62 5.70 0.50
C ILE C 378 -46.64 4.85 -0.76
N PHE C 379 -46.65 5.51 -1.92
CA PHE C 379 -46.69 4.81 -3.20
C PHE C 379 -45.56 3.81 -3.30
N ALA C 380 -44.40 4.17 -2.78
CA ALA C 380 -43.21 3.38 -2.91
C ALA C 380 -43.33 2.12 -2.08
N GLY C 381 -43.85 2.27 -0.87
CA GLY C 381 -44.17 1.10 -0.06
C GLY C 381 -45.12 0.14 -0.77
N ASP C 382 -46.25 0.69 -1.24
CA ASP C 382 -47.24 -0.09 -2.00
C ASP C 382 -46.60 -0.81 -3.22
N VAL C 383 -45.90 -0.05 -4.06
CA VAL C 383 -45.22 -0.63 -5.22
C VAL C 383 -44.27 -1.75 -4.85
N GLU C 384 -43.47 -1.53 -3.81
CA GLU C 384 -42.59 -2.59 -3.34
C GLU C 384 -43.41 -3.84 -3.13
N ARG C 385 -44.49 -3.76 -2.34
CA ARG C 385 -45.32 -4.95 -2.08
C ARG C 385 -45.85 -5.64 -3.35
N GLU C 386 -46.61 -4.89 -4.15
CA GLU C 386 -47.24 -5.46 -5.34
C GLU C 386 -46.26 -5.98 -6.39
N ALA C 387 -45.22 -5.20 -6.68
CA ALA C 387 -44.23 -5.59 -7.67
C ALA C 387 -43.43 -6.79 -7.20
N LEU C 388 -43.16 -6.83 -5.91
CA LEU C 388 -42.44 -7.98 -5.37
C LEU C 388 -43.28 -9.21 -5.58
N ALA C 389 -44.59 -9.05 -5.45
CA ALA C 389 -45.52 -10.17 -5.61
C ALA C 389 -45.76 -10.59 -7.07
N GLU C 390 -45.76 -9.64 -8.01
CA GLU C 390 -45.96 -9.98 -9.41
C GLU C 390 -44.73 -10.59 -10.05
N LEU C 391 -43.55 -10.19 -9.58
CA LEU C 391 -42.33 -10.91 -9.90
C LEU C 391 -42.24 -12.00 -8.85
N GLY C 392 -41.31 -12.92 -8.96
CA GLY C 392 -41.19 -13.94 -7.93
C GLY C 392 -40.56 -13.41 -6.65
N GLY C 393 -39.99 -12.22 -6.72
CA GLY C 393 -39.08 -11.74 -5.70
C GLY C 393 -38.45 -10.46 -6.21
N HIS C 394 -37.25 -10.15 -5.74
CA HIS C 394 -36.59 -8.90 -6.11
C HIS C 394 -36.34 -8.75 -7.62
N PRO C 395 -36.49 -7.52 -8.12
CA PRO C 395 -36.05 -7.25 -9.48
C PRO C 395 -34.52 -7.18 -9.50
N ASP C 396 -33.94 -7.43 -10.66
CA ASP C 396 -32.50 -7.39 -10.83
C ASP C 396 -32.04 -5.99 -11.22
N LEU C 397 -33.00 -5.21 -11.68
CA LEU C 397 -32.77 -3.84 -12.09
C LEU C 397 -34.02 -3.03 -11.87
N ILE C 398 -33.83 -1.79 -11.43
CA ILE C 398 -34.92 -0.84 -11.24
C ILE C 398 -34.63 0.40 -12.08
N ILE C 399 -35.51 0.74 -13.01
CA ILE C 399 -35.27 1.90 -13.85
C ILE C 399 -36.23 3.00 -13.52
N GLY C 400 -35.72 4.14 -13.06
CA GLY C 400 -36.55 5.29 -12.73
C GLY C 400 -36.76 6.21 -13.92
N ASN C 401 -37.96 6.82 -14.00
CA ASN C 401 -38.32 7.74 -15.10
C ASN C 401 -38.84 9.08 -14.58
N TYR C 402 -38.41 10.15 -15.22
CA TYR C 402 -38.63 11.54 -14.77
C TYR C 402 -38.24 11.76 -13.30
N SER C 403 -38.73 12.80 -12.64
CA SER C 403 -38.21 13.07 -11.30
C SER C 403 -38.91 12.23 -10.25
N ASP C 404 -40.19 11.97 -10.47
CA ASP C 404 -41.01 11.17 -9.58
C ASP C 404 -40.53 9.70 -9.63
N GLY C 405 -40.22 9.23 -10.84
CA GLY C 405 -39.79 7.86 -11.02
C GLY C 405 -38.43 7.65 -10.40
N ASN C 406 -37.54 8.61 -10.60
CA ASN C 406 -36.23 8.54 -9.98
C ASN C 406 -36.32 8.53 -8.47
N LEU C 407 -37.15 9.37 -7.89
CA LEU C 407 -37.29 9.32 -6.44
C LEU C 407 -37.79 7.93 -5.98
N VAL C 408 -38.82 7.40 -6.65
CA VAL C 408 -39.37 6.15 -6.16
C VAL C 408 -38.34 5.04 -6.35
N ALA C 409 -37.64 5.09 -7.48
CA ALA C 409 -36.48 4.22 -7.75
C ALA C 409 -35.47 4.28 -6.59
N THR C 410 -35.11 5.49 -6.18
CA THR C 410 -34.24 5.70 -5.02
C THR C 410 -34.70 4.92 -3.78
N LEU C 411 -35.90 5.26 -3.32
CA LEU C 411 -36.46 4.60 -2.14
C LEU C 411 -36.47 3.07 -2.22
N LEU C 412 -37.07 2.56 -3.29
CA LEU C 412 -37.21 1.12 -3.54
C LEU C 412 -35.88 0.40 -3.60
N SER C 413 -34.95 1.00 -4.36
CA SER C 413 -33.64 0.41 -4.62
C SER C 413 -32.83 0.31 -3.32
N ARG C 414 -32.89 1.34 -2.48
CA ARG C 414 -32.30 1.18 -1.14
C ARG C 414 -33.04 0.13 -0.32
N ARG C 415 -34.35 0.04 -0.48
CA ARG C 415 -35.11 -0.95 0.28
C ARG C 415 -34.77 -2.38 -0.13
N LEU C 416 -34.65 -2.60 -1.43
CA LEU C 416 -34.52 -3.95 -1.93
C LEU C 416 -33.08 -4.35 -2.25
N GLY C 417 -32.16 -3.40 -2.09
CA GLY C 417 -30.78 -3.61 -2.54
C GLY C 417 -30.60 -4.00 -3.99
N VAL C 418 -31.14 -3.17 -4.90
CA VAL C 418 -31.12 -3.48 -6.32
C VAL C 418 -30.39 -2.40 -7.13
N THR C 419 -29.71 -2.80 -8.19
CA THR C 419 -29.05 -1.85 -9.08
C THR C 419 -30.05 -0.84 -9.63
N GLN C 420 -29.74 0.44 -9.51
CA GLN C 420 -30.68 1.50 -9.92
C GLN C 420 -30.19 2.33 -11.09
N CYS C 421 -30.98 2.40 -12.13
CA CYS C 421 -30.72 3.26 -13.27
C CYS C 421 -31.73 4.40 -13.27
N ASN C 422 -31.27 5.64 -13.42
CA ASN C 422 -32.17 6.78 -13.54
C ASN C 422 -32.23 7.28 -14.97
N ILE C 423 -33.43 7.65 -15.42
CA ILE C 423 -33.59 8.42 -16.66
C ILE C 423 -34.44 9.64 -16.40
N ALA C 424 -33.85 10.82 -16.47
CA ALA C 424 -34.59 12.03 -16.14
C ALA C 424 -35.43 12.45 -17.33
N HIS C 425 -34.88 12.20 -18.51
CA HIS C 425 -35.39 12.64 -19.83
C HIS C 425 -35.21 14.16 -19.96
N ALA C 426 -35.26 14.84 -18.82
CA ALA C 426 -35.10 16.27 -18.76
C ALA C 426 -35.16 16.72 -17.31
N LEU C 427 -34.49 17.81 -17.04
CA LEU C 427 -34.41 18.35 -15.71
C LEU C 427 -34.67 19.80 -15.91
N GLU C 428 -35.66 20.30 -15.18
CA GLU C 428 -36.18 21.61 -15.47
C GLU C 428 -35.36 22.75 -14.90
N LYS C 429 -34.51 22.45 -13.92
CA LYS C 429 -33.76 23.51 -13.23
C LYS C 429 -33.00 24.44 -14.18
N THR C 430 -32.52 23.89 -15.29
CA THR C 430 -31.78 24.70 -16.23
C THR C 430 -32.71 25.46 -17.18
N LYS C 431 -33.89 24.88 -17.44
CA LYS C 431 -34.78 25.43 -18.45
C LYS C 431 -35.53 26.62 -17.89
N TYR C 432 -35.80 26.60 -16.60
CA TYR C 432 -36.30 27.79 -15.95
C TYR C 432 -35.16 28.44 -15.18
N LEU C 433 -34.54 29.44 -15.77
CA LEU C 433 -33.39 30.09 -15.15
C LEU C 433 -33.78 30.78 -13.84
N HIS C 434 -32.88 30.71 -12.87
CA HIS C 434 -33.07 31.30 -11.56
C HIS C 434 -34.23 30.72 -10.76
N SER C 435 -34.71 29.53 -11.10
CA SER C 435 -35.83 28.96 -10.31
C SER C 435 -35.43 28.47 -8.95
N ASP C 436 -34.13 28.49 -8.65
CA ASP C 436 -33.64 28.09 -7.35
C ASP C 436 -33.63 29.27 -6.37
N ILE C 437 -32.85 30.30 -6.69
CA ILE C 437 -32.81 31.51 -5.88
C ILE C 437 -34.22 32.13 -5.72
N TYR C 438 -34.99 32.07 -6.80
CA TYR C 438 -36.36 32.59 -6.79
C TYR C 438 -37.44 31.54 -6.49
N TRP C 439 -37.04 30.39 -5.96
CA TRP C 439 -37.96 29.28 -5.70
C TRP C 439 -39.23 29.59 -4.95
N GLN C 440 -39.17 30.51 -3.99
CA GLN C 440 -40.35 30.83 -3.19
C GLN C 440 -41.41 31.47 -4.07
N GLU C 441 -40.97 32.27 -5.04
CA GLU C 441 -41.89 32.75 -6.07
C GLU C 441 -42.68 31.57 -6.67
N ASN C 442 -41.98 30.52 -7.05
CA ASN C 442 -42.59 29.47 -7.86
C ASN C 442 -43.17 28.26 -7.12
N GLU C 443 -43.20 28.28 -5.79
CA GLU C 443 -43.55 27.07 -5.06
C GLU C 443 -45.01 26.63 -5.29
N ASP C 444 -45.87 27.62 -5.48
CA ASP C 444 -47.31 27.48 -5.56
C ASP C 444 -47.77 26.70 -6.81
N LYS C 445 -47.21 27.10 -7.94
CA LYS C 445 -47.53 26.51 -9.23
C LYS C 445 -46.68 25.28 -9.49
N TYR C 446 -45.37 25.50 -9.54
CA TYR C 446 -44.33 24.53 -9.89
C TYR C 446 -43.80 23.55 -8.81
N HIS C 447 -43.79 23.97 -7.55
CA HIS C 447 -43.29 23.12 -6.46
C HIS C 447 -41.85 22.63 -6.55
N PHE C 448 -40.98 23.51 -7.02
CA PHE C 448 -39.60 23.19 -7.33
C PHE C 448 -38.70 22.85 -6.14
N SER C 449 -39.09 23.21 -4.92
CA SER C 449 -38.25 22.83 -3.79
C SER C 449 -38.29 21.31 -3.64
N CYS C 450 -39.49 20.77 -3.57
CA CYS C 450 -39.70 19.33 -3.56
C CYS C 450 -38.98 18.63 -4.70
N GLN C 451 -39.17 19.13 -5.92
CA GLN C 451 -38.66 18.48 -7.12
C GLN C 451 -37.15 18.57 -7.24
N TYR C 452 -36.58 19.72 -6.92
CA TYR C 452 -35.14 19.85 -6.99
C TYR C 452 -34.43 19.02 -5.92
N THR C 453 -34.95 19.04 -4.70
CA THR C 453 -34.41 18.19 -3.67
C THR C 453 -34.48 16.71 -4.06
N ALA C 454 -35.63 16.31 -4.57
CA ALA C 454 -35.79 14.95 -5.06
C ALA C 454 -34.71 14.67 -6.09
N ASP C 455 -34.50 15.62 -6.97
CA ASP C 455 -33.59 15.45 -8.07
C ASP C 455 -32.21 15.15 -7.54
N LEU C 456 -31.76 16.00 -6.63
CA LEU C 456 -30.41 15.96 -6.08
C LEU C 456 -30.19 14.61 -5.39
N LEU C 457 -31.12 14.25 -4.53
CA LEU C 457 -31.15 12.95 -3.88
C LEU C 457 -30.96 11.79 -4.86
N ALA C 458 -31.66 11.85 -5.98
CA ALA C 458 -31.68 10.72 -6.88
C ALA C 458 -30.46 10.65 -7.77
N MET C 459 -30.00 11.77 -8.29
CA MET C 459 -28.80 11.71 -9.12
C MET C 459 -27.63 11.26 -8.24
N ASN C 460 -27.71 11.53 -6.94
CA ASN C 460 -26.68 11.02 -6.07
C ASN C 460 -26.90 9.56 -5.67
N SER C 461 -28.13 9.09 -5.69
CA SER C 461 -28.38 7.70 -5.32
C SER C 461 -28.16 6.64 -6.42
N ALA C 462 -28.14 7.04 -7.67
CA ALA C 462 -28.14 6.09 -8.79
C ALA C 462 -26.83 5.36 -8.96
N ASP C 463 -26.93 4.12 -9.41
CA ASP C 463 -25.75 3.36 -9.82
C ASP C 463 -25.29 3.74 -11.22
N PHE C 464 -26.20 3.79 -12.18
CA PHE C 464 -25.92 4.52 -13.41
C PHE C 464 -27.05 5.46 -13.83
N ILE C 465 -26.71 6.34 -14.77
CA ILE C 465 -27.55 7.44 -15.18
C ILE C 465 -27.56 7.44 -16.69
N VAL C 466 -28.71 7.21 -17.31
CA VAL C 466 -28.79 7.18 -18.78
C VAL C 466 -29.35 8.48 -19.36
N THR C 467 -28.71 8.97 -20.40
CA THR C 467 -29.15 10.21 -21.03
C THR C 467 -29.07 10.04 -22.54
N SER C 468 -29.92 10.74 -23.30
CA SER C 468 -30.02 10.53 -24.75
C SER C 468 -28.98 11.27 -25.56
N THR C 469 -28.44 12.31 -24.94
CA THR C 469 -27.51 13.17 -25.62
C THR C 469 -26.35 13.47 -24.67
N TYR C 470 -25.25 13.98 -25.21
CA TYR C 470 -24.20 14.49 -24.35
C TYR C 470 -24.64 15.78 -23.67
N GLN C 471 -25.18 16.70 -24.46
CA GLN C 471 -25.63 18.00 -23.98
C GLN C 471 -26.50 17.89 -22.73
N GLU C 472 -27.30 16.84 -22.64
CA GLU C 472 -28.17 16.65 -21.48
C GLU C 472 -27.36 16.70 -20.18
N ILE C 473 -26.09 16.30 -20.26
CA ILE C 473 -25.23 16.19 -19.09
C ILE C 473 -24.37 17.43 -18.87
N ALA C 474 -23.43 17.63 -19.78
CA ALA C 474 -22.46 18.74 -19.70
C ALA C 474 -22.70 19.93 -20.63
N GLY C 475 -23.80 19.90 -21.38
CA GLY C 475 -24.11 20.96 -22.33
C GLY C 475 -23.12 21.16 -23.46
N THR C 476 -22.79 22.43 -23.71
CA THR C 476 -21.83 22.82 -24.77
C THR C 476 -20.80 23.78 -24.21
N ARG C 477 -19.94 24.33 -25.08
CA ARG C 477 -18.98 25.35 -24.61
C ARG C 477 -19.76 26.59 -24.20
N GLU C 478 -20.85 26.80 -24.90
CA GLU C 478 -21.79 27.90 -24.67
C GLU C 478 -22.69 27.69 -23.46
N ALA C 479 -23.49 26.63 -23.48
CA ALA C 479 -24.51 26.40 -22.45
C ALA C 479 -24.13 25.36 -21.39
N GLU C 480 -24.44 25.64 -20.13
CA GLU C 480 -24.29 24.61 -19.10
C GLU C 480 -25.32 23.53 -19.37
N GLY C 481 -25.02 22.30 -18.94
CA GLY C 481 -25.90 21.18 -19.21
C GLY C 481 -26.93 21.01 -18.11
N GLN C 482 -27.84 20.07 -18.29
CA GLN C 482 -28.92 19.94 -17.33
C GLN C 482 -28.44 19.46 -15.96
N TYR C 483 -27.66 18.39 -15.92
CA TYR C 483 -27.13 17.95 -14.63
C TYR C 483 -26.12 18.96 -14.12
N GLU C 484 -25.34 19.54 -15.01
CA GLU C 484 -24.33 20.54 -14.67
C GLU C 484 -24.90 21.63 -13.73
N SER C 485 -26.13 21.99 -14.02
CA SER C 485 -26.90 22.98 -13.29
C SER C 485 -26.97 22.68 -11.79
N TYR C 486 -26.84 21.40 -11.41
CA TYR C 486 -26.99 20.99 -10.00
C TYR C 486 -25.71 20.89 -9.20
N GLN C 487 -24.56 21.20 -9.81
CA GLN C 487 -23.29 21.09 -9.09
C GLN C 487 -23.25 22.01 -7.88
N ALA C 488 -23.66 23.27 -8.08
CA ALA C 488 -23.80 24.21 -6.97
C ALA C 488 -24.99 25.13 -7.22
N PHE C 489 -25.85 25.25 -6.21
CA PHE C 489 -27.02 26.11 -6.32
C PHE C 489 -27.56 26.51 -4.96
N SER C 490 -28.36 27.57 -4.92
CA SER C 490 -28.93 28.08 -3.67
C SER C 490 -30.44 28.01 -3.61
N MET C 491 -30.95 27.52 -2.49
CA MET C 491 -32.37 27.52 -2.20
C MET C 491 -32.48 28.28 -0.92
N PRO C 492 -32.69 29.60 -1.00
CA PRO C 492 -32.57 30.44 0.20
C PRO C 492 -33.65 30.06 1.19
N ASP C 493 -33.29 30.08 2.47
CA ASP C 493 -34.17 29.60 3.54
C ASP C 493 -34.35 28.08 3.55
N LEU C 494 -33.76 27.38 2.59
CA LEU C 494 -33.71 25.93 2.62
C LEU C 494 -32.32 25.39 2.88
N TYR C 495 -31.44 25.56 1.89
CA TYR C 495 -30.07 25.07 1.96
C TYR C 495 -29.31 25.48 0.73
N ARG C 496 -27.99 25.33 0.80
CA ARG C 496 -27.11 25.58 -0.33
C ARG C 496 -26.47 24.25 -0.71
N VAL C 497 -26.27 24.02 -2.00
CA VAL C 497 -25.65 22.79 -2.45
C VAL C 497 -24.34 23.12 -3.15
N ILE C 498 -23.25 22.47 -2.74
CA ILE C 498 -22.04 22.47 -3.55
C ILE C 498 -21.60 21.02 -3.77
N HIS C 499 -20.80 20.79 -4.81
CA HIS C 499 -20.51 19.42 -5.24
C HIS C 499 -21.77 18.56 -5.38
N GLY C 500 -22.81 19.08 -6.00
CA GLY C 500 -24.08 18.37 -6.02
C GLY C 500 -24.02 17.14 -6.89
N ILE C 501 -23.26 17.22 -7.97
CA ILE C 501 -23.09 16.11 -8.88
C ILE C 501 -21.70 16.24 -9.53
N ASP C 502 -21.01 15.13 -9.73
CA ASP C 502 -19.72 15.14 -10.43
C ASP C 502 -19.96 14.74 -11.87
N LEU C 503 -19.78 15.66 -12.79
CA LEU C 503 -20.04 15.31 -14.17
C LEU C 503 -19.07 14.25 -14.68
N PHE C 504 -17.93 14.11 -14.00
CA PHE C 504 -16.91 13.14 -14.40
C PHE C 504 -17.06 11.81 -13.69
N ASP C 505 -18.05 11.68 -12.84
CA ASP C 505 -18.36 10.37 -12.31
C ASP C 505 -18.69 9.44 -13.47
N PRO C 506 -18.22 8.20 -13.41
CA PRO C 506 -18.49 7.14 -14.39
C PRO C 506 -19.95 6.74 -14.48
N LYS C 507 -20.81 7.20 -13.56
CA LYS C 507 -22.19 6.74 -13.57
C LYS C 507 -22.94 7.18 -14.83
N PHE C 508 -22.51 8.29 -15.43
CA PHE C 508 -23.19 8.83 -16.61
C PHE C 508 -22.90 8.07 -17.89
N ASN C 509 -23.95 7.59 -18.54
CA ASN C 509 -23.87 6.97 -19.85
C ASN C 509 -24.88 7.49 -20.84
N ILE C 510 -24.39 7.91 -22.01
CA ILE C 510 -25.27 8.27 -23.10
C ILE C 510 -25.73 6.99 -23.81
N VAL C 511 -27.02 6.69 -23.73
CA VAL C 511 -27.57 5.63 -24.55
C VAL C 511 -28.77 6.23 -25.26
N SER C 512 -28.61 6.39 -26.56
CA SER C 512 -29.62 7.07 -27.34
C SER C 512 -30.66 6.07 -27.74
N PRO C 513 -31.92 6.49 -27.83
CA PRO C 513 -32.98 5.65 -28.39
C PRO C 513 -32.87 5.70 -29.88
N GLY C 514 -33.83 5.13 -30.58
CA GLY C 514 -33.70 4.93 -32.01
C GLY C 514 -35.08 4.72 -32.61
N ALA C 515 -35.09 4.07 -33.77
CA ALA C 515 -36.22 3.28 -34.32
C ALA C 515 -37.49 4.14 -34.26
N ASN C 516 -38.73 3.68 -34.04
CA ASN C 516 -39.30 2.34 -34.17
C ASN C 516 -39.03 1.74 -35.55
N ALA C 517 -38.38 0.59 -35.56
CA ALA C 517 -37.86 0.06 -36.81
C ALA C 517 -38.92 -0.72 -37.59
N ASP C 518 -40.05 -0.97 -36.96
CA ASP C 518 -41.12 -1.63 -37.67
C ASP C 518 -41.87 -0.63 -38.54
N ILE C 519 -41.92 0.60 -38.05
CA ILE C 519 -42.56 1.68 -38.79
C ILE C 519 -41.58 2.41 -39.72
N TYR C 520 -40.53 2.97 -39.16
CA TYR C 520 -39.58 3.74 -39.96
C TYR C 520 -38.34 2.91 -40.33
N PHE C 521 -38.13 2.73 -41.62
CA PHE C 521 -36.98 1.95 -42.08
C PHE C 521 -36.64 2.40 -43.50
N PRO C 522 -35.54 1.87 -44.08
CA PRO C 522 -35.08 2.45 -45.35
C PRO C 522 -35.95 2.17 -46.57
N TYR C 523 -36.00 3.17 -47.44
CA TYR C 523 -36.74 3.11 -48.69
C TYR C 523 -36.26 1.90 -49.49
N SER C 524 -35.00 1.53 -49.29
CA SER C 524 -34.34 0.51 -50.09
C SER C 524 -34.52 -0.91 -49.53
N ASP C 525 -35.36 -1.03 -48.51
CA ASP C 525 -35.74 -2.33 -47.96
C ASP C 525 -36.56 -3.13 -48.97
N PRO C 526 -36.06 -4.31 -49.35
CA PRO C 526 -36.72 -5.16 -50.36
C PRO C 526 -38.12 -5.63 -49.92
N ASN C 527 -38.20 -6.13 -48.69
CA ASN C 527 -39.39 -6.79 -48.19
C ASN C 527 -40.47 -5.84 -47.67
N ARG C 528 -40.11 -5.06 -46.65
CA ARG C 528 -41.10 -4.42 -45.77
C ARG C 528 -41.91 -3.19 -46.26
N ARG C 529 -41.57 -2.58 -47.39
CA ARG C 529 -42.26 -1.36 -47.80
C ARG C 529 -43.76 -1.61 -47.94
N LEU C 530 -44.59 -0.59 -47.67
CA LEU C 530 -46.01 -0.79 -47.84
C LEU C 530 -46.42 -0.15 -49.16
N HIS C 531 -46.54 -0.98 -50.19
CA HIS C 531 -46.64 -0.49 -51.56
C HIS C 531 -48.05 0.00 -51.77
N SER C 532 -48.96 -0.56 -50.97
CA SER C 532 -50.38 -0.45 -51.20
C SER C 532 -50.91 0.89 -50.73
N LEU C 533 -50.11 1.60 -49.95
CA LEU C 533 -50.45 2.95 -49.53
C LEU C 533 -49.87 4.02 -50.48
N ILE C 534 -48.96 3.62 -51.37
CA ILE C 534 -48.29 4.56 -52.28
C ILE C 534 -49.23 5.30 -53.23
N PRO C 535 -50.24 4.61 -53.77
CA PRO C 535 -51.26 5.40 -54.46
C PRO C 535 -51.84 6.48 -53.56
N GLU C 536 -52.24 6.12 -52.34
CA GLU C 536 -52.77 7.09 -51.38
C GLU C 536 -51.81 8.24 -51.08
N ILE C 537 -50.53 7.93 -50.96
CA ILE C 537 -49.52 8.97 -50.69
C ILE C 537 -49.59 10.03 -51.79
N GLU C 538 -49.65 9.56 -53.04
CA GLU C 538 -49.67 10.47 -54.19
C GLU C 538 -50.96 11.27 -54.31
N SER C 539 -52.08 10.70 -53.85
CA SER C 539 -53.32 11.46 -53.75
C SER C 539 -53.04 12.71 -52.92
N LEU C 540 -52.72 12.49 -51.64
CA LEU C 540 -52.47 13.54 -50.67
C LEU C 540 -51.49 14.62 -51.17
N ILE C 541 -50.41 14.20 -51.81
CA ILE C 541 -49.41 15.17 -52.28
C ILE C 541 -49.79 15.90 -53.56
N PHE C 542 -49.89 15.16 -54.65
CA PHE C 542 -49.98 15.79 -55.97
C PHE C 542 -51.39 16.15 -56.49
N ASP C 543 -52.43 15.58 -55.87
CA ASP C 543 -53.79 15.92 -56.24
C ASP C 543 -54.35 16.99 -55.31
N ASP C 544 -55.64 17.27 -55.40
CA ASP C 544 -56.15 18.50 -54.80
C ASP C 544 -57.34 18.50 -53.83
N ALA C 545 -57.73 19.73 -53.54
CA ALA C 545 -58.76 20.16 -52.62
C ALA C 545 -58.76 19.56 -51.22
N THR C 546 -59.91 19.73 -50.57
CA THR C 546 -59.89 20.00 -49.14
C THR C 546 -60.34 18.98 -48.10
N ASN C 547 -60.83 17.82 -48.51
CA ASN C 547 -61.73 17.02 -47.65
C ASN C 547 -61.26 16.80 -46.20
N LEU C 548 -60.00 16.37 -46.05
CA LEU C 548 -59.27 16.50 -44.79
C LEU C 548 -58.16 17.46 -45.14
N PRO C 549 -57.82 18.34 -44.20
CA PRO C 549 -57.29 19.66 -44.55
C PRO C 549 -56.17 19.69 -45.63
N ALA C 550 -56.20 20.73 -46.45
CA ALA C 550 -55.32 20.90 -47.58
C ALA C 550 -55.24 22.45 -47.81
N ARG C 551 -54.67 23.04 -48.87
CA ARG C 551 -54.50 22.58 -50.25
C ARG C 551 -53.34 23.27 -50.94
N GLY C 552 -53.45 23.35 -52.26
CA GLY C 552 -52.48 24.08 -53.04
C GLY C 552 -51.74 23.37 -54.14
N TYR C 553 -52.09 22.11 -54.40
CA TYR C 553 -52.04 21.57 -55.77
C TYR C 553 -50.83 22.02 -56.61
N LEU C 554 -49.67 21.44 -56.33
CA LEU C 554 -48.43 21.82 -56.99
C LEU C 554 -48.58 21.90 -58.50
N GLN C 555 -49.17 20.84 -59.05
CA GLN C 555 -48.96 20.44 -60.43
C GLN C 555 -47.44 20.35 -60.62
N ASP C 556 -46.97 20.61 -61.85
CA ASP C 556 -45.54 20.64 -62.21
C ASP C 556 -44.56 19.76 -61.40
N PRO C 557 -44.90 18.48 -61.13
CA PRO C 557 -44.04 17.78 -60.18
C PRO C 557 -42.98 16.88 -60.82
N ASP C 558 -42.19 17.40 -61.74
CA ASP C 558 -41.05 16.64 -62.27
C ASP C 558 -39.86 17.04 -61.41
N LYS C 559 -40.08 18.04 -60.56
CA LYS C 559 -39.04 18.68 -59.77
C LYS C 559 -38.84 17.93 -58.47
N PRO C 560 -37.67 18.12 -57.83
CA PRO C 560 -37.41 17.49 -56.53
C PRO C 560 -38.39 17.94 -55.45
N LEU C 561 -38.23 17.37 -54.27
CA LEU C 561 -39.21 17.58 -53.20
C LEU C 561 -38.56 17.92 -51.84
N ILE C 562 -39.14 18.90 -51.16
CA ILE C 562 -38.71 19.26 -49.82
C ILE C 562 -39.85 19.00 -48.86
N PHE C 563 -39.60 18.08 -47.95
CA PHE C 563 -40.63 17.54 -47.08
C PHE C 563 -40.36 17.90 -45.62
N THR C 564 -41.43 18.16 -44.86
CA THR C 564 -41.34 18.25 -43.40
C THR C 564 -42.65 17.97 -42.70
N MET C 565 -42.55 17.58 -41.44
CA MET C 565 -43.70 17.15 -40.68
C MET C 565 -43.36 17.43 -39.22
N ALA C 566 -44.36 17.77 -38.43
CA ALA C 566 -44.18 18.11 -37.02
C ALA C 566 -45.52 18.50 -36.40
N ARG C 567 -45.54 18.72 -35.09
CA ARG C 567 -46.66 19.46 -34.53
C ARG C 567 -46.47 20.89 -35.04
N LEU C 568 -47.48 21.48 -35.68
CA LEU C 568 -47.31 22.86 -36.13
C LEU C 568 -47.52 23.82 -34.97
N ASP C 569 -46.46 24.54 -34.65
CA ASP C 569 -46.41 25.36 -33.45
C ASP C 569 -45.03 26.04 -33.43
N ARG C 570 -44.83 26.95 -32.49
CA ARG C 570 -43.53 27.56 -32.41
C ARG C 570 -42.74 26.85 -31.33
N ILE C 571 -41.99 25.87 -31.81
CA ILE C 571 -40.64 25.53 -31.43
C ILE C 571 -40.12 25.07 -32.78
N LYS C 572 -40.90 24.16 -33.36
CA LYS C 572 -40.63 23.48 -34.63
C LYS C 572 -40.42 24.36 -35.86
N ASN C 573 -41.01 25.56 -35.86
CA ASN C 573 -40.72 26.61 -36.86
C ASN C 573 -41.03 26.25 -38.33
N ILE C 574 -42.22 25.72 -38.56
CA ILE C 574 -42.62 25.31 -39.91
C ILE C 574 -42.76 26.57 -40.75
N THR C 575 -43.46 27.54 -40.16
CA THR C 575 -43.68 28.85 -40.74
C THR C 575 -42.40 29.50 -41.25
N GLY C 576 -41.33 29.40 -40.46
CA GLY C 576 -40.02 29.91 -40.86
C GLY C 576 -39.42 29.16 -42.03
N LEU C 577 -39.79 27.88 -42.17
CA LEU C 577 -39.33 27.08 -43.32
C LEU C 577 -40.01 27.55 -44.59
N VAL C 578 -41.35 27.57 -44.56
CA VAL C 578 -42.16 28.06 -45.68
C VAL C 578 -41.70 29.46 -46.07
N GLU C 579 -41.39 30.27 -45.04
CA GLU C 579 -40.85 31.62 -45.18
C GLU C 579 -39.51 31.72 -45.91
N LEU C 580 -38.52 30.96 -45.44
CA LEU C 580 -37.20 31.00 -46.08
C LEU C 580 -37.26 30.37 -47.48
N TYR C 581 -38.35 29.65 -47.75
CA TYR C 581 -38.67 29.18 -49.11
C TYR C 581 -39.27 30.29 -49.97
N ALA C 582 -40.08 31.15 -49.35
CA ALA C 582 -40.68 32.29 -50.02
C ALA C 582 -39.67 33.11 -50.82
N ALA C 583 -38.72 33.73 -50.12
CA ALA C 583 -37.68 34.48 -50.81
C ALA C 583 -36.73 33.53 -51.53
N SER C 584 -35.71 34.11 -52.18
CA SER C 584 -34.72 33.34 -52.96
C SER C 584 -35.36 32.39 -53.97
N PRO C 585 -35.87 32.94 -55.09
CA PRO C 585 -36.54 32.19 -56.16
C PRO C 585 -35.70 31.04 -56.72
N ARG C 586 -34.41 31.00 -56.40
CA ARG C 586 -33.54 29.91 -56.84
C ARG C 586 -34.03 28.52 -56.43
N LEU C 587 -34.28 28.30 -55.13
CA LEU C 587 -34.80 27.00 -54.65
C LEU C 587 -36.32 26.88 -54.86
N ARG C 588 -37.00 28.01 -55.04
CA ARG C 588 -38.40 28.01 -55.46
C ARG C 588 -38.52 27.30 -56.80
N SER C 589 -37.62 27.66 -57.71
CA SER C 589 -37.57 27.10 -59.06
C SER C 589 -36.90 25.73 -59.09
N LEU C 590 -36.01 25.49 -58.13
CA LEU C 590 -35.30 24.22 -58.05
C LEU C 590 -36.12 23.07 -57.47
N ALA C 591 -37.09 23.39 -56.61
CA ALA C 591 -37.87 22.36 -55.93
C ALA C 591 -39.24 22.82 -55.42
N ASN C 592 -40.11 21.84 -55.17
CA ASN C 592 -41.40 22.07 -54.53
C ASN C 592 -41.28 21.83 -53.03
N LEU C 593 -42.35 22.08 -52.29
CA LEU C 593 -42.31 21.91 -50.84
C LEU C 593 -43.55 21.26 -50.25
N VAL C 594 -43.40 20.12 -49.57
CA VAL C 594 -44.54 19.50 -48.88
C VAL C 594 -44.51 19.77 -47.38
N ILE C 595 -45.67 20.01 -46.79
CA ILE C 595 -45.78 20.21 -45.35
C ILE C 595 -46.88 19.36 -44.74
N VAL C 596 -46.57 18.63 -43.67
CA VAL C 596 -47.58 17.83 -42.99
C VAL C 596 -47.61 18.17 -41.52
N GLY C 597 -48.79 18.06 -40.92
CA GLY C 597 -49.04 18.52 -39.58
C GLY C 597 -49.65 19.89 -39.76
N GLY C 598 -50.63 20.22 -38.92
CA GLY C 598 -51.38 21.44 -39.11
C GLY C 598 -52.83 21.25 -38.70
N LYS C 599 -53.64 22.27 -38.99
CA LYS C 599 -55.10 22.25 -38.78
C LYS C 599 -55.87 22.78 -39.99
N ILE C 600 -55.49 23.96 -40.50
CA ILE C 600 -56.14 24.52 -41.70
C ILE C 600 -57.61 24.88 -41.48
N ASP C 601 -57.86 26.11 -41.01
CA ASP C 601 -59.16 26.50 -40.42
C ASP C 601 -59.46 25.89 -39.04
N PRO C 602 -58.89 26.51 -37.98
CA PRO C 602 -59.03 26.18 -36.56
C PRO C 602 -60.47 25.91 -36.12
N GLN C 603 -61.43 26.50 -36.83
CA GLN C 603 -62.82 26.58 -36.40
C GLN C 603 -62.95 27.39 -35.09
N HIS C 604 -63.81 27.00 -34.17
CA HIS C 604 -64.16 27.91 -33.06
C HIS C 604 -63.49 27.71 -31.67
N SER C 605 -63.74 26.64 -30.89
CA SER C 605 -64.36 25.32 -31.21
C SER C 605 -63.65 24.45 -32.27
N SER C 606 -62.51 23.89 -31.90
CA SER C 606 -61.98 24.05 -30.56
C SER C 606 -60.51 24.45 -30.56
N ASP C 607 -59.68 23.49 -30.99
CA ASP C 607 -58.22 23.57 -30.93
C ASP C 607 -57.66 23.94 -29.56
N HIS C 608 -56.63 24.77 -29.59
CA HIS C 608 -55.82 25.09 -28.43
C HIS C 608 -54.66 26.00 -28.85
N GLU C 609 -54.08 26.66 -27.86
CA GLU C 609 -52.77 27.32 -28.01
C GLU C 609 -52.57 28.28 -29.19
N GLU C 610 -51.59 27.92 -30.03
CA GLU C 610 -51.10 28.83 -31.05
C GLU C 610 -52.19 29.30 -32.01
N GLN C 611 -52.60 28.46 -32.98
CA GLN C 611 -53.68 28.78 -33.93
C GLN C 611 -53.35 30.02 -34.77
N GLU C 612 -52.33 30.75 -34.31
CA GLU C 612 -51.84 31.95 -34.95
C GLU C 612 -50.82 31.44 -35.95
N GLN C 613 -50.40 30.20 -35.73
CA GLN C 613 -49.43 29.57 -36.59
C GLN C 613 -50.15 29.24 -37.88
N ILE C 614 -51.39 28.78 -37.73
CA ILE C 614 -52.29 28.60 -38.86
C ILE C 614 -52.50 29.89 -39.66
N HIS C 615 -52.87 30.97 -38.97
CA HIS C 615 -53.13 32.25 -39.64
C HIS C 615 -51.89 32.75 -40.37
N ARG C 616 -50.72 32.55 -39.74
CA ARG C 616 -49.44 32.99 -40.30
C ARG C 616 -49.08 32.15 -41.53
N MET C 617 -49.54 30.89 -41.50
CA MET C 617 -49.32 29.96 -42.60
C MET C 617 -50.16 30.33 -43.81
N HIS C 618 -51.46 30.46 -43.59
CA HIS C 618 -52.38 30.85 -44.66
C HIS C 618 -51.95 32.19 -45.21
N GLN C 619 -51.60 33.11 -44.32
CA GLN C 619 -51.15 34.44 -44.72
C GLN C 619 -49.89 34.39 -45.57
N LEU C 620 -48.91 33.63 -45.11
CA LEU C 620 -47.63 33.53 -45.81
C LEU C 620 -47.80 32.85 -47.16
N MET C 621 -48.80 31.97 -47.24
CA MET C 621 -49.10 31.20 -48.45
C MET C 621 -49.92 32.02 -49.48
N ASP C 622 -50.76 32.95 -48.98
CA ASP C 622 -51.49 33.90 -49.81
C ASP C 622 -50.50 34.84 -50.48
N GLU C 623 -49.66 35.47 -49.66
CA GLU C 623 -48.53 36.25 -50.11
C GLU C 623 -47.55 35.33 -50.84
N HIS C 624 -46.70 35.89 -51.70
CA HIS C 624 -45.68 35.14 -52.47
C HIS C 624 -46.21 34.22 -53.59
N GLU C 625 -47.54 34.08 -53.69
CA GLU C 625 -48.17 33.08 -54.59
C GLU C 625 -47.59 31.68 -54.38
N LEU C 626 -47.76 31.14 -53.17
CA LEU C 626 -47.10 29.89 -52.76
C LEU C 626 -47.78 28.60 -53.19
N ASP C 627 -49.07 28.65 -53.50
CA ASP C 627 -49.77 27.46 -53.98
C ASP C 627 -49.19 27.14 -55.36
N GLN C 628 -49.41 25.92 -55.84
CA GLN C 628 -48.77 25.44 -57.08
C GLN C 628 -47.27 25.23 -56.88
N GLN C 629 -46.81 25.54 -55.68
CA GLN C 629 -45.44 25.35 -55.23
C GLN C 629 -45.46 24.46 -53.98
N VAL C 630 -46.19 24.91 -52.97
CA VAL C 630 -46.28 24.20 -51.71
C VAL C 630 -47.67 23.57 -51.42
N ARG C 631 -47.64 22.28 -51.10
CA ARG C 631 -48.84 21.54 -50.72
C ARG C 631 -48.83 21.48 -49.19
N TRP C 632 -49.82 22.10 -48.54
CA TRP C 632 -49.92 22.01 -47.07
C TRP C 632 -51.02 21.06 -46.65
N LEU C 633 -50.63 20.01 -45.93
CA LEU C 633 -51.57 19.00 -45.45
C LEU C 633 -51.72 19.11 -43.94
N GLY C 634 -52.97 19.21 -43.47
CA GLY C 634 -53.26 19.42 -42.08
C GLY C 634 -53.71 18.19 -41.31
N MET C 635 -53.41 16.99 -41.81
CA MET C 635 -53.61 15.75 -41.03
C MET C 635 -52.45 15.47 -40.07
N ARG C 636 -52.73 14.75 -38.99
CA ARG C 636 -51.68 14.29 -38.08
C ARG C 636 -51.05 12.95 -38.52
N LEU C 637 -51.55 12.44 -39.64
CA LEU C 637 -51.18 11.14 -40.23
C LEU C 637 -51.25 10.01 -39.24
N ASP C 638 -50.40 9.02 -39.46
CA ASP C 638 -50.52 7.72 -38.82
C ASP C 638 -49.16 7.11 -38.93
N LYS C 639 -48.88 6.17 -38.03
CA LYS C 639 -47.54 5.62 -37.94
C LYS C 639 -47.13 5.02 -39.30
N ASN C 640 -47.80 3.95 -39.67
CA ASN C 640 -47.56 3.22 -40.92
C ASN C 640 -47.50 4.16 -42.11
N LEU C 641 -48.54 4.99 -42.22
CA LEU C 641 -48.66 5.96 -43.28
C LEU C 641 -47.45 6.91 -43.31
N ALA C 642 -47.14 7.50 -42.15
CA ALA C 642 -46.01 8.40 -42.04
C ALA C 642 -44.76 7.73 -42.58
N GLY C 643 -44.51 6.51 -42.12
CA GLY C 643 -43.35 5.74 -42.51
C GLY C 643 -43.24 5.57 -44.02
N GLU C 644 -44.32 5.09 -44.62
CA GLU C 644 -44.25 4.89 -46.05
C GLU C 644 -44.06 6.22 -46.76
N LEU C 645 -44.63 7.28 -46.20
CA LEU C 645 -44.44 8.62 -46.78
C LEU C 645 -42.98 9.06 -46.81
N TYR C 646 -42.29 8.95 -45.67
CA TYR C 646 -40.86 9.29 -45.58
C TYR C 646 -40.16 8.52 -46.66
N ARG C 647 -40.46 7.23 -46.73
CA ARG C 647 -39.75 6.39 -47.69
C ARG C 647 -40.04 6.78 -49.14
N TYR C 648 -41.23 7.33 -49.36
CA TYR C 648 -41.67 7.75 -50.68
C TYR C 648 -40.96 9.02 -51.11
N ILE C 649 -40.63 9.88 -50.15
CA ILE C 649 -39.88 11.08 -50.48
C ILE C 649 -38.45 10.75 -50.99
N ALA C 650 -37.76 9.81 -50.36
CA ALA C 650 -36.64 9.14 -51.04
C ALA C 650 -37.27 8.46 -52.25
N ASP C 651 -36.59 8.41 -53.39
CA ASP C 651 -37.28 8.04 -54.65
C ASP C 651 -38.58 8.86 -54.86
N LYS C 652 -38.45 10.10 -55.31
CA LYS C 652 -37.23 10.50 -56.00
C LYS C 652 -36.45 11.50 -55.19
N ARG C 653 -35.35 11.03 -54.62
CA ARG C 653 -34.24 11.88 -54.22
C ARG C 653 -34.68 13.17 -53.52
N GLY C 654 -35.77 13.11 -52.77
CA GLY C 654 -36.27 14.28 -52.07
C GLY C 654 -35.44 14.51 -50.83
N ILE C 655 -35.83 15.51 -50.03
CA ILE C 655 -35.19 15.74 -48.74
C ILE C 655 -36.21 16.08 -47.63
N PHE C 656 -35.80 15.86 -46.38
CA PHE C 656 -36.58 16.20 -45.20
C PHE C 656 -35.89 17.37 -44.52
N VAL C 657 -36.61 18.44 -44.25
CA VAL C 657 -36.01 19.58 -43.58
C VAL C 657 -36.81 19.98 -42.37
N GLN C 658 -36.26 19.77 -41.18
CA GLN C 658 -36.85 20.39 -40.02
C GLN C 658 -35.90 21.39 -39.39
N PRO C 659 -36.24 22.67 -39.54
CA PRO C 659 -35.60 23.82 -38.91
C PRO C 659 -36.39 24.28 -37.68
N ALA C 660 -36.51 23.42 -36.68
CA ALA C 660 -37.01 23.81 -35.36
C ALA C 660 -35.98 24.76 -34.76
N LEU C 661 -36.40 25.53 -33.77
CA LEU C 661 -35.49 26.47 -33.11
C LEU C 661 -34.47 25.71 -32.26
N PHE C 662 -34.98 24.85 -31.40
CA PHE C 662 -34.13 23.97 -30.60
C PHE C 662 -34.83 22.64 -30.37
N GLU C 663 -34.12 21.54 -30.61
CA GLU C 663 -34.67 20.21 -30.30
C GLU C 663 -33.86 19.50 -29.23
N ALA C 664 -34.52 19.08 -28.16
CA ALA C 664 -33.86 18.34 -27.08
C ALA C 664 -33.09 17.10 -27.58
N PHE C 665 -33.86 16.08 -27.97
CA PHE C 665 -33.26 14.91 -28.60
C PHE C 665 -33.47 14.99 -30.10
N GLY C 666 -34.73 15.03 -30.54
CA GLY C 666 -35.03 14.93 -31.96
C GLY C 666 -35.26 13.58 -32.61
N LEU C 667 -36.20 12.85 -32.05
CA LEU C 667 -36.74 11.62 -32.63
C LEU C 667 -37.08 11.66 -34.12
N THR C 668 -37.74 12.70 -34.60
CA THR C 668 -38.19 12.68 -36.00
C THR C 668 -37.03 12.80 -36.98
N ILE C 669 -35.95 13.43 -36.54
CA ILE C 669 -34.75 13.51 -37.35
C ILE C 669 -34.24 12.09 -37.56
N ILE C 670 -34.30 11.31 -36.49
CA ILE C 670 -33.89 9.91 -36.53
C ILE C 670 -34.82 9.12 -37.44
N GLU C 671 -36.12 9.37 -37.35
CA GLU C 671 -37.08 8.68 -38.18
C GLU C 671 -36.76 8.92 -39.66
N ALA C 672 -36.47 10.18 -39.97
CA ALA C 672 -36.21 10.59 -41.34
C ALA C 672 -34.96 9.90 -41.83
N MET C 673 -33.89 10.06 -41.06
CA MET C 673 -32.61 9.42 -41.39
C MET C 673 -32.74 7.91 -41.56
N ALA C 674 -33.52 7.29 -40.69
CA ALA C 674 -33.77 5.87 -40.72
C ALA C 674 -34.47 5.51 -42.00
N SER C 675 -35.17 6.48 -42.57
CA SER C 675 -35.86 6.24 -43.83
C SER C 675 -34.95 6.27 -45.05
N GLY C 676 -33.77 6.86 -44.90
CA GLY C 676 -32.84 6.99 -46.00
C GLY C 676 -32.74 8.41 -46.53
N LEU C 677 -33.71 9.27 -46.24
CA LEU C 677 -33.64 10.59 -46.85
C LEU C 677 -32.74 11.53 -46.10
N PRO C 678 -31.94 12.31 -46.85
CA PRO C 678 -31.06 13.39 -46.41
C PRO C 678 -31.82 14.42 -45.61
N THR C 679 -31.28 14.76 -44.45
CA THR C 679 -31.99 15.66 -43.55
C THR C 679 -31.21 16.90 -43.14
N PHE C 680 -31.83 18.06 -43.34
CA PHE C 680 -31.33 19.34 -42.87
C PHE C 680 -32.03 19.68 -41.57
N ALA C 681 -31.27 19.64 -40.48
CA ALA C 681 -31.82 19.71 -39.13
C ALA C 681 -31.23 20.88 -38.35
N THR C 682 -31.90 21.25 -37.25
CA THR C 682 -31.49 22.36 -36.40
C THR C 682 -30.07 22.22 -35.94
N ARG C 683 -29.40 23.34 -35.74
CA ARG C 683 -28.05 23.31 -35.19
C ARG C 683 -28.07 23.24 -33.67
N TYR C 684 -29.25 23.42 -33.08
CA TYR C 684 -29.37 23.65 -31.63
C TYR C 684 -30.12 22.53 -30.88
N GLY C 685 -29.42 21.85 -29.98
CA GLY C 685 -29.95 20.67 -29.31
C GLY C 685 -29.44 19.35 -29.88
N GLY C 686 -30.19 18.26 -29.63
CA GLY C 686 -29.77 16.92 -30.04
C GLY C 686 -29.19 16.72 -31.44
N PRO C 687 -29.84 17.30 -32.48
CA PRO C 687 -29.38 17.12 -33.86
C PRO C 687 -27.91 17.44 -34.11
N LEU C 688 -27.34 18.30 -33.26
CA LEU C 688 -25.92 18.60 -33.31
C LEU C 688 -25.09 17.34 -33.16
N GLU C 689 -25.49 16.50 -32.21
CA GLU C 689 -24.84 15.22 -31.97
C GLU C 689 -25.32 14.14 -32.93
N ILE C 690 -26.58 14.22 -33.35
CA ILE C 690 -27.14 13.15 -34.16
C ILE C 690 -26.60 13.08 -35.58
N ILE C 691 -26.69 14.21 -36.29
CA ILE C 691 -26.16 14.32 -37.65
C ILE C 691 -24.74 14.83 -37.65
N GLN C 692 -23.87 14.19 -38.43
CA GLN C 692 -22.55 14.74 -38.68
C GLN C 692 -22.57 15.46 -40.01
N ASN C 693 -22.36 16.78 -39.99
CA ASN C 693 -22.55 17.59 -41.20
C ASN C 693 -21.78 17.11 -42.43
N ASN C 694 -22.51 16.97 -43.54
CA ASN C 694 -21.99 16.48 -44.80
C ASN C 694 -21.41 15.04 -44.78
N ARG C 695 -21.88 14.26 -43.82
CA ARG C 695 -21.74 12.79 -43.85
C ARG C 695 -23.13 12.19 -43.61
N SER C 696 -23.69 12.47 -42.44
CA SER C 696 -24.98 11.90 -42.01
C SER C 696 -26.17 12.79 -42.38
N GLY C 697 -25.91 14.01 -42.82
CA GLY C 697 -26.96 14.99 -43.04
C GLY C 697 -26.37 16.38 -43.02
N PHE C 698 -27.20 17.39 -42.71
CA PHE C 698 -26.74 18.78 -42.69
C PHE C 698 -27.32 19.59 -41.55
N HIS C 699 -26.47 20.41 -40.95
CA HIS C 699 -26.90 21.35 -39.91
C HIS C 699 -27.33 22.64 -40.56
N ILE C 700 -28.37 23.25 -40.00
CA ILE C 700 -28.87 24.54 -40.47
C ILE C 700 -29.22 25.45 -39.29
N ASP C 701 -28.98 26.75 -39.47
CA ASP C 701 -29.37 27.76 -38.49
C ASP C 701 -30.77 28.26 -38.86
N PRO C 702 -31.70 28.19 -37.90
CA PRO C 702 -33.08 28.65 -38.11
C PRO C 702 -33.19 30.13 -38.44
N ASN C 703 -32.44 30.94 -37.70
CA ASN C 703 -32.50 32.39 -37.81
C ASN C 703 -31.76 32.91 -39.04
N GLN C 704 -30.89 32.06 -39.59
CA GLN C 704 -30.15 32.33 -40.83
C GLN C 704 -30.86 31.83 -42.09
N GLY C 705 -32.13 31.43 -41.94
CA GLY C 705 -32.87 30.75 -42.99
C GLY C 705 -32.79 31.35 -44.38
N ALA C 706 -32.61 32.66 -44.45
CA ALA C 706 -32.29 33.34 -45.69
C ALA C 706 -31.12 32.64 -46.36
N ALA C 707 -30.02 32.50 -45.62
CA ALA C 707 -28.80 31.91 -46.14
C ALA C 707 -28.89 30.39 -46.20
N THR C 708 -29.81 29.84 -45.41
CA THR C 708 -29.95 28.39 -45.34
C THR C 708 -30.65 27.88 -46.59
N ALA C 709 -31.55 28.70 -47.12
CA ALA C 709 -32.32 28.38 -48.32
C ALA C 709 -31.38 28.13 -49.50
N ASP C 710 -30.20 28.75 -49.44
CA ASP C 710 -29.22 28.65 -50.52
C ASP C 710 -28.24 27.51 -50.30
N LEU C 711 -28.37 26.80 -49.18
CA LEU C 711 -27.67 25.53 -48.98
C LEU C 711 -28.46 24.41 -49.64
N ILE C 712 -29.77 24.49 -49.47
CA ILE C 712 -30.74 23.58 -50.07
C ILE C 712 -30.60 23.54 -51.60
N ALA C 713 -30.60 24.71 -52.23
CA ALA C 713 -30.51 24.79 -53.68
C ALA C 713 -29.16 24.28 -54.17
N ASP C 714 -28.11 24.53 -53.39
CA ASP C 714 -26.77 24.03 -53.71
C ASP C 714 -26.69 22.51 -53.68
N PHE C 715 -27.36 21.90 -52.69
CA PHE C 715 -27.46 20.44 -52.65
C PHE C 715 -28.31 19.92 -53.83
N PHE C 716 -29.26 20.73 -54.27
CA PHE C 716 -30.10 20.31 -55.38
C PHE C 716 -29.40 20.29 -56.74
N GLU C 717 -28.35 21.09 -56.89
CA GLU C 717 -27.67 21.18 -58.18
C GLU C 717 -26.67 20.03 -58.35
N LYS C 718 -25.48 20.17 -57.77
CA LYS C 718 -24.59 19.04 -57.46
C LYS C 718 -24.49 17.83 -58.45
N ASN C 719 -23.76 18.02 -59.55
CA ASN C 719 -23.56 17.00 -60.62
C ASN C 719 -24.80 16.55 -61.41
N LEU C 720 -25.37 17.46 -62.20
CA LEU C 720 -26.56 17.22 -63.02
C LEU C 720 -27.79 16.83 -62.19
N GLU C 721 -28.25 17.77 -61.38
CA GLU C 721 -29.40 17.58 -60.47
C GLU C 721 -29.25 16.48 -59.40
N ASN C 722 -28.10 16.49 -58.74
CA ASN C 722 -27.84 15.73 -57.50
C ASN C 722 -28.07 14.19 -57.40
N PRO C 723 -27.63 13.39 -58.42
CA PRO C 723 -27.75 11.93 -58.27
C PRO C 723 -26.82 11.23 -57.25
N GLN C 724 -25.53 11.55 -57.27
CA GLN C 724 -24.53 10.81 -56.49
C GLN C 724 -24.37 11.25 -55.03
N GLU C 725 -24.36 12.56 -54.78
CA GLU C 725 -24.14 13.05 -53.42
C GLU C 725 -25.38 12.83 -52.53
N TRP C 726 -26.56 12.78 -53.16
CA TRP C 726 -27.80 12.53 -52.44
C TRP C 726 -27.69 11.14 -51.88
N GLU C 727 -27.15 10.23 -52.68
CA GLU C 727 -26.93 8.87 -52.25
C GLU C 727 -25.77 8.75 -51.26
N ARG C 728 -24.82 9.69 -51.34
CA ARG C 728 -23.75 9.75 -50.34
C ARG C 728 -24.33 10.07 -48.96
N ILE C 729 -25.17 11.10 -48.90
CA ILE C 729 -25.89 11.48 -47.69
C ILE C 729 -26.91 10.45 -47.24
N SER C 730 -27.61 9.85 -48.18
CA SER C 730 -28.58 8.83 -47.85
C SER C 730 -27.87 7.68 -47.15
N GLN C 731 -26.82 7.16 -47.77
CA GLN C 731 -26.14 6.02 -47.16
C GLN C 731 -25.43 6.40 -45.88
N GLY C 732 -24.87 7.60 -45.85
CA GLY C 732 -24.30 8.12 -44.63
C GLY C 732 -25.31 8.16 -43.49
N ALA C 733 -26.53 8.58 -43.80
CA ALA C 733 -27.61 8.65 -42.82
C ALA C 733 -27.98 7.27 -42.32
N LEU C 734 -28.23 6.37 -43.26
CA LEU C 734 -28.58 5.00 -42.92
C LEU C 734 -27.52 4.43 -41.98
N ASP C 735 -26.27 4.59 -42.38
CA ASP C 735 -25.13 4.09 -41.60
C ASP C 735 -25.04 4.75 -40.22
N ARG C 736 -25.43 6.01 -40.16
CA ARG C 736 -25.40 6.75 -38.91
C ARG C 736 -26.43 6.21 -37.94
N VAL C 737 -27.67 6.06 -38.39
CA VAL C 737 -28.72 5.51 -37.56
C VAL C 737 -28.34 4.10 -37.12
N ALA C 738 -27.88 3.28 -38.06
CA ALA C 738 -27.54 1.89 -37.79
C ALA C 738 -26.43 1.77 -36.75
N SER C 739 -25.47 2.67 -36.82
CA SER C 739 -24.32 2.58 -35.94
C SER C 739 -24.57 3.18 -34.55
N ARG C 740 -25.55 4.06 -34.45
CA ARG C 740 -25.72 4.93 -33.27
C ARG C 740 -27.12 4.96 -32.67
N TYR C 741 -28.14 5.22 -33.49
CA TYR C 741 -29.46 5.36 -32.91
C TYR C 741 -30.41 4.24 -33.34
N THR C 742 -30.49 3.19 -32.51
CA THR C 742 -31.44 2.09 -32.69
C THR C 742 -31.80 1.44 -31.34
N TRP C 743 -33.06 1.02 -31.19
CA TRP C 743 -33.49 0.46 -29.92
C TRP C 743 -32.74 -0.84 -29.61
N LYS C 744 -32.21 -1.48 -30.65
CA LYS C 744 -31.46 -2.74 -30.45
C LYS C 744 -30.14 -2.49 -29.74
N LEU C 745 -29.35 -1.55 -30.25
CA LEU C 745 -28.11 -1.19 -29.59
C LEU C 745 -28.40 -0.69 -28.20
N TYR C 746 -29.40 0.18 -28.09
CA TYR C 746 -29.87 0.66 -26.79
C TYR C 746 -30.05 -0.48 -25.80
N ALA C 747 -30.72 -1.53 -26.24
CA ALA C 747 -31.05 -2.61 -25.33
C ALA C 747 -29.83 -3.51 -25.00
N GLU C 748 -28.96 -3.75 -25.95
CA GLU C 748 -27.77 -4.54 -25.59
C GLU C 748 -26.90 -3.74 -24.62
N ARG C 749 -26.81 -2.43 -24.84
CA ARG C 749 -26.02 -1.56 -23.99
C ARG C 749 -26.60 -1.58 -22.61
N MET C 750 -27.92 -1.53 -22.53
CA MET C 750 -28.58 -1.39 -21.25
C MET C 750 -28.40 -2.67 -20.45
N MET C 751 -28.56 -3.79 -21.15
CA MET C 751 -28.44 -5.10 -20.54
C MET C 751 -27.02 -5.34 -20.04
N THR C 752 -26.02 -4.80 -20.74
CA THR C 752 -24.64 -4.89 -20.28
C THR C 752 -24.38 -3.98 -19.09
N LEU C 753 -24.75 -2.71 -19.23
CA LEU C 753 -24.67 -1.77 -18.13
C LEU C 753 -25.23 -2.31 -16.80
N SER C 754 -26.39 -2.95 -16.82
CA SER C 754 -26.94 -3.45 -15.55
C SER C 754 -26.00 -4.45 -14.87
N ARG C 755 -25.32 -5.24 -15.69
CA ARG C 755 -24.36 -6.22 -15.22
C ARG C 755 -23.10 -5.55 -14.68
N ILE C 756 -22.47 -4.74 -15.51
CA ILE C 756 -21.24 -4.09 -15.10
C ILE C 756 -21.40 -3.23 -13.87
N TYR C 757 -22.47 -2.44 -13.82
CA TYR C 757 -22.73 -1.54 -12.69
C TYR C 757 -23.24 -2.27 -11.47
N GLY C 758 -23.85 -3.44 -11.66
CA GLY C 758 -24.17 -4.26 -10.51
C GLY C 758 -22.91 -4.78 -9.85
N PHE C 759 -21.96 -5.14 -10.69
CA PHE C 759 -20.65 -5.55 -10.20
C PHE C 759 -19.91 -4.41 -9.49
N TRP C 760 -19.89 -3.22 -10.09
CA TRP C 760 -19.26 -2.06 -9.45
C TRP C 760 -19.93 -1.81 -8.09
N LYS C 761 -21.24 -1.84 -8.08
CA LYS C 761 -22.01 -1.67 -6.87
C LYS C 761 -21.56 -2.71 -5.86
N PHE C 762 -21.19 -3.88 -6.37
CA PHE C 762 -20.91 -5.02 -5.50
C PHE C 762 -19.59 -4.78 -4.81
N VAL C 763 -18.64 -4.30 -5.59
CA VAL C 763 -17.32 -3.93 -5.13
C VAL C 763 -17.34 -2.64 -4.30
N SER C 764 -17.86 -1.58 -4.89
CA SER C 764 -17.73 -0.26 -4.29
C SER C 764 -18.75 -0.06 -3.19
N GLY C 765 -19.58 -1.08 -2.98
CA GLY C 765 -20.72 -0.94 -2.10
C GLY C 765 -20.36 -0.45 -0.71
N LEU C 766 -19.47 -1.16 -0.04
CA LEU C 766 -19.10 -0.83 1.33
C LEU C 766 -18.54 0.58 1.50
N GLU C 767 -17.66 0.96 0.59
CA GLU C 767 -17.03 2.26 0.65
C GLU C 767 -18.04 3.41 0.59
N ARG C 768 -19.16 3.17 -0.09
CA ARG C 768 -20.17 4.23 -0.26
C ARG C 768 -21.13 4.39 0.92
N GLU C 769 -21.06 3.54 1.93
CA GLU C 769 -21.98 3.65 3.06
C GLU C 769 -22.15 5.02 3.72
N GLU C 770 -21.09 5.82 3.82
CA GLU C 770 -21.24 7.16 4.39
C GLU C 770 -22.10 8.03 3.49
N THR C 771 -21.84 7.96 2.19
CA THR C 771 -22.72 8.59 1.21
C THR C 771 -24.19 8.17 1.44
N ASP C 772 -24.42 6.88 1.62
CA ASP C 772 -25.78 6.44 1.90
C ASP C 772 -26.39 7.10 3.16
N ARG C 773 -25.69 7.05 4.29
CA ARG C 773 -26.23 7.65 5.49
C ARG C 773 -26.57 9.12 5.27
N TYR C 774 -25.71 9.83 4.56
CA TYR C 774 -25.90 11.26 4.29
C TYR C 774 -27.13 11.50 3.42
N LEU C 775 -27.31 10.70 2.38
CA LEU C 775 -28.45 10.87 1.51
C LEU C 775 -29.72 10.55 2.29
N ASN C 776 -29.64 9.56 3.16
CA ASN C 776 -30.81 9.11 3.87
C ASN C 776 -31.23 10.11 4.92
N MET C 777 -30.26 10.68 5.62
CA MET C 777 -30.53 11.75 6.58
C MET C 777 -31.11 12.95 5.85
N PHE C 778 -30.64 13.22 4.64
CA PHE C 778 -31.22 14.33 3.87
C PHE C 778 -32.68 14.09 3.54
N TYR C 779 -32.95 12.91 2.97
CA TYR C 779 -34.30 12.53 2.64
C TYR C 779 -35.24 12.69 3.83
N HIS C 780 -34.91 12.06 4.95
CA HIS C 780 -35.75 12.17 6.13
C HIS C 780 -35.94 13.59 6.66
N LEU C 781 -34.86 14.34 6.79
CA LEU C 781 -34.90 15.59 7.55
C LEU C 781 -35.07 16.82 6.69
N GLN C 782 -35.10 16.62 5.38
CA GLN C 782 -35.23 17.73 4.44
C GLN C 782 -36.31 17.53 3.40
N PHE C 783 -36.24 16.42 2.65
CA PHE C 783 -37.30 16.13 1.71
C PHE C 783 -38.64 15.86 2.38
N ARG C 784 -38.65 14.97 3.37
CA ARG C 784 -39.91 14.59 4.02
C ARG C 784 -40.72 15.80 4.49
N PRO C 785 -40.10 16.74 5.21
CA PRO C 785 -40.85 17.95 5.57
C PRO C 785 -41.34 18.77 4.38
N LEU C 786 -40.51 18.97 3.38
CA LEU C 786 -40.94 19.68 2.17
C LEU C 786 -42.19 19.07 1.51
N ALA C 787 -42.27 17.75 1.46
CA ALA C 787 -43.47 17.14 0.89
C ALA C 787 -44.64 17.11 1.88
N ASN C 788 -44.36 17.26 3.17
CA ASN C 788 -45.45 17.36 4.13
C ASN C 788 -45.99 18.79 4.24
N ARG C 789 -45.25 19.77 3.73
CA ARG C 789 -45.73 21.14 3.60
C ARG C 789 -46.68 21.27 2.41
N LEU C 790 -46.59 20.36 1.45
CA LEU C 790 -47.69 20.13 0.53
C LEU C 790 -48.74 19.29 1.27
N ALA C 791 -49.98 19.35 0.80
CA ALA C 791 -51.18 18.95 1.58
C ALA C 791 -51.36 19.92 2.76
N HIS C 792 -50.37 20.78 2.93
CA HIS C 792 -50.35 21.83 3.93
C HIS C 792 -50.71 21.32 5.34
N ILE D 4 -2.55 -37.04 -13.28
CA ILE D 4 -1.39 -37.92 -13.47
C ILE D 4 -0.27 -37.57 -12.48
N ASP D 5 -0.61 -37.49 -11.19
CA ASP D 5 0.33 -37.05 -10.16
C ASP D 5 1.02 -38.20 -9.40
N THR D 6 1.78 -37.85 -8.39
CA THR D 6 2.54 -38.84 -7.60
C THR D 6 1.84 -39.34 -6.33
N LEU D 7 0.71 -38.75 -5.96
CA LEU D 7 -0.19 -39.38 -4.99
C LEU D 7 -0.97 -40.40 -5.78
N ALA D 8 -1.02 -40.17 -7.10
CA ALA D 8 -1.78 -41.01 -8.04
C ALA D 8 -0.96 -42.21 -8.48
N THR D 9 0.23 -42.36 -7.89
CA THR D 9 1.03 -43.55 -8.16
C THR D 9 0.77 -44.64 -7.13
N CYS D 10 -0.24 -44.45 -6.27
CA CYS D 10 -0.64 -45.53 -5.41
C CYS D 10 -0.99 -46.70 -6.32
N THR D 11 -0.28 -47.80 -6.16
CA THR D 11 -0.81 -49.02 -6.72
C THR D 11 -0.55 -50.19 -5.79
N GLN D 12 -1.61 -50.56 -5.08
CA GLN D 12 -1.80 -51.88 -4.52
C GLN D 12 -2.83 -52.56 -5.41
N GLN D 13 -3.38 -51.80 -6.36
CA GLN D 13 -4.41 -52.33 -7.25
C GLN D 13 -3.81 -53.47 -8.06
N ASN D 14 -2.58 -53.27 -8.48
CA ASN D 14 -1.65 -54.39 -8.65
C ASN D 14 -0.31 -53.98 -8.05
N ARG D 15 0.06 -54.61 -6.94
CA ARG D 15 1.30 -54.25 -6.27
C ARG D 15 2.44 -55.06 -6.87
N ASP D 16 2.08 -56.05 -7.69
CA ASP D 16 3.09 -56.90 -8.31
C ASP D 16 3.72 -56.23 -9.53
N ALA D 17 2.89 -55.61 -10.35
CA ALA D 17 3.36 -55.01 -11.61
C ALA D 17 4.37 -53.89 -11.36
N VAL D 18 4.20 -53.21 -10.24
CA VAL D 18 5.11 -52.15 -9.81
C VAL D 18 6.50 -52.71 -9.49
N TYR D 19 6.55 -53.72 -8.63
CA TYR D 19 7.76 -54.44 -8.30
C TYR D 19 8.44 -55.00 -9.57
N THR D 20 7.61 -55.52 -10.47
CA THR D 20 8.07 -56.07 -11.75
C THR D 20 8.77 -55.05 -12.63
N LEU D 21 8.10 -53.90 -12.79
CA LEU D 21 8.60 -52.78 -13.59
C LEU D 21 9.90 -52.21 -13.02
N LEU D 22 9.89 -51.91 -11.71
CA LEU D 22 11.08 -51.42 -11.04
C LEU D 22 12.28 -52.38 -11.18
N ARG D 23 12.07 -53.66 -10.87
CA ARG D 23 13.11 -54.66 -11.04
C ARG D 23 13.56 -54.73 -12.50
N ARG D 24 12.63 -54.47 -13.42
CA ARG D 24 12.94 -54.49 -14.85
C ARG D 24 13.91 -53.37 -15.23
N TYR D 25 13.68 -52.18 -14.69
CA TYR D 25 14.60 -51.06 -14.89
C TYR D 25 15.91 -51.39 -14.18
N PHE D 26 15.77 -51.93 -12.98
CA PHE D 26 16.90 -52.15 -12.10
C PHE D 26 17.97 -53.07 -12.65
N THR D 27 17.70 -53.73 -13.77
CA THR D 27 18.76 -54.38 -14.52
C THR D 27 19.84 -53.33 -14.83
N ALA D 28 21.08 -53.65 -14.45
CA ALA D 28 22.16 -52.67 -14.30
C ALA D 28 22.62 -51.94 -15.56
N ASN D 29 22.06 -52.30 -16.71
CA ASN D 29 22.53 -51.79 -18.01
C ASN D 29 22.67 -50.26 -18.14
N ARG D 30 21.80 -49.51 -17.46
CA ARG D 30 21.88 -48.04 -17.40
C ARG D 30 21.46 -47.50 -16.02
N THR D 31 22.23 -46.55 -15.48
CA THR D 31 21.86 -45.85 -14.24
C THR D 31 20.87 -44.74 -14.56
N LEU D 32 21.02 -44.20 -15.77
CA LEU D 32 20.18 -43.13 -16.26
C LEU D 32 19.34 -43.61 -17.43
N LEU D 33 18.04 -43.77 -17.20
CA LEU D 33 17.12 -44.19 -18.25
C LEU D 33 16.31 -43.02 -18.79
N LEU D 34 16.31 -42.85 -20.11
CA LEU D 34 15.52 -41.78 -20.68
C LEU D 34 14.09 -42.25 -20.95
N GLN D 35 13.31 -41.41 -21.63
CA GLN D 35 11.88 -41.65 -21.81
C GLN D 35 11.56 -43.00 -22.45
N SER D 36 12.02 -43.16 -23.69
CA SER D 36 11.78 -44.38 -24.47
C SER D 36 12.16 -45.63 -23.68
N ASP D 37 13.37 -45.62 -23.15
CA ASP D 37 13.90 -46.74 -22.38
C ASP D 37 13.07 -47.04 -21.14
N LEU D 38 12.52 -46.00 -20.52
CA LEU D 38 11.62 -46.18 -19.39
C LEU D 38 10.30 -46.78 -19.83
N ARG D 39 9.95 -46.53 -21.09
CA ARG D 39 8.71 -47.06 -21.64
C ARG D 39 8.90 -48.49 -22.16
N GLU D 40 10.13 -48.95 -22.27
CA GLU D 40 10.40 -50.33 -22.69
C GLU D 40 9.79 -51.34 -21.70
N GLY D 41 9.40 -50.87 -20.52
CA GLY D 41 8.83 -51.72 -19.49
C GLY D 41 7.39 -52.10 -19.79
N LEU D 42 6.94 -51.87 -21.03
CA LEU D 42 5.62 -52.31 -21.47
C LEU D 42 5.64 -53.77 -21.95
N LEU D 43 6.85 -54.33 -22.04
CA LEU D 43 7.04 -55.77 -22.17
C LEU D 43 7.46 -56.28 -20.79
N GLN D 44 6.58 -57.03 -20.12
CA GLN D 44 6.87 -57.50 -18.75
C GLN D 44 7.13 -56.31 -17.79
N THR D 45 6.05 -55.68 -17.35
CA THR D 45 4.76 -56.37 -17.32
C THR D 45 3.75 -56.03 -18.42
N GLU D 46 3.61 -56.94 -19.38
CA GLU D 46 2.40 -57.03 -20.20
C GLU D 46 1.55 -58.19 -19.69
N GLN D 47 2.11 -58.92 -18.71
CA GLN D 47 1.52 -60.17 -18.23
C GLN D 47 1.36 -60.23 -16.71
N ASP D 48 2.47 -60.16 -15.97
CA ASP D 48 2.42 -60.33 -14.51
C ASP D 48 2.55 -59.03 -13.69
N CYS D 49 1.44 -58.59 -13.08
CA CYS D 49 0.12 -59.16 -13.30
C CYS D 49 -0.81 -58.13 -13.96
N GLY D 50 -1.10 -58.34 -15.24
CA GLY D 50 -1.98 -57.46 -15.99
C GLY D 50 -1.31 -56.23 -16.57
N GLN D 51 -2.02 -55.54 -17.47
CA GLN D 51 -1.60 -54.26 -17.97
C GLN D 51 -2.61 -53.22 -17.49
N SER D 52 -2.22 -52.40 -16.53
CA SER D 52 -3.15 -51.43 -15.95
C SER D 52 -3.19 -50.16 -16.78
N ASP D 53 -4.40 -49.67 -17.04
CA ASP D 53 -4.58 -48.44 -17.80
C ASP D 53 -4.00 -47.25 -17.08
N MET D 54 -4.10 -47.26 -15.75
CA MET D 54 -3.58 -46.17 -14.92
C MET D 54 -2.06 -46.09 -14.91
N LEU D 55 -1.42 -47.22 -14.66
CA LEU D 55 0.03 -47.20 -14.57
C LEU D 55 0.72 -47.24 -15.94
N ARG D 56 -0.04 -47.45 -17.01
CA ARG D 56 0.52 -47.24 -18.33
C ARG D 56 0.69 -45.74 -18.52
N ALA D 57 -0.30 -45.00 -18.00
CA ALA D 57 -0.31 -43.55 -18.06
C ALA D 57 0.85 -42.96 -17.28
N PHE D 58 0.94 -43.30 -15.99
CA PHE D 58 2.00 -42.78 -15.12
C PHE D 58 3.39 -42.93 -15.71
N VAL D 59 3.66 -44.09 -16.26
CA VAL D 59 4.94 -44.35 -16.89
C VAL D 59 5.09 -43.55 -18.18
N PHE D 60 4.01 -43.42 -18.95
CA PHE D 60 4.08 -42.62 -20.18
C PHE D 60 4.39 -41.14 -19.92
N ARG D 61 4.29 -40.72 -18.66
CA ARG D 61 4.61 -39.34 -18.26
C ARG D 61 6.00 -39.13 -17.66
N LEU D 62 6.82 -40.17 -17.60
CA LEU D 62 8.15 -40.03 -17.00
C LEU D 62 9.12 -39.39 -17.98
N GLN D 63 9.84 -38.36 -17.53
CA GLN D 63 10.93 -37.81 -18.33
C GLN D 63 12.27 -38.54 -18.16
N GLU D 64 12.58 -38.91 -16.91
CA GLU D 64 13.76 -39.72 -16.61
C GLU D 64 13.63 -40.44 -15.26
N GLY D 65 14.52 -41.40 -15.04
CA GLY D 65 14.62 -42.03 -13.74
C GLY D 65 16.07 -42.40 -13.52
N ILE D 66 16.45 -42.45 -12.25
CA ILE D 66 17.83 -42.68 -11.84
C ILE D 66 17.81 -43.76 -10.79
N PHE D 67 18.46 -44.87 -11.10
CA PHE D 67 18.41 -46.04 -10.22
C PHE D 67 19.78 -46.41 -9.65
N SER D 68 19.85 -46.55 -8.33
CA SER D 68 21.02 -47.10 -7.69
C SER D 68 20.57 -47.68 -6.38
N SER D 69 21.26 -48.70 -5.86
CA SER D 69 20.97 -49.10 -4.49
C SER D 69 19.58 -49.76 -4.53
N PRO D 70 18.98 -50.05 -3.37
CA PRO D 70 17.52 -50.23 -3.45
C PRO D 70 16.70 -49.15 -4.21
N TRP D 71 17.17 -47.89 -4.28
CA TRP D 71 16.31 -46.77 -4.68
C TRP D 71 16.19 -46.41 -6.16
N ALA D 72 14.96 -46.02 -6.52
CA ALA D 72 14.66 -45.47 -7.82
C ALA D 72 14.17 -44.03 -7.65
N TYR D 73 14.66 -43.16 -8.50
CA TYR D 73 14.42 -41.74 -8.41
C TYR D 73 13.73 -41.27 -9.70
N LEU D 74 12.49 -40.80 -9.58
CA LEU D 74 11.68 -40.47 -10.76
C LEU D 74 11.39 -38.97 -11.00
N ALA D 75 11.44 -38.61 -12.28
CA ALA D 75 11.11 -37.28 -12.76
C ALA D 75 9.85 -37.33 -13.63
N LEU D 76 8.80 -36.71 -13.11
CA LEU D 76 7.46 -36.84 -13.67
C LEU D 76 6.97 -35.51 -14.25
N ARG D 77 6.36 -35.58 -15.43
CA ARG D 77 5.94 -34.36 -16.13
C ARG D 77 4.50 -34.46 -16.62
N PRO D 78 3.54 -34.41 -15.67
CA PRO D 78 2.12 -34.72 -15.85
C PRO D 78 1.46 -33.83 -16.89
N GLU D 79 1.85 -32.56 -16.86
CA GLU D 79 1.32 -31.53 -17.75
C GLU D 79 2.51 -30.77 -18.28
N ILE D 80 2.29 -29.94 -19.30
CA ILE D 80 3.34 -29.09 -19.85
C ILE D 80 3.94 -28.14 -18.79
N ALA D 81 5.28 -28.09 -18.76
CA ALA D 81 6.01 -27.21 -17.89
C ALA D 81 5.71 -27.45 -16.43
N LYS D 82 5.18 -28.62 -16.09
CA LYS D 82 4.91 -28.95 -14.70
C LYS D 82 5.69 -30.21 -14.35
N TRP D 83 6.47 -30.18 -13.28
CA TRP D 83 7.28 -31.33 -12.87
C TRP D 83 7.08 -31.76 -11.42
N GLU D 84 7.06 -33.06 -11.19
CA GLU D 84 7.05 -33.61 -9.82
C GLU D 84 8.23 -34.58 -9.68
N PHE D 85 8.85 -34.62 -8.50
CA PHE D 85 10.00 -35.48 -8.35
C PHE D 85 9.82 -36.37 -7.15
N MET D 86 10.15 -37.65 -7.28
CA MET D 86 9.88 -38.59 -6.18
C MET D 86 10.93 -39.67 -6.08
N ARG D 87 11.02 -40.32 -4.92
CA ARG D 87 11.88 -41.50 -4.77
C ARG D 87 11.09 -42.68 -4.22
N ILE D 88 11.50 -43.88 -4.61
CA ILE D 88 10.84 -45.11 -4.20
C ILE D 88 11.85 -46.21 -3.83
N HIS D 89 11.49 -47.00 -2.83
CA HIS D 89 12.35 -48.07 -2.31
C HIS D 89 11.89 -49.37 -2.93
N GLN D 90 12.80 -50.10 -3.57
CA GLN D 90 12.45 -51.34 -4.26
C GLN D 90 11.75 -52.36 -3.35
N GLU D 91 12.09 -52.33 -2.06
CA GLU D 91 11.58 -53.35 -1.15
C GLU D 91 10.17 -53.06 -0.69
N HIS D 92 10.01 -52.09 0.21
CA HIS D 92 8.67 -51.61 0.52
C HIS D 92 8.43 -50.42 -0.38
N LEU D 93 7.42 -50.52 -1.24
CA LEU D 93 7.26 -49.50 -2.28
C LEU D 93 6.35 -48.41 -1.74
N ILE D 94 6.95 -47.27 -1.40
CA ILE D 94 6.22 -46.12 -0.85
C ILE D 94 6.81 -44.80 -1.36
N PRO D 95 6.37 -44.34 -2.53
CA PRO D 95 6.82 -43.07 -3.10
C PRO D 95 6.81 -41.91 -2.12
N GLU D 96 7.94 -41.18 -2.12
CA GLU D 96 8.19 -40.04 -1.27
C GLU D 96 8.46 -38.83 -2.14
N LYS D 97 7.83 -37.71 -1.83
CA LYS D 97 8.00 -36.50 -2.62
C LYS D 97 9.37 -35.85 -2.37
N LEU D 98 10.00 -35.41 -3.45
CA LEU D 98 11.30 -34.76 -3.42
C LEU D 98 11.24 -33.37 -4.03
N THR D 99 12.12 -32.50 -3.56
CA THR D 99 12.40 -31.23 -4.24
C THR D 99 13.32 -31.48 -5.41
N ILE D 100 13.33 -30.55 -6.35
CA ILE D 100 14.26 -30.61 -7.46
C ILE D 100 15.71 -30.76 -6.98
N SER D 101 16.03 -30.16 -5.83
CA SER D 101 17.41 -30.15 -5.36
C SER D 101 17.81 -31.52 -4.85
N GLU D 102 16.88 -32.18 -4.17
CA GLU D 102 17.13 -33.54 -3.68
C GLU D 102 17.36 -34.47 -4.86
N PHE D 103 16.40 -34.48 -5.79
CA PHE D 103 16.53 -35.24 -7.02
C PHE D 103 17.85 -34.99 -7.73
N LEU D 104 18.21 -33.72 -7.86
CA LEU D 104 19.40 -33.40 -8.63
C LEU D 104 20.67 -33.83 -7.91
N LYS D 105 20.68 -33.64 -6.59
CA LYS D 105 21.83 -33.96 -5.77
C LYS D 105 22.09 -35.47 -5.80
N PHE D 106 21.02 -36.25 -5.70
CA PHE D 106 21.10 -37.69 -5.85
C PHE D 106 21.64 -38.02 -7.24
N LYS D 107 21.12 -37.36 -8.26
CA LYS D 107 21.56 -37.57 -9.64
C LYS D 107 23.06 -37.39 -9.76
N GLU D 108 23.53 -36.25 -9.25
CA GLU D 108 24.94 -35.95 -9.18
C GLU D 108 25.68 -37.10 -8.53
N THR D 109 25.29 -37.44 -7.31
CA THR D 109 25.98 -38.46 -6.51
C THR D 109 26.13 -39.80 -7.23
N VAL D 110 25.00 -40.39 -7.64
CA VAL D 110 25.02 -41.61 -8.43
C VAL D 110 25.94 -41.52 -9.65
N VAL D 111 25.77 -40.49 -10.48
CA VAL D 111 26.64 -40.37 -11.64
C VAL D 111 28.14 -40.24 -11.31
N LYS D 112 28.56 -39.14 -10.70
CA LYS D 112 29.98 -38.85 -10.47
C LYS D 112 30.51 -39.25 -9.09
N GLY D 113 29.72 -39.96 -8.30
CA GLY D 113 30.19 -40.42 -7.00
C GLY D 113 30.10 -39.28 -6.00
N GLU D 114 30.04 -39.62 -4.71
CA GLU D 114 29.79 -38.64 -3.64
C GLU D 114 30.73 -37.42 -3.66
N ALA D 115 30.15 -36.23 -3.52
CA ALA D 115 30.89 -34.98 -3.73
C ALA D 115 31.85 -34.59 -2.61
N THR D 116 33.07 -34.24 -3.00
CA THR D 116 34.14 -33.95 -2.05
C THR D 116 33.96 -32.61 -1.31
N GLU D 117 33.11 -31.74 -1.87
CA GLU D 117 32.74 -30.48 -1.23
C GLU D 117 31.39 -29.98 -1.77
N SER D 118 30.73 -29.13 -1.01
CA SER D 118 29.37 -28.70 -1.34
C SER D 118 29.27 -27.89 -2.65
N VAL D 119 28.41 -28.37 -3.53
CA VAL D 119 28.09 -27.77 -4.84
C VAL D 119 27.37 -26.41 -4.76
N LEU D 120 27.70 -25.51 -5.69
CA LEU D 120 27.03 -24.21 -5.82
C LEU D 120 25.70 -24.43 -6.48
N GLU D 121 24.64 -23.98 -5.84
CA GLU D 121 23.33 -24.03 -6.48
C GLU D 121 22.99 -22.63 -6.96
N VAL D 122 23.00 -22.43 -8.27
CA VAL D 122 22.60 -21.16 -8.88
C VAL D 122 21.08 -21.13 -8.87
N ASP D 123 20.49 -20.18 -8.16
CA ASP D 123 19.04 -20.11 -7.97
C ASP D 123 18.46 -18.75 -8.34
N PHE D 124 17.70 -18.68 -9.41
CA PHE D 124 17.18 -17.38 -9.84
C PHE D 124 15.85 -17.11 -9.19
N GLY D 125 15.36 -18.10 -8.45
CA GLY D 125 14.06 -18.01 -7.85
C GLY D 125 13.85 -16.74 -7.09
N PRO D 126 14.72 -16.44 -6.11
CA PRO D 126 14.50 -15.25 -5.30
C PRO D 126 14.54 -13.96 -6.10
N PHE D 127 15.30 -13.95 -7.18
CA PHE D 127 15.47 -12.75 -7.99
C PHE D 127 14.27 -12.55 -8.86
N ASN D 128 13.66 -13.65 -9.25
CA ASN D 128 12.50 -13.63 -10.10
C ASN D 128 11.21 -13.33 -9.37
N ARG D 129 11.12 -13.70 -8.11
CA ARG D 129 9.95 -13.46 -7.26
C ARG D 129 9.45 -12.00 -7.29
N GLY D 130 8.16 -11.83 -7.51
CA GLY D 130 7.55 -10.52 -7.47
C GLY D 130 7.38 -9.85 -8.82
N PHE D 131 7.97 -10.44 -9.86
CA PHE D 131 7.80 -9.97 -11.22
C PHE D 131 6.61 -10.70 -11.79
N PRO D 132 5.88 -10.03 -12.70
CA PRO D 132 4.65 -10.64 -13.21
C PRO D 132 4.96 -11.90 -14.02
N ARG D 133 4.02 -12.85 -14.07
CA ARG D 133 4.21 -14.07 -14.86
C ARG D 133 2.91 -14.65 -15.36
N LEU D 134 2.93 -15.27 -16.53
CA LEU D 134 1.73 -15.89 -17.10
C LEU D 134 1.27 -16.99 -16.17
N LYS D 135 -0.02 -17.31 -16.21
CA LYS D 135 -0.50 -18.41 -15.37
C LYS D 135 -0.88 -19.73 -16.05
N GLU D 136 -0.83 -19.78 -17.38
CA GLU D 136 -1.41 -20.93 -18.09
C GLU D 136 -0.55 -21.36 -19.26
N SER D 137 -0.22 -22.64 -19.33
CA SER D 137 0.72 -23.17 -20.31
C SER D 137 0.37 -22.67 -21.69
N ARG D 138 -0.92 -22.74 -22.03
CA ARG D 138 -1.35 -22.39 -23.39
C ARG D 138 -1.05 -20.94 -23.77
N SER D 139 -0.73 -20.13 -22.76
CA SER D 139 -0.45 -18.72 -22.96
C SER D 139 1.04 -18.40 -23.18
N ILE D 140 1.91 -19.40 -23.01
CA ILE D 140 3.34 -19.22 -23.20
C ILE D 140 3.68 -18.87 -24.64
N GLY D 141 4.56 -17.90 -24.86
CA GLY D 141 4.94 -17.53 -26.20
C GLY D 141 4.14 -16.34 -26.66
N GLN D 142 3.13 -16.04 -25.86
CA GLN D 142 2.20 -14.93 -26.05
C GLN D 142 2.56 -13.69 -25.25
N GLY D 143 3.77 -13.67 -24.68
CA GLY D 143 4.13 -12.72 -23.66
C GLY D 143 3.78 -11.26 -23.81
N VAL D 144 4.05 -10.66 -24.97
CA VAL D 144 3.76 -9.24 -25.14
C VAL D 144 2.28 -8.87 -24.89
N ILE D 145 1.37 -9.76 -25.30
CA ILE D 145 -0.06 -9.62 -25.01
C ILE D 145 -0.28 -9.43 -23.52
N PHE D 146 0.44 -10.20 -22.71
CA PHE D 146 0.33 -10.16 -21.26
C PHE D 146 0.98 -8.89 -20.70
N LEU D 147 2.16 -8.57 -21.19
CA LEU D 147 2.91 -7.43 -20.72
C LEU D 147 2.12 -6.15 -20.95
N ASN D 148 1.47 -6.03 -22.11
CA ASN D 148 0.58 -4.90 -22.36
C ASN D 148 -0.51 -4.72 -21.30
N ARG D 149 -1.01 -5.82 -20.75
CA ARG D 149 -2.07 -5.75 -19.77
C ARG D 149 -1.55 -5.40 -18.43
N LYS D 150 -0.37 -5.91 -18.10
CA LYS D 150 0.30 -5.48 -16.88
C LYS D 150 0.72 -3.99 -16.93
N LEU D 151 1.29 -3.55 -18.05
CA LEU D 151 1.70 -2.17 -18.22
C LEU D 151 0.51 -1.25 -18.13
N SER D 152 -0.51 -1.61 -18.89
CA SER D 152 -1.74 -0.84 -18.93
C SER D 152 -2.35 -0.75 -17.55
N SER D 153 -2.45 -1.88 -16.87
CA SER D 153 -3.12 -1.90 -15.58
C SER D 153 -2.33 -1.15 -14.54
N GLU D 154 -1.02 -1.08 -14.74
CA GLU D 154 -0.20 -0.41 -13.74
C GLU D 154 -0.19 1.12 -13.81
N MET D 155 -0.30 1.75 -14.98
CA MET D 155 -0.76 3.14 -15.02
C MET D 155 -2.19 3.16 -14.47
N PHE D 156 -2.59 4.14 -13.66
CA PHE D 156 -3.41 3.93 -12.46
C PHE D 156 -2.58 3.34 -11.25
N SER D 157 -1.46 3.88 -10.70
CA SER D 157 -0.58 5.06 -10.99
C SER D 157 -1.38 6.26 -11.23
N ARG D 158 -0.90 7.16 -12.08
CA ARG D 158 -1.82 8.04 -12.85
C ARG D 158 -2.84 8.81 -12.00
N ILE D 159 -2.92 8.41 -10.75
CA ILE D 159 -3.55 9.14 -9.69
C ILE D 159 -2.40 9.30 -8.67
N GLU D 160 -2.22 10.54 -8.25
CA GLU D 160 -0.92 11.10 -7.92
C GLU D 160 0.02 11.02 -9.14
N ALA D 161 1.31 10.81 -8.85
CA ALA D 161 2.37 11.10 -9.81
C ALA D 161 2.76 9.86 -10.56
N GLY D 162 2.95 10.01 -11.86
CA GLY D 162 3.16 8.86 -12.70
C GLY D 162 1.94 8.70 -13.55
N HIS D 163 2.01 7.86 -14.59
CA HIS D 163 3.26 7.23 -14.95
C HIS D 163 3.66 8.35 -15.81
N THR D 164 4.59 9.12 -15.27
CA THR D 164 5.24 10.16 -15.99
C THR D 164 6.34 9.32 -16.54
N SER D 165 6.36 8.07 -16.06
CA SER D 165 7.17 7.03 -16.64
C SER D 165 6.88 7.09 -18.11
N LEU D 166 5.60 7.15 -18.49
CA LEU D 166 5.33 7.25 -19.90
C LEU D 166 5.85 8.57 -20.42
N LEU D 167 5.52 9.65 -19.73
CA LEU D 167 5.91 10.99 -20.19
C LEU D 167 7.43 11.19 -20.23
N HIS D 168 8.11 10.72 -19.19
CA HIS D 168 9.56 10.71 -19.09
C HIS D 168 10.20 9.90 -20.23
N PHE D 169 9.79 8.64 -20.35
CA PHE D 169 10.23 7.75 -21.41
C PHE D 169 10.10 8.45 -22.76
N LEU D 170 9.04 9.23 -22.91
CA LEU D 170 8.80 9.91 -24.18
C LEU D 170 9.90 10.88 -24.59
N GLY D 171 10.51 11.53 -23.60
CA GLY D 171 11.51 12.54 -23.88
C GLY D 171 12.96 12.08 -23.92
N VAL D 172 13.19 10.80 -23.64
CA VAL D 172 14.54 10.28 -23.57
C VAL D 172 15.01 9.67 -24.88
N HIS D 173 14.23 9.82 -25.93
CA HIS D 173 14.69 9.41 -27.25
C HIS D 173 14.89 10.64 -28.11
N ALA D 174 15.99 10.64 -28.85
CA ALA D 174 16.30 11.70 -29.77
C ALA D 174 17.02 11.09 -30.96
N ILE D 175 16.69 11.55 -32.16
CA ILE D 175 17.36 11.04 -33.36
C ILE D 175 18.20 12.14 -33.99
N GLU D 176 19.51 11.90 -34.05
CA GLU D 176 20.50 12.88 -34.53
C GLU D 176 20.56 14.14 -33.67
N GLY D 177 20.67 13.96 -32.35
CA GLY D 177 20.79 15.07 -31.42
C GLY D 177 19.57 15.98 -31.40
N GLN D 178 18.55 15.59 -32.16
CA GLN D 178 17.29 16.35 -32.28
C GLN D 178 16.24 15.81 -31.34
N GLN D 179 15.88 16.62 -30.34
CA GLN D 179 14.88 16.24 -29.35
C GLN D 179 13.56 15.85 -30.01
N LEU D 180 12.93 14.82 -29.45
CA LEU D 180 11.72 14.24 -30.04
C LEU D 180 10.53 14.22 -29.09
N MET D 181 9.36 14.54 -29.65
CA MET D 181 8.03 14.50 -29.03
C MET D 181 7.70 15.60 -28.01
N PHE D 182 8.71 16.13 -27.32
CA PHE D 182 8.49 17.22 -26.37
C PHE D 182 9.69 18.16 -26.42
N SER D 183 9.48 19.44 -26.66
CA SER D 183 10.61 20.36 -26.88
C SER D 183 11.50 20.49 -25.63
N ASN D 184 10.94 20.14 -24.47
CA ASN D 184 11.72 20.04 -23.25
C ASN D 184 11.10 18.99 -22.33
N ASN D 185 11.92 18.22 -21.64
CA ASN D 185 11.38 17.21 -20.73
C ASN D 185 10.54 17.91 -19.65
N SER D 186 9.27 17.54 -19.57
CA SER D 186 8.28 18.26 -18.76
C SER D 186 7.87 17.51 -17.50
N HIS D 187 7.32 16.32 -17.74
CA HIS D 187 6.46 15.61 -16.80
C HIS D 187 5.30 16.53 -16.44
N ASP D 188 4.85 16.47 -15.20
CA ASP D 188 3.61 17.17 -14.79
C ASP D 188 2.41 16.90 -15.70
N ILE D 189 1.81 15.74 -15.50
CA ILE D 189 0.75 15.24 -16.36
C ILE D 189 -0.42 16.20 -16.63
N HIS D 190 -0.75 17.06 -15.66
CA HIS D 190 -1.77 18.10 -15.85
C HIS D 190 -1.34 19.07 -16.95
N ALA D 191 -0.07 19.46 -16.91
CA ALA D 191 0.53 20.26 -17.96
C ALA D 191 0.41 19.59 -19.32
N VAL D 192 0.82 18.34 -19.40
CA VAL D 192 0.84 17.63 -20.68
C VAL D 192 -0.57 17.45 -21.24
N ARG D 193 -1.52 17.29 -20.32
CA ARG D 193 -2.92 17.22 -20.68
C ARG D 193 -3.33 18.56 -21.31
N ASN D 194 -2.92 19.66 -20.67
CA ASN D 194 -3.22 20.98 -21.22
C ASN D 194 -2.66 21.20 -22.62
N GLN D 195 -1.35 21.00 -22.75
CA GLN D 195 -0.64 21.20 -24.01
C GLN D 195 -1.31 20.38 -25.09
N LEU D 196 -1.55 19.10 -24.80
CA LEU D 196 -2.19 18.23 -25.76
C LEU D 196 -3.57 18.74 -26.18
N ARG D 197 -4.32 19.22 -25.20
CA ARG D 197 -5.68 19.74 -25.40
C ARG D 197 -5.67 20.87 -26.42
N GLN D 198 -4.79 21.85 -26.16
CA GLN D 198 -4.59 22.98 -27.06
C GLN D 198 -4.20 22.53 -28.48
N ALA D 199 -3.14 21.75 -28.59
CA ALA D 199 -2.69 21.29 -29.91
C ALA D 199 -3.80 20.56 -30.69
N LEU D 200 -4.60 19.78 -29.96
CA LEU D 200 -5.70 19.06 -30.58
C LEU D 200 -6.69 20.08 -31.11
N GLU D 201 -6.87 21.15 -30.32
CA GLU D 201 -7.80 22.21 -30.68
C GLU D 201 -7.38 22.95 -31.95
N MET D 202 -6.14 23.45 -31.98
CA MET D 202 -5.65 24.16 -33.16
C MET D 202 -5.44 23.25 -34.36
N LEU D 203 -5.37 21.94 -34.13
CA LEU D 203 -5.35 21.01 -35.25
C LEU D 203 -6.75 20.80 -35.79
N GLU D 204 -7.76 21.06 -34.94
CA GLU D 204 -9.16 20.85 -35.35
C GLU D 204 -9.65 21.87 -36.38
N THR D 205 -8.87 22.93 -36.58
CA THR D 205 -9.17 23.91 -37.64
C THR D 205 -8.50 23.53 -38.96
N LEU D 206 -7.16 23.50 -38.96
CA LEU D 206 -6.33 23.25 -40.15
C LEU D 206 -6.71 21.95 -40.86
N ASP D 207 -6.53 21.92 -42.17
CA ASP D 207 -6.99 20.76 -42.95
C ASP D 207 -6.10 19.54 -42.78
N GLY D 208 -6.68 18.37 -43.03
CA GLY D 208 -6.06 17.09 -42.75
C GLY D 208 -4.65 16.89 -43.27
N THR D 209 -4.32 17.44 -44.43
CA THR D 209 -3.03 17.14 -45.04
C THR D 209 -1.88 18.12 -44.78
N THR D 210 -2.12 19.09 -43.91
CA THR D 210 -1.08 20.04 -43.54
C THR D 210 0.19 19.30 -43.14
N PRO D 211 1.31 19.59 -43.82
CA PRO D 211 2.58 18.91 -43.55
C PRO D 211 3.11 19.24 -42.17
N TRP D 212 3.93 18.34 -41.62
CA TRP D 212 4.49 18.58 -40.30
C TRP D 212 5.31 19.86 -40.30
N ILE D 213 6.01 20.09 -41.41
CA ILE D 213 6.93 21.22 -41.54
C ILE D 213 6.28 22.59 -41.23
N GLU D 214 5.03 22.75 -41.62
CA GLU D 214 4.28 23.97 -41.32
C GLU D 214 3.79 24.02 -39.86
N LEU D 215 3.35 22.87 -39.35
CA LEU D 215 2.80 22.81 -38.01
C LEU D 215 3.87 23.13 -36.97
N ALA D 216 5.10 22.71 -37.26
CA ALA D 216 6.19 22.70 -36.28
C ALA D 216 6.35 23.94 -35.36
N PRO D 217 6.45 25.14 -35.96
CA PRO D 217 6.65 26.32 -35.11
C PRO D 217 5.50 26.51 -34.11
N LYS D 218 4.27 26.39 -34.59
CA LYS D 218 3.08 26.54 -33.77
C LYS D 218 3.07 25.47 -32.68
N MET D 219 3.41 24.25 -33.09
CA MET D 219 3.43 23.09 -32.21
C MET D 219 4.49 23.23 -31.13
N ASN D 220 5.62 23.83 -31.49
CA ASN D 220 6.67 24.14 -30.52
C ASN D 220 6.30 25.26 -29.52
N GLN D 221 5.26 26.02 -29.82
CA GLN D 221 4.75 27.00 -28.84
C GLN D 221 4.19 26.26 -27.64
N LEU D 222 3.61 25.09 -27.90
CA LEU D 222 2.97 24.29 -26.86
C LEU D 222 3.92 23.35 -26.09
N GLY D 223 5.17 23.26 -26.53
CA GLY D 223 6.11 22.35 -25.89
C GLY D 223 6.34 21.06 -26.63
N PHE D 224 5.92 21.01 -27.89
CA PHE D 224 5.98 19.78 -28.67
C PHE D 224 7.11 19.76 -29.68
N ALA D 225 7.93 18.72 -29.59
CA ALA D 225 8.96 18.41 -30.58
C ALA D 225 8.31 17.55 -31.67
N PRO D 226 9.07 17.15 -32.71
CA PRO D 226 8.41 16.36 -33.77
C PRO D 226 8.20 14.88 -33.47
N GLY D 227 7.55 14.20 -34.41
CA GLY D 227 7.30 12.77 -34.27
C GLY D 227 5.87 12.38 -33.93
N TRP D 228 4.97 13.35 -33.86
CA TRP D 228 3.55 13.02 -33.69
C TRP D 228 2.89 12.62 -35.01
N GLY D 229 3.41 13.13 -36.13
CA GLY D 229 2.91 12.76 -37.44
C GLY D 229 3.52 13.52 -38.61
N HIS D 230 3.34 13.00 -39.82
CA HIS D 230 3.75 13.73 -41.03
C HIS D 230 2.75 14.82 -41.41
N ASN D 231 1.46 14.49 -41.45
CA ASN D 231 0.43 15.51 -41.62
C ASN D 231 -0.29 15.83 -40.29
N ALA D 232 -1.22 16.77 -40.34
CA ALA D 232 -2.00 17.10 -39.14
C ALA D 232 -2.97 15.97 -38.79
N ASN D 233 -3.38 15.21 -39.80
CA ASN D 233 -4.27 14.07 -39.59
C ASN D 233 -3.66 13.08 -38.61
N ARG D 234 -2.42 12.69 -38.90
CA ARG D 234 -1.67 11.79 -38.04
C ARG D 234 -1.35 12.41 -36.67
N VAL D 235 -0.86 13.64 -36.65
CA VAL D 235 -0.57 14.29 -35.36
C VAL D 235 -1.80 14.21 -34.46
N ALA D 236 -2.95 14.53 -35.04
CA ALA D 236 -4.23 14.43 -34.34
C ALA D 236 -4.38 13.01 -33.82
N GLU D 237 -4.14 12.05 -34.69
CA GLU D 237 -4.31 10.63 -34.34
C GLU D 237 -3.55 10.24 -33.07
N THR D 238 -2.24 10.50 -33.09
CA THR D 238 -1.38 10.04 -32.01
C THR D 238 -1.55 10.88 -30.75
N MET D 239 -1.76 12.18 -30.90
CA MET D 239 -2.01 13.04 -29.74
C MET D 239 -3.27 12.57 -29.04
N ASN D 240 -4.23 12.12 -29.83
CA ASN D 240 -5.43 11.58 -29.24
C ASN D 240 -5.16 10.27 -28.52
N MET D 241 -4.38 9.40 -29.16
CA MET D 241 -3.93 8.15 -28.51
C MET D 241 -3.38 8.40 -27.10
N LEU D 242 -2.41 9.31 -27.02
CA LEU D 242 -1.81 9.70 -25.73
C LEU D 242 -2.77 10.39 -24.76
N MET D 243 -3.67 11.24 -25.26
CA MET D 243 -4.70 11.82 -24.39
C MET D 243 -5.57 10.72 -23.74
N ASP D 244 -6.06 9.79 -24.57
CA ASP D 244 -6.82 8.62 -24.14
C ASP D 244 -6.09 7.89 -23.04
N ILE D 245 -4.82 7.56 -23.32
CA ILE D 245 -3.99 6.84 -22.37
C ILE D 245 -3.85 7.59 -21.06
N LEU D 246 -3.58 8.90 -21.13
CA LEU D 246 -3.31 9.69 -19.93
C LEU D 246 -4.54 9.81 -19.07
N GLU D 247 -5.73 9.77 -19.70
CA GLU D 247 -6.96 9.69 -18.91
C GLU D 247 -7.30 8.32 -18.33
N ALA D 248 -7.33 7.30 -19.19
CA ALA D 248 -7.61 5.91 -18.77
C ALA D 248 -6.83 4.89 -19.57
N PRO D 249 -5.63 4.52 -19.12
CA PRO D 249 -4.84 3.51 -19.83
C PRO D 249 -5.57 2.17 -20.02
N SER D 250 -5.50 1.64 -21.24
CA SER D 250 -5.96 0.30 -21.59
C SER D 250 -4.90 -0.41 -22.44
N PRO D 251 -4.96 -1.74 -22.53
CA PRO D 251 -3.86 -2.46 -23.19
C PRO D 251 -3.77 -2.25 -24.71
N SER D 252 -4.90 -2.14 -25.40
CA SER D 252 -4.88 -2.00 -26.85
C SER D 252 -4.36 -0.64 -27.24
N ALA D 253 -4.68 0.35 -26.43
CA ALA D 253 -4.31 1.72 -26.72
C ALA D 253 -2.83 1.86 -26.49
N LEU D 254 -2.36 1.28 -25.39
CA LEU D 254 -0.97 1.42 -25.01
C LEU D 254 -0.14 0.69 -26.04
N GLU D 255 -0.60 -0.50 -26.42
CA GLU D 255 0.04 -1.27 -27.47
C GLU D 255 0.21 -0.34 -28.64
N GLU D 256 -0.91 0.20 -29.10
CA GLU D 256 -0.96 0.99 -30.31
C GLU D 256 0.00 2.17 -30.26
N PHE D 257 -0.01 2.91 -29.17
CA PHE D 257 0.73 4.16 -29.08
C PHE D 257 2.22 3.86 -29.03
N LEU D 258 2.59 2.93 -28.14
CA LEU D 258 3.98 2.53 -28.00
C LEU D 258 4.50 2.07 -29.36
N ALA D 259 3.74 1.21 -30.01
CA ALA D 259 4.13 0.63 -31.30
C ALA D 259 4.41 1.68 -32.35
N CYS D 260 3.90 2.89 -32.14
CA CYS D 260 4.13 3.98 -33.06
C CYS D 260 5.18 5.04 -32.67
N ILE D 261 5.79 4.91 -31.49
CA ILE D 261 6.78 5.92 -31.09
C ILE D 261 8.02 5.79 -31.93
N PRO D 262 8.55 6.92 -32.41
CA PRO D 262 9.79 7.02 -33.19
C PRO D 262 11.06 6.86 -32.36
N MET D 263 11.21 5.74 -31.65
CA MET D 263 12.47 5.41 -31.00
C MET D 263 13.35 4.36 -31.65
N ILE D 264 12.92 3.74 -32.74
CA ILE D 264 13.77 2.69 -33.34
C ILE D 264 14.28 3.03 -34.74
N SER D 265 15.56 3.39 -34.83
CA SER D 265 16.21 3.80 -36.07
C SER D 265 17.45 2.95 -36.33
N ARG D 266 18.39 2.95 -35.38
CA ARG D 266 19.55 2.08 -35.45
C ARG D 266 19.28 0.65 -34.94
N LEU D 267 19.67 -0.34 -35.73
CA LEU D 267 19.45 -1.74 -35.35
C LEU D 267 20.73 -2.58 -35.55
N LEU D 268 20.97 -3.52 -34.63
CA LEU D 268 22.23 -4.25 -34.57
C LEU D 268 22.02 -5.76 -34.36
N ILE D 269 22.39 -6.56 -35.36
CA ILE D 269 22.19 -8.02 -35.31
C ILE D 269 23.52 -8.74 -35.21
N LEU D 270 23.59 -9.75 -34.34
CA LEU D 270 24.87 -10.38 -34.01
C LEU D 270 24.91 -11.84 -34.45
N SER D 271 25.89 -12.20 -35.29
CA SER D 271 26.09 -13.60 -35.67
C SER D 271 27.56 -13.97 -35.89
N PRO D 272 28.30 -14.20 -34.79
CA PRO D 272 29.76 -14.37 -34.85
C PRO D 272 30.23 -15.59 -35.61
N HIS D 273 29.54 -16.71 -35.45
CA HIS D 273 30.02 -17.96 -36.03
C HIS D 273 29.71 -18.18 -37.52
N GLY D 274 30.52 -19.02 -38.14
CA GLY D 274 30.35 -19.43 -39.51
C GLY D 274 30.83 -18.40 -40.51
N TYR D 275 30.60 -18.69 -41.79
CA TYR D 275 30.88 -17.76 -42.86
C TYR D 275 29.56 -17.11 -43.25
N PHE D 276 29.59 -15.82 -43.57
CA PHE D 276 28.32 -15.18 -43.79
C PHE D 276 27.97 -14.97 -45.26
N GLY D 277 28.54 -13.92 -45.87
CA GLY D 277 28.44 -13.73 -47.31
C GLY D 277 27.03 -13.51 -47.85
N GLN D 278 26.93 -13.22 -49.15
CA GLN D 278 25.65 -13.22 -49.85
C GLN D 278 25.76 -14.06 -51.11
N ASP D 279 25.10 -15.22 -51.13
CA ASP D 279 25.08 -16.12 -52.30
C ASP D 279 26.47 -16.69 -52.64
N ASN D 280 27.52 -16.14 -52.04
CA ASN D 280 28.90 -16.52 -52.32
C ASN D 280 29.46 -17.55 -51.33
N VAL D 281 28.61 -17.97 -50.40
CA VAL D 281 29.00 -18.94 -49.38
C VAL D 281 28.45 -20.36 -49.65
N LEU D 282 29.38 -21.31 -49.66
CA LEU D 282 29.15 -22.71 -50.10
C LEU D 282 28.17 -23.52 -49.23
N GLY D 283 27.79 -22.99 -48.07
CA GLY D 283 27.32 -23.84 -46.98
C GLY D 283 28.53 -24.41 -46.24
N LEU D 284 29.51 -23.53 -46.01
CA LEU D 284 30.79 -23.83 -45.37
C LEU D 284 30.62 -24.28 -43.91
N PRO D 285 31.73 -24.60 -43.19
CA PRO D 285 31.61 -24.97 -41.77
C PRO D 285 30.85 -23.97 -40.89
N ASP D 286 29.94 -24.51 -40.07
CA ASP D 286 29.12 -23.74 -39.12
C ASP D 286 28.08 -22.82 -39.79
N THR D 287 28.21 -22.64 -41.11
CA THR D 287 27.28 -21.85 -41.90
C THR D 287 26.05 -22.68 -42.32
N GLY D 288 24.89 -22.02 -42.42
CA GLY D 288 23.62 -22.72 -42.54
C GLY D 288 22.45 -21.77 -42.76
N GLY D 289 21.26 -22.21 -42.40
CA GLY D 289 20.04 -21.42 -42.55
C GLY D 289 20.10 -20.11 -41.80
N GLN D 290 21.15 -19.95 -40.99
CA GLN D 290 21.51 -18.70 -40.35
C GLN D 290 21.56 -17.55 -41.36
N VAL D 291 22.33 -17.79 -42.41
CA VAL D 291 22.57 -16.79 -43.42
C VAL D 291 21.24 -16.32 -44.01
N VAL D 292 20.37 -17.26 -44.35
CA VAL D 292 19.05 -16.86 -44.87
C VAL D 292 18.13 -16.22 -43.82
N TYR D 293 17.96 -16.84 -42.64
CA TYR D 293 17.12 -16.26 -41.58
C TYR D 293 17.45 -14.79 -41.37
N ILE D 294 18.74 -14.48 -41.32
CA ILE D 294 19.11 -13.10 -41.14
C ILE D 294 18.86 -12.29 -42.42
N LEU D 295 19.26 -12.86 -43.56
CA LEU D 295 19.32 -12.09 -44.82
C LEU D 295 17.98 -11.78 -45.49
N ASP D 296 17.09 -12.77 -45.53
CA ASP D 296 15.74 -12.55 -46.04
C ASP D 296 14.99 -11.57 -45.13
N GLN D 297 15.13 -11.77 -43.84
CA GLN D 297 14.48 -10.93 -42.85
C GLN D 297 14.86 -9.46 -42.93
N VAL D 298 16.16 -9.18 -43.11
CA VAL D 298 16.59 -7.79 -43.00
C VAL D 298 15.93 -6.80 -43.98
N ARG D 299 15.43 -7.29 -45.11
CA ARG D 299 14.78 -6.38 -46.06
C ARG D 299 13.47 -5.87 -45.47
N ALA D 300 12.67 -6.80 -44.99
CA ALA D 300 11.39 -6.47 -44.37
C ALA D 300 11.62 -5.59 -43.14
N LEU D 301 12.56 -6.01 -42.28
CA LEU D 301 12.88 -5.23 -41.09
C LEU D 301 13.23 -3.79 -41.46
N GLU D 302 14.14 -3.66 -42.42
CA GLU D 302 14.57 -2.35 -42.87
C GLU D 302 13.36 -1.54 -43.34
N LYS D 303 12.46 -2.20 -44.07
CA LYS D 303 11.35 -1.47 -44.68
C LYS D 303 10.35 -0.99 -43.65
N GLU D 304 9.85 -1.91 -42.85
CA GLU D 304 8.91 -1.61 -41.78
C GLU D 304 9.45 -0.53 -40.84
N MET D 305 10.74 -0.62 -40.54
CA MET D 305 11.38 0.35 -39.65
C MET D 305 11.35 1.72 -40.31
N HIS D 306 11.73 1.74 -41.59
CA HIS D 306 11.69 2.98 -42.36
C HIS D 306 10.29 3.61 -42.37
N ASP D 307 9.30 2.83 -42.80
CA ASP D 307 7.90 3.27 -42.88
C ASP D 307 7.45 3.88 -41.58
N ARG D 308 7.57 3.09 -40.52
CA ARG D 308 7.16 3.53 -39.20
C ARG D 308 7.80 4.87 -38.88
N LEU D 309 9.06 5.06 -39.29
CA LEU D 309 9.73 6.31 -38.99
C LEU D 309 9.16 7.44 -39.81
N GLN D 310 8.77 7.09 -41.04
CA GLN D 310 8.20 8.05 -41.96
C GLN D 310 6.89 8.59 -41.39
N LEU D 311 6.08 7.67 -40.89
CA LEU D 311 4.71 7.96 -40.50
C LEU D 311 4.58 9.09 -39.47
N GLN D 312 5.61 9.30 -38.65
CA GLN D 312 5.55 10.33 -37.62
C GLN D 312 6.20 11.62 -38.10
N GLY D 313 6.70 11.59 -39.33
CA GLY D 313 7.42 12.72 -39.87
C GLY D 313 8.87 12.79 -39.42
N VAL D 314 9.44 11.62 -39.13
CA VAL D 314 10.85 11.58 -38.83
C VAL D 314 11.61 11.11 -40.07
N GLN D 315 12.42 12.02 -40.60
CA GLN D 315 12.98 11.85 -41.93
C GLN D 315 14.20 10.95 -41.96
N VAL D 316 14.83 10.80 -40.81
CA VAL D 316 16.13 10.12 -40.74
C VAL D 316 16.13 8.72 -41.33
N GLU D 317 17.28 8.33 -41.85
CA GLU D 317 17.43 7.01 -42.44
C GLU D 317 17.78 5.99 -41.40
N PRO D 318 16.97 4.93 -41.30
CA PRO D 318 17.32 3.80 -40.45
C PRO D 318 18.65 3.19 -40.88
N LYS D 319 19.32 2.47 -39.99
CA LYS D 319 20.55 1.78 -40.31
C LYS D 319 20.46 0.36 -39.69
N ILE D 320 20.96 -0.64 -40.41
CA ILE D 320 21.02 -1.98 -39.83
C ILE D 320 22.41 -2.53 -40.00
N LEU D 321 23.03 -2.94 -38.90
CA LEU D 321 24.34 -3.61 -38.98
C LEU D 321 24.23 -5.07 -38.64
N ILE D 322 24.70 -5.95 -39.53
CA ILE D 322 24.85 -7.33 -39.14
C ILE D 322 26.31 -7.52 -38.85
N VAL D 323 26.61 -7.71 -37.58
CA VAL D 323 27.99 -7.82 -37.12
C VAL D 323 28.35 -9.26 -37.01
N THR D 324 29.45 -9.61 -37.67
CA THR D 324 29.93 -10.97 -37.62
C THR D 324 31.45 -10.93 -37.69
N ARG D 325 32.08 -12.10 -37.61
CA ARG D 325 33.52 -12.17 -37.54
C ARG D 325 34.19 -11.82 -38.85
N LEU D 326 35.28 -11.04 -38.77
CA LEU D 326 36.15 -10.83 -39.91
C LEU D 326 37.23 -11.91 -39.94
N ILE D 327 37.23 -12.65 -41.05
CA ILE D 327 38.26 -13.64 -41.30
C ILE D 327 39.13 -13.20 -42.47
N PRO D 328 40.43 -12.96 -42.20
CA PRO D 328 41.40 -12.59 -43.22
C PRO D 328 41.73 -13.76 -44.16
N ASP D 329 41.59 -14.99 -43.65
CA ASP D 329 41.94 -16.21 -44.40
C ASP D 329 40.83 -16.67 -45.33
N ALA D 330 39.76 -15.89 -45.45
CA ALA D 330 38.77 -16.14 -46.50
C ALA D 330 39.51 -16.08 -47.83
N GLY D 331 39.90 -14.87 -48.22
CA GLY D 331 40.81 -14.66 -49.35
C GLY D 331 40.20 -14.96 -50.72
N ASP D 332 39.01 -15.56 -50.69
CA ASP D 332 38.23 -15.87 -51.89
C ASP D 332 36.80 -15.35 -51.71
N THR D 333 36.11 -15.84 -50.69
CA THR D 333 34.80 -15.30 -50.32
C THR D 333 34.97 -13.91 -49.70
N THR D 334 33.86 -13.28 -49.32
CA THR D 334 33.89 -11.88 -48.88
C THR D 334 34.11 -11.73 -47.38
N CYS D 335 34.33 -12.84 -46.70
CA CYS D 335 34.51 -12.85 -45.25
C CYS D 335 35.70 -12.00 -44.78
N ASN D 336 36.53 -11.55 -45.71
CA ASN D 336 37.59 -10.62 -45.35
C ASN D 336 37.23 -9.15 -45.61
N GLN D 337 36.00 -8.88 -46.01
CA GLN D 337 35.59 -7.48 -46.21
C GLN D 337 34.87 -6.89 -44.99
N ARG D 338 35.37 -5.74 -44.54
CA ARG D 338 34.83 -5.13 -43.33
C ARG D 338 33.42 -4.57 -43.51
N LEU D 339 33.19 -3.84 -44.59
CA LEU D 339 31.86 -3.35 -44.88
C LEU D 339 31.35 -3.83 -46.22
N GLU D 340 30.33 -4.69 -46.18
CA GLU D 340 29.74 -5.23 -47.39
C GLU D 340 28.25 -4.95 -47.36
N LYS D 341 27.77 -4.09 -48.25
CA LYS D 341 26.33 -3.75 -48.31
C LYS D 341 25.42 -4.93 -48.67
N VAL D 342 24.26 -4.99 -48.04
CA VAL D 342 23.36 -6.10 -48.28
C VAL D 342 22.48 -5.72 -49.44
N SER D 343 22.24 -6.66 -50.35
CA SER D 343 21.58 -6.33 -51.60
C SER D 343 20.08 -6.55 -51.57
N GLY D 344 19.36 -5.50 -51.96
CA GLY D 344 17.94 -5.44 -51.78
C GLY D 344 17.63 -4.41 -50.71
N CYS D 345 18.67 -3.94 -50.04
CA CYS D 345 18.49 -3.04 -48.92
C CYS D 345 19.13 -1.69 -49.16
N THR D 346 18.48 -0.65 -48.68
CA THR D 346 19.03 0.70 -48.76
C THR D 346 20.15 0.94 -47.76
N ASN D 347 19.81 0.95 -46.48
CA ASN D 347 20.79 1.11 -45.40
C ASN D 347 21.26 -0.12 -44.60
N THR D 348 20.91 -1.34 -45.01
CA THR D 348 21.39 -2.53 -44.29
C THR D 348 22.75 -3.07 -44.77
N TRP D 349 23.69 -3.18 -43.83
CA TRP D 349 25.09 -3.49 -44.15
C TRP D 349 25.64 -4.62 -43.28
N ILE D 350 26.46 -5.47 -43.87
CA ILE D 350 27.23 -6.41 -43.07
C ILE D 350 28.54 -5.76 -42.64
N LEU D 351 28.82 -5.85 -41.35
CA LEU D 351 30.06 -5.34 -40.79
C LEU D 351 30.85 -6.49 -40.20
N ARG D 352 32.11 -6.63 -40.62
CA ARG D 352 32.97 -7.69 -40.11
C ARG D 352 34.08 -7.17 -39.19
N VAL D 353 34.15 -7.75 -38.00
CA VAL D 353 35.08 -7.31 -36.97
C VAL D 353 35.92 -8.54 -36.67
N PRO D 354 37.23 -8.35 -36.55
CA PRO D 354 38.19 -9.46 -36.39
C PRO D 354 38.24 -10.03 -34.97
N PHE D 355 38.64 -11.29 -34.83
CA PHE D 355 38.98 -11.81 -33.49
C PHE D 355 40.37 -11.34 -33.04
N ARG D 356 40.79 -11.69 -31.82
CA ARG D 356 42.00 -11.09 -31.24
C ARG D 356 42.34 -11.72 -29.90
N LYS D 357 43.59 -11.55 -29.46
CA LYS D 357 43.96 -12.08 -28.16
C LYS D 357 44.88 -11.21 -27.29
N HIS D 358 44.34 -10.54 -26.27
CA HIS D 358 45.09 -10.06 -25.10
C HIS D 358 46.31 -9.15 -25.40
N ASN D 359 46.70 -9.21 -26.67
CA ASN D 359 47.79 -8.50 -27.32
C ASN D 359 47.22 -8.01 -28.65
N GLY D 360 46.44 -8.91 -29.24
CA GLY D 360 46.26 -9.12 -30.67
C GLY D 360 46.13 -8.02 -31.69
N GLU D 361 46.78 -8.23 -32.84
CA GLU D 361 47.16 -9.58 -33.33
C GLU D 361 45.97 -10.47 -33.66
N ILE D 362 45.53 -10.25 -34.89
CA ILE D 362 44.26 -10.62 -35.47
C ILE D 362 43.69 -12.06 -35.52
N ILE D 363 44.45 -13.12 -35.34
CA ILE D 363 43.83 -14.46 -35.45
C ILE D 363 43.12 -14.67 -36.80
N PRO D 364 43.89 -14.94 -37.85
CA PRO D 364 43.45 -14.96 -39.24
C PRO D 364 42.57 -16.15 -39.66
N HIS D 365 42.61 -17.24 -38.90
CA HIS D 365 42.01 -18.51 -39.34
C HIS D 365 40.65 -18.81 -38.72
N TRP D 366 39.81 -19.49 -39.50
CA TRP D 366 38.50 -19.95 -39.03
C TRP D 366 38.60 -20.73 -37.73
N ILE D 367 37.63 -20.52 -36.84
CA ILE D 367 37.59 -21.15 -35.54
C ILE D 367 36.22 -21.81 -35.32
N SER D 368 36.21 -23.09 -34.96
CA SER D 368 34.93 -23.78 -34.73
C SER D 368 34.06 -23.06 -33.71
N ARG D 369 32.75 -23.16 -33.92
CA ARG D 369 31.81 -22.52 -33.00
C ARG D 369 31.90 -23.13 -31.61
N PHE D 370 32.47 -24.33 -31.51
CA PHE D 370 32.64 -24.97 -30.21
C PHE D 370 33.88 -24.45 -29.50
N GLU D 371 34.82 -23.90 -30.26
CA GLU D 371 36.03 -23.30 -29.69
C GLU D 371 36.01 -21.77 -29.63
N ILE D 372 34.89 -21.17 -30.04
CA ILE D 372 34.79 -19.72 -30.18
C ILE D 372 34.86 -18.97 -28.85
N TRP D 373 34.52 -19.67 -27.77
CA TRP D 373 34.28 -19.01 -26.47
C TRP D 373 35.31 -17.99 -25.96
N PRO D 374 36.60 -18.35 -25.98
CA PRO D 374 37.58 -17.43 -25.38
C PRO D 374 37.74 -16.09 -26.07
N HIS D 375 37.37 -16.00 -27.34
CA HIS D 375 37.62 -14.78 -28.12
C HIS D 375 36.44 -13.83 -28.06
N LEU D 376 35.38 -14.26 -27.37
CA LEU D 376 34.09 -13.57 -27.40
C LEU D 376 34.02 -12.24 -26.67
N GLU D 377 34.57 -12.15 -25.46
CA GLU D 377 34.54 -10.89 -24.72
C GLU D 377 35.31 -9.80 -25.45
N ILE D 378 36.50 -10.17 -25.89
CA ILE D 378 37.35 -9.25 -26.63
C ILE D 378 36.57 -8.80 -27.87
N PHE D 379 35.89 -9.77 -28.47
CA PHE D 379 35.11 -9.53 -29.67
C PHE D 379 34.07 -8.47 -29.37
N ALA D 380 33.42 -8.61 -28.22
CA ALA D 380 32.32 -7.75 -27.81
C ALA D 380 32.79 -6.32 -27.64
N GLY D 381 34.02 -6.17 -27.16
CA GLY D 381 34.56 -4.84 -27.00
C GLY D 381 34.84 -4.20 -28.34
N ASP D 382 35.43 -5.00 -29.24
CA ASP D 382 35.73 -4.50 -30.58
C ASP D 382 34.45 -4.13 -31.33
N VAL D 383 33.44 -4.99 -31.22
CA VAL D 383 32.15 -4.73 -31.86
C VAL D 383 31.52 -3.47 -31.30
N GLU D 384 31.58 -3.30 -29.98
CA GLU D 384 31.13 -2.06 -29.39
C GLU D 384 31.78 -0.85 -30.07
N ARG D 385 33.11 -0.82 -30.10
CA ARG D 385 33.83 0.32 -30.71
C ARG D 385 33.41 0.56 -32.16
N GLU D 386 33.49 -0.50 -32.97
CA GLU D 386 33.32 -0.37 -34.42
C GLU D 386 31.87 -0.08 -34.84
N ALA D 387 30.90 -0.68 -34.16
CA ALA D 387 29.51 -0.42 -34.52
C ALA D 387 29.01 0.90 -33.94
N LEU D 388 29.51 1.27 -32.77
CA LEU D 388 29.14 2.58 -32.24
C LEU D 388 29.66 3.64 -33.19
N ALA D 389 30.80 3.35 -33.78
CA ALA D 389 31.35 4.25 -34.79
C ALA D 389 30.50 4.25 -36.07
N GLU D 390 30.07 3.06 -36.50
CA GLU D 390 29.36 2.92 -37.77
C GLU D 390 27.95 3.55 -37.77
N LEU D 391 27.11 3.20 -36.81
CA LEU D 391 25.87 3.93 -36.53
C LEU D 391 26.35 5.21 -35.86
N GLY D 392 25.55 6.26 -35.84
CA GLY D 392 26.03 7.51 -35.29
C GLY D 392 26.19 7.50 -33.77
N GLY D 393 26.05 6.32 -33.17
CA GLY D 393 25.93 6.19 -31.73
C GLY D 393 25.21 4.88 -31.41
N HIS D 394 24.55 4.84 -30.24
CA HIS D 394 23.96 3.59 -29.76
C HIS D 394 22.87 3.05 -30.66
N PRO D 395 22.86 1.73 -30.87
CA PRO D 395 21.76 0.99 -31.51
C PRO D 395 20.52 1.08 -30.62
N ASP D 396 19.33 0.98 -31.22
CA ASP D 396 18.10 1.01 -30.43
C ASP D 396 17.64 -0.38 -30.05
N LEU D 397 18.24 -1.39 -30.69
CA LEU D 397 17.95 -2.79 -30.36
C LEU D 397 19.17 -3.65 -30.70
N ILE D 398 19.41 -4.72 -29.94
CA ILE D 398 20.47 -5.66 -30.24
C ILE D 398 19.82 -7.03 -30.32
N ILE D 399 20.02 -7.72 -31.43
CA ILE D 399 19.45 -9.04 -31.64
C ILE D 399 20.59 -10.03 -31.75
N GLY D 400 20.76 -10.88 -30.75
CA GLY D 400 21.79 -11.89 -30.80
C GLY D 400 21.30 -13.11 -31.55
N ASN D 401 22.23 -13.85 -32.17
CA ASN D 401 21.90 -15.11 -32.84
C ASN D 401 22.75 -16.28 -32.36
N TYR D 402 22.10 -17.41 -32.16
CA TYR D 402 22.67 -18.62 -31.55
C TYR D 402 23.32 -18.33 -30.20
N SER D 403 24.26 -19.16 -29.76
CA SER D 403 24.69 -19.05 -28.36
C SER D 403 25.71 -17.96 -28.19
N ASP D 404 26.66 -17.92 -29.12
CA ASP D 404 27.76 -16.96 -29.11
C ASP D 404 27.23 -15.58 -29.36
N GLY D 405 26.31 -15.49 -30.31
CA GLY D 405 25.68 -14.23 -30.62
C GLY D 405 24.87 -13.75 -29.43
N ASN D 406 24.20 -14.67 -28.75
CA ASN D 406 23.45 -14.27 -27.58
C ASN D 406 24.32 -13.80 -26.42
N LEU D 407 25.50 -14.40 -26.26
CA LEU D 407 26.42 -13.91 -25.27
C LEU D 407 26.96 -12.52 -25.61
N VAL D 408 27.37 -12.34 -26.86
CA VAL D 408 27.88 -11.04 -27.28
C VAL D 408 26.78 -10.00 -27.10
N ALA D 409 25.54 -10.41 -27.38
CA ALA D 409 24.41 -9.52 -27.24
C ALA D 409 24.24 -9.18 -25.76
N THR D 410 24.39 -10.18 -24.89
CA THR D 410 24.34 -9.95 -23.46
C THR D 410 25.33 -8.86 -22.98
N LEU D 411 26.60 -9.00 -23.38
CA LEU D 411 27.63 -8.04 -22.99
C LEU D 411 27.41 -6.65 -23.56
N LEU D 412 27.15 -6.57 -24.86
CA LEU D 412 26.93 -5.28 -25.51
C LEU D 412 25.73 -4.60 -24.89
N SER D 413 24.69 -5.41 -24.67
CA SER D 413 23.45 -4.91 -24.13
C SER D 413 23.76 -4.24 -22.82
N ARG D 414 24.39 -4.98 -21.89
CA ARG D 414 24.67 -4.42 -20.56
C ARG D 414 25.58 -3.21 -20.59
N ARG D 415 26.50 -3.17 -21.54
CA ARG D 415 27.41 -2.02 -21.60
C ARG D 415 26.71 -0.78 -22.13
N LEU D 416 25.87 -0.93 -23.14
CA LEU D 416 25.25 0.22 -23.77
C LEU D 416 23.88 0.63 -23.21
N GLY D 417 23.29 -0.20 -22.36
CA GLY D 417 21.96 0.11 -21.87
C GLY D 417 20.87 -0.07 -22.90
N VAL D 418 21.07 -0.99 -23.84
CA VAL D 418 20.15 -1.16 -24.95
C VAL D 418 19.28 -2.39 -24.77
N THR D 419 18.05 -2.34 -25.30
CA THR D 419 17.14 -3.49 -25.32
C THR D 419 17.76 -4.70 -26.00
N GLN D 420 17.47 -5.90 -25.50
CA GLN D 420 18.11 -7.13 -25.98
C GLN D 420 17.12 -8.17 -26.46
N CYS D 421 17.26 -8.58 -27.70
CA CYS D 421 16.54 -9.73 -28.22
C CYS D 421 17.45 -10.98 -28.35
N ASN D 422 16.98 -12.15 -27.90
CA ASN D 422 17.71 -13.38 -28.18
C ASN D 422 17.00 -14.26 -29.18
N ILE D 423 17.69 -14.61 -30.27
CA ILE D 423 17.25 -15.72 -31.10
C ILE D 423 18.25 -16.86 -31.08
N ALA D 424 17.87 -17.95 -30.41
CA ALA D 424 18.75 -19.11 -30.26
C ALA D 424 18.74 -20.07 -31.45
N HIS D 425 17.56 -20.25 -32.04
CA HIS D 425 17.31 -21.12 -33.20
C HIS D 425 17.32 -22.61 -32.87
N ALA D 426 17.96 -22.95 -31.76
CA ALA D 426 18.03 -24.32 -31.25
C ALA D 426 18.85 -24.20 -30.01
N LEU D 427 18.69 -25.14 -29.09
CA LEU D 427 19.53 -25.14 -27.91
C LEU D 427 20.03 -26.55 -27.79
N GLU D 428 21.33 -26.72 -27.90
CA GLU D 428 21.91 -28.05 -28.03
C GLU D 428 21.64 -28.98 -26.84
N LYS D 429 21.32 -28.44 -25.67
CA LYS D 429 21.25 -29.26 -24.46
C LYS D 429 20.30 -30.42 -24.61
N THR D 430 19.26 -30.18 -25.40
CA THR D 430 18.24 -31.15 -25.67
C THR D 430 18.63 -32.15 -26.79
N LYS D 431 19.34 -31.65 -27.81
CA LYS D 431 19.84 -32.51 -28.88
C LYS D 431 20.71 -33.62 -28.32
N TYR D 432 21.78 -33.23 -27.63
CA TYR D 432 22.75 -34.20 -27.18
C TYR D 432 22.35 -34.67 -25.79
N LEU D 433 21.93 -35.92 -25.71
CA LEU D 433 21.38 -36.50 -24.49
C LEU D 433 22.44 -36.50 -23.39
N HIS D 434 22.02 -36.16 -22.18
CA HIS D 434 22.86 -36.20 -20.97
C HIS D 434 24.14 -35.34 -21.04
N SER D 435 24.15 -34.34 -21.93
CA SER D 435 25.29 -33.45 -22.05
C SER D 435 25.59 -32.68 -20.79
N ASP D 436 24.56 -32.43 -19.99
CA ASP D 436 24.75 -31.70 -18.75
C ASP D 436 25.47 -32.51 -17.69
N ILE D 437 25.00 -33.73 -17.43
CA ILE D 437 25.54 -34.56 -16.36
C ILE D 437 26.89 -35.16 -16.79
N TYR D 438 26.97 -35.48 -18.07
CA TYR D 438 28.14 -36.13 -18.70
C TYR D 438 29.11 -35.18 -19.38
N TRP D 439 28.99 -33.89 -19.11
CA TRP D 439 29.72 -32.87 -19.86
C TRP D 439 31.24 -33.10 -20.05
N GLN D 440 31.92 -33.73 -19.09
CA GLN D 440 33.36 -33.98 -19.25
C GLN D 440 33.63 -34.89 -20.43
N GLU D 441 32.84 -35.95 -20.52
CA GLU D 441 32.90 -36.89 -21.64
C GLU D 441 32.84 -36.18 -23.00
N ASN D 442 32.08 -35.10 -23.07
CA ASN D 442 32.00 -34.32 -24.31
C ASN D 442 32.89 -33.07 -24.35
N GLU D 443 33.63 -32.78 -23.27
CA GLU D 443 34.25 -31.47 -23.13
C GLU D 443 35.25 -31.13 -24.21
N ASP D 444 36.10 -32.08 -24.58
CA ASP D 444 37.12 -31.79 -25.57
C ASP D 444 36.51 -31.56 -26.95
N LYS D 445 35.44 -32.29 -27.23
CA LYS D 445 34.79 -32.18 -28.53
C LYS D 445 33.94 -30.91 -28.64
N TYR D 446 32.86 -30.89 -27.85
CA TYR D 446 31.82 -29.86 -27.91
C TYR D 446 31.92 -28.65 -26.96
N HIS D 447 32.82 -28.72 -25.98
CA HIS D 447 33.02 -27.62 -25.01
C HIS D 447 31.74 -27.13 -24.37
N PHE D 448 30.98 -28.04 -23.79
CA PHE D 448 29.64 -27.74 -23.31
C PHE D 448 29.52 -26.82 -22.09
N SER D 449 30.47 -26.89 -21.16
CA SER D 449 30.44 -26.05 -19.97
C SER D 449 30.26 -24.59 -20.34
N CYS D 450 31.10 -24.13 -21.27
CA CYS D 450 30.98 -22.78 -21.77
C CYS D 450 29.62 -22.49 -22.40
N GLN D 451 29.13 -23.38 -23.25
CA GLN D 451 27.91 -23.12 -23.99
C GLN D 451 26.73 -23.02 -23.06
N TYR D 452 26.51 -24.03 -22.23
CA TYR D 452 25.36 -24.04 -21.33
C TYR D 452 25.43 -22.90 -20.31
N THR D 453 26.64 -22.55 -19.87
CA THR D 453 26.79 -21.35 -19.06
C THR D 453 26.35 -20.06 -19.83
N ALA D 454 26.92 -19.86 -21.01
CA ALA D 454 26.54 -18.71 -21.84
C ALA D 454 25.04 -18.64 -22.08
N ASP D 455 24.47 -19.82 -22.33
CA ASP D 455 23.06 -20.00 -22.64
C ASP D 455 22.19 -19.52 -21.48
N LEU D 456 22.51 -20.02 -20.29
CA LEU D 456 21.87 -19.62 -19.04
C LEU D 456 21.93 -18.09 -18.86
N LEU D 457 23.15 -17.58 -18.95
CA LEU D 457 23.42 -16.16 -18.83
C LEU D 457 22.51 -15.34 -19.73
N ALA D 458 22.47 -15.66 -21.01
CA ALA D 458 21.74 -14.85 -21.97
C ALA D 458 20.22 -14.98 -21.80
N MET D 459 19.73 -16.19 -21.55
CA MET D 459 18.32 -16.40 -21.23
C MET D 459 17.89 -15.42 -20.18
N ASN D 460 18.60 -15.42 -19.06
CA ASN D 460 18.26 -14.52 -17.98
C ASN D 460 18.54 -13.05 -18.23
N SER D 461 19.36 -12.74 -19.23
CA SER D 461 19.70 -11.35 -19.51
C SER D 461 18.82 -10.65 -20.52
N ALA D 462 18.05 -11.43 -21.28
CA ALA D 462 17.41 -10.90 -22.47
C ALA D 462 16.22 -10.08 -22.08
N ASP D 463 16.00 -9.00 -22.81
CA ASP D 463 14.77 -8.25 -22.63
C ASP D 463 13.56 -8.99 -23.18
N PHE D 464 13.65 -9.46 -24.42
CA PHE D 464 12.72 -10.48 -24.91
C PHE D 464 13.41 -11.56 -25.72
N ILE D 465 12.78 -12.73 -25.76
CA ILE D 465 13.31 -13.93 -26.41
C ILE D 465 12.35 -14.36 -27.50
N VAL D 466 12.78 -14.30 -28.76
CA VAL D 466 11.93 -14.71 -29.88
C VAL D 466 12.15 -16.18 -30.31
N THR D 467 11.08 -16.97 -30.38
CA THR D 467 11.16 -18.34 -30.93
C THR D 467 10.31 -18.49 -32.19
N SER D 468 10.59 -19.53 -32.98
CA SER D 468 9.76 -19.80 -34.16
C SER D 468 8.50 -20.56 -33.80
N THR D 469 8.58 -21.37 -32.73
CA THR D 469 7.49 -22.23 -32.36
C THR D 469 7.23 -22.29 -30.86
N TYR D 470 6.01 -22.65 -30.48
CA TYR D 470 5.70 -22.91 -29.08
C TYR D 470 6.66 -23.98 -28.56
N GLN D 471 6.81 -25.06 -29.34
CA GLN D 471 7.61 -26.22 -28.95
C GLN D 471 9.00 -25.84 -28.41
N GLU D 472 9.67 -24.87 -29.06
CA GLU D 472 11.01 -24.42 -28.59
C GLU D 472 11.00 -24.06 -27.11
N ILE D 473 9.91 -23.46 -26.65
CA ILE D 473 9.80 -23.04 -25.26
C ILE D 473 9.33 -24.18 -24.36
N ALA D 474 8.07 -24.61 -24.52
CA ALA D 474 7.49 -25.62 -23.64
C ALA D 474 7.39 -27.07 -24.15
N GLY D 475 7.76 -27.31 -25.41
CA GLY D 475 7.58 -28.62 -25.99
C GLY D 475 6.12 -29.05 -26.17
N THR D 476 5.82 -30.29 -25.76
CA THR D 476 4.48 -30.87 -25.87
C THR D 476 4.10 -31.56 -24.56
N ARG D 477 2.96 -32.26 -24.55
CA ARG D 477 2.46 -32.93 -23.35
C ARG D 477 3.40 -34.06 -22.88
N GLU D 478 4.22 -34.53 -23.83
CA GLU D 478 5.16 -35.64 -23.64
C GLU D 478 6.61 -35.15 -23.71
N ALA D 479 6.95 -34.51 -24.82
CA ALA D 479 8.23 -33.80 -24.96
C ALA D 479 8.41 -32.55 -24.06
N GLU D 480 9.54 -32.48 -23.36
CA GLU D 480 9.97 -31.23 -22.76
C GLU D 480 10.52 -30.29 -23.84
N GLY D 481 10.61 -28.99 -23.53
CA GLY D 481 11.05 -28.01 -24.51
C GLY D 481 12.53 -27.69 -24.43
N GLN D 482 13.06 -27.05 -25.48
CA GLN D 482 14.45 -26.64 -25.47
C GLN D 482 14.80 -25.70 -24.32
N TYR D 483 14.11 -24.57 -24.23
CA TYR D 483 14.36 -23.66 -23.12
C TYR D 483 14.07 -24.34 -21.79
N GLU D 484 13.03 -25.17 -21.80
CA GLU D 484 12.51 -25.79 -20.59
C GLU D 484 13.54 -26.69 -19.90
N SER D 485 14.43 -27.28 -20.70
CA SER D 485 15.42 -28.22 -20.16
C SER D 485 16.49 -27.54 -19.32
N TYR D 486 16.61 -26.23 -19.49
CA TYR D 486 17.54 -25.41 -18.73
C TYR D 486 16.97 -24.92 -17.41
N GLN D 487 15.76 -25.33 -17.07
CA GLN D 487 15.12 -24.82 -15.87
C GLN D 487 15.79 -25.36 -14.61
N ALA D 488 16.09 -26.66 -14.60
CA ALA D 488 16.96 -27.25 -13.57
C ALA D 488 17.86 -28.31 -14.16
N PHE D 489 19.17 -28.20 -13.91
CA PHE D 489 20.14 -29.21 -14.33
C PHE D 489 21.39 -29.16 -13.50
N SER D 490 22.13 -30.27 -13.52
CA SER D 490 23.39 -30.36 -12.82
C SER D 490 24.53 -30.42 -13.82
N MET D 491 25.64 -29.81 -13.44
CA MET D 491 26.82 -29.83 -14.28
C MET D 491 27.95 -30.06 -13.30
N PRO D 492 28.24 -31.35 -13.02
CA PRO D 492 29.04 -31.79 -11.87
C PRO D 492 30.43 -31.16 -11.82
N ASP D 493 30.82 -30.77 -10.60
CA ASP D 493 32.08 -30.06 -10.33
C ASP D 493 32.05 -28.62 -10.82
N LEU D 494 30.95 -28.24 -11.46
CA LEU D 494 30.73 -26.86 -11.83
C LEU D 494 29.69 -26.16 -10.94
N TYR D 495 28.43 -26.57 -11.13
CA TYR D 495 27.28 -26.00 -10.41
C TYR D 495 25.99 -26.71 -10.80
N ARG D 496 24.97 -26.59 -9.98
CA ARG D 496 23.65 -26.98 -10.45
C ARG D 496 22.79 -25.75 -10.50
N VAL D 497 21.77 -25.80 -11.33
CA VAL D 497 20.89 -24.67 -11.55
C VAL D 497 19.50 -25.09 -11.12
N ILE D 498 18.82 -24.24 -10.37
CA ILE D 498 17.37 -24.37 -10.27
C ILE D 498 16.70 -23.04 -10.62
N HIS D 499 15.45 -23.10 -11.05
CA HIS D 499 14.77 -21.89 -11.47
C HIS D 499 15.58 -21.18 -12.56
N GLY D 500 16.18 -21.95 -13.46
CA GLY D 500 17.12 -21.40 -14.42
C GLY D 500 16.45 -20.51 -15.43
N ILE D 501 15.19 -20.80 -15.68
CA ILE D 501 14.40 -20.00 -16.59
C ILE D 501 12.95 -20.07 -16.10
N ASP D 502 12.16 -19.06 -16.45
CA ASP D 502 10.72 -19.13 -16.22
C ASP D 502 9.95 -19.13 -17.56
N LEU D 503 9.25 -20.23 -17.83
CA LEU D 503 8.56 -20.38 -19.10
C LEU D 503 7.42 -19.40 -19.17
N PHE D 504 6.89 -19.08 -18.00
CA PHE D 504 5.79 -18.12 -17.93
C PHE D 504 6.20 -16.66 -17.90
N ASP D 505 7.52 -16.40 -17.97
CA ASP D 505 8.00 -15.03 -18.01
C ASP D 505 7.60 -14.45 -19.33
N PRO D 506 6.97 -13.27 -19.30
CA PRO D 506 6.45 -12.55 -20.46
C PRO D 506 7.53 -12.20 -21.46
N LYS D 507 8.80 -12.39 -21.12
CA LYS D 507 9.87 -12.17 -22.08
C LYS D 507 9.72 -13.03 -23.35
N PHE D 508 9.08 -14.20 -23.23
CA PHE D 508 8.95 -15.12 -24.37
C PHE D 508 7.89 -14.72 -25.39
N ASN D 509 8.31 -14.66 -26.65
CA ASN D 509 7.39 -14.41 -27.74
C ASN D 509 7.65 -15.30 -28.94
N ILE D 510 6.65 -16.08 -29.35
CA ILE D 510 6.77 -16.81 -30.61
C ILE D 510 6.56 -15.86 -31.77
N VAL D 511 7.56 -15.76 -32.64
CA VAL D 511 7.45 -14.95 -33.87
C VAL D 511 7.93 -15.79 -35.02
N SER D 512 7.04 -16.00 -36.00
CA SER D 512 7.29 -16.92 -37.11
C SER D 512 7.92 -16.21 -38.31
N PRO D 513 8.87 -16.89 -38.97
CA PRO D 513 9.68 -16.45 -40.11
C PRO D 513 9.16 -16.89 -41.48
N GLY D 514 9.95 -16.62 -42.51
CA GLY D 514 9.96 -17.34 -43.78
C GLY D 514 9.32 -16.76 -45.05
N ALA D 515 10.01 -17.02 -46.16
CA ALA D 515 9.82 -16.40 -47.48
C ALA D 515 11.11 -16.89 -48.15
N ASN D 516 11.48 -16.53 -49.39
CA ASN D 516 10.98 -15.47 -50.25
C ASN D 516 10.07 -16.13 -51.26
N ALA D 517 8.99 -15.55 -51.77
CA ALA D 517 8.52 -14.15 -51.82
C ALA D 517 9.22 -13.26 -52.84
N ASP D 518 10.48 -13.57 -53.16
CA ASP D 518 11.05 -13.27 -54.45
C ASP D 518 11.24 -14.59 -55.18
N ILE D 519 11.02 -15.69 -54.45
CA ILE D 519 11.50 -17.01 -54.84
C ILE D 519 10.42 -18.07 -54.84
N TYR D 520 9.84 -18.32 -53.66
CA TYR D 520 8.75 -19.27 -53.57
C TYR D 520 7.41 -18.54 -53.67
N PHE D 521 6.73 -18.75 -54.80
CA PHE D 521 5.45 -18.12 -55.07
C PHE D 521 4.43 -19.22 -55.19
N PRO D 522 3.14 -18.89 -54.98
CA PRO D 522 2.13 -19.87 -55.39
C PRO D 522 2.04 -19.86 -56.91
N TYR D 523 1.89 -21.04 -57.52
CA TYR D 523 1.79 -21.11 -58.98
C TYR D 523 0.55 -20.37 -59.48
N SER D 524 -0.50 -20.41 -58.67
CA SER D 524 -1.83 -19.95 -59.04
C SER D 524 -1.97 -18.45 -59.34
N ASP D 525 -0.92 -17.65 -59.11
CA ASP D 525 -1.05 -16.21 -59.36
C ASP D 525 0.17 -15.49 -59.99
N PRO D 526 0.57 -15.89 -61.20
CA PRO D 526 1.56 -15.06 -61.91
C PRO D 526 0.96 -13.82 -62.60
N ASN D 527 1.65 -12.69 -62.52
CA ASN D 527 1.61 -11.70 -63.59
C ASN D 527 3.05 -11.22 -63.82
N ARG D 528 3.62 -11.58 -64.97
CA ARG D 528 5.07 -11.54 -65.16
C ARG D 528 5.79 -12.17 -63.96
N ARG D 529 5.19 -13.24 -63.43
CA ARG D 529 5.75 -14.01 -62.33
C ARG D 529 5.96 -15.43 -62.84
N LEU D 530 6.96 -16.11 -62.29
CA LEU D 530 7.35 -17.46 -62.69
C LEU D 530 7.74 -17.53 -64.18
N HIS D 531 8.09 -16.37 -64.72
CA HIS D 531 8.31 -16.19 -66.15
C HIS D 531 9.76 -16.38 -66.60
N SER D 532 10.06 -15.87 -67.80
CA SER D 532 11.17 -16.33 -68.61
C SER D 532 10.86 -17.77 -68.98
N LEU D 533 11.71 -18.73 -68.63
CA LEU D 533 11.43 -20.06 -69.11
C LEU D 533 10.74 -20.90 -68.04
N ILE D 534 9.42 -20.99 -68.18
CA ILE D 534 8.61 -22.03 -67.55
C ILE D 534 8.86 -23.38 -68.25
N PRO D 535 8.81 -23.40 -69.61
CA PRO D 535 9.36 -24.54 -70.34
C PRO D 535 10.89 -24.51 -70.28
N GLU D 536 11.55 -25.30 -71.13
CA GLU D 536 13.01 -25.33 -71.15
C GLU D 536 13.57 -25.79 -69.80
N ILE D 537 14.22 -24.87 -69.11
CA ILE D 537 15.04 -25.18 -67.93
C ILE D 537 14.40 -26.20 -66.98
N GLU D 538 13.08 -26.13 -66.84
CA GLU D 538 12.31 -27.10 -66.07
C GLU D 538 12.69 -28.55 -66.38
N SER D 539 13.09 -28.80 -67.62
CA SER D 539 13.32 -30.15 -68.13
C SER D 539 14.42 -30.93 -67.41
N LEU D 540 15.10 -30.27 -66.48
CA LEU D 540 16.02 -30.94 -65.56
C LEU D 540 15.34 -32.20 -64.97
N ILE D 541 14.08 -32.06 -64.57
CA ILE D 541 13.30 -33.17 -64.04
C ILE D 541 12.68 -34.04 -65.12
N PHE D 542 12.29 -33.41 -66.23
CA PHE D 542 11.50 -34.11 -67.23
C PHE D 542 12.37 -35.10 -68.02
N ASP D 543 13.28 -34.58 -68.85
CA ASP D 543 14.05 -35.39 -69.80
C ASP D 543 15.13 -36.29 -69.17
N ASP D 544 15.27 -37.50 -69.73
CA ASP D 544 16.05 -38.59 -69.11
C ASP D 544 17.41 -38.87 -69.75
N ALA D 545 18.39 -39.10 -68.88
CA ALA D 545 19.73 -39.53 -69.20
C ALA D 545 20.23 -40.06 -67.87
N THR D 546 21.53 -40.35 -67.73
CA THR D 546 22.07 -40.55 -66.39
C THR D 546 22.84 -39.32 -65.91
N ASN D 547 22.22 -38.58 -64.98
CA ASN D 547 22.86 -37.51 -64.24
C ASN D 547 22.61 -37.80 -62.77
N LEU D 548 23.68 -38.12 -62.04
CA LEU D 548 23.57 -38.49 -60.63
C LEU D 548 22.47 -39.57 -60.49
N PRO D 549 22.78 -40.78 -61.00
CA PRO D 549 21.81 -41.72 -61.60
C PRO D 549 20.61 -42.28 -60.81
N ALA D 550 19.44 -42.07 -61.43
CA ALA D 550 18.25 -42.93 -61.39
C ALA D 550 17.16 -42.24 -62.23
N ARG D 551 16.19 -43.01 -62.73
CA ARG D 551 15.09 -42.50 -63.56
C ARG D 551 13.97 -43.55 -63.54
N GLY D 552 12.82 -43.27 -64.16
CA GLY D 552 11.72 -44.20 -64.03
C GLY D 552 10.50 -44.11 -64.93
N TYR D 553 9.70 -45.18 -64.89
CA TYR D 553 8.48 -45.32 -65.68
C TYR D 553 7.24 -45.35 -64.79
N LEU D 554 6.09 -45.63 -65.41
CA LEU D 554 4.78 -45.57 -64.75
C LEU D 554 4.52 -44.14 -64.30
N GLN D 555 4.74 -43.21 -65.23
CA GLN D 555 4.68 -41.79 -64.93
C GLN D 555 3.59 -41.05 -65.71
N ASP D 556 3.82 -40.82 -67.00
CA ASP D 556 2.87 -40.07 -67.85
C ASP D 556 2.82 -38.60 -67.42
N PRO D 557 2.39 -37.70 -68.33
CA PRO D 557 2.19 -36.28 -67.97
C PRO D 557 1.17 -36.05 -66.84
N ASP D 558 0.36 -37.07 -66.52
CA ASP D 558 -0.69 -36.99 -65.49
C ASP D 558 -0.27 -37.42 -64.07
N LYS D 559 0.13 -38.68 -63.92
CA LYS D 559 0.36 -39.31 -62.60
C LYS D 559 1.28 -38.52 -61.66
N PRO D 560 0.94 -38.54 -60.36
CA PRO D 560 1.60 -37.73 -59.32
C PRO D 560 2.98 -38.27 -58.92
N LEU D 561 3.59 -37.61 -57.95
CA LEU D 561 4.83 -38.04 -57.31
C LEU D 561 5.06 -37.22 -56.05
N ILE D 562 6.13 -37.51 -55.32
CA ILE D 562 6.48 -36.83 -54.06
C ILE D 562 7.78 -36.03 -54.22
N PHE D 563 7.82 -34.81 -53.68
CA PHE D 563 8.92 -33.87 -53.96
C PHE D 563 10.08 -33.85 -52.98
N THR D 564 10.13 -34.83 -52.08
CA THR D 564 10.62 -34.66 -50.70
C THR D 564 11.86 -33.76 -50.44
N MET D 565 12.84 -33.78 -51.34
CA MET D 565 13.95 -32.79 -51.32
C MET D 565 14.54 -32.43 -49.94
N ALA D 566 15.22 -33.38 -49.32
CA ALA D 566 15.92 -33.15 -48.07
C ALA D 566 17.30 -33.76 -48.19
N ARG D 567 18.27 -33.20 -47.47
CA ARG D 567 19.60 -33.79 -47.40
C ARG D 567 19.48 -35.21 -46.86
N LEU D 568 20.28 -36.11 -47.40
CA LEU D 568 20.21 -37.51 -47.04
C LEU D 568 20.73 -37.60 -45.61
N ASP D 569 19.89 -38.08 -44.69
CA ASP D 569 20.26 -38.00 -43.28
C ASP D 569 19.54 -39.04 -42.41
N ARG D 570 20.15 -39.31 -41.26
CA ARG D 570 19.66 -40.32 -40.31
C ARG D 570 18.45 -39.84 -39.52
N ILE D 571 18.46 -38.57 -39.13
CA ILE D 571 17.27 -37.95 -38.53
C ILE D 571 16.25 -37.44 -39.56
N LYS D 572 16.71 -36.76 -40.62
CA LYS D 572 15.81 -36.23 -41.64
C LYS D 572 15.01 -37.34 -42.34
N ASN D 573 15.54 -38.56 -42.29
CA ASN D 573 14.80 -39.82 -42.55
C ASN D 573 14.01 -39.99 -43.87
N ILE D 574 14.71 -39.85 -45.00
CA ILE D 574 14.16 -40.23 -46.29
C ILE D 574 14.27 -41.75 -46.45
N THR D 575 15.20 -42.35 -45.72
CA THR D 575 15.43 -43.80 -45.74
C THR D 575 14.34 -44.54 -44.96
N GLY D 576 13.53 -43.80 -44.21
CA GLY D 576 12.33 -44.38 -43.64
C GLY D 576 11.13 -44.15 -44.55
N LEU D 577 11.20 -43.08 -45.36
CA LEU D 577 10.11 -42.67 -46.25
C LEU D 577 9.99 -43.61 -47.42
N VAL D 578 11.12 -43.85 -48.09
CA VAL D 578 11.12 -44.70 -49.26
C VAL D 578 10.97 -46.16 -48.87
N GLU D 579 11.40 -46.51 -47.65
CA GLU D 579 11.24 -47.87 -47.14
C GLU D 579 9.79 -48.33 -47.15
N LEU D 580 8.90 -47.51 -46.61
CA LEU D 580 7.49 -47.85 -46.61
C LEU D 580 6.71 -47.27 -47.80
N TYR D 581 7.42 -46.64 -48.73
CA TYR D 581 6.85 -46.35 -50.04
C TYR D 581 6.59 -47.66 -50.78
N ALA D 582 7.22 -48.74 -50.29
CA ALA D 582 6.75 -50.07 -50.65
C ALA D 582 6.37 -50.95 -49.46
N ALA D 583 5.06 -51.05 -49.19
CA ALA D 583 4.40 -52.26 -48.71
C ALA D 583 2.99 -52.26 -49.31
N SER D 584 2.69 -53.20 -50.21
CA SER D 584 1.41 -53.22 -50.95
C SER D 584 0.85 -51.84 -51.35
N PRO D 585 1.71 -50.95 -51.89
CA PRO D 585 1.26 -49.56 -52.01
C PRO D 585 0.29 -49.33 -53.15
N ARG D 586 -0.72 -48.52 -52.87
CA ARG D 586 -1.53 -47.92 -53.93
C ARG D 586 -0.69 -46.75 -54.43
N LEU D 587 0.42 -46.54 -53.73
CA LEU D 587 1.43 -45.55 -54.08
C LEU D 587 2.09 -45.93 -55.38
N ARG D 588 2.45 -47.20 -55.53
CA ARG D 588 2.98 -47.70 -56.79
C ARG D 588 1.99 -47.39 -57.90
N SER D 589 0.71 -47.39 -57.53
CA SER D 589 -0.40 -47.25 -58.46
C SER D 589 -0.66 -45.82 -59.00
N LEU D 590 -0.24 -44.79 -58.30
CA LEU D 590 -0.39 -43.44 -58.85
C LEU D 590 0.87 -42.58 -58.81
N ALA D 591 1.31 -42.21 -57.61
CA ALA D 591 2.53 -41.41 -57.43
C ALA D 591 3.81 -42.23 -57.64
N ASN D 592 4.94 -41.57 -57.88
CA ASN D 592 6.19 -42.31 -57.80
C ASN D 592 7.11 -41.82 -56.67
N LEU D 593 7.92 -40.79 -56.96
CA LEU D 593 8.87 -40.15 -56.03
C LEU D 593 9.73 -39.17 -56.86
N VAL D 594 10.40 -38.23 -56.20
CA VAL D 594 11.36 -37.36 -56.90
C VAL D 594 12.69 -37.28 -56.17
N ILE D 595 12.64 -36.78 -54.93
CA ILE D 595 13.79 -36.81 -54.01
C ILE D 595 15.07 -36.11 -54.52
N VAL D 596 15.03 -34.78 -54.57
CA VAL D 596 16.24 -34.03 -54.84
C VAL D 596 17.12 -34.09 -53.58
N GLY D 597 18.42 -33.90 -53.73
CA GLY D 597 19.31 -33.85 -52.59
C GLY D 597 20.25 -35.02 -52.35
N GLY D 598 21.26 -34.75 -51.52
CA GLY D 598 22.31 -35.71 -51.22
C GLY D 598 23.26 -35.86 -52.38
N LYS D 599 24.19 -36.82 -52.27
CA LYS D 599 25.11 -37.10 -53.38
C LYS D 599 25.14 -38.59 -53.73
N ILE D 600 24.66 -38.93 -54.93
CA ILE D 600 24.90 -40.23 -55.54
C ILE D 600 25.21 -40.11 -57.05
N ASP D 601 26.41 -40.49 -57.52
CA ASP D 601 27.68 -40.74 -56.80
C ASP D 601 27.82 -41.97 -55.88
N PRO D 602 29.06 -42.47 -55.71
CA PRO D 602 29.24 -43.52 -54.71
C PRO D 602 29.22 -42.91 -53.32
N GLN D 603 29.44 -43.73 -52.30
CA GLN D 603 29.61 -43.23 -50.96
C GLN D 603 30.91 -42.42 -50.89
N HIS D 604 30.84 -41.28 -50.22
CA HIS D 604 32.04 -40.60 -49.71
C HIS D 604 33.14 -40.16 -50.70
N SER D 605 32.99 -39.05 -51.44
CA SER D 605 31.80 -38.17 -51.57
C SER D 605 31.23 -37.41 -50.35
N SER D 606 31.73 -37.67 -49.15
CA SER D 606 31.09 -37.22 -47.92
C SER D 606 31.94 -36.58 -46.81
N ASP D 607 32.84 -37.39 -46.23
CA ASP D 607 33.10 -37.43 -44.79
C ASP D 607 31.86 -37.98 -44.07
N HIS D 608 31.25 -37.26 -43.11
CA HIS D 608 30.12 -37.86 -42.38
C HIS D 608 30.51 -39.15 -41.62
N GLU D 609 30.16 -40.30 -42.21
CA GLU D 609 30.23 -41.69 -41.65
C GLU D 609 28.90 -42.24 -41.10
N GLU D 610 27.87 -41.42 -40.95
CA GLU D 610 26.56 -41.92 -41.35
C GLU D 610 26.10 -41.02 -42.49
N GLN D 611 26.54 -41.45 -43.66
CA GLN D 611 26.18 -40.95 -44.96
C GLN D 611 26.03 -42.32 -45.53
N GLU D 612 27.05 -43.13 -45.25
CA GLU D 612 27.14 -44.55 -45.60
C GLU D 612 25.88 -45.31 -45.17
N GLN D 613 24.98 -44.64 -44.47
CA GLN D 613 23.57 -44.99 -44.46
C GLN D 613 22.92 -44.76 -45.85
N ILE D 614 23.67 -44.16 -46.78
CA ILE D 614 23.30 -44.06 -48.20
C ILE D 614 23.44 -45.44 -48.83
N HIS D 615 23.96 -46.38 -48.04
CA HIS D 615 23.93 -47.81 -48.36
C HIS D 615 22.48 -48.30 -48.31
N ARG D 616 21.68 -47.70 -47.42
CA ARG D 616 20.24 -47.96 -47.37
C ARG D 616 19.52 -47.30 -48.55
N MET D 617 19.97 -46.10 -48.91
CA MET D 617 19.48 -45.38 -50.08
C MET D 617 19.78 -46.15 -51.37
N HIS D 618 21.03 -46.60 -51.51
CA HIS D 618 21.46 -47.39 -52.65
C HIS D 618 20.82 -48.78 -52.66
N GLN D 619 20.53 -49.30 -51.48
CA GLN D 619 19.91 -50.63 -51.34
C GLN D 619 18.42 -50.63 -51.71
N LEU D 620 17.60 -49.89 -50.97
CA LEU D 620 16.16 -49.90 -51.25
C LEU D 620 15.80 -49.41 -52.66
N MET D 621 16.75 -48.78 -53.35
CA MET D 621 16.65 -48.66 -54.80
C MET D 621 17.11 -50.01 -55.37
N ASP D 622 16.19 -50.71 -56.06
CA ASP D 622 16.44 -52.04 -56.65
C ASP D 622 16.70 -53.24 -55.72
N GLU D 623 16.20 -53.17 -54.48
CA GLU D 623 16.09 -54.35 -53.62
C GLU D 623 14.62 -54.55 -53.38
N HIS D 624 13.97 -53.54 -52.79
CA HIS D 624 12.52 -53.47 -52.85
C HIS D 624 12.14 -52.93 -54.21
N GLU D 625 11.48 -53.78 -54.98
CA GLU D 625 10.94 -53.41 -56.29
C GLU D 625 11.89 -52.58 -57.15
N LEU D 626 11.34 -51.52 -57.70
CA LEU D 626 11.93 -50.88 -58.86
C LEU D 626 12.72 -49.60 -58.58
N ASP D 627 13.74 -49.41 -59.40
CA ASP D 627 14.35 -48.10 -59.65
C ASP D 627 13.64 -47.56 -60.88
N GLN D 628 12.61 -48.26 -61.34
CA GLN D 628 11.86 -47.87 -62.53
C GLN D 628 10.67 -46.99 -62.16
N GLN D 629 10.48 -46.78 -60.86
CA GLN D 629 9.41 -45.94 -60.35
C GLN D 629 10.00 -44.70 -59.64
N VAL D 630 10.76 -44.99 -58.59
CA VAL D 630 11.46 -44.01 -57.75
C VAL D 630 12.59 -43.26 -58.49
N ARG D 631 13.03 -42.14 -57.94
CA ARG D 631 14.07 -41.33 -58.60
C ARG D 631 14.97 -40.57 -57.61
N TRP D 632 16.16 -40.15 -58.08
CA TRP D 632 17.04 -39.22 -57.37
C TRP D 632 17.42 -38.13 -58.35
N LEU D 633 17.51 -36.88 -57.89
CA LEU D 633 18.41 -35.96 -58.58
C LEU D 633 19.76 -35.82 -57.88
N GLY D 634 19.84 -36.32 -56.64
CA GLY D 634 21.11 -36.48 -55.92
C GLY D 634 22.06 -35.30 -56.04
N MET D 635 21.55 -34.08 -56.03
CA MET D 635 22.37 -32.90 -56.34
C MET D 635 22.05 -31.70 -55.44
N ARG D 636 22.65 -30.55 -55.75
CA ARG D 636 22.42 -29.33 -54.97
C ARG D 636 21.15 -28.54 -55.36
N LEU D 637 20.88 -28.38 -56.65
CA LEU D 637 19.70 -27.64 -57.10
C LEU D 637 19.63 -26.21 -56.59
N ASP D 638 20.37 -25.31 -57.23
CA ASP D 638 20.50 -23.91 -56.81
C ASP D 638 19.16 -23.19 -56.55
N LYS D 639 19.19 -22.32 -55.54
CA LYS D 639 17.99 -21.73 -54.91
C LYS D 639 16.91 -21.16 -55.84
N ASN D 640 17.31 -20.35 -56.81
CA ASN D 640 16.37 -19.81 -57.80
C ASN D 640 15.70 -20.95 -58.57
N LEU D 641 16.52 -21.88 -59.07
CA LEU D 641 16.04 -23.04 -59.82
C LEU D 641 15.22 -24.02 -58.97
N ALA D 642 15.15 -23.75 -57.67
CA ALA D 642 14.23 -24.48 -56.80
C ALA D 642 12.87 -23.78 -56.85
N GLY D 643 12.85 -22.62 -57.51
CA GLY D 643 11.64 -21.86 -57.77
C GLY D 643 11.02 -22.37 -59.07
N GLU D 644 11.35 -23.62 -59.37
CA GLU D 644 10.77 -24.35 -60.48
C GLU D 644 10.14 -25.64 -59.94
N LEU D 645 11.00 -26.48 -59.34
CA LEU D 645 10.64 -27.81 -58.83
C LEU D 645 9.46 -27.74 -57.87
N TYR D 646 9.17 -26.54 -57.38
CA TYR D 646 7.99 -26.30 -56.55
C TYR D 646 6.78 -25.85 -57.38
N ARG D 647 6.83 -24.62 -57.87
CA ARG D 647 5.64 -23.91 -58.36
C ARG D 647 4.82 -24.59 -59.46
N TYR D 648 5.38 -24.65 -60.66
CA TYR D 648 4.68 -25.15 -61.84
C TYR D 648 4.44 -26.66 -61.75
N ILE D 649 5.32 -27.35 -61.03
CA ILE D 649 5.32 -28.82 -60.94
C ILE D 649 4.43 -29.34 -59.79
N ALA D 650 3.71 -28.42 -59.17
CA ALA D 650 2.44 -28.74 -58.53
C ALA D 650 1.38 -28.28 -59.53
N ASP D 651 0.26 -28.98 -59.64
CA ASP D 651 -0.68 -28.80 -60.76
C ASP D 651 0.16 -28.98 -62.03
N LYS D 652 0.54 -30.22 -62.37
CA LYS D 652 -0.12 -31.46 -61.93
C LYS D 652 0.06 -31.89 -60.47
N ARG D 653 -0.58 -33.00 -60.10
CA ARG D 653 -0.62 -33.41 -58.70
C ARG D 653 0.79 -33.53 -58.15
N GLY D 654 1.05 -32.73 -57.13
CA GLY D 654 2.30 -32.79 -56.40
C GLY D 654 2.04 -33.31 -55.02
N ILE D 655 3.12 -33.47 -54.26
CA ILE D 655 3.00 -33.80 -52.86
C ILE D 655 4.32 -33.43 -52.20
N PHE D 656 4.28 -33.14 -50.92
CA PHE D 656 5.51 -33.05 -50.16
C PHE D 656 5.35 -33.92 -48.93
N VAL D 657 6.33 -34.78 -48.73
CA VAL D 657 6.40 -35.51 -47.48
C VAL D 657 7.67 -35.14 -46.76
N GLN D 658 7.52 -34.79 -45.49
CA GLN D 658 8.65 -34.43 -44.67
C GLN D 658 8.61 -35.42 -43.52
N PRO D 659 9.14 -36.63 -43.75
CA PRO D 659 8.98 -37.67 -42.72
C PRO D 659 10.08 -37.67 -41.71
N ALA D 660 10.47 -36.50 -41.21
CA ALA D 660 11.57 -36.39 -40.26
C ALA D 660 11.20 -37.00 -38.91
N LEU D 661 12.15 -37.71 -38.31
CA LEU D 661 11.94 -38.28 -36.98
C LEU D 661 11.66 -37.20 -35.94
N PHE D 662 12.21 -36.00 -36.17
CA PHE D 662 11.87 -34.85 -35.34
C PHE D 662 11.44 -33.61 -36.10
N GLU D 663 12.37 -32.99 -36.84
CA GLU D 663 12.04 -31.72 -37.52
C GLU D 663 11.57 -30.57 -36.61
N ALA D 664 12.52 -29.91 -35.93
CA ALA D 664 12.25 -28.75 -35.06
C ALA D 664 11.37 -27.61 -35.63
N PHE D 665 11.63 -27.18 -36.86
CA PHE D 665 10.75 -26.16 -37.42
C PHE D 665 10.08 -26.50 -38.77
N GLY D 666 10.90 -26.75 -39.79
CA GLY D 666 10.42 -26.93 -41.16
C GLY D 666 10.22 -25.76 -42.13
N LEU D 667 11.28 -24.98 -42.35
CA LEU D 667 11.29 -24.00 -43.43
C LEU D 667 10.87 -24.59 -44.79
N THR D 668 11.26 -25.84 -45.07
CA THR D 668 10.89 -26.53 -46.31
C THR D 668 9.39 -26.46 -46.57
N ILE D 669 8.64 -26.94 -45.58
CA ILE D 669 7.19 -26.96 -45.65
C ILE D 669 6.62 -25.56 -45.89
N ILE D 670 7.17 -24.56 -45.23
CA ILE D 670 6.68 -23.21 -45.44
C ILE D 670 6.87 -22.87 -46.90
N GLU D 671 7.99 -23.33 -47.46
CA GLU D 671 8.31 -23.05 -48.87
C GLU D 671 7.30 -23.69 -49.82
N ALA D 672 7.03 -24.99 -49.63
CA ALA D 672 6.01 -25.67 -50.40
C ALA D 672 4.64 -24.99 -50.26
N MET D 673 4.25 -24.72 -49.01
CA MET D 673 2.95 -24.13 -48.71
C MET D 673 2.79 -22.76 -49.35
N ALA D 674 3.87 -21.99 -49.40
CA ALA D 674 3.82 -20.72 -50.10
C ALA D 674 3.70 -20.99 -51.58
N SER D 675 4.23 -22.12 -52.01
CA SER D 675 4.13 -22.52 -53.42
C SER D 675 2.75 -23.12 -53.81
N GLY D 676 2.01 -23.65 -52.84
CA GLY D 676 0.72 -24.28 -53.13
C GLY D 676 0.65 -25.79 -53.08
N LEU D 677 1.64 -26.42 -52.47
CA LEU D 677 1.68 -27.87 -52.35
C LEU D 677 1.07 -28.34 -51.03
N PRO D 678 0.17 -29.32 -51.10
CA PRO D 678 -0.27 -30.03 -49.88
C PRO D 678 0.86 -30.81 -49.21
N THR D 679 0.86 -30.84 -47.89
CA THR D 679 2.03 -31.35 -47.21
C THR D 679 1.74 -32.39 -46.15
N PHE D 680 2.54 -33.44 -46.17
CA PHE D 680 2.45 -34.57 -45.27
C PHE D 680 3.36 -34.57 -44.04
N ALA D 681 3.89 -33.40 -43.70
CA ALA D 681 4.94 -33.22 -42.70
C ALA D 681 4.71 -33.95 -41.37
N THR D 682 5.81 -34.32 -40.72
CA THR D 682 5.75 -35.17 -39.52
C THR D 682 5.03 -34.55 -38.34
N ARG D 683 4.54 -35.42 -37.47
CA ARG D 683 3.73 -35.00 -36.34
C ARG D 683 4.60 -34.66 -35.15
N TYR D 684 5.92 -34.71 -35.35
CA TYR D 684 6.85 -34.37 -34.28
C TYR D 684 7.52 -33.03 -34.62
N GLY D 685 7.96 -32.30 -33.59
CA GLY D 685 8.51 -30.98 -33.80
C GLY D 685 7.54 -29.90 -34.26
N GLY D 686 8.02 -28.99 -35.10
CA GLY D 686 7.31 -27.78 -35.45
C GLY D 686 6.27 -27.76 -36.56
N PRO D 687 6.30 -28.74 -37.47
CA PRO D 687 5.20 -28.63 -38.44
C PRO D 687 3.85 -28.92 -37.80
N LEU D 688 3.85 -29.62 -36.66
CA LEU D 688 2.63 -29.83 -35.87
C LEU D 688 1.87 -28.53 -35.68
N GLU D 689 2.64 -27.49 -35.38
CA GLU D 689 2.13 -26.13 -35.23
C GLU D 689 1.91 -25.47 -36.56
N ILE D 690 2.87 -25.62 -37.47
CA ILE D 690 2.80 -24.94 -38.76
C ILE D 690 1.50 -25.22 -39.51
N ILE D 691 1.12 -26.49 -39.52
CA ILE D 691 0.01 -26.96 -40.34
C ILE D 691 -1.15 -27.42 -39.46
N GLN D 692 -2.37 -27.00 -39.83
CA GLN D 692 -3.58 -27.52 -39.21
C GLN D 692 -4.02 -28.74 -39.99
N ASN D 693 -4.18 -29.86 -39.29
CA ASN D 693 -4.54 -31.14 -39.92
C ASN D 693 -5.84 -31.11 -40.75
N ASN D 694 -5.77 -31.65 -41.96
CA ASN D 694 -6.92 -31.69 -42.88
C ASN D 694 -7.46 -30.29 -43.21
N ARG D 695 -6.61 -29.28 -43.05
CA ARG D 695 -7.01 -27.90 -43.31
C ARG D 695 -5.97 -27.24 -44.22
N SER D 696 -4.75 -27.13 -43.73
CA SER D 696 -3.60 -26.70 -44.53
C SER D 696 -2.65 -27.82 -45.03
N GLY D 697 -2.93 -29.07 -44.64
CA GLY D 697 -2.06 -30.21 -44.90
C GLY D 697 -2.31 -31.29 -43.85
N PHE D 698 -1.49 -32.34 -43.81
CA PHE D 698 -1.76 -33.45 -42.87
C PHE D 698 -0.51 -33.91 -42.10
N HIS D 699 -0.73 -34.41 -40.88
CA HIS D 699 0.38 -34.79 -40.00
C HIS D 699 0.59 -36.30 -39.97
N ILE D 700 1.72 -36.76 -40.52
CA ILE D 700 2.01 -38.19 -40.56
C ILE D 700 2.93 -38.63 -39.43
N ASP D 701 2.66 -39.80 -38.86
CA ASP D 701 3.62 -40.43 -37.96
C ASP D 701 4.35 -41.57 -38.69
N PRO D 702 5.69 -41.61 -38.58
CA PRO D 702 6.44 -42.76 -39.10
C PRO D 702 6.21 -44.10 -38.36
N ASN D 703 4.95 -44.51 -38.30
CA ASN D 703 4.50 -45.92 -38.38
C ASN D 703 3.91 -46.23 -39.77
N GLN D 704 3.83 -45.19 -40.58
CA GLN D 704 2.83 -45.07 -41.66
C GLN D 704 3.09 -45.51 -43.10
N GLY D 705 2.28 -44.91 -43.98
CA GLY D 705 2.29 -45.13 -45.42
C GLY D 705 1.01 -45.66 -46.02
N ALA D 706 0.10 -46.16 -45.18
CA ALA D 706 -1.24 -46.55 -45.63
C ALA D 706 -2.14 -45.32 -45.85
N ALA D 707 -2.40 -44.59 -44.76
CA ALA D 707 -3.20 -43.36 -44.79
C ALA D 707 -2.54 -42.29 -45.64
N THR D 708 -1.28 -42.51 -46.00
CA THR D 708 -0.49 -41.57 -46.79
C THR D 708 -0.88 -41.62 -48.26
N ALA D 709 -0.98 -42.84 -48.76
CA ALA D 709 -1.40 -43.10 -50.13
C ALA D 709 -2.91 -43.03 -50.24
N ASP D 710 -3.57 -43.41 -49.15
CA ASP D 710 -5.00 -43.61 -49.12
C ASP D 710 -5.77 -42.47 -49.78
N LEU D 711 -5.30 -41.24 -49.59
CA LEU D 711 -5.99 -40.10 -50.16
C LEU D 711 -5.45 -39.65 -51.51
N ILE D 712 -4.40 -40.30 -52.01
CA ILE D 712 -3.99 -40.02 -53.40
C ILE D 712 -4.96 -40.76 -54.34
N ALA D 713 -5.82 -41.60 -53.76
CA ALA D 713 -6.99 -42.13 -54.47
C ALA D 713 -8.08 -41.07 -54.48
N ASP D 714 -8.21 -40.34 -53.38
CA ASP D 714 -9.22 -39.29 -53.25
C ASP D 714 -8.81 -37.95 -53.86
N PHE D 715 -7.53 -37.79 -54.18
CA PHE D 715 -7.10 -36.66 -54.99
C PHE D 715 -7.62 -36.88 -56.40
N PHE D 716 -8.01 -38.13 -56.68
CA PHE D 716 -8.75 -38.50 -57.88
C PHE D 716 -10.27 -38.50 -57.60
N GLU D 717 -10.62 -38.07 -56.39
CA GLU D 717 -12.01 -38.00 -55.92
C GLU D 717 -12.28 -36.58 -55.40
N LYS D 718 -13.42 -36.38 -54.74
CA LYS D 718 -13.72 -35.08 -54.14
C LYS D 718 -13.81 -33.94 -55.15
N ASN D 719 -15.01 -33.80 -55.73
CA ASN D 719 -15.29 -33.06 -56.97
C ASN D 719 -14.69 -33.76 -58.21
N LEU D 720 -14.01 -33.02 -59.09
CA LEU D 720 -13.55 -33.63 -60.35
C LEU D 720 -12.36 -34.52 -60.06
N GLU D 721 -11.22 -33.89 -59.81
CA GLU D 721 -10.07 -34.54 -59.20
C GLU D 721 -9.56 -33.60 -58.11
N ASN D 722 -9.00 -32.48 -58.58
CA ASN D 722 -8.43 -31.44 -57.71
C ASN D 722 -9.38 -30.59 -56.85
N PRO D 723 -10.39 -29.93 -57.46
CA PRO D 723 -11.19 -28.95 -56.70
C PRO D 723 -11.74 -29.50 -55.38
N GLN D 724 -11.66 -28.70 -54.31
CA GLN D 724 -12.18 -29.05 -52.98
C GLN D 724 -11.40 -30.17 -52.25
N GLU D 725 -10.46 -30.82 -52.94
CA GLU D 725 -9.57 -31.76 -52.26
C GLU D 725 -8.10 -31.33 -52.35
N TRP D 726 -7.58 -31.23 -53.57
CA TRP D 726 -6.28 -30.64 -53.80
C TRP D 726 -6.36 -29.13 -53.76
N GLU D 727 -7.39 -28.56 -54.38
CA GLU D 727 -7.48 -27.10 -54.52
C GLU D 727 -7.81 -26.40 -53.20
N ARG D 728 -8.60 -27.07 -52.34
CA ARG D 728 -8.94 -26.53 -51.01
C ARG D 728 -7.85 -26.73 -49.95
N ILE D 729 -7.06 -27.81 -50.08
CA ILE D 729 -5.91 -28.06 -49.20
C ILE D 729 -4.71 -27.20 -49.59
N SER D 730 -4.52 -27.01 -50.89
CA SER D 730 -3.54 -26.04 -51.42
C SER D 730 -3.95 -24.59 -51.13
N GLN D 731 -5.26 -24.31 -51.15
CA GLN D 731 -5.73 -23.01 -50.72
C GLN D 731 -5.56 -22.85 -49.21
N GLY D 732 -5.79 -23.92 -48.46
CA GLY D 732 -5.63 -23.92 -47.01
C GLY D 732 -4.20 -23.58 -46.62
N ALA D 733 -3.25 -24.24 -47.28
CA ALA D 733 -1.84 -23.94 -47.14
C ALA D 733 -1.47 -22.50 -47.58
N LEU D 734 -2.05 -22.02 -48.68
CA LEU D 734 -1.68 -20.69 -49.18
C LEU D 734 -2.16 -19.56 -48.26
N ASP D 735 -3.39 -19.72 -47.76
CA ASP D 735 -4.00 -18.76 -46.85
C ASP D 735 -3.31 -18.79 -45.49
N ARG D 736 -3.08 -20.01 -44.98
CA ARG D 736 -2.25 -20.20 -43.80
C ARG D 736 -0.88 -19.52 -43.88
N VAL D 737 -0.23 -19.56 -45.05
CA VAL D 737 1.03 -18.84 -45.22
C VAL D 737 0.89 -17.32 -45.25
N ALA D 738 -0.02 -16.79 -46.07
CA ALA D 738 -0.09 -15.33 -46.15
C ALA D 738 -0.56 -14.70 -44.82
N SER D 739 -1.29 -15.47 -44.03
CA SER D 739 -1.79 -14.98 -42.77
C SER D 739 -0.77 -15.04 -41.62
N ARG D 740 0.14 -16.01 -41.67
CA ARG D 740 1.00 -16.35 -40.53
C ARG D 740 2.51 -16.29 -40.82
N TYR D 741 2.99 -17.07 -41.79
CA TYR D 741 4.44 -17.08 -42.00
C TYR D 741 4.85 -16.26 -43.21
N THR D 742 5.23 -15.00 -42.96
CA THR D 742 5.78 -14.10 -43.98
C THR D 742 6.68 -13.07 -43.29
N TRP D 743 7.78 -12.65 -43.94
CA TRP D 743 8.69 -11.72 -43.26
C TRP D 743 8.07 -10.38 -42.98
N LYS D 744 6.95 -10.07 -43.63
CA LYS D 744 6.32 -8.77 -43.43
C LYS D 744 5.72 -8.70 -42.03
N LEU D 745 4.97 -9.75 -41.69
CA LEU D 745 4.40 -9.88 -40.36
C LEU D 745 5.51 -9.92 -39.33
N TYR D 746 6.50 -10.76 -39.57
CA TYR D 746 7.65 -10.87 -38.68
C TYR D 746 8.22 -9.47 -38.39
N ALA D 747 8.45 -8.68 -39.41
CA ALA D 747 9.04 -7.37 -39.19
C ALA D 747 8.11 -6.44 -38.42
N GLU D 748 6.81 -6.49 -38.73
CA GLU D 748 5.84 -5.67 -38.02
C GLU D 748 5.93 -5.97 -36.54
N ARG D 749 5.90 -7.27 -36.23
CA ARG D 749 5.87 -7.73 -34.85
C ARG D 749 7.15 -7.31 -34.15
N MET D 750 8.28 -7.59 -34.77
CA MET D 750 9.57 -7.29 -34.20
C MET D 750 9.68 -5.80 -33.88
N MET D 751 9.24 -4.96 -34.81
CA MET D 751 9.28 -3.51 -34.58
C MET D 751 8.38 -3.06 -33.43
N THR D 752 7.27 -3.75 -33.21
CA THR D 752 6.41 -3.40 -32.05
C THR D 752 7.05 -3.86 -30.73
N LEU D 753 7.44 -5.13 -30.70
CA LEU D 753 8.06 -5.77 -29.55
C LEU D 753 9.27 -4.98 -29.06
N SER D 754 10.08 -4.47 -29.98
CA SER D 754 11.28 -3.76 -29.55
C SER D 754 10.91 -2.48 -28.79
N ARG D 755 9.82 -1.86 -29.19
CA ARG D 755 9.36 -0.65 -28.55
C ARG D 755 8.75 -0.96 -27.19
N ILE D 756 7.86 -1.93 -27.15
CA ILE D 756 7.21 -2.30 -25.90
C ILE D 756 8.18 -2.84 -24.85
N TYR D 757 9.03 -3.79 -25.23
CA TYR D 757 10.01 -4.29 -24.27
C TYR D 757 11.01 -3.22 -23.93
N GLY D 758 11.23 -2.28 -24.85
CA GLY D 758 11.99 -1.10 -24.55
C GLY D 758 11.36 -0.37 -23.39
N PHE D 759 10.07 -0.10 -23.50
CA PHE D 759 9.40 0.62 -22.42
C PHE D 759 9.43 -0.19 -21.12
N TRP D 760 9.23 -1.50 -21.20
CA TRP D 760 9.20 -2.35 -20.01
C TRP D 760 10.53 -2.34 -19.29
N LYS D 761 11.60 -2.33 -20.07
CA LYS D 761 12.94 -2.28 -19.53
C LYS D 761 13.09 -0.97 -18.79
N PHE D 762 12.72 0.11 -19.48
CA PHE D 762 12.85 1.44 -18.91
C PHE D 762 12.09 1.56 -17.59
N VAL D 763 10.96 0.90 -17.54
CA VAL D 763 10.12 0.90 -16.35
C VAL D 763 10.70 -0.04 -15.29
N SER D 764 11.09 -1.25 -15.66
CA SER D 764 11.40 -2.24 -14.65
C SER D 764 12.89 -2.32 -14.27
N GLY D 765 13.70 -1.40 -14.79
CA GLY D 765 15.14 -1.57 -14.70
C GLY D 765 15.69 -1.71 -13.29
N LEU D 766 15.43 -0.71 -12.46
CA LEU D 766 15.86 -0.69 -11.07
C LEU D 766 15.49 -1.96 -10.35
N GLU D 767 14.28 -2.44 -10.54
CA GLU D 767 13.83 -3.67 -9.93
C GLU D 767 14.71 -4.87 -10.27
N ARG D 768 15.30 -4.85 -11.44
CA ARG D 768 16.10 -5.98 -11.89
C ARG D 768 17.58 -5.90 -11.50
N GLU D 769 17.96 -4.86 -10.76
CA GLU D 769 19.35 -4.70 -10.38
C GLU D 769 20.00 -5.87 -9.62
N GLU D 770 19.29 -6.52 -8.68
CA GLU D 770 19.92 -7.64 -7.98
C GLU D 770 20.20 -8.77 -8.95
N THR D 771 19.32 -8.94 -9.93
CA THR D 771 19.51 -9.97 -10.96
C THR D 771 20.72 -9.63 -11.81
N ASP D 772 20.88 -8.34 -12.08
CA ASP D 772 22.01 -7.92 -12.84
C ASP D 772 23.29 -8.26 -12.11
N ARG D 773 23.39 -7.86 -10.83
CA ARG D 773 24.60 -8.14 -10.09
C ARG D 773 24.86 -9.64 -10.01
N TYR D 774 23.82 -10.43 -9.76
CA TYR D 774 23.95 -11.89 -9.66
C TYR D 774 24.49 -12.48 -10.96
N LEU D 775 23.84 -12.14 -12.06
CA LEU D 775 24.27 -12.60 -13.36
C LEU D 775 25.71 -12.18 -13.65
N ASN D 776 26.06 -10.97 -13.26
CA ASN D 776 27.35 -10.44 -13.61
C ASN D 776 28.45 -11.11 -12.80
N MET D 777 28.13 -11.45 -11.57
CA MET D 777 29.08 -12.19 -10.74
C MET D 777 29.22 -13.58 -11.30
N PHE D 778 28.13 -14.14 -11.81
CA PHE D 778 28.23 -15.42 -12.46
C PHE D 778 29.12 -15.36 -13.70
N TYR D 779 29.02 -14.29 -14.47
CA TYR D 779 29.80 -14.17 -15.68
C TYR D 779 31.26 -14.09 -15.35
N HIS D 780 31.61 -13.23 -14.40
CA HIS D 780 33.02 -13.07 -14.01
C HIS D 780 33.63 -14.29 -13.35
N LEU D 781 32.91 -14.92 -12.45
CA LEU D 781 33.50 -16.00 -11.67
C LEU D 781 33.18 -17.41 -12.15
N GLN D 782 32.38 -17.55 -13.21
CA GLN D 782 32.04 -18.87 -13.75
C GLN D 782 32.35 -18.99 -15.23
N PHE D 783 31.70 -18.17 -16.05
CA PHE D 783 31.93 -18.25 -17.48
C PHE D 783 33.36 -17.90 -17.79
N ARG D 784 33.78 -16.74 -17.32
CA ARG D 784 35.13 -16.24 -17.61
C ARG D 784 36.22 -17.30 -17.40
N PRO D 785 36.25 -17.98 -16.23
CA PRO D 785 37.22 -19.06 -16.06
C PRO D 785 37.07 -20.21 -17.06
N LEU D 786 35.86 -20.73 -17.20
CA LEU D 786 35.60 -21.85 -18.09
C LEU D 786 36.13 -21.57 -19.48
N ALA D 787 36.08 -20.31 -19.87
CA ALA D 787 36.44 -19.91 -21.21
C ALA D 787 37.92 -19.67 -21.36
N ASN D 788 38.63 -19.53 -20.26
CA ASN D 788 40.08 -19.40 -20.35
C ASN D 788 40.76 -20.76 -20.12
N ARG D 789 39.93 -21.78 -19.92
CA ARG D 789 40.38 -23.16 -19.90
C ARG D 789 40.39 -23.74 -21.31
N LEU D 790 40.14 -22.92 -22.31
CA LEU D 790 40.42 -23.31 -23.69
C LEU D 790 41.62 -22.48 -24.19
N ALA D 791 41.45 -21.16 -24.25
CA ALA D 791 42.53 -20.18 -24.50
C ALA D 791 43.39 -20.37 -25.77
N HIS D 792 44.72 -20.25 -25.62
CA HIS D 792 45.67 -20.33 -26.74
C HIS D 792 45.54 -21.65 -27.51
#